data_6M0S
#
_entry.id   6M0S
#
_cell.length_a   1.00
_cell.length_b   1.00
_cell.length_c   1.00
_cell.angle_alpha   90.00
_cell.angle_beta   90.00
_cell.angle_gamma   90.00
#
_symmetry.space_group_name_H-M   'P 1'
#
loop_
_entity.id
_entity.type
_entity.pdbx_description
1 polymer 'V-type proton ATPase subunit a, vacuolar isoform'
2 polymer 'V-type proton ATPase subunit e'
3 polymer 'Uncharacterized protein YPR170W-B'
4 polymer 'V-type proton ATPase subunit d'
5 polymer "V-type proton ATPase subunit c''"
6 polymer "V-type proton ATPase subunit c'"
7 polymer 'V-type proton ATPase subunit c'
8 polymer 'V0 assembly protein 1'
#
loop_
_entity_poly.entity_id
_entity_poly.type
_entity_poly.pdbx_seq_one_letter_code
_entity_poly.pdbx_strand_id
1 'polypeptide(L)'
;EKEEAIFRSAEMALVQFYIPQEISRDSAYTLGQLGLVQFRDLNSKVRAFQRTFVNEIRRLDNVERQYRYFYSLLKKHDIK
LYEGDTDKYLDGSGELYVPPSGSVIDDYVRNASYLEERLIQMEDATDQIEVQKNDLEQYRFILQSGDEFFLKGDNTDSTS
YMDEDMIDANGENIAAAIGASVNYVTGVIARDKVATLEQILWRVLRGNLFFKTVEIEQPVYDVKTREYKHKNAFIVFSHG
DLIIKRIRKIAESLDANLYDVDSSNEGRSQQLAKVNKNLSDLYTVLKTTSTTLESELYAIAKELDSWFQDVTREKAIFEI
LNKSNYDTNRKILIAEGWIPRDELATLQARLGEMIARLGIDVPSIIQVLDTNHTPPTFHRTNKFTAGFQSICDCYGIAQY
REINAGLPTIVTFPFMFAIMFGDMGHGFLMTLAALSLVLNEKKINKMKRGEIFDMAFTGRYIILLMGVFSMYTGFLYNDI
FSKTMTIFKSGWKWPDHWKKGESITATSVGTYPIGLDWAWHGTENALLFSNSYKMKLSILMGFIHMTYSYFFSLANHLYF
NSMIDIIGNFIPGLLFMQGIFGYLSVCIVYKWAVDWVKDGKPAPGLLNMLINMFLSPGTIDDELYPHQAKVQVFLLLMAL
VCIPWLLLVKPLHFKFTHKKKSHEPLPSTEADASSEDLEAQQLISAMDADDAEEEEVGSGSHGEDFGDIMIHQVIHTIEF
CLNCVSHTASYLRLWALSLAHAQLSSVLWTMTIQIAFGFRGFVGVFMTVALFAMWFALTCAVLVLMEGTSAMLHSLRLHW
VESMSKFFVGEGLPYEPFAFEYKDM
;
A
2 'polypeptide(L)' MSSFYTVVGVFIVVSAMSVLFWIMAPKNNQAVWRSTVILTLAMMFLMWAITFLCQLHPLVAPRRSDLRPEF M
3 'polypeptide(L)' TGKAWCCTVLSAFGVVILSVIAHLFNTNHESFVGSINDPEDGPAVAHTVYLAALVYLVFFVFCGFQVYL O
4 'polypeptide(L)'
;MEGVYFNIDNGFIEGVVRGYRNGLLSNNQYINLTQCDTLEDLKLQLSSTDYGNFLSSVSSESLTTSLIQEYASSKLYHEF
NYIRDQSSGSTRKFMDYITYGYMIDNVALMITGTIHDRDKGEILQRCHPLGWFDTLPTLSVATDLESLYETVLVDTPLAP
YFKNCFDTAEELDDMNIEIIRNKLYKAYLEDFYNFVTEEIPEPAKECMQTLLGFEADRRSINIALNSLQSSDIDPDLKSD
LLPNIGKLYPLATFHLAQAQDFEGVRAALANVYEYRGFLETGNLEDHFYQLEMELCRDAFTQQFAISTVWAWMKSKEQEV
RNITWIAECIAQNQRERINNYISVY
;
B
5 'polypeptide(L)'
;SFSHFLYYLVLIVVIVYGLYKLFTGHGSDINFGKFLLRTSPYMWANLGIALCVGLSVVGAAWGIFITGSSMIGAGVRAPR
ITTKNLISIIFCEVVAIYGLIIAIVFSSKLTVATAENMYSKSNLYTGYSLFWAGITVGASNLICGIAVGITGATAAISDA
ADSALFVKILVIEIFGSILGLLGLIVGLLMAGKASEFQ
;
C
6 'polypeptide(L)'
;SNIYAPLYAPFFGFAGCAAAMVLSCLGAAIGTAKSGIGIAGIGTFKPELIMKSLIPVVMSGILAIYGLVVAVLIAGNLSP
TEDYTLFNGFMHLSCGLCVGFACLSSGYAIGMVGDVGVRKYMHQPRLFVGIVLILIFSEVLGLYGMIVALILNTRGSE
;
D
7 'polypeptide(L)'
;MTELCPVYAPFFGAIGCASAIIFTSLGAAYGTAKSGVGICATCVLRPDLLFKNIVPVIMAGIIAIYGLVVSVLVCYSLGQ
KQALYTGFIQLGAGLSVGLSGLAAGFAIGIVGDAGVRGSSQQPRLFVGMILILIFAEVLGLYGLIVALLLNSRATQDVV
;
E,F,G,H,I,J,K,L
8 'polypeptide(L)' DDILSSIWTEGLLMCLIVSALLLFILIVALSWISNLDITYGALEKSTNPIKK N
#
# COMPACT_ATOMS: atom_id res chain seq x y z
N GLU A 1 48.46 -17.32 41.09
CA GLU A 1 47.18 -16.64 41.18
C GLU A 1 46.36 -16.88 39.92
N LYS A 2 45.17 -16.30 39.88
CA LYS A 2 44.28 -16.40 38.72
C LYS A 2 43.51 -15.11 38.56
N GLU A 3 43.62 -14.49 37.39
CA GLU A 3 42.80 -13.34 37.07
C GLU A 3 41.39 -13.79 36.72
N GLU A 4 40.40 -13.02 37.16
CA GLU A 4 39.01 -13.42 36.98
C GLU A 4 38.52 -13.09 35.58
N ALA A 5 38.78 -11.86 35.12
CA ALA A 5 38.47 -11.43 33.76
C ALA A 5 36.97 -11.49 33.48
N ILE A 6 36.22 -10.81 34.34
CA ILE A 6 34.80 -10.56 34.11
C ILE A 6 34.43 -9.09 34.23
N PHE A 7 35.25 -8.28 34.92
CA PHE A 7 35.11 -6.84 34.93
C PHE A 7 35.91 -6.19 33.82
N ARG A 8 37.00 -6.83 33.40
CA ARG A 8 37.77 -6.43 32.24
C ARG A 8 38.26 -7.69 31.55
N SER A 9 38.87 -7.53 30.37
CA SER A 9 39.38 -8.67 29.64
C SER A 9 40.64 -9.21 30.32
N ALA A 10 41.14 -10.32 29.80
CA ALA A 10 42.33 -10.98 30.35
C ALA A 10 43.56 -10.42 29.66
N GLU A 11 44.52 -9.96 30.46
CA GLU A 11 45.75 -9.39 29.92
C GLU A 11 46.64 -10.49 29.36
N MET A 12 47.13 -10.30 28.13
CA MET A 12 47.82 -11.37 27.43
C MET A 12 48.68 -10.81 26.31
N ALA A 13 49.89 -11.36 26.19
CA ALA A 13 50.83 -11.04 25.12
C ALA A 13 50.99 -12.25 24.21
N LEU A 14 51.64 -12.02 23.07
CA LEU A 14 51.85 -13.06 22.07
C LEU A 14 53.24 -13.66 22.20
N VAL A 15 53.35 -14.93 21.81
CA VAL A 15 54.54 -15.74 22.07
C VAL A 15 54.86 -16.56 20.83
N GLN A 16 56.15 -16.68 20.52
CA GLN A 16 56.63 -17.40 19.36
C GLN A 16 57.04 -18.82 19.70
N PHE A 17 56.97 -19.68 18.68
CA PHE A 17 57.36 -21.08 18.78
C PHE A 17 58.29 -21.39 17.63
N TYR A 18 59.59 -21.54 17.92
CA TYR A 18 60.58 -21.92 16.91
C TYR A 18 60.59 -23.44 16.82
N ILE A 19 59.70 -23.97 16.00
CA ILE A 19 59.36 -25.39 16.04
C ILE A 19 60.34 -26.17 15.16
N PRO A 20 60.85 -27.34 15.58
CA PRO A 20 61.70 -28.13 14.69
C PRO A 20 60.91 -28.83 13.61
N GLN A 21 61.64 -29.26 12.57
CA GLN A 21 61.03 -30.01 11.49
C GLN A 21 60.75 -31.45 11.89
N GLU A 22 61.61 -32.02 12.75
CA GLU A 22 61.44 -33.40 13.18
C GLU A 22 60.12 -33.58 13.94
N ILE A 23 59.81 -32.64 14.82
CA ILE A 23 58.65 -32.71 15.69
C ILE A 23 57.67 -31.60 15.34
N SER A 24 57.64 -31.20 14.07
CA SER A 24 56.70 -30.18 13.64
C SER A 24 55.26 -30.62 13.89
N ARG A 25 54.95 -31.87 13.59
CA ARG A 25 53.62 -32.40 13.88
C ARG A 25 53.44 -32.60 15.38
N ASP A 26 54.40 -33.26 16.03
CA ASP A 26 54.16 -33.84 17.35
C ASP A 26 54.02 -32.77 18.42
N SER A 27 54.66 -31.61 18.23
CA SER A 27 54.51 -30.53 19.19
C SER A 27 53.20 -29.78 18.99
N ALA A 28 52.69 -29.74 17.75
CA ALA A 28 51.49 -28.97 17.46
C ALA A 28 50.23 -29.65 17.95
N TYR A 29 50.21 -30.99 17.98
CA TYR A 29 49.09 -31.71 18.58
C TYR A 29 48.85 -31.28 20.01
N THR A 30 49.94 -31.05 20.75
CA THR A 30 49.84 -30.81 22.19
C THR A 30 49.06 -29.53 22.48
N LEU A 31 49.28 -28.49 21.67
CA LEU A 31 48.48 -27.28 21.79
C LEU A 31 47.00 -27.58 21.53
N GLY A 32 46.72 -28.40 20.52
CA GLY A 32 45.34 -28.79 20.26
C GLY A 32 44.74 -29.59 21.40
N GLN A 33 45.57 -30.38 22.09
CA GLN A 33 45.12 -31.05 23.31
C GLN A 33 44.87 -30.03 24.42
N LEU A 34 45.68 -28.98 24.47
CA LEU A 34 45.58 -28.00 25.54
C LEU A 34 44.47 -26.99 25.28
N GLY A 35 44.49 -26.34 24.12
CA GLY A 35 43.37 -25.52 23.70
C GLY A 35 43.28 -24.16 24.34
N LEU A 36 44.37 -23.38 24.32
CA LEU A 36 44.41 -22.05 24.94
C LEU A 36 45.03 -20.99 24.04
N VAL A 37 45.37 -21.31 22.80
CA VAL A 37 46.22 -20.46 21.97
C VAL A 37 45.50 -20.08 20.69
N GLN A 38 45.67 -18.83 20.26
CA GLN A 38 45.22 -18.32 18.98
C GLN A 38 46.43 -17.82 18.20
N PHE A 39 46.53 -18.22 16.93
CA PHE A 39 47.66 -17.86 16.09
C PHE A 39 47.31 -16.69 15.16
N ARG A 40 48.35 -16.00 14.72
CA ARG A 40 48.25 -14.88 13.78
C ARG A 40 48.89 -15.28 12.46
N ASP A 41 48.19 -15.01 11.36
CA ASP A 41 48.65 -15.41 10.03
C ASP A 41 49.61 -14.37 9.46
N LEU A 42 50.91 -14.64 9.57
CA LEU A 42 51.89 -13.87 8.81
C LEU A 42 51.94 -14.29 7.36
N ASN A 43 51.46 -15.49 7.03
CA ASN A 43 51.49 -16.01 5.66
C ASN A 43 50.36 -15.46 4.81
N SER A 44 49.47 -14.64 5.37
CA SER A 44 48.36 -14.09 4.62
C SER A 44 48.83 -13.10 3.56
N LYS A 45 49.97 -12.44 3.80
CA LYS A 45 50.55 -11.57 2.77
C LYS A 45 50.84 -12.34 1.49
N VAL A 46 51.19 -13.62 1.60
CA VAL A 46 51.33 -14.49 0.44
C VAL A 46 49.94 -14.97 0.02
N ARG A 47 49.81 -15.29 -1.27
CA ARG A 47 48.52 -15.73 -1.80
C ARG A 47 48.06 -17.02 -1.14
N ALA A 48 46.77 -17.33 -1.35
CA ALA A 48 46.13 -18.43 -0.66
C ALA A 48 46.13 -19.73 -1.45
N PHE A 49 46.27 -19.67 -2.77
CA PHE A 49 46.15 -20.87 -3.59
C PHE A 49 47.44 -21.67 -3.62
N GLN A 50 48.58 -21.04 -3.39
CA GLN A 50 49.88 -21.71 -3.38
C GLN A 50 50.52 -21.51 -2.02
N ARG A 51 50.57 -22.58 -1.23
CA ARG A 51 51.17 -22.55 0.11
C ARG A 51 52.00 -23.82 0.29
N THR A 52 52.65 -23.91 1.45
CA THR A 52 53.72 -24.89 1.63
C THR A 52 53.18 -26.32 1.70
N PHE A 53 52.31 -26.60 2.67
CA PHE A 53 51.82 -27.96 2.91
C PHE A 53 50.48 -28.22 2.25
N VAL A 54 50.28 -27.64 1.06
CA VAL A 54 49.05 -27.89 0.32
C VAL A 54 49.01 -29.31 -0.21
N ASN A 55 50.16 -29.86 -0.61
CA ASN A 55 50.20 -31.24 -1.09
C ASN A 55 49.67 -32.22 -0.05
N GLU A 56 49.82 -31.87 1.24
CA GLU A 56 49.35 -32.73 2.31
C GLU A 56 47.85 -32.58 2.55
N ILE A 57 47.39 -31.35 2.79
CA ILE A 57 46.00 -31.13 3.18
C ILE A 57 45.06 -31.42 2.02
N ARG A 58 45.45 -31.07 0.79
CA ARG A 58 44.64 -31.38 -0.38
C ARG A 58 44.38 -32.87 -0.48
N ARG A 59 45.34 -33.69 -0.06
CA ARG A 59 45.14 -35.14 -0.08
C ARG A 59 44.12 -35.58 0.96
N LEU A 60 44.04 -34.86 2.08
CA LEU A 60 43.27 -35.36 3.22
C LEU A 60 41.80 -35.01 3.11
N ASP A 61 41.47 -33.82 2.61
CA ASP A 61 40.07 -33.44 2.50
C ASP A 61 39.35 -34.31 1.48
N ASN A 62 40.04 -34.72 0.41
CA ASN A 62 39.49 -35.73 -0.48
C ASN A 62 39.29 -37.04 0.25
N VAL A 63 40.21 -37.37 1.16
CA VAL A 63 40.05 -38.57 1.98
C VAL A 63 38.93 -38.37 3.00
N GLU A 64 38.75 -37.16 3.51
CA GLU A 64 37.65 -36.87 4.42
C GLU A 64 36.33 -36.72 3.69
N ARG A 65 36.37 -36.37 2.40
CA ARG A 65 35.16 -36.39 1.58
C ARG A 65 34.55 -37.78 1.55
N GLN A 66 35.38 -38.80 1.34
CA GLN A 66 34.89 -40.15 1.10
C GLN A 66 34.19 -40.72 2.32
N TYR A 67 34.59 -40.31 3.53
CA TYR A 67 33.98 -40.86 4.73
C TYR A 67 32.52 -40.41 4.86
N ARG A 68 32.21 -39.22 4.37
CA ARG A 68 30.83 -38.76 4.38
C ARG A 68 29.97 -39.59 3.44
N TYR A 69 30.57 -40.14 2.37
CA TYR A 69 29.84 -41.03 1.48
C TYR A 69 29.67 -42.42 2.07
N PHE A 70 30.57 -42.85 2.97
CA PHE A 70 30.33 -44.07 3.72
C PHE A 70 29.12 -43.90 4.63
N TYR A 71 29.01 -42.74 5.27
CA TYR A 71 27.86 -42.47 6.12
C TYR A 71 26.59 -42.33 5.29
N SER A 72 26.70 -41.83 4.06
CA SER A 72 25.53 -41.69 3.20
C SER A 72 24.93 -43.05 2.86
N LEU A 73 25.78 -44.05 2.60
CA LEU A 73 25.28 -45.39 2.30
C LEU A 73 24.54 -45.98 3.48
N LEU A 74 24.91 -45.59 4.69
CA LEU A 74 24.18 -46.02 5.88
C LEU A 74 22.78 -45.42 5.90
N LYS A 75 22.62 -44.20 5.37
CA LYS A 75 21.33 -43.53 5.42
C LYS A 75 20.29 -44.26 4.58
N LYS A 76 20.64 -44.58 3.34
CA LYS A 76 19.68 -45.19 2.42
C LYS A 76 19.16 -46.51 2.98
N HIS A 77 20.05 -47.34 3.51
CA HIS A 77 19.70 -48.68 3.95
C HIS A 77 19.35 -48.67 5.44
N ASP A 78 18.68 -49.75 5.86
CA ASP A 78 18.07 -49.82 7.20
C ASP A 78 19.15 -50.17 8.23
N ILE A 79 20.03 -49.21 8.46
CA ILE A 79 21.18 -49.38 9.35
C ILE A 79 21.31 -48.13 10.20
N LYS A 80 21.85 -48.31 11.41
CA LYS A 80 22.14 -47.21 12.33
C LYS A 80 23.64 -47.17 12.60
N LEU A 81 24.17 -45.96 12.73
CA LEU A 81 25.56 -45.77 13.10
C LEU A 81 25.72 -46.02 14.59
N TYR A 82 26.31 -47.15 14.94
CA TYR A 82 26.61 -47.45 16.34
C TYR A 82 27.63 -46.46 16.86
N GLU A 83 27.22 -45.64 17.83
CA GLU A 83 27.96 -44.46 18.25
C GLU A 83 28.48 -44.64 19.66
N GLY A 84 29.35 -43.72 20.07
CA GLY A 84 29.84 -43.69 21.43
C GLY A 84 28.92 -42.90 22.35
N ASP A 85 28.87 -43.33 23.61
CA ASP A 85 27.98 -42.68 24.57
C ASP A 85 28.56 -41.35 25.06
N THR A 86 29.87 -41.27 25.20
CA THR A 86 30.55 -40.09 25.75
C THR A 86 31.77 -39.76 24.91
N ASP A 87 32.40 -38.63 25.25
CA ASP A 87 33.64 -38.18 24.61
C ASP A 87 34.78 -38.07 25.63
N LYS A 88 34.70 -38.79 26.74
CA LYS A 88 35.70 -38.73 27.79
C LYS A 88 36.88 -39.67 27.57
N TYR A 89 36.82 -40.54 26.55
CA TYR A 89 37.88 -41.51 26.27
C TYR A 89 38.65 -41.20 24.99
N LEU A 90 38.56 -39.96 24.50
CA LEU A 90 39.34 -39.50 23.36
C LEU A 90 40.35 -38.43 23.74
N ASP A 91 40.62 -38.26 25.04
CA ASP A 91 41.57 -37.26 25.53
C ASP A 91 41.15 -35.84 25.13
N GLY A 92 39.88 -35.52 25.31
CA GLY A 92 39.41 -34.15 25.14
C GLY A 92 39.65 -33.27 26.34
N SER A 93 39.89 -33.87 27.51
CA SER A 93 40.14 -33.13 28.74
C SER A 93 41.62 -32.79 28.85
N GLY A 94 42.06 -32.36 30.03
CA GLY A 94 43.44 -31.96 30.22
C GLY A 94 44.44 -33.08 29.99
N GLU A 95 44.00 -34.33 30.09
CA GLU A 95 44.90 -35.46 29.84
C GLU A 95 45.38 -35.45 28.40
N LEU A 96 46.61 -35.92 28.21
CA LEU A 96 47.30 -35.81 26.92
C LEU A 96 46.99 -37.00 26.04
N TYR A 97 47.36 -36.86 24.76
CA TYR A 97 47.24 -37.94 23.78
C TYR A 97 48.50 -37.97 22.93
N VAL A 98 49.21 -39.08 22.99
CA VAL A 98 50.37 -39.27 22.09
C VAL A 98 49.87 -39.34 20.65
N PRO A 99 50.40 -38.56 19.72
CA PRO A 99 49.81 -38.53 18.38
C PRO A 99 50.06 -39.84 17.64
N PRO A 100 49.18 -40.22 16.70
CA PRO A 100 49.44 -41.45 15.94
C PRO A 100 50.70 -41.31 15.10
N SER A 101 51.29 -42.46 14.77
CA SER A 101 52.43 -42.48 13.88
C SER A 101 51.96 -42.41 12.43
N GLY A 102 52.92 -42.19 11.53
CA GLY A 102 52.59 -42.07 10.12
C GLY A 102 52.00 -43.35 9.55
N SER A 103 52.43 -44.51 10.06
CA SER A 103 51.89 -45.77 9.58
C SER A 103 50.42 -45.92 9.94
N VAL A 104 50.02 -45.37 11.08
CA VAL A 104 48.60 -45.39 11.46
C VAL A 104 47.80 -44.56 10.47
N ILE A 105 48.36 -43.43 10.04
CA ILE A 105 47.61 -42.47 9.23
C ILE A 105 47.77 -42.77 7.74
N ASP A 106 48.94 -43.29 7.33
CA ASP A 106 49.10 -43.70 5.94
C ASP A 106 48.17 -44.87 5.60
N ASP A 107 47.80 -45.68 6.59
CA ASP A 107 46.82 -46.73 6.36
C ASP A 107 45.43 -46.13 6.14
N TYR A 108 45.13 -45.03 6.82
CA TYR A 108 43.80 -44.42 6.69
C TYR A 108 43.56 -43.91 5.27
N VAL A 109 44.48 -43.09 4.75
CA VAL A 109 44.35 -42.61 3.38
C VAL A 109 44.32 -43.78 2.41
N ARG A 110 45.09 -44.82 2.70
CA ARG A 110 45.02 -46.04 1.91
C ARG A 110 43.67 -46.72 2.09
N ASN A 111 43.22 -46.85 3.35
CA ASN A 111 41.96 -47.52 3.63
C ASN A 111 40.78 -46.76 3.02
N ALA A 112 40.91 -45.45 2.85
CA ALA A 112 39.83 -44.68 2.24
C ALA A 112 39.69 -45.00 0.75
N SER A 113 40.82 -45.26 0.08
CA SER A 113 40.79 -45.36 -1.37
C SER A 113 40.38 -46.73 -1.86
N TYR A 114 41.04 -47.80 -1.39
CA TYR A 114 40.70 -49.12 -1.93
C TYR A 114 39.37 -49.61 -1.41
N LEU A 115 38.94 -49.15 -0.24
CA LEU A 115 37.70 -49.63 0.35
C LEU A 115 36.48 -49.22 -0.47
N GLU A 116 36.36 -47.93 -0.80
CA GLU A 116 35.16 -47.43 -1.46
C GLU A 116 34.96 -48.07 -2.83
N GLU A 117 36.04 -48.40 -3.53
CA GLU A 117 35.92 -48.96 -4.87
C GLU A 117 35.19 -50.31 -4.83
N ARG A 118 35.37 -51.07 -3.76
CA ARG A 118 34.54 -52.26 -3.56
C ARG A 118 33.08 -51.86 -3.39
N LEU A 119 32.82 -50.78 -2.66
CA LEU A 119 31.45 -50.37 -2.39
C LEU A 119 30.82 -49.70 -3.61
N ILE A 120 31.63 -49.07 -4.46
CA ILE A 120 31.09 -48.48 -5.69
C ILE A 120 30.70 -49.58 -6.67
N GLN A 121 31.40 -50.72 -6.62
CA GLN A 121 31.07 -51.83 -7.48
C GLN A 121 29.77 -52.51 -7.04
N MET A 122 29.63 -52.80 -5.76
CA MET A 122 28.47 -53.53 -5.26
C MET A 122 27.18 -52.74 -5.45
N GLU A 123 27.23 -51.42 -5.28
CA GLU A 123 26.04 -50.59 -5.45
C GLU A 123 25.63 -50.44 -6.91
N ASP A 124 26.60 -50.47 -7.84
CA ASP A 124 26.26 -50.46 -9.26
C ASP A 124 25.54 -51.74 -9.65
N ALA A 125 25.99 -52.88 -9.12
CA ALA A 125 25.33 -54.15 -9.38
C ALA A 125 23.89 -54.12 -8.87
N THR A 126 23.69 -53.62 -7.64
CA THR A 126 22.34 -53.52 -7.09
C THR A 126 21.48 -52.59 -7.94
N ASP A 127 22.01 -51.41 -8.27
CA ASP A 127 21.23 -50.45 -9.05
C ASP A 127 21.01 -50.93 -10.48
N GLN A 128 21.93 -51.74 -11.02
CA GLN A 128 21.76 -52.24 -12.38
C GLN A 128 20.56 -53.18 -12.47
N ILE A 129 20.26 -53.89 -11.38
CA ILE A 129 19.12 -54.82 -11.35
C ILE A 129 17.96 -54.28 -10.53
N GLU A 130 18.17 -53.26 -9.70
CA GLU A 130 17.06 -52.65 -8.97
C GLU A 130 16.19 -51.80 -9.89
N VAL A 131 16.76 -51.22 -10.93
CA VAL A 131 15.95 -50.55 -11.93
C VAL A 131 15.17 -51.58 -12.75
N GLN A 132 15.70 -52.79 -12.86
CA GLN A 132 14.94 -53.87 -13.48
C GLN A 132 13.82 -54.36 -12.58
N LYS A 133 13.97 -54.19 -11.26
CA LYS A 133 12.92 -54.57 -10.33
C LYS A 133 11.66 -53.74 -10.54
N ASN A 134 11.81 -52.42 -10.51
CA ASN A 134 10.65 -51.54 -10.54
C ASN A 134 9.97 -51.53 -11.90
N ASP A 135 10.72 -51.71 -12.98
CA ASP A 135 10.11 -51.65 -14.31
C ASP A 135 9.20 -52.85 -14.54
N LEU A 136 9.52 -54.00 -13.93
CA LEU A 136 8.67 -55.17 -14.03
C LEU A 136 7.65 -55.24 -12.90
N GLU A 137 8.03 -54.80 -11.70
CA GLU A 137 7.09 -54.83 -10.58
C GLU A 137 5.88 -53.94 -10.85
N GLN A 138 6.06 -52.90 -11.67
CA GLN A 138 4.92 -52.12 -12.15
C GLN A 138 4.18 -52.89 -13.25
N TYR A 139 4.90 -53.64 -14.07
CA TYR A 139 4.29 -54.31 -15.22
C TYR A 139 3.27 -55.35 -14.77
N ARG A 140 3.43 -55.92 -13.58
CA ARG A 140 2.45 -56.87 -13.09
C ARG A 140 1.24 -56.16 -12.47
N PHE A 141 1.43 -54.95 -11.94
CA PHE A 141 0.34 -54.27 -11.25
C PHE A 141 -0.79 -53.91 -12.21
N ILE A 142 -0.45 -53.50 -13.43
CA ILE A 142 -1.47 -53.23 -14.43
C ILE A 142 -2.14 -54.52 -14.89
N LEU A 143 -1.45 -55.67 -14.75
CA LEU A 143 -2.02 -56.94 -15.17
C LEU A 143 -2.98 -57.49 -14.13
N GLN A 144 -2.68 -57.29 -12.83
CA GLN A 144 -3.53 -57.82 -11.77
C GLN A 144 -4.97 -57.37 -11.91
N SER A 145 -5.17 -56.10 -12.28
CA SER A 145 -6.49 -55.53 -12.49
C SER A 145 -6.87 -55.49 -13.97
N GLY A 146 -6.20 -56.29 -14.80
CA GLY A 146 -6.39 -56.21 -16.24
C GLY A 146 -7.82 -56.46 -16.71
N ASP A 147 -8.63 -57.11 -15.88
CA ASP A 147 -10.00 -57.40 -16.25
C ASP A 147 -10.83 -56.11 -16.32
N GLU A 148 -10.77 -55.29 -15.27
CA GLU A 148 -11.73 -54.21 -15.09
C GLU A 148 -11.30 -52.88 -15.70
N PHE A 149 -10.04 -52.73 -16.09
CA PHE A 149 -9.62 -51.53 -16.82
C PHE A 149 -10.51 -51.27 -18.03
N PHE A 150 -10.65 -52.26 -18.90
CA PHE A 150 -11.20 -51.98 -20.23
C PHE A 150 -12.70 -51.74 -20.17
N LEU A 151 -13.38 -52.25 -19.15
CA LEU A 151 -14.82 -52.10 -19.02
C LEU A 151 -15.15 -51.00 -18.03
N VAL A 182 -4.59 -52.99 -32.76
CA VAL A 182 -4.45 -52.40 -31.43
C VAL A 182 -4.90 -50.95 -31.48
N ASN A 183 -5.73 -50.57 -30.49
CA ASN A 183 -6.30 -49.22 -30.42
C ASN A 183 -6.13 -48.62 -29.02
N TYR A 184 -5.14 -49.08 -28.25
CA TYR A 184 -5.03 -48.66 -26.86
C TYR A 184 -3.59 -48.75 -26.39
N VAL A 185 -3.29 -47.99 -25.32
CA VAL A 185 -1.97 -47.93 -24.74
C VAL A 185 -2.09 -47.85 -23.22
N THR A 186 -1.01 -48.22 -22.54
CA THR A 186 -0.97 -48.25 -21.08
C THR A 186 0.42 -47.88 -20.61
N GLY A 187 0.52 -47.39 -19.38
CA GLY A 187 1.81 -46.97 -18.85
C GLY A 187 1.72 -46.54 -17.40
N VAL A 188 2.78 -45.87 -16.96
CA VAL A 188 2.90 -45.38 -15.58
C VAL A 188 3.50 -43.99 -15.65
N ILE A 189 2.87 -43.01 -14.98
CA ILE A 189 3.30 -41.61 -15.02
C ILE A 189 3.23 -41.04 -13.61
N ALA A 190 4.11 -40.07 -13.33
CA ALA A 190 4.08 -39.36 -12.06
C ALA A 190 2.83 -38.49 -11.96
N ARG A 191 2.41 -38.20 -10.73
CA ARG A 191 1.09 -37.63 -10.50
C ARG A 191 0.98 -36.22 -11.06
N ASP A 192 2.05 -35.43 -10.97
CA ASP A 192 2.00 -34.05 -11.45
C ASP A 192 1.76 -33.99 -12.96
N LYS A 193 2.43 -34.86 -13.72
CA LYS A 193 2.32 -34.80 -15.18
C LYS A 193 0.97 -35.27 -15.70
N VAL A 194 0.15 -35.95 -14.89
CA VAL A 194 -1.13 -36.45 -15.39
C VAL A 194 -2.07 -35.29 -15.68
N ALA A 195 -2.04 -34.25 -14.84
CA ALA A 195 -2.85 -33.07 -15.09
C ALA A 195 -2.41 -32.38 -16.37
N THR A 196 -1.13 -32.44 -16.70
CA THR A 196 -0.65 -31.90 -17.96
C THR A 196 -1.05 -32.78 -19.14
N LEU A 197 -1.01 -34.09 -18.99
CA LEU A 197 -1.27 -34.99 -20.11
C LEU A 197 -2.75 -35.09 -20.42
N GLU A 198 -3.61 -35.15 -19.39
CA GLU A 198 -5.01 -35.44 -19.61
C GLU A 198 -5.70 -34.32 -20.39
N GLN A 199 -5.20 -33.09 -20.27
CA GLN A 199 -5.74 -31.96 -20.99
C GLN A 199 -5.08 -31.74 -22.35
N ILE A 200 -3.96 -32.39 -22.63
CA ILE A 200 -3.34 -32.30 -23.96
C ILE A 200 -4.08 -33.21 -24.93
N LEU A 201 -4.38 -34.43 -24.50
CA LEU A 201 -5.05 -35.38 -25.39
C LEU A 201 -6.48 -34.96 -25.72
N TRP A 202 -7.06 -34.05 -24.94
CA TRP A 202 -8.39 -33.52 -25.28
C TRP A 202 -8.32 -32.68 -26.54
N ARG A 203 -7.23 -31.93 -26.71
CA ARG A 203 -7.11 -31.05 -27.86
C ARG A 203 -6.72 -31.82 -29.12
N VAL A 204 -5.94 -32.88 -28.96
CA VAL A 204 -5.63 -33.75 -30.11
C VAL A 204 -6.90 -34.37 -30.65
N LEU A 205 -7.78 -34.82 -29.75
CA LEU A 205 -9.01 -35.53 -30.10
C LEU A 205 -10.16 -34.91 -29.30
N ARG A 206 -10.80 -33.90 -29.87
CA ARG A 206 -11.89 -33.24 -29.16
C ARG A 206 -13.12 -34.13 -29.08
N GLY A 207 -13.43 -34.86 -30.16
CA GLY A 207 -14.63 -35.66 -30.26
C GLY A 207 -14.76 -36.70 -29.15
N ASN A 208 -13.88 -37.70 -29.17
CA ASN A 208 -13.91 -38.81 -28.23
C ASN A 208 -12.59 -38.88 -27.46
N LEU A 209 -12.70 -39.14 -26.16
CA LEU A 209 -11.54 -39.36 -25.32
C LEU A 209 -11.95 -40.28 -24.18
N PHE A 210 -11.46 -41.52 -24.21
CA PHE A 210 -11.76 -42.52 -23.20
C PHE A 210 -10.50 -42.70 -22.36
N PHE A 211 -10.50 -42.14 -21.16
CA PHE A 211 -9.30 -42.07 -20.33
C PHE A 211 -9.67 -42.41 -18.89
N LYS A 212 -8.90 -43.33 -18.31
CA LYS A 212 -9.05 -43.74 -16.92
C LYS A 212 -7.75 -43.49 -16.19
N THR A 213 -7.74 -43.79 -14.90
CA THR A 213 -6.55 -43.59 -14.08
C THR A 213 -6.65 -44.46 -12.84
N VAL A 214 -5.49 -44.91 -12.36
CA VAL A 214 -5.38 -45.70 -11.15
C VAL A 214 -4.20 -45.18 -10.35
N GLU A 215 -4.33 -45.18 -9.02
CA GLU A 215 -3.31 -44.66 -8.12
C GLU A 215 -2.57 -45.83 -7.48
N ILE A 216 -1.24 -45.79 -7.57
CA ILE A 216 -0.41 -46.77 -6.89
C ILE A 216 -0.34 -46.39 -5.42
N GLU A 217 -0.44 -47.39 -4.55
CA GLU A 217 -0.54 -47.10 -3.12
C GLU A 217 0.80 -46.66 -2.54
N GLN A 218 1.90 -47.27 -2.98
CA GLN A 218 3.22 -47.04 -2.43
C GLN A 218 4.06 -46.16 -3.36
N PRO A 219 4.88 -45.24 -2.84
CA PRO A 219 5.67 -44.39 -3.73
C PRO A 219 6.83 -45.16 -4.36
N VAL A 220 7.12 -44.84 -5.62
CA VAL A 220 8.29 -45.38 -6.30
C VAL A 220 9.52 -44.60 -5.87
N TYR A 221 10.68 -45.28 -5.90
CA TYR A 221 11.96 -44.68 -5.55
C TYR A 221 12.68 -44.36 -6.85
N ASP A 222 12.79 -43.06 -7.16
CA ASP A 222 13.39 -42.60 -8.41
C ASP A 222 14.28 -41.41 -8.13
N TYR A 228 12.40 -40.18 -4.41
CA TYR A 228 11.13 -40.83 -4.15
C TYR A 228 9.99 -40.04 -4.77
N LYS A 229 9.20 -40.70 -5.62
CA LYS A 229 8.10 -40.05 -6.32
C LYS A 229 6.93 -41.02 -6.48
N HIS A 230 5.73 -40.53 -6.21
CA HIS A 230 4.51 -41.28 -6.49
C HIS A 230 4.32 -41.40 -8.00
N LYS A 231 3.49 -42.37 -8.39
CA LYS A 231 3.16 -42.57 -9.79
C LYS A 231 1.78 -43.19 -9.91
N ASN A 232 1.05 -42.77 -10.94
CA ASN A 232 -0.25 -43.32 -11.29
C ASN A 232 -0.13 -44.20 -12.54
N ALA A 233 -1.18 -44.95 -12.80
CA ALA A 233 -1.32 -45.75 -14.01
C ALA A 233 -2.52 -45.23 -14.80
N PHE A 234 -2.52 -45.50 -16.11
CA PHE A 234 -3.49 -44.90 -17.00
C PHE A 234 -3.76 -45.83 -18.17
N ILE A 235 -4.70 -45.41 -19.02
CA ILE A 235 -5.04 -46.13 -20.24
C ILE A 235 -5.77 -45.18 -21.16
N VAL A 236 -5.58 -45.37 -22.47
CA VAL A 236 -6.22 -44.57 -23.50
C VAL A 236 -6.78 -45.52 -24.56
N PHE A 237 -7.91 -45.16 -25.13
CA PHE A 237 -8.48 -45.84 -26.28
C PHE A 237 -8.61 -44.85 -27.43
N SER A 238 -8.03 -45.20 -28.58
CA SER A 238 -7.99 -44.33 -29.74
C SER A 238 -8.67 -45.04 -30.92
N HIS A 239 -8.56 -44.43 -32.09
CA HIS A 239 -9.21 -44.91 -33.31
C HIS A 239 -8.14 -45.19 -34.35
N GLY A 240 -7.72 -46.45 -34.44
CA GLY A 240 -6.79 -46.88 -35.46
C GLY A 240 -5.33 -46.77 -35.03
N ASP A 241 -4.47 -46.79 -36.05
CA ASP A 241 -3.03 -46.80 -35.88
C ASP A 241 -2.34 -45.50 -36.25
N LEU A 242 -2.99 -44.64 -37.04
CA LEU A 242 -2.39 -43.36 -37.40
C LEU A 242 -2.15 -42.50 -36.16
N ILE A 243 -2.96 -42.68 -35.12
CA ILE A 243 -2.93 -41.79 -33.97
C ILE A 243 -2.08 -42.34 -32.83
N ILE A 244 -2.13 -43.66 -32.58
CA ILE A 244 -1.51 -44.20 -31.37
C ILE A 244 0.01 -44.11 -31.44
N LYS A 245 0.60 -44.19 -32.63
CA LYS A 245 2.05 -44.01 -32.73
C LYS A 245 2.45 -42.60 -32.35
N ARG A 246 1.54 -41.63 -32.49
CA ARG A 246 1.82 -40.27 -32.06
C ARG A 246 1.61 -40.11 -30.56
N ILE A 247 0.58 -40.75 -30.00
CA ILE A 247 0.35 -40.68 -28.57
C ILE A 247 1.48 -41.34 -27.81
N ARG A 248 1.99 -42.45 -28.33
CA ARG A 248 3.14 -43.11 -27.69
C ARG A 248 4.38 -42.24 -27.74
N LYS A 249 4.45 -41.28 -28.66
CA LYS A 249 5.51 -40.28 -28.63
C LYS A 249 5.21 -39.19 -27.61
N ILE A 250 3.97 -38.70 -27.58
CA ILE A 250 3.59 -37.65 -26.66
C ILE A 250 3.69 -38.13 -25.22
N ALA A 251 3.29 -39.37 -24.98
CA ALA A 251 3.37 -39.91 -23.63
C ALA A 251 4.81 -40.17 -23.23
N GLU A 252 5.60 -40.80 -24.09
CA GLU A 252 6.98 -41.14 -23.77
C GLU A 252 7.92 -39.95 -23.87
N SER A 253 7.52 -38.87 -24.55
CA SER A 253 8.24 -37.62 -24.43
C SER A 253 8.28 -37.16 -22.97
N LEU A 254 7.13 -37.22 -22.30
CA LEU A 254 7.09 -37.10 -20.86
C LEU A 254 7.59 -38.41 -20.22
N ASP A 255 7.68 -38.40 -18.90
CA ASP A 255 8.20 -39.57 -18.17
C ASP A 255 7.08 -40.61 -18.05
N ALA A 256 6.98 -41.44 -19.09
CA ALA A 256 5.94 -42.46 -19.19
C ALA A 256 6.55 -43.75 -19.69
N ASN A 257 6.42 -44.82 -18.90
CA ASN A 257 6.92 -46.14 -19.27
C ASN A 257 5.79 -46.94 -19.87
N LEU A 258 5.74 -46.99 -21.20
CA LEU A 258 4.69 -47.70 -21.90
C LEU A 258 4.96 -49.20 -21.92
N TYR A 259 3.90 -49.98 -21.70
CA TYR A 259 3.98 -51.42 -21.57
C TYR A 259 3.06 -52.08 -22.60
N ASP A 260 3.03 -53.41 -22.60
CA ASP A 260 2.26 -54.21 -23.53
C ASP A 260 1.30 -55.10 -22.76
N VAL A 261 0.09 -55.27 -23.29
CA VAL A 261 -0.93 -56.14 -22.71
C VAL A 261 -1.73 -56.76 -23.85
N ASP A 262 -2.08 -58.03 -23.68
CA ASP A 262 -2.89 -58.72 -24.67
C ASP A 262 -4.36 -58.32 -24.54
N SER A 263 -5.08 -58.38 -25.66
CA SER A 263 -6.47 -57.92 -25.68
C SER A 263 -7.39 -58.91 -24.97
N SER A 264 -7.31 -60.19 -25.30
CA SER A 264 -8.17 -61.19 -24.68
C SER A 264 -7.74 -61.42 -23.23
N ASN A 265 -8.73 -61.57 -22.35
CA ASN A 265 -8.44 -61.76 -20.94
C ASN A 265 -7.69 -63.07 -20.68
N GLU A 266 -7.90 -64.07 -21.54
CA GLU A 266 -7.13 -65.30 -21.42
C GLU A 266 -5.65 -65.04 -21.66
N GLY A 267 -5.31 -64.08 -22.51
CA GLY A 267 -3.94 -63.83 -22.88
C GLY A 267 -3.14 -63.04 -21.87
N ARG A 268 -3.73 -61.99 -21.29
CA ARG A 268 -3.00 -61.20 -20.32
C ARG A 268 -2.76 -61.97 -19.03
N SER A 269 -3.57 -62.99 -18.77
CA SER A 269 -3.27 -63.92 -17.69
C SER A 269 -2.01 -64.74 -18.00
N GLN A 270 -1.76 -65.02 -19.29
CA GLN A 270 -0.55 -65.77 -19.65
C GLN A 270 0.69 -64.90 -19.49
N GLN A 271 0.62 -63.65 -19.94
CA GLN A 271 1.72 -62.71 -19.72
C GLN A 271 2.01 -62.55 -18.23
N LEU A 272 0.97 -62.41 -17.42
CA LEU A 272 1.14 -62.33 -15.98
C LEU A 272 1.80 -63.59 -15.42
N ALA A 273 1.45 -64.76 -15.96
CA ALA A 273 1.98 -66.01 -15.43
C ALA A 273 3.49 -66.11 -15.61
N LYS A 274 4.02 -65.47 -16.65
CA LYS A 274 5.44 -65.62 -16.99
C LYS A 274 6.29 -64.56 -16.30
N VAL A 275 5.80 -63.32 -16.24
CA VAL A 275 6.59 -62.25 -15.63
C VAL A 275 6.64 -62.41 -14.11
N ASN A 276 5.56 -62.89 -13.50
CA ASN A 276 5.53 -63.06 -12.06
C ASN A 276 6.56 -64.09 -11.61
N LYS A 277 6.86 -65.07 -12.46
CA LYS A 277 7.87 -66.06 -12.13
C LYS A 277 9.27 -65.48 -12.18
N ASN A 278 9.54 -64.58 -13.13
CA ASN A 278 10.87 -63.99 -13.24
C ASN A 278 11.21 -63.18 -11.99
N LEU A 279 10.22 -62.52 -11.39
CA LEU A 279 10.44 -61.77 -10.18
C LEU A 279 10.63 -62.67 -8.97
N SER A 280 10.14 -63.91 -9.03
CA SER A 280 10.35 -64.84 -7.92
C SER A 280 11.81 -65.23 -7.81
N ASP A 281 12.45 -65.55 -8.94
CA ASP A 281 13.88 -65.85 -8.93
C ASP A 281 14.71 -64.58 -8.74
N LEU A 282 14.26 -63.47 -9.34
CA LEU A 282 15.02 -62.22 -9.27
C LEU A 282 15.10 -61.69 -7.84
N TYR A 283 14.00 -61.80 -7.09
CA TYR A 283 13.95 -61.19 -5.77
C TYR A 283 14.94 -61.85 -4.81
N THR A 284 15.10 -63.17 -4.90
CA THR A 284 16.06 -63.85 -4.03
C THR A 284 17.49 -63.42 -4.37
N VAL A 285 17.75 -63.06 -5.62
CA VAL A 285 19.09 -62.59 -6.00
C VAL A 285 19.37 -61.24 -5.37
N LEU A 286 18.36 -60.35 -5.36
CA LEU A 286 18.50 -59.07 -4.67
C LEU A 286 18.88 -59.27 -3.22
N LYS A 287 18.24 -60.22 -2.54
CA LYS A 287 18.55 -60.50 -1.14
C LYS A 287 19.98 -61.02 -0.98
N THR A 288 20.56 -61.59 -2.04
CA THR A 288 21.91 -62.12 -1.97
C THR A 288 22.94 -61.01 -2.20
N THR A 289 22.83 -60.28 -3.31
CA THR A 289 23.78 -59.22 -3.61
C THR A 289 23.69 -58.09 -2.60
N SER A 290 22.53 -57.91 -1.95
CA SER A 290 22.40 -56.87 -0.95
C SER A 290 23.19 -57.21 0.31
N THR A 291 23.06 -58.44 0.79
CA THR A 291 23.62 -58.80 2.10
C THR A 291 25.15 -58.78 2.07
N THR A 292 25.75 -59.12 0.92
CA THR A 292 27.20 -59.02 0.79
C THR A 292 27.66 -57.58 0.99
N LEU A 293 26.84 -56.62 0.59
CA LEU A 293 27.14 -55.22 0.83
C LEU A 293 26.81 -54.81 2.26
N GLU A 294 25.77 -55.40 2.85
CA GLU A 294 25.29 -54.92 4.14
C GLU A 294 26.11 -55.51 5.29
N SER A 295 26.48 -56.79 5.20
CA SER A 295 27.36 -57.36 6.21
C SER A 295 28.71 -56.66 6.21
N GLU A 296 29.18 -56.24 5.04
CA GLU A 296 30.37 -55.41 4.96
C GLU A 296 30.10 -54.01 5.48
N LEU A 297 28.98 -53.41 5.07
CA LEU A 297 28.64 -52.07 5.53
C LEU A 297 28.43 -52.05 7.03
N TYR A 298 27.79 -53.10 7.58
CA TYR A 298 27.70 -53.24 9.02
C TYR A 298 29.08 -53.33 9.65
N ALA A 299 30.02 -53.99 8.96
CA ALA A 299 31.37 -54.13 9.49
C ALA A 299 32.12 -52.80 9.48
N ILE A 300 31.96 -52.01 8.42
CA ILE A 300 32.66 -50.74 8.32
C ILE A 300 32.03 -49.71 9.26
N ALA A 301 30.72 -49.80 9.49
CA ALA A 301 30.03 -48.77 10.27
C ALA A 301 30.50 -48.75 11.71
N LYS A 302 30.74 -49.93 12.30
CA LYS A 302 31.21 -49.99 13.68
C LYS A 302 32.60 -49.37 13.83
N GLU A 303 33.44 -49.52 12.81
CA GLU A 303 34.79 -48.97 12.86
C GLU A 303 34.83 -47.49 12.53
N LEU A 304 33.87 -47.01 11.73
CA LEU A 304 33.98 -45.68 11.12
C LEU A 304 34.05 -44.58 12.17
N ASP A 305 33.16 -44.61 13.15
CA ASP A 305 33.01 -43.47 14.06
C ASP A 305 34.28 -43.21 14.88
N SER A 306 35.07 -44.24 15.14
CA SER A 306 36.27 -44.06 15.95
C SER A 306 37.31 -43.22 15.21
N TRP A 307 37.73 -43.68 14.03
CA TRP A 307 38.76 -43.00 13.26
C TRP A 307 38.17 -42.05 12.21
N PHE A 308 36.95 -41.58 12.44
CA PHE A 308 36.46 -40.39 11.75
C PHE A 308 37.19 -39.14 12.22
N GLN A 309 37.13 -38.87 13.53
CA GLN A 309 37.72 -37.65 14.08
C GLN A 309 39.23 -37.65 13.98
N ASP A 310 39.85 -38.83 14.10
CA ASP A 310 41.30 -38.90 14.23
C ASP A 310 42.03 -38.34 13.01
N VAL A 311 41.36 -38.30 11.85
CA VAL A 311 41.94 -37.66 10.67
C VAL A 311 41.59 -36.18 10.62
N THR A 312 40.46 -35.78 11.22
CA THR A 312 40.06 -34.38 11.20
C THR A 312 41.06 -33.52 11.95
N ARG A 313 41.57 -34.03 13.08
CA ARG A 313 42.69 -33.38 13.74
C ARG A 313 43.88 -33.27 12.81
N GLU A 314 44.22 -34.37 12.14
CA GLU A 314 45.49 -34.47 11.42
C GLU A 314 45.57 -33.49 10.25
N LYS A 315 44.43 -33.07 9.71
CA LYS A 315 44.43 -32.02 8.70
C LYS A 315 44.40 -30.64 9.32
N ALA A 316 43.74 -30.50 10.47
CA ALA A 316 43.66 -29.20 11.14
C ALA A 316 45.03 -28.77 11.64
N ILE A 317 45.87 -29.71 12.04
CA ILE A 317 47.21 -29.39 12.51
C ILE A 317 48.02 -28.70 11.41
N PHE A 318 47.87 -29.16 10.17
CA PHE A 318 48.63 -28.54 9.09
C PHE A 318 48.02 -27.22 8.61
N GLU A 319 46.73 -26.98 8.89
CA GLU A 319 46.14 -25.68 8.55
C GLU A 319 46.80 -24.56 9.33
N ILE A 320 47.10 -24.80 10.61
CA ILE A 320 47.75 -23.78 11.44
C ILE A 320 49.26 -23.77 11.25
N LEU A 321 49.85 -24.81 10.67
CA LEU A 321 51.28 -24.79 10.37
C LEU A 321 51.60 -24.12 9.04
N ASN A 322 50.62 -24.01 8.14
CA ASN A 322 50.78 -23.18 6.96
C ASN A 322 51.11 -21.74 7.34
N LYS A 323 50.39 -21.22 8.34
CA LYS A 323 50.46 -19.81 8.68
C LYS A 323 51.83 -19.41 9.24
N SER A 324 52.66 -20.37 9.64
CA SER A 324 54.01 -20.08 10.05
C SER A 324 54.91 -19.85 8.84
N ASN A 325 56.04 -19.19 9.08
CA ASN A 325 57.06 -19.01 8.05
C ASN A 325 58.00 -20.22 8.07
N TYR A 326 58.05 -20.94 6.95
CA TYR A 326 58.86 -22.14 6.83
C TYR A 326 60.09 -21.79 6.00
N ASP A 327 61.22 -21.61 6.67
CA ASP A 327 62.47 -21.28 6.01
C ASP A 327 63.13 -22.55 5.51
N THR A 328 63.70 -22.46 4.30
CA THR A 328 64.23 -23.63 3.61
C THR A 328 65.70 -23.89 3.95
N ASN A 329 66.53 -22.84 3.89
CA ASN A 329 67.95 -23.02 4.16
C ASN A 329 68.18 -23.38 5.63
N ARG A 330 67.34 -22.87 6.52
CA ARG A 330 67.42 -23.15 7.95
C ARG A 330 66.08 -23.72 8.40
N LYS A 331 66.14 -24.82 9.16
CA LYS A 331 64.93 -25.52 9.58
C LYS A 331 64.38 -24.84 10.83
N ILE A 332 63.71 -23.72 10.60
CA ILE A 332 63.06 -22.94 11.65
C ILE A 332 61.65 -22.63 11.19
N LEU A 333 60.67 -22.93 12.05
CA LEU A 333 59.27 -22.61 11.82
C LEU A 333 58.85 -21.55 12.81
N ILE A 334 58.44 -20.38 12.29
CA ILE A 334 58.11 -19.23 13.11
C ILE A 334 56.59 -19.09 13.15
N ALA A 335 56.01 -19.39 14.30
CA ALA A 335 54.58 -19.24 14.54
C ALA A 335 54.39 -18.45 15.83
N GLU A 336 53.60 -17.38 15.75
CA GLU A 336 53.35 -16.51 16.88
C GLU A 336 51.85 -16.53 17.20
N GLY A 337 51.53 -16.54 18.49
CA GLY A 337 50.15 -16.64 18.90
C GLY A 337 49.93 -16.09 20.29
N TRP A 338 48.66 -15.86 20.60
CA TRP A 338 48.25 -15.26 21.85
C TRP A 338 47.98 -16.35 22.89
N ILE A 339 48.31 -16.06 24.14
CA ILE A 339 48.10 -16.97 25.26
C ILE A 339 47.79 -16.14 26.49
N PRO A 340 46.75 -16.47 27.28
CA PRO A 340 46.50 -15.69 28.50
C PRO A 340 47.67 -15.76 29.47
N ARG A 341 47.98 -14.62 30.08
CA ARG A 341 49.16 -14.50 30.92
C ARG A 341 49.09 -15.40 32.15
N ASP A 342 47.90 -15.80 32.58
CA ASP A 342 47.79 -16.69 33.72
C ASP A 342 48.37 -18.07 33.42
N GLU A 343 48.34 -18.49 32.15
CA GLU A 343 48.74 -19.83 31.75
C GLU A 343 50.02 -19.82 30.91
N LEU A 344 50.89 -18.83 31.12
CA LEU A 344 52.27 -18.97 30.66
C LEU A 344 52.94 -20.14 31.33
N ALA A 345 52.78 -20.25 32.66
CA ALA A 345 53.51 -21.23 33.43
C ALA A 345 53.05 -22.65 33.14
N THR A 346 51.74 -22.85 32.91
CA THR A 346 51.27 -24.17 32.52
C THR A 346 51.84 -24.55 31.16
N LEU A 347 51.88 -23.60 30.22
CA LEU A 347 52.48 -23.86 28.93
C LEU A 347 53.98 -24.12 29.06
N GLN A 348 54.68 -23.30 29.85
CA GLN A 348 56.11 -23.51 30.06
C GLN A 348 56.38 -24.87 30.70
N ALA A 349 55.63 -25.22 31.75
CA ALA A 349 55.83 -26.48 32.42
C ALA A 349 55.42 -27.66 31.53
N ARG A 350 54.36 -27.50 30.74
CA ARG A 350 53.87 -28.60 29.94
C ARG A 350 54.78 -28.88 28.75
N LEU A 351 55.30 -27.83 28.10
CA LEU A 351 56.19 -28.02 26.96
C LEU A 351 57.44 -28.81 27.35
N GLY A 352 57.98 -28.55 28.54
CA GLY A 352 59.21 -29.20 28.95
C GLY A 352 59.07 -30.70 29.04
N GLU A 353 57.87 -31.18 29.36
CA GLU A 353 57.64 -32.62 29.48
C GLU A 353 57.61 -33.32 28.13
N MET A 354 57.15 -32.64 27.08
CA MET A 354 57.14 -33.24 25.75
C MET A 354 58.55 -33.47 25.24
N ILE A 355 59.41 -32.45 25.33
CA ILE A 355 60.77 -32.56 24.83
C ILE A 355 61.61 -33.58 25.58
N ALA A 356 61.20 -33.97 26.78
CA ALA A 356 61.85 -35.08 27.47
C ALA A 356 61.42 -36.42 26.89
N ARG A 357 60.19 -36.51 26.37
CA ARG A 357 59.75 -37.70 25.66
C ARG A 357 60.49 -37.89 24.35
N LEU A 358 61.03 -36.81 23.78
CA LEU A 358 61.66 -36.83 22.47
C LEU A 358 63.17 -37.02 22.56
N GLY A 359 63.81 -36.43 23.56
CA GLY A 359 65.26 -36.44 23.66
C GLY A 359 65.95 -35.35 22.88
N ILE A 360 65.21 -34.42 22.27
CA ILE A 360 65.83 -33.34 21.52
C ILE A 360 66.25 -32.21 22.45
N ASP A 361 65.29 -31.63 23.17
CA ASP A 361 65.54 -30.57 24.14
C ASP A 361 66.23 -29.37 23.48
N VAL A 362 65.50 -28.73 22.57
CA VAL A 362 65.98 -27.53 21.88
C VAL A 362 66.34 -26.48 22.91
N PRO A 363 67.27 -25.54 22.61
CA PRO A 363 67.65 -24.57 23.65
C PRO A 363 66.50 -23.68 24.10
N SER A 364 65.59 -23.31 23.20
CA SER A 364 64.44 -22.51 23.57
C SER A 364 63.46 -22.49 22.41
N ILE A 365 62.17 -22.58 22.74
CA ILE A 365 61.10 -22.57 21.75
C ILE A 365 60.01 -21.60 22.22
N ILE A 366 60.36 -20.67 23.10
CA ILE A 366 59.38 -19.78 23.72
C ILE A 366 60.04 -18.44 24.00
N GLN A 367 59.35 -17.35 23.63
CA GLN A 367 59.80 -16.01 23.95
C GLN A 367 58.66 -15.03 23.64
N VAL A 368 58.54 -14.00 24.47
CA VAL A 368 57.43 -13.05 24.43
C VAL A 368 58.00 -11.65 24.19
N LEU A 369 57.32 -10.88 23.34
CA LEU A 369 57.60 -9.48 23.14
C LEU A 369 56.30 -8.69 23.20
N ASP A 370 56.44 -7.37 23.31
CA ASP A 370 55.31 -6.45 23.23
C ASP A 370 55.30 -5.78 21.86
N THR A 371 54.12 -5.72 21.25
CA THR A 371 53.92 -5.09 19.96
C THR A 371 52.67 -4.24 20.00
N ASN A 372 52.36 -3.60 18.87
CA ASN A 372 51.31 -2.59 18.78
C ASN A 372 50.06 -3.09 18.07
N HIS A 373 49.88 -4.40 17.94
CA HIS A 373 48.68 -4.93 17.32
C HIS A 373 47.50 -4.83 18.29
N THR A 374 46.32 -5.19 17.79
CA THR A 374 45.12 -5.22 18.62
C THR A 374 44.95 -6.62 19.20
N PRO A 375 45.18 -6.84 20.49
CA PRO A 375 44.92 -8.17 21.05
C PRO A 375 43.42 -8.42 21.17
N PRO A 376 42.99 -9.68 21.14
CA PRO A 376 41.55 -9.96 21.19
C PRO A 376 41.03 -9.93 22.63
N THR A 377 39.74 -10.25 22.75
CA THR A 377 38.96 -10.04 23.96
C THR A 377 38.42 -11.38 24.47
N PHE A 378 38.71 -11.70 25.73
CA PHE A 378 38.24 -12.94 26.34
C PHE A 378 37.82 -12.69 27.77
N HIS A 379 36.55 -12.99 28.06
CA HIS A 379 36.01 -12.95 29.42
C HIS A 379 35.72 -14.37 29.86
N ARG A 380 36.08 -14.70 31.10
CA ARG A 380 35.82 -16.03 31.63
C ARG A 380 34.38 -16.12 32.10
N THR A 381 33.77 -17.28 31.84
CA THR A 381 32.33 -17.44 31.99
C THR A 381 32.01 -18.80 32.62
N ASN A 382 31.15 -18.76 33.62
CA ASN A 382 30.59 -19.95 34.24
C ASN A 382 29.16 -20.17 33.73
N LYS A 383 28.46 -21.15 34.32
CA LYS A 383 27.10 -21.45 33.87
C LYS A 383 26.15 -20.28 34.13
N PHE A 384 26.40 -19.50 35.19
CA PHE A 384 25.49 -18.43 35.56
C PHE A 384 25.68 -17.21 34.66
N THR A 385 26.91 -16.69 34.58
CA THR A 385 27.19 -15.45 33.85
C THR A 385 27.12 -15.60 32.33
N ALA A 386 26.97 -16.83 31.81
CA ALA A 386 27.09 -17.00 30.37
C ALA A 386 25.84 -16.58 29.62
N GLY A 387 24.64 -16.87 30.15
CA GLY A 387 23.42 -16.46 29.48
C GLY A 387 23.22 -14.96 29.48
N PHE A 388 23.87 -14.24 30.40
CA PHE A 388 23.87 -12.80 30.41
C PHE A 388 24.99 -12.21 29.56
N GLN A 389 26.06 -12.97 29.33
CA GLN A 389 27.15 -12.52 28.47
C GLN A 389 26.88 -12.81 27.01
N SER A 390 26.02 -13.80 26.71
CA SER A 390 25.62 -14.05 25.34
C SER A 390 24.77 -12.92 24.76
N ILE A 391 24.26 -12.03 25.61
CA ILE A 391 23.42 -10.93 25.16
C ILE A 391 24.27 -9.74 24.75
N CYS A 392 25.19 -9.33 25.62
CA CYS A 392 26.03 -8.17 25.32
C CYS A 392 26.99 -8.45 24.15
N ASP A 393 27.27 -9.72 23.89
CA ASP A 393 28.17 -10.05 22.78
C ASP A 393 27.49 -9.84 21.43
N CYS A 394 26.18 -10.08 21.36
CA CYS A 394 25.48 -10.01 20.08
C CYS A 394 25.48 -8.60 19.51
N TYR A 395 25.57 -7.57 20.36
CA TYR A 395 25.56 -6.20 19.88
C TYR A 395 26.95 -5.77 19.41
N GLY A 396 27.99 -6.19 20.12
CA GLY A 396 29.33 -5.80 19.77
C GLY A 396 30.38 -6.42 20.65
N ILE A 397 31.52 -6.78 20.04
CA ILE A 397 32.65 -7.29 20.80
C ILE A 397 33.35 -6.13 21.48
N ALA A 398 33.59 -6.27 22.78
CA ALA A 398 34.13 -5.17 23.56
C ALA A 398 35.60 -4.94 23.26
N GLN A 399 35.99 -3.67 23.33
CA GLN A 399 37.39 -3.31 23.14
C GLN A 399 38.27 -3.99 24.19
N TYR A 400 39.54 -4.15 23.86
CA TYR A 400 40.48 -4.80 24.76
C TYR A 400 40.63 -4.03 26.06
N ARG A 401 40.34 -4.69 27.17
CA ARG A 401 40.54 -4.13 28.52
C ARG A 401 39.71 -2.87 28.73
N GLU A 402 38.42 -2.99 28.47
CA GLU A 402 37.44 -1.99 28.88
C GLU A 402 36.45 -2.66 29.83
N ILE A 403 35.40 -1.93 30.19
CA ILE A 403 34.37 -2.46 31.06
C ILE A 403 33.55 -3.49 30.30
N ASN A 404 33.38 -4.66 30.89
CA ASN A 404 32.33 -5.56 30.47
C ASN A 404 31.01 -5.06 31.01
N ALA A 405 30.02 -4.89 30.13
CA ALA A 405 28.69 -4.49 30.54
C ALA A 405 27.82 -5.68 30.91
N GLY A 406 28.42 -6.83 31.16
CA GLY A 406 27.66 -8.04 31.45
C GLY A 406 27.38 -8.25 32.92
N LEU A 407 28.13 -7.57 33.80
CA LEU A 407 27.86 -7.67 35.23
C LEU A 407 26.64 -6.83 35.63
N PRO A 408 26.54 -5.54 35.26
CA PRO A 408 25.31 -4.82 35.58
C PRO A 408 24.09 -5.38 34.88
N THR A 409 24.29 -6.04 33.74
CA THR A 409 23.20 -6.65 32.98
C THR A 409 22.61 -7.86 33.67
N ILE A 410 23.23 -8.35 34.75
CA ILE A 410 22.68 -9.49 35.47
C ILE A 410 21.41 -9.10 36.21
N VAL A 411 21.32 -7.84 36.65
CA VAL A 411 20.32 -7.41 37.61
C VAL A 411 19.42 -6.34 37.04
N THR A 412 19.99 -5.37 36.31
CA THR A 412 19.17 -4.33 35.70
C THR A 412 18.18 -4.93 34.70
N PHE A 413 18.59 -5.96 33.96
CA PHE A 413 17.72 -6.57 32.96
C PHE A 413 16.49 -7.23 33.59
N PRO A 414 16.63 -8.22 34.47
CA PRO A 414 15.42 -8.85 35.03
C PRO A 414 14.66 -7.93 35.97
N PHE A 415 15.30 -6.92 36.56
CA PHE A 415 14.57 -6.01 37.44
C PHE A 415 13.67 -5.07 36.67
N MET A 416 14.10 -4.63 35.47
CA MET A 416 13.23 -3.81 34.64
C MET A 416 12.04 -4.61 34.14
N PHE A 417 12.24 -5.92 33.91
CA PHE A 417 11.11 -6.78 33.60
C PHE A 417 10.10 -6.77 34.74
N ALA A 418 10.56 -6.63 35.97
CA ALA A 418 9.66 -6.64 37.12
C ALA A 418 8.82 -5.37 37.19
N ILE A 419 9.39 -4.24 36.77
CA ILE A 419 8.65 -2.98 36.79
C ILE A 419 7.45 -3.07 35.86
N MET A 420 7.63 -3.69 34.70
CA MET A 420 6.55 -3.83 33.73
C MET A 420 5.63 -4.98 34.10
N PHE A 421 6.21 -6.17 34.23
CA PHE A 421 5.47 -7.39 34.52
C PHE A 421 4.72 -7.26 35.85
N GLY A 422 5.44 -6.87 36.91
CA GLY A 422 4.88 -6.30 38.12
C GLY A 422 3.65 -6.95 38.73
N ASP A 423 3.73 -8.24 39.07
CA ASP A 423 2.62 -8.90 39.73
C ASP A 423 3.13 -10.14 40.44
N MET A 424 2.74 -10.31 41.70
CA MET A 424 3.21 -11.44 42.50
C MET A 424 2.65 -12.77 41.97
N GLY A 425 1.46 -12.74 41.38
CA GLY A 425 0.82 -13.98 40.98
C GLY A 425 1.45 -14.57 39.73
N HIS A 426 1.71 -13.75 38.73
CA HIS A 426 2.32 -14.23 37.50
C HIS A 426 3.81 -14.50 37.69
N GLY A 427 4.49 -13.62 38.42
CA GLY A 427 5.91 -13.82 38.67
C GLY A 427 6.21 -15.08 39.43
N PHE A 428 5.26 -15.53 40.26
CA PHE A 428 5.42 -16.80 40.96
C PHE A 428 5.49 -17.96 39.98
N LEU A 429 4.72 -17.89 38.89
CA LEU A 429 4.67 -18.98 37.93
C LEU A 429 5.96 -19.08 37.13
N MET A 430 6.53 -17.93 36.74
CA MET A 430 7.78 -17.94 36.00
C MET A 430 8.90 -18.60 36.80
N THR A 431 8.87 -18.42 38.12
CA THR A 431 9.93 -18.97 38.96
C THR A 431 9.91 -20.50 38.96
N LEU A 432 8.73 -21.10 38.99
CA LEU A 432 8.63 -22.55 39.14
C LEU A 432 9.14 -23.26 37.88
N ALA A 433 8.74 -22.79 36.70
CA ALA A 433 9.27 -23.36 35.47
C ALA A 433 10.76 -23.11 35.32
N ALA A 434 11.30 -22.11 36.02
CA ALA A 434 12.74 -21.93 36.12
C ALA A 434 13.33 -22.68 37.30
N LEU A 435 12.52 -23.02 38.29
CA LEU A 435 12.95 -23.86 39.40
C LEU A 435 12.89 -25.35 39.05
N SER A 436 12.30 -25.70 37.91
CA SER A 436 12.28 -27.08 37.41
C SER A 436 13.46 -27.34 36.49
N LEU A 437 13.63 -26.49 35.48
CA LEU A 437 14.73 -26.65 34.52
C LEU A 437 16.09 -26.66 35.22
N VAL A 438 16.22 -25.87 36.29
CA VAL A 438 17.53 -25.74 36.95
C VAL A 438 17.87 -27.01 37.71
N LEU A 439 16.95 -27.50 38.53
CA LEU A 439 17.25 -28.62 39.43
C LEU A 439 17.61 -29.88 38.65
N ASN A 440 16.86 -30.15 37.58
CA ASN A 440 17.06 -31.36 36.77
C ASN A 440 18.03 -31.14 35.63
N GLU A 441 18.96 -30.19 35.77
CA GLU A 441 19.82 -29.79 34.66
C GLU A 441 20.76 -30.90 34.20
N LYS A 442 21.05 -31.87 35.06
CA LYS A 442 21.98 -32.93 34.68
C LYS A 442 21.31 -33.97 33.80
N LYS A 443 20.04 -34.28 34.07
CA LYS A 443 19.26 -35.10 33.14
C LYS A 443 19.11 -34.39 31.80
N ILE A 444 18.76 -33.11 31.83
CA ILE A 444 18.40 -32.38 30.63
C ILE A 444 19.63 -32.15 29.76
N ASN A 445 20.82 -32.07 30.36
CA ASN A 445 22.04 -31.84 29.60
C ASN A 445 22.31 -32.97 28.61
N LYS A 446 22.13 -34.22 29.06
CA LYS A 446 22.51 -35.36 28.23
C LYS A 446 21.51 -35.57 27.09
N MET A 447 20.22 -35.62 27.41
CA MET A 447 19.20 -35.93 26.43
C MET A 447 19.17 -34.88 25.33
N LYS A 448 18.59 -35.25 24.20
CA LYS A 448 18.42 -34.32 23.10
C LYS A 448 17.25 -33.40 23.37
N ARG A 449 17.19 -32.31 22.60
CA ARG A 449 16.25 -31.23 22.83
C ARG A 449 15.81 -30.65 21.50
N GLY A 450 14.70 -29.93 21.53
CA GLY A 450 14.27 -29.18 20.37
C GLY A 450 15.11 -27.94 20.20
N GLU A 451 14.50 -26.87 19.68
CA GLU A 451 15.16 -25.58 19.55
C GLU A 451 14.50 -24.50 20.37
N ILE A 452 13.16 -24.49 20.44
CA ILE A 452 12.47 -23.63 21.39
C ILE A 452 12.86 -23.98 22.82
N PHE A 453 13.19 -25.25 23.08
CA PHE A 453 13.46 -25.70 24.44
C PHE A 453 14.92 -25.48 24.82
N ASP A 454 15.83 -25.37 23.85
CA ASP A 454 17.23 -25.08 24.18
C ASP A 454 17.40 -23.68 24.73
N MET A 455 16.74 -22.69 24.12
CA MET A 455 16.87 -21.31 24.58
C MET A 455 16.38 -21.15 26.01
N ALA A 456 15.36 -21.93 26.39
CA ALA A 456 14.90 -21.91 27.77
C ALA A 456 15.95 -22.45 28.71
N PHE A 457 16.61 -23.55 28.33
CA PHE A 457 17.65 -24.12 29.17
C PHE A 457 18.92 -23.30 29.15
N THR A 458 19.20 -22.61 28.04
CA THR A 458 20.36 -21.74 27.97
C THR A 458 20.19 -20.52 28.88
N GLY A 459 18.95 -20.10 29.12
CA GLY A 459 18.65 -18.94 29.93
C GLY A 459 17.82 -19.27 31.15
N ARG A 460 17.99 -20.49 31.67
CA ARG A 460 17.28 -20.91 32.87
C ARG A 460 17.57 -20.02 34.08
N TYR A 461 18.74 -19.39 34.11
CA TYR A 461 19.07 -18.48 35.20
C TYR A 461 18.56 -17.06 34.97
N ILE A 462 18.24 -16.71 33.72
CA ILE A 462 17.62 -15.42 33.45
C ILE A 462 16.18 -15.43 33.94
N ILE A 463 15.48 -16.55 33.72
CA ILE A 463 14.05 -16.62 34.03
C ILE A 463 13.83 -16.74 35.53
N LEU A 464 14.80 -17.33 36.24
CA LEU A 464 14.70 -17.44 37.69
C LEU A 464 14.58 -16.07 38.34
N LEU A 465 15.45 -15.13 37.96
CA LEU A 465 15.46 -13.82 38.59
C LEU A 465 14.21 -13.03 38.23
N MET A 466 13.78 -13.11 36.97
CA MET A 466 12.60 -12.35 36.55
C MET A 466 11.35 -12.76 37.33
N GLY A 467 11.30 -14.01 37.79
CA GLY A 467 10.18 -14.44 38.61
C GLY A 467 10.33 -14.04 40.07
N VAL A 468 11.56 -13.99 40.57
CA VAL A 468 11.79 -13.57 41.94
C VAL A 468 11.51 -12.08 42.09
N PHE A 469 12.16 -11.25 41.27
CA PHE A 469 11.99 -9.81 41.39
C PHE A 469 10.59 -9.36 41.01
N SER A 470 9.83 -10.17 40.28
CA SER A 470 8.45 -9.82 39.99
C SER A 470 7.56 -10.00 41.22
N MET A 471 8.02 -10.75 42.22
CA MET A 471 7.27 -10.91 43.45
C MET A 471 7.57 -9.80 44.46
N TYR A 472 8.77 -9.20 44.39
CA TYR A 472 9.09 -8.07 45.25
C TYR A 472 8.39 -6.80 44.79
N THR A 473 8.24 -6.61 43.48
CA THR A 473 7.57 -5.42 42.97
C THR A 473 6.09 -5.44 43.31
N GLY A 474 5.39 -6.51 42.90
CA GLY A 474 3.97 -6.64 43.13
C GLY A 474 3.54 -6.53 44.58
N PHE A 475 4.47 -6.74 45.51
CA PHE A 475 4.20 -6.46 46.91
C PHE A 475 4.19 -4.96 47.19
N LEU A 476 4.97 -4.19 46.43
CA LEU A 476 4.91 -2.73 46.53
C LEU A 476 3.75 -2.17 45.72
N TYR A 477 3.58 -2.65 44.48
CA TYR A 477 2.38 -2.31 43.72
C TYR A 477 1.12 -2.86 44.38
N ASN A 478 1.25 -3.90 45.20
CA ASN A 478 0.12 -4.47 45.93
C ASN A 478 -0.89 -5.07 44.98
N ASP A 479 -0.41 -5.93 44.09
CA ASP A 479 -1.23 -6.65 43.13
C ASP A 479 -0.91 -8.13 43.19
N ILE A 480 -1.95 -8.96 43.27
CA ILE A 480 -1.83 -10.41 43.12
C ILE A 480 -3.09 -10.90 42.40
N PHE A 481 -2.92 -11.30 41.14
CA PHE A 481 -4.03 -11.74 40.29
C PHE A 481 -5.14 -10.69 40.25
N SER A 482 -4.73 -9.42 40.14
CA SER A 482 -5.59 -8.23 40.13
C SER A 482 -6.21 -7.95 41.48
N LYS A 483 -5.82 -8.64 42.55
CA LYS A 483 -6.30 -8.40 43.89
C LYS A 483 -5.18 -7.86 44.76
N THR A 484 -5.55 -7.39 45.95
CA THR A 484 -4.64 -6.68 46.84
C THR A 484 -4.42 -7.43 48.13
N MET A 485 -3.48 -6.92 48.92
CA MET A 485 -3.06 -7.51 50.18
C MET A 485 -3.30 -6.50 51.30
N THR A 486 -3.83 -7.00 52.42
CA THR A 486 -4.37 -6.16 53.50
C THR A 486 -3.65 -6.46 54.81
N ILE A 487 -2.32 -6.53 54.77
CA ILE A 487 -1.56 -6.94 55.94
C ILE A 487 -1.50 -5.82 56.97
N PHE A 488 -0.91 -4.68 56.58
CA PHE A 488 -0.65 -3.59 57.52
C PHE A 488 -1.85 -2.64 57.59
N LYS A 489 -1.81 -1.77 58.59
CA LYS A 489 -2.86 -0.77 58.76
C LYS A 489 -2.82 0.23 57.62
N SER A 490 -3.99 0.76 57.30
CA SER A 490 -4.13 1.81 56.29
C SER A 490 -4.07 3.17 56.96
N GLY A 491 -3.11 4.00 56.54
CA GLY A 491 -3.01 5.35 57.04
C GLY A 491 -4.17 6.25 56.64
N TRP A 492 -4.98 5.83 55.68
CA TRP A 492 -6.20 6.53 55.32
C TRP A 492 -7.31 6.09 56.28
N LYS A 493 -8.50 6.65 56.09
CA LYS A 493 -9.63 6.38 56.96
C LYS A 493 -10.88 6.96 56.34
N TRP A 494 -12.01 6.31 56.58
CA TRP A 494 -13.30 6.71 56.05
C TRP A 494 -14.09 7.46 57.12
N PRO A 495 -15.21 8.09 56.75
CA PRO A 495 -16.08 8.71 57.76
C PRO A 495 -16.68 7.69 58.70
N ASP A 496 -17.44 8.19 59.67
CA ASP A 496 -18.10 7.34 60.65
C ASP A 496 -19.46 6.85 60.19
N HIS A 497 -20.06 7.45 59.16
CA HIS A 497 -21.40 7.09 58.76
C HIS A 497 -21.70 7.65 57.38
N TRP A 498 -22.40 6.86 56.57
CA TRP A 498 -22.84 7.28 55.24
C TRP A 498 -23.98 6.35 54.82
N LYS A 499 -24.38 6.45 53.56
CA LYS A 499 -25.53 5.73 53.04
C LYS A 499 -25.23 5.19 51.65
N LYS A 500 -26.18 4.48 51.07
CA LYS A 500 -25.97 3.81 49.80
C LYS A 500 -26.07 4.79 48.65
N GLY A 501 -25.18 4.63 47.67
CA GLY A 501 -25.09 5.55 46.54
C GLY A 501 -24.59 6.93 46.88
N GLU A 502 -24.19 7.19 48.12
CA GLU A 502 -23.72 8.50 48.54
C GLU A 502 -22.19 8.53 48.44
N SER A 503 -21.67 9.53 47.75
CA SER A 503 -20.23 9.62 47.57
C SER A 503 -19.55 10.02 48.87
N ILE A 504 -18.31 9.55 49.05
CA ILE A 504 -17.55 9.76 50.26
C ILE A 504 -16.08 9.98 49.92
N THR A 505 -15.35 10.57 50.86
CA THR A 505 -13.94 10.89 50.70
C THR A 505 -13.25 10.62 52.03
N ALA A 506 -11.96 10.32 51.96
CA ALA A 506 -11.22 9.76 53.08
C ALA A 506 -10.48 10.83 53.87
N THR A 507 -10.01 10.43 55.04
CA THR A 507 -9.22 11.27 55.93
C THR A 507 -7.89 10.57 56.22
N SER A 508 -6.80 11.30 56.09
CA SER A 508 -5.48 10.73 56.34
C SER A 508 -5.18 10.72 57.82
N VAL A 509 -4.49 9.67 58.27
CA VAL A 509 -4.11 9.49 59.67
C VAL A 509 -2.60 9.44 59.74
N GLY A 510 -2.00 8.47 59.04
CA GLY A 510 -0.57 8.33 58.98
C GLY A 510 -0.13 7.86 57.61
N THR A 511 1.05 7.24 57.53
CA THR A 511 1.61 6.76 56.27
C THR A 511 1.64 5.24 56.25
N TYR A 512 1.44 4.68 55.08
CA TYR A 512 1.50 3.23 54.90
C TYR A 512 2.95 2.83 54.67
N PRO A 513 3.52 1.90 55.47
CA PRO A 513 4.99 1.76 55.49
C PRO A 513 5.58 1.24 54.20
N ILE A 514 5.08 0.10 53.71
CA ILE A 514 5.73 -0.66 52.65
C ILE A 514 4.68 -0.89 51.56
N GLY A 515 4.66 -0.01 50.56
CA GLY A 515 3.89 -0.24 49.34
C GLY A 515 2.78 0.75 49.12
N LEU A 516 1.87 0.42 48.20
CA LEU A 516 0.68 1.21 47.97
C LEU A 516 -0.39 0.81 48.96
N ASP A 517 -0.90 1.78 49.71
CA ASP A 517 -1.91 1.51 50.72
C ASP A 517 -3.15 0.91 50.07
N TRP A 518 -3.65 -0.15 50.66
CA TRP A 518 -4.72 -0.95 50.07
C TRP A 518 -6.07 -0.25 50.04
N ALA A 519 -6.20 1.00 50.45
CA ALA A 519 -7.47 1.72 50.34
C ALA A 519 -7.73 2.25 48.93
N TRP A 520 -6.74 2.22 48.04
CA TRP A 520 -6.93 2.75 46.69
C TRP A 520 -7.73 1.80 45.80
N HIS A 521 -7.69 0.50 46.07
CA HIS A 521 -8.36 -0.47 45.20
C HIS A 521 -9.87 -0.25 45.19
N GLY A 522 -10.47 -0.43 44.03
CA GLY A 522 -11.89 -0.20 43.86
C GLY A 522 -12.31 1.25 43.84
N THR A 523 -11.37 2.17 43.99
CA THR A 523 -11.69 3.58 44.14
C THR A 523 -11.89 4.22 42.77
N GLU A 524 -12.50 5.42 42.78
CA GLU A 524 -12.80 6.12 41.54
C GLU A 524 -11.55 6.78 40.96
N ASN A 525 -10.81 7.51 41.78
CA ASN A 525 -9.67 8.30 41.33
C ASN A 525 -8.34 7.59 41.56
N ALA A 526 -8.31 6.26 41.45
CA ALA A 526 -7.07 5.53 41.65
C ALA A 526 -6.04 5.90 40.59
N LEU A 527 -6.43 5.81 39.32
CA LEU A 527 -5.48 5.99 38.23
C LEU A 527 -4.91 7.39 38.16
N LEU A 528 -5.54 8.38 38.81
CA LEU A 528 -4.92 9.70 38.92
C LEU A 528 -3.74 9.70 39.89
N PHE A 529 -3.56 8.64 40.67
CA PHE A 529 -2.45 8.51 41.60
C PHE A 529 -1.33 7.64 41.05
N SER A 530 -1.67 6.46 40.52
CA SER A 530 -0.66 5.57 39.98
C SER A 530 0.01 6.18 38.76
N ASN A 531 -0.78 6.80 37.88
CA ASN A 531 -0.21 7.41 36.68
C ASN A 531 0.76 8.52 37.05
N SER A 532 0.37 9.41 37.95
CA SER A 532 1.26 10.47 38.40
C SER A 532 2.34 9.96 39.33
N TYR A 533 2.27 8.69 39.75
CA TYR A 533 3.34 8.05 40.51
C TYR A 533 4.33 7.33 39.60
N LYS A 534 3.85 6.39 38.79
CA LYS A 534 4.74 5.56 38.00
C LYS A 534 5.52 6.35 36.97
N MET A 535 5.02 7.49 36.52
CA MET A 535 5.82 8.37 35.68
C MET A 535 7.08 8.83 36.42
N LYS A 536 6.89 9.42 37.59
CA LYS A 536 8.00 9.97 38.35
C LYS A 536 8.95 8.89 38.84
N LEU A 537 8.48 7.65 38.95
CA LEU A 537 9.38 6.53 39.21
C LEU A 537 10.33 6.31 38.04
N SER A 538 9.79 6.15 36.83
CA SER A 538 10.60 5.77 35.69
C SER A 538 11.58 6.87 35.28
N ILE A 539 11.22 8.14 35.48
CA ILE A 539 12.17 9.22 35.22
C ILE A 539 13.39 9.06 36.12
N LEU A 540 13.16 8.93 37.43
CA LEU A 540 14.27 8.82 38.36
C LEU A 540 15.05 7.53 38.13
N MET A 541 14.35 6.44 37.80
CA MET A 541 15.03 5.19 37.52
C MET A 541 15.74 5.20 36.17
N GLY A 542 15.48 6.20 35.32
CA GLY A 542 16.19 6.37 34.08
C GLY A 542 17.34 7.33 34.22
N PHE A 543 17.19 8.31 35.12
CA PHE A 543 18.28 9.22 35.42
C PHE A 543 19.40 8.52 36.17
N ILE A 544 19.09 7.46 36.91
CA ILE A 544 20.09 6.76 37.70
C ILE A 544 20.81 5.71 36.86
N HIS A 545 20.07 4.95 36.06
CA HIS A 545 20.70 3.91 35.25
C HIS A 545 21.66 4.50 34.24
N MET A 546 21.33 5.67 33.68
CA MET A 546 22.19 6.26 32.65
C MET A 546 23.48 6.80 33.24
N THR A 547 23.39 7.58 34.33
CA THR A 547 24.60 8.19 34.87
C THR A 547 25.55 7.14 35.43
N TYR A 548 25.01 6.07 36.03
CA TYR A 548 25.85 4.97 36.48
C TYR A 548 26.58 4.34 35.32
N SER A 549 25.90 4.19 34.17
CA SER A 549 26.54 3.71 32.97
C SER A 549 27.51 4.73 32.38
N TYR A 550 27.40 5.99 32.79
CA TYR A 550 28.18 7.08 32.22
C TYR A 550 29.49 7.32 32.95
N PHE A 551 29.59 6.92 34.22
CA PHE A 551 30.87 6.99 34.93
C PHE A 551 31.79 5.83 34.60
N PHE A 552 31.32 4.84 33.83
CA PHE A 552 32.23 3.84 33.29
C PHE A 552 33.12 4.45 32.22
N SER A 553 32.66 5.51 31.56
CA SER A 553 33.55 6.27 30.69
C SER A 553 34.76 6.78 31.45
N LEU A 554 34.51 7.37 32.62
CA LEU A 554 35.60 7.93 33.42
C LEU A 554 36.58 6.84 33.85
N ALA A 555 36.08 5.69 34.26
CA ALA A 555 36.93 4.59 34.71
C ALA A 555 37.62 3.86 33.57
N ASN A 556 37.47 4.31 32.33
CA ASN A 556 38.24 3.81 31.19
C ASN A 556 39.32 4.78 30.74
N HIS A 557 39.00 6.08 30.69
CA HIS A 557 40.00 7.08 30.35
C HIS A 557 41.13 7.10 31.37
N LEU A 558 40.82 6.78 32.63
CA LEU A 558 41.84 6.68 33.68
C LEU A 558 42.69 5.43 33.53
N TYR A 559 42.28 4.47 32.71
CA TYR A 559 43.06 3.25 32.49
C TYR A 559 44.05 3.43 31.34
N PHE A 560 43.54 3.79 30.17
CA PHE A 560 44.38 4.06 29.01
C PHE A 560 45.10 5.41 29.10
N ASN A 561 44.84 6.18 30.15
CA ASN A 561 45.59 7.40 30.43
C ASN A 561 45.35 8.47 29.36
N SER A 562 44.08 8.62 28.96
CA SER A 562 43.66 9.59 27.95
C SER A 562 42.89 10.69 28.67
N MET A 563 43.60 11.73 29.11
CA MET A 563 43.01 12.76 29.95
C MET A 563 42.27 13.82 29.14
N ILE A 564 42.54 13.94 27.84
CA ILE A 564 41.88 14.97 27.04
C ILE A 564 40.38 14.71 26.96
N ASP A 565 39.98 13.44 26.83
CA ASP A 565 38.56 13.13 26.73
C ASP A 565 37.82 13.41 28.02
N ILE A 566 38.51 13.35 29.16
CA ILE A 566 37.89 13.76 30.42
C ILE A 566 37.51 15.23 30.35
N ILE A 567 38.39 16.06 29.81
CA ILE A 567 38.14 17.50 29.70
C ILE A 567 37.44 17.82 28.38
N GLY A 568 37.51 16.93 27.39
CA GLY A 568 36.89 17.16 26.11
C GLY A 568 35.52 16.54 25.94
N ASN A 569 35.37 15.26 26.31
CA ASN A 569 34.15 14.50 26.06
C ASN A 569 33.30 14.30 27.31
N PHE A 570 33.89 13.81 28.40
CA PHE A 570 33.10 13.43 29.56
C PHE A 570 32.39 14.62 30.19
N ILE A 571 33.15 15.57 30.70
CA ILE A 571 32.65 16.64 31.55
C ILE A 571 31.59 17.52 30.87
N PRO A 572 31.71 17.87 29.58
CA PRO A 572 30.66 18.72 28.99
C PRO A 572 29.30 18.06 28.95
N GLY A 573 29.25 16.76 28.71
CA GLY A 573 27.99 16.05 28.76
C GLY A 573 27.49 15.87 30.18
N LEU A 574 28.40 15.74 31.14
CA LEU A 574 28.00 15.72 32.54
C LEU A 574 27.32 17.03 32.93
N LEU A 575 27.87 18.16 32.50
CA LEU A 575 27.32 19.46 32.85
C LEU A 575 26.08 19.80 32.05
N PHE A 576 25.85 19.14 30.90
CA PHE A 576 24.66 19.43 30.10
C PHE A 576 23.41 18.82 30.74
N MET A 577 23.40 17.50 30.89
CA MET A 577 22.14 16.81 31.22
C MET A 577 21.88 16.81 32.72
N GLN A 578 22.93 16.70 33.55
CA GLN A 578 22.75 16.82 34.99
C GLN A 578 22.19 18.19 35.35
N GLY A 579 22.57 19.23 34.61
CA GLY A 579 22.02 20.55 34.78
C GLY A 579 20.62 20.74 34.23
N ILE A 580 20.01 19.71 33.65
CA ILE A 580 18.65 19.78 33.13
C ILE A 580 17.80 18.73 33.82
N PHE A 581 18.15 17.46 33.64
CA PHE A 581 17.38 16.36 34.22
C PHE A 581 17.80 16.04 35.63
N GLY A 582 19.00 16.43 36.05
CA GLY A 582 19.35 16.35 37.45
C GLY A 582 18.60 17.42 38.23
N TYR A 583 18.35 18.56 37.58
CA TYR A 583 17.47 19.57 38.17
C TYR A 583 16.02 19.11 38.15
N LEU A 584 15.64 18.31 37.15
CA LEU A 584 14.28 17.79 37.08
C LEU A 584 14.07 16.66 38.09
N SER A 585 15.10 15.86 38.33
CA SER A 585 14.96 14.73 39.23
C SER A 585 15.00 15.16 40.70
N VAL A 586 15.75 16.21 41.01
CA VAL A 586 15.86 16.64 42.40
C VAL A 586 14.63 17.44 42.82
N CYS A 587 14.06 18.24 41.92
CA CYS A 587 12.86 19.00 42.28
C CYS A 587 11.67 18.09 42.55
N ILE A 588 11.59 16.97 41.84
CA ILE A 588 10.46 16.05 42.02
C ILE A 588 10.46 15.48 43.43
N VAL A 589 11.64 15.28 44.01
CA VAL A 589 11.70 14.78 45.38
C VAL A 589 11.37 15.89 46.37
N TYR A 590 11.74 17.12 46.07
CA TYR A 590 11.46 18.23 46.98
C TYR A 590 9.96 18.51 47.05
N LYS A 591 9.27 18.35 45.93
CA LYS A 591 7.82 18.59 45.92
C LYS A 591 7.07 17.60 46.79
N TRP A 592 7.67 16.43 47.05
CA TRP A 592 6.98 15.38 47.81
C TRP A 592 7.18 15.52 49.31
N ALA A 593 8.30 16.09 49.74
CA ALA A 593 8.60 16.28 51.15
C ALA A 593 8.21 17.68 51.65
N VAL A 594 7.21 18.28 51.03
CA VAL A 594 6.72 19.61 51.38
C VAL A 594 5.21 19.57 51.46
N ASP A 595 4.68 19.92 52.63
CA ASP A 595 3.22 19.97 52.83
C ASP A 595 2.73 21.33 52.35
N TRP A 596 2.40 21.40 51.05
CA TRP A 596 1.95 22.65 50.47
C TRP A 596 0.58 23.08 50.99
N VAL A 597 -0.20 22.16 51.55
CA VAL A 597 -1.51 22.52 52.09
C VAL A 597 -1.37 23.28 53.39
N LYS A 598 -0.50 22.82 54.29
CA LYS A 598 -0.36 23.45 55.60
C LYS A 598 0.22 24.86 55.46
N ASP A 599 1.28 25.01 54.67
CA ASP A 599 1.90 26.32 54.49
C ASP A 599 0.96 27.32 53.81
N GLY A 600 -0.06 26.84 53.10
CA GLY A 600 -0.97 27.70 52.38
C GLY A 600 -0.55 28.05 50.98
N LYS A 601 0.64 27.60 50.54
CA LYS A 601 1.15 27.90 49.23
C LYS A 601 0.62 26.89 48.20
N PRO A 602 0.43 27.29 46.93
CA PRO A 602 0.02 26.31 45.93
C PRO A 602 1.21 25.52 45.41
N ALA A 603 0.99 24.23 45.15
CA ALA A 603 2.04 23.38 44.64
C ALA A 603 2.36 23.75 43.19
N PRO A 604 3.60 24.13 42.86
CA PRO A 604 3.89 24.50 41.47
C PRO A 604 3.86 23.29 40.54
N GLY A 605 3.60 23.58 39.27
CA GLY A 605 3.70 22.57 38.24
C GLY A 605 5.13 22.48 37.72
N LEU A 606 5.51 21.29 37.28
CA LEU A 606 6.88 21.02 36.87
C LEU A 606 7.08 21.10 35.36
N LEU A 607 6.02 20.98 34.57
CA LEU A 607 6.14 21.18 33.13
C LEU A 607 6.30 22.65 32.79
N ASN A 608 5.48 23.51 33.41
CA ASN A 608 5.64 24.94 33.22
C ASN A 608 6.95 25.43 33.82
N MET A 609 7.48 24.72 34.81
CA MET A 609 8.76 25.11 35.41
C MET A 609 9.91 24.80 34.48
N LEU A 610 9.83 23.68 33.75
CA LEU A 610 10.87 23.31 32.82
C LEU A 610 10.79 24.09 31.51
N ILE A 611 9.60 24.56 31.14
CA ILE A 611 9.42 25.23 29.86
C ILE A 611 9.83 26.70 29.97
N ASN A 612 9.24 27.43 30.92
CA ASN A 612 9.47 28.87 31.03
C ASN A 612 10.93 29.19 31.28
N MET A 613 11.69 28.28 31.89
CA MET A 613 13.10 28.53 32.14
C MET A 613 13.93 28.51 30.86
N PHE A 614 13.40 27.99 29.76
CA PHE A 614 14.04 28.13 28.45
C PHE A 614 13.49 29.33 27.67
N LEU A 615 12.17 29.47 27.62
CA LEU A 615 11.55 30.49 26.78
C LEU A 615 11.61 31.86 27.44
N SER A 616 11.02 31.99 28.64
CA SER A 616 10.92 33.25 29.37
C SER A 616 11.72 33.15 30.66
N PRO A 617 13.05 33.10 30.56
CA PRO A 617 13.87 32.91 31.77
C PRO A 617 13.74 34.08 32.73
N GLY A 618 13.98 33.78 34.01
CA GLY A 618 13.81 34.76 35.06
C GLY A 618 12.38 34.94 35.52
N THR A 619 11.44 34.16 35.00
CA THR A 619 10.03 34.30 35.30
C THR A 619 9.50 33.02 35.92
N ILE A 620 8.50 33.15 36.78
CA ILE A 620 7.85 32.01 37.44
C ILE A 620 6.36 32.29 37.53
N ASP A 621 5.59 31.21 37.68
CA ASP A 621 4.16 31.28 37.97
C ASP A 621 3.83 30.83 39.38
N ASP A 622 4.53 29.81 39.88
CA ASP A 622 4.38 29.35 41.25
C ASP A 622 5.77 28.99 41.76
N GLU A 623 6.11 29.46 42.95
CA GLU A 623 7.47 29.32 43.47
C GLU A 623 7.66 27.95 44.09
N LEU A 624 8.87 27.40 43.94
CA LEU A 624 9.26 26.14 44.53
C LEU A 624 10.18 26.32 45.73
N TYR A 625 11.17 27.20 45.64
CA TYR A 625 12.11 27.42 46.72
C TYR A 625 12.82 28.76 46.48
N PRO A 626 13.49 29.30 47.48
CA PRO A 626 14.12 30.62 47.32
C PRO A 626 15.17 30.63 46.21
N HIS A 627 15.24 31.75 45.50
CA HIS A 627 16.25 31.98 44.47
C HIS A 627 16.17 30.93 43.36
N GLN A 628 14.95 30.51 43.04
CA GLN A 628 14.75 29.55 41.96
C GLN A 628 15.20 30.12 40.63
N ALA A 629 14.73 31.33 40.30
CA ALA A 629 15.10 31.96 39.03
C ALA A 629 16.59 32.29 38.98
N LYS A 630 17.23 32.40 40.13
CA LYS A 630 18.67 32.64 40.16
C LYS A 630 19.44 31.42 39.67
N VAL A 631 18.94 30.22 39.96
CA VAL A 631 19.64 28.99 39.59
C VAL A 631 19.33 28.62 38.14
N GLN A 632 18.07 28.75 37.72
CA GLN A 632 17.65 28.34 36.39
C GLN A 632 18.45 29.04 35.30
N VAL A 633 18.60 30.37 35.42
CA VAL A 633 19.32 31.12 34.40
C VAL A 633 20.77 30.70 34.34
N PHE A 634 21.34 30.27 35.47
CA PHE A 634 22.73 29.81 35.47
C PHE A 634 22.86 28.42 34.89
N LEU A 635 21.92 27.53 35.21
CA LEU A 635 21.94 26.20 34.62
C LEU A 635 21.77 26.26 33.11
N LEU A 636 20.92 27.18 32.64
CA LEU A 636 20.74 27.35 31.20
C LEU A 636 22.02 27.92 30.58
N LEU A 637 22.61 28.92 31.22
CA LEU A 637 23.88 29.46 30.76
C LEU A 637 24.97 28.39 30.76
N MET A 638 24.87 27.43 31.68
CA MET A 638 25.87 26.38 31.75
C MET A 638 25.77 25.43 30.56
N ALA A 639 24.56 25.14 30.11
CA ALA A 639 24.39 24.19 29.01
C ALA A 639 24.90 24.77 27.69
N LEU A 640 24.57 26.03 27.40
CA LEU A 640 24.95 26.62 26.12
C LEU A 640 26.45 26.69 25.94
N VAL A 641 27.21 26.78 27.04
CA VAL A 641 28.67 26.82 26.95
C VAL A 641 29.26 25.42 26.79
N CYS A 642 28.54 24.38 27.20
CA CYS A 642 29.06 23.02 27.10
C CYS A 642 28.90 22.42 25.71
N ILE A 643 28.12 23.04 24.83
CA ILE A 643 28.01 22.58 23.45
C ILE A 643 29.30 22.92 22.70
N PRO A 644 29.73 24.18 22.61
CA PRO A 644 30.97 24.46 21.88
C PRO A 644 32.21 23.92 22.57
N TRP A 645 32.18 23.74 23.89
CA TRP A 645 33.34 23.19 24.59
C TRP A 645 33.45 21.69 24.39
N LEU A 646 32.34 21.03 24.07
CA LEU A 646 32.36 19.66 23.59
C LEU A 646 32.76 19.58 22.11
N LEU A 647 32.81 20.71 21.41
CA LEU A 647 32.90 20.73 19.96
C LEU A 647 34.27 21.13 19.42
N LEU A 648 35.05 21.89 20.20
CA LEU A 648 36.27 22.51 19.72
C LEU A 648 37.54 22.01 20.40
N VAL A 649 37.50 21.70 21.69
CA VAL A 649 38.72 21.49 22.44
C VAL A 649 39.48 20.25 21.97
N LYS A 650 38.78 19.22 21.51
CA LYS A 650 39.47 17.98 21.15
C LYS A 650 40.13 18.06 19.77
N PRO A 651 39.47 18.61 18.73
CA PRO A 651 40.21 18.82 17.47
C PRO A 651 41.39 19.75 17.61
N LEU A 652 41.23 20.87 18.32
CA LEU A 652 42.32 21.84 18.45
C LEU A 652 43.54 21.21 19.13
N HIS A 653 43.31 20.27 20.04
CA HIS A 653 44.44 19.58 20.69
C HIS A 653 45.25 18.79 19.68
N PHE A 654 44.61 18.31 18.60
CA PHE A 654 45.34 17.60 17.56
C PHE A 654 46.14 18.56 16.70
N LYS A 655 45.48 19.60 16.17
CA LYS A 655 46.16 20.61 15.38
C LYS A 655 47.31 21.25 16.15
N PHE A 656 47.14 21.44 17.45
CA PHE A 656 48.19 22.00 18.29
C PHE A 656 49.18 20.93 18.75
N THR A 657 48.75 19.68 18.86
CA THR A 657 49.59 18.58 19.33
C THR A 657 50.15 18.88 20.72
N GLU A 704 43.91 17.86 6.38
CA GLU A 704 43.32 16.63 5.86
C GLU A 704 42.76 15.78 6.99
N ASP A 705 43.65 15.26 7.85
CA ASP A 705 43.22 14.49 9.00
C ASP A 705 42.35 15.32 9.93
N PHE A 706 42.62 16.61 10.03
CA PHE A 706 41.85 17.48 10.91
C PHE A 706 40.38 17.53 10.47
N GLY A 707 40.14 17.49 9.16
CA GLY A 707 38.78 17.38 8.67
C GLY A 707 38.09 16.11 9.13
N ASP A 708 38.86 15.03 9.29
CA ASP A 708 38.29 13.78 9.77
C ASP A 708 38.00 13.85 11.26
N ILE A 709 38.87 14.50 12.03
CA ILE A 709 38.70 14.55 13.48
C ILE A 709 37.60 15.52 13.86
N MET A 710 37.36 16.55 13.05
CA MET A 710 36.33 17.53 13.37
C MET A 710 34.94 16.97 13.11
N ILE A 711 34.69 16.49 11.89
CA ILE A 711 33.34 16.10 11.49
C ILE A 711 32.83 14.97 12.37
N HIS A 712 33.70 14.03 12.73
CA HIS A 712 33.30 12.97 13.65
C HIS A 712 32.97 13.53 15.03
N GLN A 713 33.61 14.63 15.41
CA GLN A 713 33.30 15.30 16.67
C GLN A 713 32.09 16.20 16.56
N VAL A 714 31.76 16.67 15.35
CA VAL A 714 30.50 17.38 15.17
C VAL A 714 29.33 16.43 15.35
N ILE A 715 29.49 15.18 14.93
CA ILE A 715 28.41 14.21 15.01
C ILE A 715 28.25 13.68 16.43
N HIS A 716 29.35 13.62 17.19
CA HIS A 716 29.26 13.24 18.59
C HIS A 716 28.40 14.20 19.40
N THR A 717 28.24 15.43 18.95
CA THR A 717 27.43 16.43 19.63
C THR A 717 25.97 16.37 19.21
N ILE A 718 25.71 16.37 17.89
CA ILE A 718 24.35 16.37 17.39
C ILE A 718 23.61 15.11 17.82
N GLU A 719 24.34 14.01 18.01
CA GLU A 719 23.73 12.80 18.55
C GLU A 719 23.56 12.90 20.05
N PHE A 720 24.65 13.15 20.78
CA PHE A 720 24.66 12.99 22.23
C PHE A 720 23.67 13.92 22.91
N CYS A 721 23.52 15.14 22.41
CA CYS A 721 22.59 16.08 23.04
C CYS A 721 21.15 15.59 22.90
N LEU A 722 20.80 15.05 21.73
CA LEU A 722 19.48 14.46 21.54
C LEU A 722 19.36 13.16 22.32
N ASN A 723 20.43 12.35 22.32
CA ASN A 723 20.41 11.10 23.07
C ASN A 723 20.23 11.33 24.56
N CYS A 724 20.56 12.52 25.06
CA CYS A 724 20.23 12.86 26.44
C CYS A 724 18.75 13.18 26.62
N VAL A 725 17.98 13.27 25.54
CA VAL A 725 16.57 13.62 25.60
C VAL A 725 15.69 12.45 25.16
N SER A 726 15.87 11.99 23.91
CA SER A 726 15.02 10.93 23.38
C SER A 726 15.25 9.59 24.06
N HIS A 727 16.29 9.46 24.87
CA HIS A 727 16.43 8.30 25.73
C HIS A 727 15.61 8.43 26.99
N THR A 728 15.56 9.63 27.56
CA THR A 728 14.85 9.83 28.82
C THR A 728 13.35 9.67 28.65
N ALA A 729 12.82 10.08 27.49
CA ALA A 729 11.43 9.78 27.16
C ALA A 729 11.22 8.29 26.98
N SER A 730 12.21 7.60 26.40
CA SER A 730 12.05 6.19 26.06
C SER A 730 12.03 5.27 27.28
N TYR A 731 12.30 5.79 28.48
CA TYR A 731 12.10 5.00 29.69
C TYR A 731 10.63 4.96 30.12
N LEU A 732 9.77 5.76 29.51
CA LEU A 732 8.36 5.77 29.85
C LEU A 732 7.59 4.61 29.25
N ARG A 733 8.28 3.67 28.60
CA ARG A 733 7.69 2.37 28.31
C ARG A 733 7.66 1.50 29.56
N LEU A 734 8.44 1.83 30.59
CA LEU A 734 8.29 1.21 31.90
C LEU A 734 6.93 1.52 32.50
N TRP A 735 6.34 2.65 32.10
CA TRP A 735 5.09 3.15 32.64
C TRP A 735 3.88 2.41 32.05
N ALA A 736 3.83 2.33 30.71
CA ALA A 736 2.61 1.88 30.05
C ALA A 736 2.43 0.37 30.18
N LEU A 737 3.49 -0.40 29.93
CA LEU A 737 3.37 -1.85 30.02
C LEU A 737 3.05 -2.30 31.44
N SER A 738 3.39 -1.49 32.43
CA SER A 738 2.88 -1.72 33.77
C SER A 738 1.41 -1.34 33.86
N LEU A 739 1.03 -0.25 33.17
CA LEU A 739 -0.36 0.18 33.15
C LEU A 739 -1.23 -0.78 32.37
N ALA A 740 -0.65 -1.47 31.38
CA ALA A 740 -1.43 -2.40 30.56
C ALA A 740 -1.66 -3.72 31.28
N HIS A 741 -0.62 -4.23 31.95
CA HIS A 741 -0.69 -5.53 32.59
C HIS A 741 -1.77 -5.58 33.66
N ALA A 742 -2.16 -4.43 34.21
CA ALA A 742 -3.24 -4.39 35.18
C ALA A 742 -4.60 -4.44 34.50
N GLN A 743 -4.78 -3.63 33.45
CA GLN A 743 -6.08 -3.54 32.79
C GLN A 743 -6.37 -4.74 31.89
N LEU A 744 -5.41 -5.64 31.70
CA LEU A 744 -5.72 -6.95 31.14
C LEU A 744 -6.03 -7.94 32.26
N SER A 745 -5.29 -7.86 33.36
CA SER A 745 -5.54 -8.76 34.49
C SER A 745 -6.86 -8.45 35.17
N SER A 746 -7.12 -7.17 35.48
CA SER A 746 -8.33 -6.82 36.20
C SER A 746 -9.58 -6.90 35.33
N VAL A 747 -9.44 -6.96 34.01
CA VAL A 747 -10.55 -7.28 33.14
C VAL A 747 -10.74 -8.79 33.08
N LEU A 748 -9.64 -9.53 32.88
CA LEU A 748 -9.72 -10.97 32.74
C LEU A 748 -10.23 -11.65 34.02
N TRP A 749 -10.12 -10.99 35.17
CA TRP A 749 -10.75 -11.49 36.39
C TRP A 749 -12.25 -11.17 36.41
N THR A 750 -12.62 -10.01 35.86
CA THR A 750 -14.00 -9.52 36.00
C THR A 750 -14.94 -10.14 34.98
N MET A 751 -14.43 -10.60 33.84
CA MET A 751 -15.26 -11.15 32.78
C MET A 751 -15.43 -12.66 32.86
N THR A 752 -14.60 -13.36 33.64
CA THR A 752 -14.60 -14.81 33.67
C THR A 752 -15.10 -15.39 34.99
N ILE A 753 -14.47 -15.02 36.10
CA ILE A 753 -14.70 -15.71 37.37
C ILE A 753 -15.74 -14.98 38.22
N GLN A 754 -15.70 -13.65 38.23
CA GLN A 754 -16.70 -12.89 38.98
C GLN A 754 -18.11 -13.12 38.44
N ILE A 755 -18.25 -13.69 37.24
CA ILE A 755 -19.55 -14.15 36.77
C ILE A 755 -20.07 -15.28 37.65
N ALA A 756 -19.21 -16.27 37.94
CA ALA A 756 -19.66 -17.49 38.59
C ALA A 756 -20.13 -17.26 40.01
N PHE A 757 -19.61 -16.23 40.69
CA PHE A 757 -19.96 -15.99 42.08
C PHE A 757 -21.39 -15.49 42.26
N GLY A 758 -22.14 -15.27 41.17
CA GLY A 758 -23.55 -14.96 41.23
C GLY A 758 -24.48 -16.14 41.03
N PHE A 759 -23.95 -17.28 40.58
CA PHE A 759 -24.74 -18.50 40.37
C PHE A 759 -24.60 -19.42 41.57
N ARG A 760 -25.53 -20.37 41.67
CA ARG A 760 -25.55 -21.35 42.74
C ARG A 760 -26.11 -22.66 42.18
N GLY A 761 -26.07 -23.69 43.01
CA GLY A 761 -26.51 -25.01 42.59
C GLY A 761 -25.42 -25.75 41.85
N PHE A 762 -25.78 -26.94 41.36
CA PHE A 762 -24.84 -27.71 40.56
C PHE A 762 -24.51 -26.98 39.27
N VAL A 763 -25.46 -26.22 38.72
CA VAL A 763 -25.15 -25.34 37.61
C VAL A 763 -24.11 -24.31 38.03
N GLY A 764 -24.13 -23.89 39.29
CA GLY A 764 -23.11 -22.98 39.78
C GLY A 764 -21.77 -23.66 39.97
N VAL A 765 -21.77 -24.94 40.35
CA VAL A 765 -20.52 -25.66 40.51
C VAL A 765 -19.84 -25.88 39.18
N PHE A 766 -20.60 -25.91 38.08
CA PHE A 766 -20.01 -26.20 36.78
C PHE A 766 -19.39 -24.95 36.15
N MET A 767 -20.09 -23.82 36.20
CA MET A 767 -19.58 -22.59 35.59
C MET A 767 -18.31 -22.11 36.28
N THR A 768 -18.18 -22.35 37.58
CA THR A 768 -16.95 -22.01 38.27
C THR A 768 -15.79 -22.88 37.79
N VAL A 769 -16.06 -24.14 37.47
CA VAL A 769 -15.00 -25.08 37.11
C VAL A 769 -14.58 -24.88 35.67
N ALA A 770 -15.51 -24.50 34.79
CA ALA A 770 -15.18 -24.31 33.38
C ALA A 770 -14.52 -22.96 33.15
N LEU A 771 -15.04 -21.91 33.78
CA LEU A 771 -14.48 -20.57 33.57
C LEU A 771 -13.12 -20.42 34.21
N PHE A 772 -12.82 -21.22 35.24
CA PHE A 772 -11.50 -21.14 35.86
C PHE A 772 -10.41 -21.58 34.89
N ALA A 773 -10.54 -22.77 34.31
CA ALA A 773 -9.55 -23.28 33.38
C ALA A 773 -9.35 -22.37 32.18
N MET A 774 -10.36 -21.56 31.83
CA MET A 774 -10.19 -20.55 30.80
C MET A 774 -9.47 -19.33 31.34
N TRP A 775 -9.65 -19.03 32.62
CA TRP A 775 -8.87 -17.97 33.27
C TRP A 775 -7.42 -18.40 33.44
N PHE A 776 -7.21 -19.62 33.93
CA PHE A 776 -5.86 -20.13 34.13
C PHE A 776 -5.12 -20.30 32.79
N ALA A 777 -5.86 -20.54 31.71
CA ALA A 777 -5.21 -20.75 30.42
C ALA A 777 -4.73 -19.44 29.81
N LEU A 778 -5.64 -18.48 29.66
CA LEU A 778 -5.27 -17.16 29.16
C LEU A 778 -4.21 -16.52 30.05
N THR A 779 -4.30 -16.72 31.36
CA THR A 779 -3.26 -16.24 32.27
C THR A 779 -1.90 -16.83 31.91
N CYS A 780 -1.86 -18.14 31.68
CA CYS A 780 -0.60 -18.83 31.40
C CYS A 780 -0.18 -18.79 29.94
N ALA A 781 -0.90 -18.04 29.09
CA ALA A 781 -0.56 -17.93 27.67
C ALA A 781 -0.47 -16.49 27.19
N VAL A 782 -1.32 -15.61 27.70
CA VAL A 782 -1.41 -14.25 27.19
C VAL A 782 -0.61 -13.28 28.04
N LEU A 783 -0.61 -13.45 29.35
CA LEU A 783 -0.03 -12.48 30.27
C LEU A 783 1.37 -12.85 30.72
N VAL A 784 1.77 -14.11 30.57
CA VAL A 784 3.08 -14.58 30.99
C VAL A 784 4.02 -14.74 29.81
N LEU A 785 3.52 -15.29 28.71
CA LEU A 785 4.36 -15.51 27.53
C LEU A 785 4.46 -14.26 26.67
N MET A 786 3.34 -13.80 26.13
CA MET A 786 3.35 -12.65 25.23
C MET A 786 3.86 -11.40 25.94
N GLU A 787 3.15 -10.98 26.99
CA GLU A 787 3.59 -9.84 27.78
C GLU A 787 4.95 -10.09 28.40
N GLY A 788 5.33 -11.36 28.58
CA GLY A 788 6.71 -11.67 28.91
C GLY A 788 7.66 -11.28 27.79
N THR A 789 7.39 -11.77 26.58
CA THR A 789 8.30 -11.53 25.46
C THR A 789 8.32 -10.06 25.04
N SER A 790 7.14 -9.42 24.94
CA SER A 790 7.13 -8.00 24.62
C SER A 790 7.91 -7.19 25.64
N ALA A 791 7.75 -7.52 26.93
CA ALA A 791 8.52 -6.85 27.97
C ALA A 791 9.95 -7.38 28.04
N MET A 792 10.19 -8.60 27.57
CA MET A 792 11.54 -9.15 27.56
C MET A 792 12.43 -8.39 26.61
N LEU A 793 11.87 -7.90 25.51
CA LEU A 793 12.67 -7.22 24.49
C LEU A 793 12.91 -5.75 24.81
N HIS A 794 11.95 -5.08 25.45
CA HIS A 794 12.19 -3.67 25.77
C HIS A 794 13.31 -3.51 26.79
N SER A 795 13.45 -4.47 27.71
CA SER A 795 14.57 -4.40 28.64
C SER A 795 15.90 -4.57 27.90
N LEU A 796 15.93 -5.47 26.92
CA LEU A 796 17.09 -5.60 26.05
C LEU A 796 17.35 -4.29 25.31
N ARG A 797 16.28 -3.65 24.81
CA ARG A 797 16.40 -2.39 24.10
C ARG A 797 17.06 -1.32 24.97
N LEU A 798 16.62 -1.20 26.21
CA LEU A 798 17.12 -0.14 27.09
C LEU A 798 18.61 -0.28 27.36
N HIS A 799 19.17 -1.48 27.27
CA HIS A 799 20.60 -1.66 27.49
C HIS A 799 21.40 -1.32 26.23
N TRP A 800 21.05 -1.95 25.10
CA TRP A 800 21.84 -1.78 23.89
C TRP A 800 21.88 -0.35 23.40
N VAL A 801 20.81 0.42 23.63
CA VAL A 801 20.59 1.68 22.95
C VAL A 801 20.66 2.87 23.91
N GLU A 802 20.00 2.78 25.06
CA GLU A 802 19.93 3.90 26.00
C GLU A 802 21.10 3.93 26.98
N SER A 803 21.52 2.77 27.50
CA SER A 803 22.57 2.73 28.51
C SER A 803 23.95 2.47 27.90
N MET A 804 24.10 1.35 27.18
CA MET A 804 25.40 0.97 26.65
C MET A 804 25.95 1.97 25.63
N SER A 805 25.10 2.82 25.07
CA SER A 805 25.59 3.81 24.10
C SER A 805 26.47 4.88 24.76
N LYS A 806 26.49 4.96 26.09
CA LYS A 806 27.29 5.97 26.76
C LYS A 806 28.78 5.69 26.65
N PHE A 807 29.18 4.46 26.97
CA PHE A 807 30.59 4.10 27.08
C PHE A 807 31.09 3.13 26.02
N PHE A 808 30.20 2.47 25.29
CA PHE A 808 30.57 1.35 24.44
C PHE A 808 31.14 1.86 23.13
N VAL A 809 32.33 1.38 22.78
CA VAL A 809 32.99 1.71 21.51
C VAL A 809 32.86 0.52 20.59
N GLY A 810 33.41 -0.62 21.02
CA GLY A 810 33.35 -1.84 20.23
C GLY A 810 34.54 -2.01 19.31
N GLU A 811 34.29 -2.55 18.12
CA GLU A 811 35.34 -2.83 17.14
C GLU A 811 36.44 -3.69 17.76
N GLY A 812 36.03 -4.80 18.39
CA GLY A 812 36.98 -5.71 19.01
C GLY A 812 37.25 -6.93 18.16
N LEU A 813 38.23 -7.72 18.61
CA LEU A 813 38.62 -8.97 17.97
C LEU A 813 38.29 -10.13 18.89
N PRO A 814 37.56 -11.16 18.45
CA PRO A 814 37.22 -12.25 19.38
C PRO A 814 38.42 -13.10 19.72
N TYR A 815 38.22 -13.95 20.73
CA TYR A 815 39.20 -14.94 21.18
C TYR A 815 38.61 -16.31 20.90
N GLU A 816 38.95 -16.88 19.73
CA GLU A 816 38.52 -18.21 19.32
C GLU A 816 39.77 -19.07 19.18
N PRO A 817 40.23 -19.71 20.26
CA PRO A 817 41.50 -20.43 20.20
C PRO A 817 41.36 -21.74 19.42
N PHE A 818 42.46 -22.46 19.32
CA PHE A 818 42.53 -23.71 18.56
C PHE A 818 42.37 -24.88 19.52
N ALA A 819 41.26 -25.58 19.40
CA ALA A 819 41.02 -26.80 20.17
C ALA A 819 40.02 -27.64 19.38
N PHE A 820 39.74 -28.83 19.90
CA PHE A 820 38.98 -29.82 19.17
C PHE A 820 37.67 -30.15 19.89
N GLU A 821 36.79 -30.82 19.15
CA GLU A 821 35.48 -31.21 19.62
C GLU A 821 34.93 -32.25 18.67
N TYR A 822 33.66 -32.61 18.86
CA TYR A 822 32.99 -33.61 18.03
C TYR A 822 32.06 -32.92 17.04
N LYS A 823 31.98 -33.48 15.84
CA LYS A 823 31.21 -32.91 14.74
C LYS A 823 29.86 -33.59 14.64
N ASP A 824 28.79 -32.80 14.53
CA ASP A 824 27.45 -33.36 14.42
C ASP A 824 27.28 -34.13 13.13
N MET A 825 27.91 -33.67 12.05
CA MET A 825 27.98 -34.41 10.79
C MET A 825 26.60 -34.60 10.18
N MET B 1 5.95 7.92 63.73
CA MET B 1 7.15 8.56 63.10
C MET B 1 7.19 8.26 61.61
N SER B 2 6.72 9.22 60.81
CA SER B 2 6.67 9.10 59.35
C SER B 2 7.10 10.42 58.74
N SER B 3 8.29 10.46 58.16
CA SER B 3 8.81 11.69 57.58
C SER B 3 10.02 11.35 56.72
N PHE B 4 10.57 12.38 56.07
CA PHE B 4 11.69 12.22 55.16
C PHE B 4 12.95 11.72 55.87
N TYR B 5 13.06 11.91 57.18
CA TYR B 5 14.21 11.38 57.90
C TYR B 5 14.20 9.86 57.93
N THR B 6 13.01 9.25 57.86
CA THR B 6 12.93 7.79 57.89
C THR B 6 13.63 7.19 56.68
N VAL B 7 13.44 7.79 55.50
CA VAL B 7 14.20 7.41 54.32
C VAL B 7 15.69 7.52 54.60
N VAL B 8 16.11 8.62 55.22
CA VAL B 8 17.52 8.80 55.53
C VAL B 8 17.98 7.77 56.55
N GLY B 9 17.07 7.33 57.42
CA GLY B 9 17.45 6.33 58.42
C GLY B 9 17.81 5.00 57.78
N VAL B 10 17.18 4.68 56.65
CA VAL B 10 17.46 3.42 55.98
C VAL B 10 18.58 3.57 54.93
N PHE B 11 18.77 4.78 54.40
CA PHE B 11 19.87 5.02 53.48
C PHE B 11 21.22 4.77 54.13
N ILE B 12 21.30 4.95 55.45
CA ILE B 12 22.56 4.73 56.16
C ILE B 12 22.73 3.26 56.48
N VAL B 13 21.65 2.58 56.92
CA VAL B 13 21.74 1.16 57.23
C VAL B 13 22.09 0.37 55.99
N VAL B 14 21.60 0.78 54.82
CA VAL B 14 21.87 0.05 53.60
C VAL B 14 23.21 0.44 53.01
N SER B 15 23.62 1.71 53.18
CA SER B 15 24.94 2.13 52.73
C SER B 15 26.05 1.73 53.70
N ALA B 16 25.73 0.97 54.74
CA ALA B 16 26.71 0.33 55.61
C ALA B 16 26.83 -1.16 55.32
N MET B 17 25.70 -1.86 55.17
CA MET B 17 25.73 -3.25 54.73
C MET B 17 26.43 -3.39 53.39
N SER B 18 26.23 -2.41 52.50
CA SER B 18 26.91 -2.40 51.21
C SER B 18 28.42 -2.35 51.36
N VAL B 19 28.93 -1.83 52.48
CA VAL B 19 30.37 -1.76 52.71
C VAL B 19 30.89 -3.03 53.36
N LEU B 20 30.13 -3.63 54.28
CA LEU B 20 30.58 -4.86 54.91
C LEU B 20 30.63 -6.02 53.93
N PHE B 21 29.76 -6.02 52.93
CA PHE B 21 29.75 -7.10 51.95
C PHE B 21 30.86 -6.93 50.92
N TRP B 22 31.28 -5.69 50.66
CA TRP B 22 32.51 -5.44 49.92
C TRP B 22 33.70 -6.14 50.57
N ILE B 23 33.68 -6.23 51.91
CA ILE B 23 34.79 -6.82 52.65
C ILE B 23 34.65 -8.33 52.75
N MET B 24 33.52 -8.78 53.29
CA MET B 24 33.36 -10.16 53.73
C MET B 24 33.07 -11.15 52.60
N ALA B 25 33.07 -10.71 51.34
CA ALA B 25 32.66 -11.59 50.26
C ALA B 25 33.74 -12.65 50.00
N PRO B 26 33.36 -13.86 49.59
CA PRO B 26 34.37 -14.88 49.30
C PRO B 26 35.12 -14.57 48.01
N LYS B 27 36.36 -15.07 47.95
CA LYS B 27 37.21 -14.82 46.79
C LYS B 27 36.71 -15.52 45.53
N ASN B 28 35.97 -16.61 45.67
CA ASN B 28 35.57 -17.41 44.52
C ASN B 28 34.45 -16.71 43.77
N ASN B 29 34.74 -16.27 42.55
CA ASN B 29 33.82 -15.44 41.76
C ASN B 29 33.40 -14.22 42.56
N GLN B 30 34.38 -13.38 42.89
CA GLN B 30 34.19 -12.35 43.89
C GLN B 30 33.45 -11.15 43.32
N ALA B 31 33.76 -10.76 42.07
CA ALA B 31 33.02 -9.67 41.45
C ALA B 31 31.59 -10.07 41.10
N VAL B 32 31.31 -11.36 41.02
CA VAL B 32 29.93 -11.82 40.84
C VAL B 32 29.10 -11.50 42.07
N TRP B 33 29.59 -11.93 43.25
CA TRP B 33 28.92 -11.58 44.50
C TRP B 33 28.93 -10.06 44.71
N ARG B 34 30.10 -9.44 44.53
CA ARG B 34 30.31 -8.07 45.00
C ARG B 34 29.41 -7.08 44.28
N SER B 35 29.30 -7.19 42.96
CA SER B 35 28.52 -6.23 42.20
C SER B 35 27.04 -6.60 42.16
N THR B 36 26.73 -7.90 42.23
CA THR B 36 25.34 -8.33 42.18
C THR B 36 24.54 -7.78 43.36
N VAL B 37 25.04 -8.01 44.57
CA VAL B 37 24.25 -7.70 45.77
C VAL B 37 24.10 -6.20 45.95
N ILE B 38 25.22 -5.47 45.96
CA ILE B 38 25.20 -4.03 46.20
C ILE B 38 24.32 -3.33 45.16
N LEU B 39 24.41 -3.77 43.90
CA LEU B 39 23.60 -3.17 42.86
C LEU B 39 22.13 -3.53 43.01
N THR B 40 21.83 -4.65 43.69
CA THR B 40 20.45 -5.07 43.86
C THR B 40 19.77 -4.32 45.00
N LEU B 41 20.48 -4.12 46.11
CA LEU B 41 19.88 -3.48 47.29
C LEU B 41 19.43 -2.06 46.97
N ALA B 42 20.20 -1.34 46.16
CA ALA B 42 19.82 0.02 45.82
C ALA B 42 18.52 0.05 45.03
N MET B 43 18.42 -0.76 43.97
CA MET B 43 17.20 -0.77 43.18
C MET B 43 16.02 -1.39 43.91
N MET B 44 16.28 -2.14 44.98
CA MET B 44 15.21 -2.50 45.90
C MET B 44 14.89 -1.36 46.85
N PHE B 45 15.90 -0.54 47.16
CA PHE B 45 15.70 0.59 48.06
C PHE B 45 15.01 1.74 47.36
N LEU B 46 15.47 2.09 46.15
CA LEU B 46 14.92 3.23 45.42
C LEU B 46 13.42 3.04 45.18
N MET B 47 13.00 1.82 44.91
CA MET B 47 11.59 1.54 44.67
C MET B 47 10.78 1.50 45.95
N TRP B 48 11.44 1.49 47.12
CA TRP B 48 10.77 1.62 48.40
C TRP B 48 10.64 3.08 48.82
N ALA B 49 11.73 3.84 48.68
CA ALA B 49 11.68 5.26 49.01
C ALA B 49 10.69 6.01 48.13
N ILE B 50 10.74 5.79 46.81
CA ILE B 50 9.82 6.46 45.90
C ILE B 50 8.39 6.05 46.19
N THR B 51 8.14 4.79 46.50
CA THR B 51 6.81 4.35 46.89
C THR B 51 6.35 4.94 48.22
N PHE B 52 7.29 5.43 49.04
CA PHE B 52 6.99 5.97 50.36
C PHE B 52 6.83 7.48 50.34
N LEU B 53 7.64 8.19 49.56
CA LEU B 53 7.55 9.64 49.52
C LEU B 53 6.25 10.10 48.88
N CYS B 54 5.68 9.31 47.98
CA CYS B 54 4.44 9.70 47.30
C CYS B 54 3.20 9.55 48.16
N GLN B 55 3.34 9.17 49.43
CA GLN B 55 2.22 8.99 50.35
C GLN B 55 2.27 9.93 51.54
N LEU B 56 3.37 10.66 51.73
CA LEU B 56 3.50 11.50 52.92
C LEU B 56 2.49 12.65 52.90
N HIS B 57 2.57 13.50 51.87
CA HIS B 57 1.77 14.71 51.79
C HIS B 57 0.99 14.75 50.47
N PRO B 58 0.10 13.78 50.23
CA PRO B 58 -0.60 13.73 48.96
C PRO B 58 -1.51 14.93 48.74
N LEU B 59 -1.84 15.15 47.47
CA LEU B 59 -2.68 16.27 47.06
C LEU B 59 -4.10 15.86 46.67
N VAL B 60 -4.32 14.57 46.40
CA VAL B 60 -5.66 14.04 46.15
C VAL B 60 -5.84 12.82 47.03
N ALA B 61 -7.08 12.60 47.47
CA ALA B 61 -7.45 11.56 48.39
C ALA B 61 -8.43 10.58 47.74
N PRO B 62 -8.51 9.34 48.22
CA PRO B 62 -9.43 8.39 47.59
C PRO B 62 -10.88 8.80 47.77
N ARG B 63 -11.69 8.50 46.75
CA ARG B 63 -13.07 8.92 46.68
C ARG B 63 -13.87 7.87 45.93
N ARG B 64 -15.03 7.52 46.46
CA ARG B 64 -15.85 6.46 45.88
C ARG B 64 -17.26 6.56 46.40
N SER B 65 -18.19 5.93 45.68
CA SER B 65 -19.61 5.88 46.04
C SER B 65 -20.14 4.46 45.88
N ASP B 66 -19.38 3.50 46.41
CA ASP B 66 -19.60 2.08 46.11
C ASP B 66 -19.74 1.24 47.36
N LEU B 67 -19.08 1.63 48.45
CA LEU B 67 -19.10 0.84 49.67
C LEU B 67 -20.51 0.66 50.22
N ARG B 68 -20.68 -0.37 51.04
CA ARG B 68 -21.91 -0.61 51.78
C ARG B 68 -21.88 0.16 53.09
N PRO B 69 -23.01 0.68 53.61
CA PRO B 69 -22.94 1.47 54.86
C PRO B 69 -22.52 0.67 56.09
N GLU B 70 -22.41 -0.65 56.00
CA GLU B 70 -21.98 -1.44 57.16
C GLU B 70 -20.48 -1.42 57.35
N PHE B 71 -19.72 -1.32 56.25
CA PHE B 71 -18.25 -1.36 56.22
C PHE B 71 -17.63 -2.34 57.21
N THR C 1 2.41 -38.93 30.66
CA THR C 1 2.94 -38.09 29.59
C THR C 1 2.39 -36.67 29.71
N GLY C 2 2.67 -35.83 28.71
CA GLY C 2 2.28 -34.43 28.78
C GLY C 2 0.79 -34.21 28.94
N LYS C 3 -0.03 -35.15 28.45
CA LYS C 3 -1.48 -34.97 28.51
C LYS C 3 -2.02 -34.97 29.94
N ALA C 4 -1.25 -35.48 30.91
CA ALA C 4 -1.66 -35.54 32.30
C ALA C 4 -1.07 -34.43 33.14
N TRP C 5 0.14 -33.98 32.82
CA TRP C 5 0.76 -32.86 33.53
C TRP C 5 -0.11 -31.61 33.45
N CYS C 6 -0.79 -31.42 32.30
CA CYS C 6 -1.66 -30.26 32.12
C CYS C 6 -2.75 -30.24 33.19
N CYS C 7 -3.54 -31.30 33.26
CA CYS C 7 -4.60 -31.38 34.26
C CYS C 7 -4.06 -31.60 35.67
N THR C 8 -2.80 -31.97 35.81
CA THR C 8 -2.21 -32.14 37.14
C THR C 8 -1.87 -30.79 37.76
N VAL C 9 -1.00 -30.03 37.11
CA VAL C 9 -0.57 -28.74 37.65
C VAL C 9 -1.74 -27.77 37.71
N LEU C 10 -2.61 -27.81 36.70
CA LEU C 10 -3.79 -26.95 36.70
C LEU C 10 -4.68 -27.27 37.89
N SER C 11 -4.99 -28.56 38.07
CA SER C 11 -5.81 -28.97 39.21
C SER C 11 -5.09 -28.73 40.53
N ALA C 12 -3.75 -28.75 40.52
CA ALA C 12 -3.01 -28.54 41.75
C ALA C 12 -3.21 -27.13 42.29
N PHE C 13 -2.90 -26.12 41.47
CA PHE C 13 -3.07 -24.74 41.92
C PHE C 13 -4.54 -24.36 41.99
N GLY C 14 -5.38 -24.99 41.17
CA GLY C 14 -6.81 -24.77 41.25
C GLY C 14 -7.37 -25.06 42.64
N VAL C 15 -6.86 -26.11 43.27
CA VAL C 15 -7.25 -26.41 44.65
C VAL C 15 -6.74 -25.33 45.59
N VAL C 16 -5.55 -24.81 45.33
CA VAL C 16 -4.93 -23.86 46.25
C VAL C 16 -5.48 -22.45 46.07
N ILE C 17 -5.95 -22.11 44.87
CA ILE C 17 -6.55 -20.80 44.66
C ILE C 17 -7.98 -20.77 45.16
N LEU C 18 -8.74 -21.85 44.91
CA LEU C 18 -10.14 -21.88 45.27
C LEU C 18 -10.33 -22.03 46.78
N SER C 19 -9.43 -22.77 47.43
CA SER C 19 -9.54 -22.93 48.88
C SER C 19 -9.36 -21.60 49.61
N VAL C 20 -8.46 -20.76 49.12
CA VAL C 20 -8.25 -19.46 49.75
C VAL C 20 -9.41 -18.52 49.45
N ILE C 21 -10.00 -18.66 48.25
CA ILE C 21 -11.14 -17.83 47.89
C ILE C 21 -12.33 -18.14 48.79
N ALA C 22 -12.58 -19.42 49.04
CA ALA C 22 -13.70 -19.80 49.90
C ALA C 22 -13.54 -19.26 51.31
N HIS C 23 -12.32 -19.27 51.84
CA HIS C 23 -12.07 -18.79 53.19
C HIS C 23 -12.34 -17.29 53.35
N LEU C 24 -12.38 -16.55 52.24
CA LEU C 24 -12.53 -15.10 52.31
C LEU C 24 -13.98 -14.65 52.21
N PHE C 25 -14.79 -15.30 51.38
CA PHE C 25 -16.23 -14.99 51.37
C PHE C 25 -16.86 -15.36 52.70
N ASN C 26 -16.43 -16.48 53.28
CA ASN C 26 -16.91 -16.88 54.60
C ASN C 26 -16.63 -15.79 55.63
N THR C 27 -15.38 -15.34 55.71
CA THR C 27 -14.99 -14.33 56.68
C THR C 27 -15.41 -12.92 56.29
N ASN C 28 -16.08 -12.74 55.15
CA ASN C 28 -16.57 -11.42 54.71
C ASN C 28 -15.42 -10.41 54.60
N HIS C 29 -14.50 -10.68 53.69
CA HIS C 29 -13.40 -9.77 53.42
C HIS C 29 -13.89 -8.59 52.59
N GLU C 30 -13.35 -7.41 52.86
CA GLU C 30 -13.87 -6.18 52.28
C GLU C 30 -13.77 -6.19 50.76
N SER C 31 -12.63 -6.60 50.22
CA SER C 31 -12.41 -6.55 48.78
C SER C 31 -13.33 -7.47 48.00
N PHE C 32 -13.97 -8.45 48.66
CA PHE C 32 -14.77 -9.46 47.97
C PHE C 32 -16.27 -9.33 48.19
N VAL C 33 -16.71 -8.79 49.31
CA VAL C 33 -18.14 -8.57 49.56
C VAL C 33 -18.40 -7.18 50.13
N GLY C 34 -17.42 -6.28 50.06
CA GLY C 34 -17.58 -4.97 50.65
C GLY C 34 -18.39 -4.03 49.79
N SER C 35 -18.29 -4.17 48.48
CA SER C 35 -19.04 -3.32 47.55
C SER C 35 -20.45 -3.87 47.34
N ILE C 36 -21.24 -3.11 46.59
CA ILE C 36 -22.63 -3.49 46.37
C ILE C 36 -22.75 -4.49 45.21
N ASN C 37 -21.90 -4.37 44.20
CA ASN C 37 -21.98 -5.28 43.06
C ASN C 37 -21.58 -6.69 43.44
N ASP C 38 -20.75 -6.85 44.48
CA ASP C 38 -20.36 -8.16 44.94
C ASP C 38 -21.55 -8.89 45.54
N PRO C 39 -21.49 -10.23 45.62
CA PRO C 39 -22.60 -10.97 46.23
C PRO C 39 -22.75 -10.64 47.71
N GLU C 40 -23.99 -10.71 48.18
CA GLU C 40 -24.30 -10.27 49.55
C GLU C 40 -23.97 -11.35 50.58
N ASP C 41 -24.26 -12.60 50.26
CA ASP C 41 -24.12 -13.70 51.20
C ASP C 41 -22.77 -14.39 50.99
N GLY C 42 -21.95 -14.40 52.04
CA GLY C 42 -20.65 -15.01 51.99
C GLY C 42 -20.68 -16.53 52.02
N PRO C 43 -21.12 -17.12 53.13
CA PRO C 43 -21.05 -18.58 53.25
C PRO C 43 -21.95 -19.32 52.27
N ALA C 44 -22.90 -18.64 51.64
CA ALA C 44 -23.65 -19.26 50.55
C ALA C 44 -22.77 -19.49 49.33
N VAL C 45 -21.62 -18.82 49.26
CA VAL C 45 -20.68 -18.99 48.16
C VAL C 45 -19.59 -20.00 48.51
N ALA C 46 -19.04 -19.90 49.73
CA ALA C 46 -17.95 -20.79 50.13
C ALA C 46 -18.39 -22.25 50.10
N HIS C 47 -19.67 -22.51 50.36
CA HIS C 47 -20.17 -23.88 50.26
C HIS C 47 -20.15 -24.37 48.82
N THR C 48 -20.20 -23.45 47.85
CA THR C 48 -20.10 -23.81 46.44
C THR C 48 -18.66 -23.99 45.99
N VAL C 49 -17.72 -23.34 46.65
CA VAL C 49 -16.33 -23.37 46.19
C VAL C 49 -15.56 -24.56 46.77
N TYR C 50 -15.91 -25.02 47.98
CA TYR C 50 -15.35 -26.26 48.49
C TYR C 50 -15.62 -27.41 47.53
N LEU C 51 -16.87 -27.54 47.10
CA LEU C 51 -17.27 -28.63 46.21
C LEU C 51 -16.49 -28.60 44.91
N ALA C 52 -16.43 -27.44 44.26
CA ALA C 52 -15.71 -27.32 43.01
C ALA C 52 -14.22 -27.57 43.20
N ALA C 53 -13.69 -27.20 44.37
CA ALA C 53 -12.27 -27.44 44.64
C ALA C 53 -11.98 -28.92 44.81
N LEU C 54 -12.94 -29.71 45.33
CA LEU C 54 -12.76 -31.14 45.42
C LEU C 54 -12.60 -31.77 44.04
N VAL C 55 -13.31 -31.23 43.04
CA VAL C 55 -13.29 -31.79 41.70
C VAL C 55 -11.88 -31.77 41.14
N TYR C 56 -11.11 -30.74 41.46
CA TYR C 56 -9.72 -30.71 41.04
C TYR C 56 -8.85 -31.68 41.83
N LEU C 57 -9.18 -31.90 43.11
CA LEU C 57 -8.45 -32.91 43.87
C LEU C 57 -8.71 -34.31 43.33
N VAL C 58 -9.87 -34.53 42.70
CA VAL C 58 -10.13 -35.80 42.04
C VAL C 58 -9.15 -36.02 40.90
N PHE C 59 -8.98 -35.01 40.04
CA PHE C 59 -8.10 -35.15 38.89
C PHE C 59 -6.63 -35.05 39.26
N PHE C 60 -6.33 -34.52 40.45
CA PHE C 60 -4.94 -34.48 40.91
C PHE C 60 -4.49 -35.86 41.37
N VAL C 61 -5.35 -36.59 42.07
CA VAL C 61 -5.01 -37.94 42.53
C VAL C 61 -5.18 -38.94 41.40
N PHE C 62 -6.22 -38.79 40.59
CA PHE C 62 -6.49 -39.75 39.51
C PHE C 62 -5.35 -39.78 38.51
N CYS C 63 -5.08 -38.63 37.87
CA CYS C 63 -3.93 -38.53 36.98
C CYS C 63 -2.60 -38.49 37.74
N GLY C 64 -2.64 -38.46 39.08
CA GLY C 64 -1.42 -38.61 39.85
C GLY C 64 -0.92 -40.04 39.89
N PHE C 65 -1.84 -41.01 39.80
CA PHE C 65 -1.42 -42.41 39.68
C PHE C 65 -0.92 -42.73 38.28
N GLN C 66 -1.41 -42.01 37.27
CA GLN C 66 -1.07 -42.36 35.89
C GLN C 66 0.36 -41.96 35.55
N VAL C 67 0.78 -40.77 35.98
CA VAL C 67 2.17 -40.37 35.77
C VAL C 67 3.11 -41.23 36.60
N TYR C 68 2.65 -41.73 37.75
CA TYR C 68 3.47 -42.60 38.58
C TYR C 68 3.87 -43.87 37.83
N LEU C 69 3.01 -44.35 36.92
CA LEU C 69 3.25 -45.57 36.18
C LEU C 69 3.60 -45.26 34.73
N MET D 1 5.98 11.99 -6.82
CA MET D 1 7.22 12.07 -7.64
C MET D 1 7.95 10.73 -7.65
N GLU D 2 9.27 10.73 -7.88
CA GLU D 2 9.96 9.51 -8.31
C GLU D 2 10.02 8.48 -7.19
N GLY D 3 10.71 8.80 -6.10
CA GLY D 3 11.10 7.80 -5.11
C GLY D 3 10.30 7.85 -3.83
N VAL D 4 9.03 8.20 -3.94
CA VAL D 4 8.17 8.34 -2.76
C VAL D 4 7.40 7.07 -2.47
N TYR D 5 6.85 6.42 -3.50
CA TYR D 5 6.09 5.18 -3.37
C TYR D 5 6.87 3.98 -3.89
N PHE D 6 8.16 4.14 -4.18
CA PHE D 6 8.94 3.06 -4.77
C PHE D 6 9.42 2.07 -3.72
N ASN D 7 10.00 2.57 -2.63
CA ASN D 7 10.63 1.74 -1.62
C ASN D 7 9.66 0.90 -0.79
N ILE D 8 8.36 1.06 -1.03
CA ILE D 8 7.37 0.32 -0.25
C ILE D 8 7.54 -1.17 -0.46
N ASP D 9 7.75 -1.59 -1.71
CA ASP D 9 7.94 -2.99 -2.08
C ASP D 9 9.17 -3.24 -2.93
N ASN D 10 9.61 -2.25 -3.71
CA ASN D 10 10.68 -2.41 -4.68
C ASN D 10 11.98 -1.74 -4.24
N GLY D 11 12.23 -1.68 -2.94
CA GLY D 11 13.37 -0.95 -2.42
C GLY D 11 14.56 -1.84 -2.18
N PHE D 12 14.32 -3.00 -1.57
CA PHE D 12 15.38 -3.97 -1.35
C PHE D 12 15.89 -4.56 -2.65
N ILE D 13 15.13 -4.43 -3.75
CA ILE D 13 15.60 -4.88 -5.04
C ILE D 13 16.57 -3.87 -5.64
N GLU D 14 16.37 -2.58 -5.33
CA GLU D 14 17.21 -1.52 -5.89
C GLU D 14 18.61 -1.57 -5.30
N GLY D 15 18.74 -1.93 -4.03
CA GLY D 15 20.05 -1.95 -3.39
C GLY D 15 20.88 -3.16 -3.78
N VAL D 16 20.25 -4.30 -4.00
CA VAL D 16 20.98 -5.51 -4.32
C VAL D 16 21.54 -5.44 -5.74
N VAL D 17 20.70 -5.04 -6.70
CA VAL D 17 21.16 -4.86 -8.08
C VAL D 17 22.33 -3.89 -8.14
N ARG D 18 22.19 -2.73 -7.49
CA ARG D 18 23.26 -1.76 -7.48
C ARG D 18 24.44 -2.17 -6.59
N GLY D 19 24.34 -3.31 -5.90
CA GLY D 19 25.49 -3.93 -5.29
C GLY D 19 26.17 -4.87 -6.26
N TYR D 20 25.37 -5.56 -7.08
CA TYR D 20 25.90 -6.49 -8.06
C TYR D 20 26.64 -5.79 -9.18
N ARG D 21 26.38 -4.49 -9.41
CA ARG D 21 27.02 -3.81 -10.54
C ARG D 21 28.43 -3.37 -10.18
N ASN D 22 28.66 -2.98 -8.92
CA ASN D 22 30.00 -2.59 -8.52
C ASN D 22 31.00 -3.74 -8.64
N GLY D 23 30.51 -4.98 -8.72
CA GLY D 23 31.33 -6.11 -9.11
C GLY D 23 31.60 -6.23 -10.58
N LEU D 24 31.15 -5.29 -11.41
CA LEU D 24 31.44 -5.33 -12.82
C LEU D 24 32.91 -5.02 -13.07
N LEU D 25 33.42 -5.53 -14.19
CA LEU D 25 34.82 -5.38 -14.52
C LEU D 25 35.07 -4.08 -15.28
N SER D 26 35.90 -3.23 -14.71
CA SER D 26 36.32 -2.00 -15.36
C SER D 26 37.37 -2.29 -16.42
N ASN D 27 37.72 -1.24 -17.17
CA ASN D 27 38.75 -1.37 -18.21
C ASN D 27 40.06 -1.89 -17.63
N ASN D 28 40.43 -1.43 -16.44
CA ASN D 28 41.66 -1.88 -15.81
C ASN D 28 41.61 -3.37 -15.50
N GLN D 29 40.45 -3.88 -15.09
CA GLN D 29 40.35 -5.30 -14.73
C GLN D 29 40.31 -6.20 -15.95
N TYR D 30 40.01 -5.67 -17.14
CA TYR D 30 40.08 -6.49 -18.34
C TYR D 30 41.53 -6.68 -18.79
N ILE D 31 42.35 -5.64 -18.63
CA ILE D 31 43.73 -5.69 -19.14
C ILE D 31 44.50 -6.83 -18.48
N ASN D 32 44.32 -7.00 -17.17
CA ASN D 32 44.97 -8.09 -16.44
C ASN D 32 44.64 -9.45 -17.04
N LEU D 33 43.46 -9.58 -17.66
CA LEU D 33 43.12 -10.81 -18.37
C LEU D 33 43.90 -10.93 -19.68
N THR D 34 44.19 -9.79 -20.32
CA THR D 34 44.71 -9.80 -21.68
C THR D 34 46.10 -10.41 -21.76
N GLN D 35 46.94 -10.21 -20.74
CA GLN D 35 48.29 -10.73 -20.74
C GLN D 35 48.44 -12.08 -20.03
N CYS D 36 47.33 -12.68 -19.58
CA CYS D 36 47.43 -14.00 -18.98
C CYS D 36 47.93 -15.01 -20.00
N ASP D 37 48.81 -15.90 -19.54
CA ASP D 37 49.42 -16.89 -20.41
C ASP D 37 48.45 -18.00 -20.81
N THR D 38 47.76 -18.58 -19.83
CA THR D 38 46.94 -19.76 -20.04
C THR D 38 45.60 -19.55 -19.34
N LEU D 39 44.81 -20.62 -19.25
CA LEU D 39 43.54 -20.59 -18.55
C LEU D 39 43.69 -20.87 -17.06
N GLU D 40 44.89 -21.24 -16.60
CA GLU D 40 45.12 -21.45 -15.17
C GLU D 40 45.51 -20.16 -14.47
N ASP D 41 46.31 -19.32 -15.13
CA ASP D 41 46.52 -17.96 -14.63
C ASP D 41 45.22 -17.17 -14.64
N LEU D 42 44.35 -17.45 -15.61
CA LEU D 42 43.04 -16.83 -15.67
C LEU D 42 42.23 -17.10 -14.40
N LYS D 43 42.18 -18.35 -13.96
CA LYS D 43 41.47 -18.69 -12.73
C LYS D 43 42.08 -17.96 -11.54
N LEU D 44 43.40 -17.83 -11.51
CA LEU D 44 44.05 -17.07 -10.44
C LEU D 44 43.64 -15.61 -10.47
N GLN D 45 43.36 -15.08 -11.66
CA GLN D 45 43.08 -13.65 -11.79
C GLN D 45 41.66 -13.30 -11.37
N LEU D 46 40.67 -14.02 -11.90
CA LEU D 46 39.27 -13.66 -11.68
C LEU D 46 38.83 -13.87 -10.23
N SER D 47 39.58 -14.67 -9.46
CA SER D 47 39.23 -14.84 -8.05
C SER D 47 39.39 -13.53 -7.28
N SER D 48 40.25 -12.63 -7.76
CA SER D 48 40.36 -11.30 -7.16
C SER D 48 39.05 -10.53 -7.28
N THR D 49 38.34 -10.70 -8.39
CA THR D 49 37.13 -9.95 -8.66
C THR D 49 35.92 -10.67 -8.10
N ASP D 50 34.72 -10.17 -8.42
CA ASP D 50 33.48 -10.66 -7.84
C ASP D 50 33.16 -12.10 -8.24
N TYR D 51 33.85 -12.67 -9.24
CA TYR D 51 33.57 -14.05 -9.62
C TYR D 51 34.06 -15.04 -8.56
N GLY D 52 35.13 -14.70 -7.85
CA GLY D 52 35.53 -15.48 -6.68
C GLY D 52 36.04 -16.87 -7.02
N ASN D 53 35.58 -17.85 -6.25
CA ASN D 53 36.08 -19.24 -6.31
C ASN D 53 35.19 -20.13 -7.16
N PHE D 54 34.70 -19.57 -8.26
CA PHE D 54 33.75 -20.14 -9.20
C PHE D 54 34.30 -21.34 -10.02
N LEU D 55 35.50 -21.86 -9.72
CA LEU D 55 36.00 -23.06 -10.39
C LEU D 55 36.67 -24.02 -9.40
N SER D 56 36.33 -23.95 -8.12
CA SER D 56 36.96 -24.80 -7.12
C SER D 56 36.67 -26.28 -7.38
N SER D 57 35.53 -26.58 -8.01
CA SER D 57 35.14 -27.95 -8.33
C SER D 57 35.71 -28.43 -9.66
N VAL D 58 36.79 -27.82 -10.15
CA VAL D 58 37.32 -28.06 -11.49
C VAL D 58 38.80 -28.38 -11.37
N SER D 59 39.30 -29.21 -12.28
CA SER D 59 40.69 -29.62 -12.29
C SER D 59 41.49 -28.67 -13.20
N SER D 60 42.78 -28.96 -13.37
CA SER D 60 43.64 -28.16 -14.23
C SER D 60 43.50 -28.55 -15.70
N GLU D 61 43.22 -29.82 -15.97
CA GLU D 61 43.11 -30.30 -17.35
C GLU D 61 41.76 -29.95 -17.95
N SER D 62 40.70 -29.91 -17.14
CA SER D 62 39.35 -29.73 -17.65
C SER D 62 39.07 -28.33 -18.16
N LEU D 63 40.00 -27.39 -18.02
CA LEU D 63 39.75 -26.01 -18.44
C LEU D 63 39.61 -25.92 -19.94
N THR D 64 38.44 -25.48 -20.40
CA THR D 64 38.19 -25.17 -21.80
C THR D 64 37.45 -23.85 -21.87
N THR D 65 37.21 -23.39 -23.09
CA THR D 65 36.53 -22.12 -23.29
C THR D 65 35.01 -22.25 -23.20
N SER D 66 34.46 -23.46 -23.35
CA SER D 66 33.03 -23.67 -23.24
C SER D 66 32.61 -23.91 -21.79
N LEU D 67 33.44 -24.61 -21.02
CA LEU D 67 33.17 -24.80 -19.60
C LEU D 67 33.21 -23.48 -18.84
N ILE D 68 33.89 -22.47 -19.37
CA ILE D 68 33.93 -21.15 -18.74
C ILE D 68 32.62 -20.41 -19.00
N GLN D 69 32.26 -20.27 -20.28
CA GLN D 69 31.00 -19.61 -20.66
C GLN D 69 29.80 -20.24 -19.99
N GLU D 70 29.85 -21.55 -19.70
CA GLU D 70 28.74 -22.20 -19.04
C GLU D 70 28.70 -21.88 -17.55
N TYR D 71 29.87 -21.76 -16.92
CA TYR D 71 29.95 -21.47 -15.49
C TYR D 71 30.05 -19.98 -15.20
N ALA D 72 29.91 -19.12 -16.21
CA ALA D 72 29.76 -17.69 -16.01
C ALA D 72 28.32 -17.24 -16.14
N SER D 73 27.51 -17.96 -16.92
CA SER D 73 26.09 -17.68 -17.04
C SER D 73 25.27 -18.37 -15.96
N SER D 74 25.75 -19.48 -15.40
CA SER D 74 25.06 -20.10 -14.28
C SER D 74 25.08 -19.21 -13.05
N LYS D 75 26.08 -18.32 -12.94
CA LYS D 75 26.11 -17.36 -11.85
C LYS D 75 25.19 -16.18 -12.11
N LEU D 76 24.78 -15.98 -13.36
CA LEU D 76 23.88 -14.87 -13.68
C LEU D 76 22.43 -15.24 -13.41
N TYR D 77 22.08 -16.53 -13.45
CA TYR D 77 20.69 -16.94 -13.37
C TYR D 77 20.26 -17.18 -11.94
N HIS D 78 21.17 -17.65 -11.08
CA HIS D 78 20.90 -17.64 -9.65
C HIS D 78 20.83 -16.23 -9.09
N GLU D 79 21.42 -15.26 -9.78
CA GLU D 79 21.31 -13.85 -9.42
C GLU D 79 20.13 -13.16 -10.09
N PHE D 80 19.37 -13.87 -10.93
CA PHE D 80 18.14 -13.37 -11.53
C PHE D 80 16.91 -14.04 -10.97
N ASN D 81 16.92 -15.37 -10.82
CA ASN D 81 15.82 -16.04 -10.14
C ASN D 81 15.73 -15.63 -8.68
N TYR D 82 16.83 -15.17 -8.09
CA TYR D 82 16.77 -14.59 -6.75
C TYR D 82 15.94 -13.32 -6.77
N ILE D 83 16.28 -12.38 -7.66
CA ILE D 83 15.54 -11.13 -7.72
C ILE D 83 14.12 -11.38 -8.20
N ARG D 84 13.89 -12.45 -8.95
CA ARG D 84 12.56 -12.76 -9.45
C ARG D 84 11.68 -13.38 -8.38
N ASP D 85 12.27 -14.17 -7.48
CA ASP D 85 11.50 -14.83 -6.44
C ASP D 85 11.21 -13.90 -5.27
N GLN D 86 11.94 -12.78 -5.16
CA GLN D 86 11.73 -11.80 -4.10
C GLN D 86 10.78 -10.68 -4.49
N SER D 87 10.14 -10.75 -5.65
CA SER D 87 9.39 -9.64 -6.22
C SER D 87 7.88 -9.82 -6.01
N SER D 88 7.12 -8.83 -6.46
CA SER D 88 5.68 -8.79 -6.19
C SER D 88 4.99 -7.81 -7.14
N GLY D 89 3.94 -8.28 -7.80
CA GLY D 89 3.02 -7.37 -8.47
C GLY D 89 3.51 -6.95 -9.83
N SER D 90 3.55 -5.64 -10.06
CA SER D 90 3.96 -5.12 -11.36
C SER D 90 5.40 -5.51 -11.68
N THR D 91 6.26 -5.48 -10.68
CA THR D 91 7.65 -5.88 -10.89
C THR D 91 7.78 -7.36 -11.22
N ARG D 92 6.78 -8.18 -10.88
CA ARG D 92 6.81 -9.58 -11.29
C ARG D 92 6.58 -9.70 -12.78
N LYS D 93 5.58 -8.97 -13.31
CA LYS D 93 5.29 -9.03 -14.74
C LYS D 93 6.48 -8.55 -15.57
N PHE D 94 7.10 -7.44 -15.15
CA PHE D 94 8.28 -6.95 -15.84
C PHE D 94 9.39 -7.99 -15.85
N MET D 95 9.52 -8.74 -14.77
CA MET D 95 10.48 -9.84 -14.69
C MET D 95 9.92 -11.15 -15.21
N ASP D 96 8.75 -11.12 -15.86
CA ASP D 96 8.21 -12.26 -16.59
C ASP D 96 8.19 -12.04 -18.09
N TYR D 97 8.02 -10.79 -18.54
CA TYR D 97 8.13 -10.51 -19.96
C TYR D 97 9.54 -10.77 -20.48
N ILE D 98 10.55 -10.58 -19.62
CA ILE D 98 11.92 -10.82 -20.04
C ILE D 98 12.13 -12.29 -20.34
N THR D 99 11.41 -13.17 -19.63
CA THR D 99 11.53 -14.59 -19.89
C THR D 99 10.81 -15.01 -21.18
N TYR D 100 9.81 -14.24 -21.60
CA TYR D 100 9.10 -14.57 -22.83
C TYR D 100 9.99 -14.44 -24.06
N GLY D 101 11.10 -13.72 -23.96
CA GLY D 101 12.01 -13.56 -25.07
C GLY D 101 13.05 -14.65 -25.14
N TYR D 102 13.42 -15.21 -23.99
CA TYR D 102 14.42 -16.27 -23.94
C TYR D 102 13.82 -17.66 -24.15
N MET D 103 12.49 -17.80 -24.12
CA MET D 103 11.86 -19.07 -24.46
C MET D 103 11.57 -19.21 -25.93
N ILE D 104 11.31 -18.10 -26.63
CA ILE D 104 11.09 -18.15 -28.07
C ILE D 104 12.35 -18.66 -28.76
N ASP D 105 13.52 -18.34 -28.22
CA ASP D 105 14.75 -18.95 -28.69
C ASP D 105 14.70 -20.46 -28.56
N ASN D 106 14.19 -20.96 -27.43
CA ASN D 106 14.08 -22.40 -27.24
C ASN D 106 13.01 -23.02 -28.13
N VAL D 107 12.04 -22.24 -28.60
CA VAL D 107 11.03 -22.77 -29.51
C VAL D 107 11.67 -23.11 -30.85
N ALA D 108 12.35 -22.15 -31.47
CA ALA D 108 12.99 -22.37 -32.75
C ALA D 108 14.23 -23.25 -32.65
N LEU D 109 14.63 -23.66 -31.44
CA LEU D 109 15.76 -24.57 -31.26
C LEU D 109 15.32 -26.01 -31.08
N MET D 110 14.07 -26.24 -30.66
CA MET D 110 13.52 -27.59 -30.60
C MET D 110 12.93 -27.99 -31.94
N ILE D 111 12.29 -27.05 -32.64
CA ILE D 111 11.63 -27.38 -33.90
C ILE D 111 12.65 -27.73 -34.97
N THR D 112 13.80 -27.05 -34.99
CA THR D 112 14.85 -27.42 -35.93
C THR D 112 15.40 -28.80 -35.64
N GLY D 113 15.37 -29.24 -34.38
CA GLY D 113 15.79 -30.60 -34.07
C GLY D 113 14.89 -31.65 -34.67
N THR D 114 13.61 -31.34 -34.83
CA THR D 114 12.68 -32.26 -35.47
C THR D 114 12.91 -32.32 -36.98
N ILE D 115 13.33 -31.22 -37.58
CA ILE D 115 13.68 -31.23 -39.00
C ILE D 115 14.85 -32.16 -39.24
N HIS D 116 15.83 -32.14 -38.33
CA HIS D 116 17.10 -32.84 -38.50
C HIS D 116 17.16 -34.18 -37.79
N ASP D 117 16.13 -34.54 -37.02
CA ASP D 117 16.04 -35.85 -36.36
C ASP D 117 17.21 -36.07 -35.40
N ARG D 118 17.25 -35.24 -34.36
CA ARG D 118 18.25 -35.34 -33.29
C ARG D 118 17.60 -35.71 -31.98
N ASP D 119 18.41 -36.24 -31.07
CA ASP D 119 17.95 -36.64 -29.75
C ASP D 119 17.71 -35.43 -28.86
N LYS D 120 16.62 -35.50 -28.07
CA LYS D 120 16.28 -34.38 -27.22
C LYS D 120 17.30 -34.15 -26.10
N GLY D 121 17.85 -35.24 -25.55
CA GLY D 121 18.87 -35.08 -24.52
C GLY D 121 20.08 -34.33 -25.01
N GLU D 122 20.50 -34.58 -26.25
CA GLU D 122 21.55 -33.79 -26.87
C GLU D 122 21.13 -32.35 -27.08
N ILE D 123 19.84 -32.08 -27.19
CA ILE D 123 19.33 -30.75 -27.50
C ILE D 123 19.08 -29.94 -26.23
N LEU D 124 18.40 -30.53 -25.25
CA LEU D 124 17.95 -29.77 -24.08
C LEU D 124 19.12 -29.16 -23.32
N GLN D 125 20.32 -29.75 -23.42
CA GLN D 125 21.49 -29.10 -22.87
C GLN D 125 21.77 -27.78 -23.56
N ARG D 126 21.43 -27.66 -24.84
CA ARG D 126 21.60 -26.40 -25.57
C ARG D 126 20.46 -25.42 -25.34
N CYS D 127 19.39 -25.82 -24.67
CA CYS D 127 18.25 -24.95 -24.45
C CYS D 127 18.54 -23.99 -23.31
N HIS D 128 17.99 -22.78 -23.42
CA HIS D 128 18.24 -21.73 -22.44
C HIS D 128 17.34 -21.93 -21.22
N PRO D 129 17.86 -21.76 -19.99
CA PRO D 129 17.08 -22.19 -18.82
C PRO D 129 16.00 -21.20 -18.39
N LEU D 130 16.24 -19.91 -18.56
CA LEU D 130 15.22 -18.93 -18.18
C LEU D 130 13.97 -19.07 -19.02
N GLY D 131 14.11 -19.51 -20.27
CA GLY D 131 12.97 -19.74 -21.13
C GLY D 131 12.48 -21.18 -21.07
N TRP D 132 12.17 -21.64 -19.87
CA TRP D 132 11.63 -22.97 -19.65
C TRP D 132 10.13 -22.90 -19.39
N PHE D 133 9.41 -23.89 -19.88
CA PHE D 133 8.06 -24.18 -19.39
C PHE D 133 7.86 -25.68 -19.45
N ASP D 134 6.82 -26.15 -18.76
CA ASP D 134 6.72 -27.57 -18.45
C ASP D 134 6.43 -28.39 -19.70
N THR D 135 5.67 -27.83 -20.65
CA THR D 135 5.33 -28.50 -21.89
C THR D 135 6.33 -28.23 -23.00
N LEU D 136 7.57 -27.91 -22.65
CA LEU D 136 8.57 -27.61 -23.68
C LEU D 136 8.99 -28.83 -24.47
N PRO D 137 9.48 -29.93 -23.86
CA PRO D 137 10.01 -31.03 -24.69
C PRO D 137 8.97 -31.72 -25.55
N THR D 138 7.68 -31.51 -25.30
CA THR D 138 6.64 -32.06 -26.15
C THR D 138 6.63 -31.45 -27.55
N LEU D 139 7.38 -30.36 -27.77
CA LEU D 139 7.55 -29.80 -29.10
C LEU D 139 8.38 -30.68 -30.04
N SER D 140 8.99 -31.76 -29.53
CA SER D 140 9.76 -32.67 -30.36
C SER D 140 8.87 -33.67 -31.12
N VAL D 141 7.55 -33.55 -31.02
CA VAL D 141 6.68 -34.58 -31.57
C VAL D 141 6.62 -34.49 -33.10
N ALA D 142 6.13 -33.37 -33.63
CA ALA D 142 5.66 -33.29 -35.00
C ALA D 142 6.35 -32.16 -35.76
N THR D 143 5.98 -32.04 -37.04
CA THR D 143 6.54 -31.06 -37.95
C THR D 143 5.59 -29.89 -38.21
N ASP D 144 4.28 -30.15 -38.26
CA ASP D 144 3.32 -29.09 -38.56
C ASP D 144 3.29 -28.07 -37.41
N LEU D 145 2.72 -26.90 -37.71
CA LEU D 145 2.59 -25.86 -36.70
C LEU D 145 1.27 -25.98 -35.95
N GLU D 146 0.18 -26.20 -36.68
CA GLU D 146 -1.12 -26.38 -36.04
C GLU D 146 -1.09 -27.58 -35.11
N SER D 147 -0.32 -28.62 -35.47
CA SER D 147 -0.09 -29.73 -34.56
C SER D 147 0.58 -29.26 -33.27
N LEU D 148 1.66 -28.49 -33.41
CA LEU D 148 2.40 -28.05 -32.23
C LEU D 148 1.68 -26.90 -31.52
N TYR D 149 0.84 -26.17 -32.25
CA TYR D 149 0.10 -25.07 -31.64
C TYR D 149 -0.92 -25.58 -30.64
N GLU D 150 -1.91 -26.34 -31.11
CA GLU D 150 -3.02 -26.74 -30.25
C GLU D 150 -2.56 -27.67 -29.14
N THR D 151 -1.62 -28.57 -29.44
CA THR D 151 -1.20 -29.55 -28.45
C THR D 151 -0.46 -28.90 -27.28
N VAL D 152 0.35 -27.88 -27.56
CA VAL D 152 1.29 -27.35 -26.57
C VAL D 152 1.08 -25.86 -26.34
N LEU D 153 1.24 -25.07 -27.40
CA LEU D 153 1.52 -23.64 -27.27
C LEU D 153 0.30 -22.78 -26.99
N VAL D 154 -0.91 -23.36 -26.93
CA VAL D 154 -2.07 -22.55 -26.57
C VAL D 154 -2.11 -22.30 -25.06
N ASP D 155 -1.58 -23.22 -24.27
CA ASP D 155 -1.58 -23.04 -22.82
C ASP D 155 -0.60 -21.96 -22.40
N THR D 156 0.55 -21.89 -23.04
CA THR D 156 1.60 -20.94 -22.68
C THR D 156 1.11 -19.52 -22.92
N PRO D 157 1.82 -18.50 -22.39
CA PRO D 157 1.43 -17.12 -22.67
C PRO D 157 1.83 -16.61 -24.05
N LEU D 158 2.35 -17.49 -24.91
CA LEU D 158 2.61 -17.16 -26.30
C LEU D 158 1.39 -17.35 -27.20
N ALA D 159 0.20 -17.50 -26.62
CA ALA D 159 -1.01 -17.69 -27.42
C ALA D 159 -1.31 -16.50 -28.33
N PRO D 160 -1.34 -15.25 -27.85
CA PRO D 160 -1.80 -14.16 -28.72
C PRO D 160 -0.84 -13.78 -29.83
N TYR D 161 0.34 -14.40 -29.93
CA TYR D 161 1.40 -13.92 -30.80
C TYR D 161 1.46 -14.65 -32.15
N PHE D 162 0.73 -15.74 -32.33
CA PHE D 162 0.76 -16.51 -33.57
C PHE D 162 -0.38 -16.13 -34.50
N LYS D 163 -0.95 -14.93 -34.36
CA LYS D 163 -2.09 -14.55 -35.18
C LYS D 163 -1.71 -14.44 -36.66
N ASN D 164 -0.46 -14.07 -36.94
CA ASN D 164 0.05 -13.90 -38.29
C ASN D 164 0.99 -15.03 -38.71
N CYS D 165 0.73 -16.25 -38.28
CA CYS D 165 1.65 -17.37 -38.48
C CYS D 165 1.00 -18.61 -39.08
N PHE D 166 -0.33 -18.66 -39.18
CA PHE D 166 -1.00 -19.85 -39.70
C PHE D 166 -1.16 -19.76 -41.22
N ASP D 167 -0.06 -19.48 -41.91
CA ASP D 167 0.03 -19.60 -43.36
C ASP D 167 1.09 -20.60 -43.77
N THR D 168 1.50 -21.49 -42.86
CA THR D 168 2.61 -22.40 -43.09
C THR D 168 2.17 -23.56 -43.98
N ALA D 169 3.16 -24.17 -44.64
CA ALA D 169 2.91 -25.32 -45.48
C ALA D 169 2.76 -26.58 -44.63
N GLU D 170 2.26 -27.65 -45.28
CA GLU D 170 2.19 -28.94 -44.60
C GLU D 170 3.58 -29.49 -44.32
N GLU D 171 4.58 -29.06 -45.08
CA GLU D 171 5.99 -29.33 -44.79
C GLU D 171 6.64 -28.06 -44.26
N LEU D 172 7.31 -28.19 -43.12
CA LEU D 172 7.96 -27.08 -42.44
C LEU D 172 9.47 -27.26 -42.55
N ASP D 173 10.19 -26.17 -42.84
CA ASP D 173 11.62 -26.21 -43.12
C ASP D 173 12.30 -25.03 -42.44
N ASP D 174 13.62 -24.95 -42.62
CA ASP D 174 14.43 -24.03 -41.83
C ASP D 174 14.18 -22.58 -42.22
N MET D 175 14.14 -22.29 -43.52
CA MET D 175 13.90 -20.92 -43.96
C MET D 175 12.52 -20.41 -43.56
N ASN D 176 11.59 -21.31 -43.23
CA ASN D 176 10.28 -20.91 -42.74
C ASN D 176 10.30 -20.61 -41.25
N ILE D 177 11.15 -21.29 -40.49
CA ILE D 177 11.23 -21.06 -39.05
C ILE D 177 11.68 -19.64 -38.76
N GLU D 178 12.76 -19.20 -39.41
CA GLU D 178 13.25 -17.83 -39.22
C GLU D 178 12.20 -16.78 -39.56
N ILE D 179 11.23 -17.13 -40.41
CA ILE D 179 10.12 -16.22 -40.69
C ILE D 179 9.09 -16.29 -39.56
N ILE D 180 8.96 -17.46 -38.91
CA ILE D 180 8.05 -17.58 -37.77
C ILE D 180 8.65 -16.88 -36.56
N ARG D 181 9.93 -17.16 -36.28
CA ARG D 181 10.60 -16.61 -35.10
C ARG D 181 10.60 -15.09 -35.10
N ASN D 182 10.69 -14.47 -36.27
CA ASN D 182 10.81 -13.02 -36.36
C ASN D 182 9.46 -12.31 -36.30
N LYS D 183 8.36 -13.02 -36.50
CA LYS D 183 7.04 -12.44 -36.36
C LYS D 183 6.59 -12.31 -34.91
N LEU D 184 7.33 -12.92 -33.97
CA LEU D 184 6.94 -12.89 -32.57
C LEU D 184 7.54 -11.69 -31.86
N TYR D 185 8.82 -11.41 -32.12
CA TYR D 185 9.43 -10.16 -31.66
C TYR D 185 8.72 -8.94 -32.22
N LYS D 186 8.00 -9.08 -33.34
CA LYS D 186 7.17 -7.99 -33.84
C LYS D 186 6.01 -7.70 -32.90
N ALA D 187 5.43 -8.73 -32.30
CA ALA D 187 4.29 -8.57 -31.40
C ALA D 187 4.72 -8.48 -29.94
N TYR D 188 5.70 -9.29 -29.55
CA TYR D 188 6.26 -9.22 -28.20
C TYR D 188 6.71 -7.81 -27.85
N LEU D 189 7.53 -7.21 -28.71
CA LEU D 189 8.04 -5.87 -28.46
C LEU D 189 6.95 -4.80 -28.51
N GLU D 190 5.74 -5.14 -28.93
CA GLU D 190 4.59 -4.24 -28.86
C GLU D 190 3.76 -4.45 -27.61
N ASP D 191 3.46 -5.70 -27.26
CA ASP D 191 2.70 -5.97 -26.04
C ASP D 191 3.52 -5.63 -24.80
N PHE D 192 4.86 -5.68 -24.91
CA PHE D 192 5.75 -5.22 -23.86
C PHE D 192 5.99 -3.72 -23.91
N TYR D 193 5.55 -3.05 -24.98
CA TYR D 193 5.63 -1.60 -25.09
C TYR D 193 4.34 -0.92 -24.66
N ASN D 194 3.20 -1.52 -24.95
CA ASN D 194 1.94 -1.02 -24.41
C ASN D 194 1.83 -1.25 -22.92
N PHE D 195 2.55 -2.25 -22.40
CA PHE D 195 2.56 -2.51 -20.97
C PHE D 195 3.32 -1.42 -20.23
N VAL D 196 4.57 -1.18 -20.64
CA VAL D 196 5.38 -0.11 -20.06
C VAL D 196 4.69 1.24 -20.21
N THR D 197 3.96 1.44 -21.30
CA THR D 197 3.25 2.69 -21.51
C THR D 197 2.18 2.93 -20.46
N GLU D 198 1.63 1.88 -19.87
CA GLU D 198 0.46 1.97 -19.01
C GLU D 198 0.78 1.79 -17.54
N GLU D 199 1.38 0.67 -17.16
CA GLU D 199 1.47 0.27 -15.76
C GLU D 199 2.78 0.65 -15.08
N ILE D 200 3.87 0.78 -15.83
CA ILE D 200 5.14 1.20 -15.22
C ILE D 200 5.06 2.70 -14.97
N PRO D 201 5.48 3.20 -13.79
CA PRO D 201 5.51 4.64 -13.59
C PRO D 201 6.82 5.24 -14.08
N GLU D 202 6.87 6.57 -14.06
CA GLU D 202 8.07 7.29 -14.44
C GLU D 202 9.13 7.14 -13.36
N PRO D 203 10.42 7.36 -13.71
CA PRO D 203 11.04 7.68 -15.00
C PRO D 203 11.50 6.45 -15.78
N ALA D 204 11.20 5.25 -15.29
CA ALA D 204 11.55 4.04 -16.03
C ALA D 204 10.85 4.01 -17.39
N LYS D 205 9.70 4.67 -17.50
CA LYS D 205 8.95 4.68 -18.75
C LYS D 205 9.76 5.31 -19.87
N GLU D 206 10.28 6.52 -19.65
CA GLU D 206 11.09 7.17 -20.68
C GLU D 206 12.35 6.38 -21.00
N CYS D 207 12.89 5.66 -20.01
CA CYS D 207 14.10 4.89 -20.25
C CYS D 207 13.81 3.64 -21.08
N MET D 208 12.75 2.91 -20.74
CA MET D 208 12.46 1.67 -21.44
C MET D 208 11.81 1.91 -22.79
N GLN D 209 11.12 3.03 -22.97
CA GLN D 209 10.62 3.38 -24.31
C GLN D 209 11.76 3.65 -25.30
N THR D 210 12.98 3.91 -24.79
CA THR D 210 14.15 4.07 -25.64
C THR D 210 14.82 2.74 -25.93
N LEU D 211 15.01 1.91 -24.90
CA LEU D 211 15.68 0.63 -25.07
C LEU D 211 14.91 -0.33 -25.95
N LEU D 212 13.59 -0.15 -26.08
CA LEU D 212 12.81 -0.91 -27.03
C LEU D 212 12.83 -0.29 -28.42
N GLY D 213 13.00 1.02 -28.50
CA GLY D 213 13.28 1.66 -29.78
C GLY D 213 14.61 1.26 -30.39
N PHE D 214 15.51 0.68 -29.58
CA PHE D 214 16.79 0.18 -30.06
C PHE D 214 16.71 -1.28 -30.49
N GLU D 215 16.19 -2.14 -29.61
CA GLU D 215 16.09 -3.57 -29.91
C GLU D 215 15.23 -3.85 -31.14
N ALA D 216 14.35 -2.93 -31.52
CA ALA D 216 13.58 -3.05 -32.75
C ALA D 216 14.34 -2.54 -33.96
N ASP D 217 15.20 -1.54 -33.78
CA ASP D 217 16.03 -1.08 -34.89
C ASP D 217 17.15 -2.06 -35.20
N ARG D 218 17.65 -2.76 -34.18
CA ARG D 218 18.65 -3.80 -34.43
C ARG D 218 18.09 -4.91 -35.31
N ARG D 219 16.78 -5.17 -35.22
CA ARG D 219 16.15 -6.24 -35.96
C ARG D 219 15.50 -5.76 -37.25
N SER D 220 15.02 -4.51 -37.28
CA SER D 220 14.41 -4.00 -38.50
C SER D 220 15.43 -3.84 -39.62
N ILE D 221 16.69 -3.60 -39.26
CA ILE D 221 17.74 -3.44 -40.27
C ILE D 221 18.26 -4.81 -40.70
N ASN D 222 18.60 -5.67 -39.75
CA ASN D 222 19.25 -6.93 -40.06
C ASN D 222 18.35 -7.87 -40.87
N ILE D 223 17.04 -7.62 -40.90
CA ILE D 223 16.18 -8.38 -41.81
C ILE D 223 16.43 -7.96 -43.24
N ALA D 224 16.60 -6.66 -43.50
CA ALA D 224 16.86 -6.19 -44.85
C ALA D 224 18.19 -6.73 -45.39
N LEU D 225 19.18 -6.93 -44.52
CA LEU D 225 20.48 -7.40 -44.98
C LEU D 225 20.46 -8.89 -45.32
N ASN D 226 19.91 -9.71 -44.42
CA ASN D 226 19.88 -11.15 -44.67
C ASN D 226 19.02 -11.50 -45.88
N SER D 227 18.05 -10.65 -46.23
CA SER D 227 17.26 -10.87 -47.43
C SER D 227 18.06 -10.70 -48.72
N LEU D 228 19.28 -10.13 -48.63
CA LEU D 228 20.12 -9.99 -49.81
C LEU D 228 20.84 -11.29 -50.13
N GLN D 229 21.19 -12.07 -49.11
CA GLN D 229 21.70 -13.42 -49.35
C GLN D 229 20.72 -14.24 -50.18
N SER D 230 19.42 -14.12 -49.87
CA SER D 230 18.41 -14.82 -50.62
C SER D 230 18.25 -14.21 -52.02
N SER D 231 17.45 -14.86 -52.85
CA SER D 231 17.22 -14.36 -54.20
C SER D 231 16.30 -13.15 -54.18
N ASP D 232 15.06 -13.34 -53.73
CA ASP D 232 14.06 -12.27 -53.70
C ASP D 232 13.02 -12.58 -52.63
N ILE D 233 12.50 -11.51 -52.03
CA ILE D 233 11.37 -11.58 -51.11
C ILE D 233 10.45 -10.40 -51.42
N ASP D 234 9.14 -10.65 -51.39
CA ASP D 234 8.19 -9.61 -51.72
C ASP D 234 8.27 -8.48 -50.70
N PRO D 235 7.98 -7.24 -51.09
CA PRO D 235 8.03 -6.15 -50.10
C PRO D 235 6.89 -6.19 -49.11
N ASP D 236 5.71 -6.66 -49.54
CA ASP D 236 4.57 -6.74 -48.63
C ASP D 236 4.79 -7.79 -47.54
N LEU D 237 5.57 -8.82 -47.82
CA LEU D 237 5.89 -9.81 -46.79
C LEU D 237 6.81 -9.22 -45.74
N LYS D 238 7.75 -8.36 -46.14
CA LYS D 238 8.74 -7.85 -45.20
C LYS D 238 8.10 -6.95 -44.15
N SER D 239 7.06 -6.21 -44.51
CA SER D 239 6.43 -5.30 -43.55
C SER D 239 5.68 -6.04 -42.45
N ASP D 240 5.45 -7.35 -42.60
CA ASP D 240 4.88 -8.16 -41.54
C ASP D 240 5.93 -8.79 -40.63
N LEU D 241 7.21 -8.44 -40.82
CA LEU D 241 8.30 -8.86 -39.94
C LEU D 241 8.95 -7.72 -39.19
N LEU D 242 8.59 -6.47 -39.48
CA LEU D 242 9.26 -5.31 -38.92
C LEU D 242 8.45 -4.77 -37.74
N PRO D 243 9.02 -4.60 -36.53
CA PRO D 243 8.23 -3.99 -35.45
C PRO D 243 7.83 -2.56 -35.74
N ASN D 244 7.01 -1.97 -34.86
CA ASN D 244 6.35 -0.69 -35.12
C ASN D 244 6.47 0.23 -33.92
N ILE D 245 7.67 0.29 -33.32
CA ILE D 245 7.90 1.11 -32.14
C ILE D 245 9.07 2.08 -32.32
N GLY D 246 10.01 1.74 -33.21
CA GLY D 246 11.30 2.39 -33.22
C GLY D 246 11.27 3.77 -33.86
N LYS D 247 12.47 4.36 -33.92
CA LYS D 247 12.63 5.65 -34.59
C LYS D 247 12.46 5.51 -36.09
N LEU D 248 12.92 4.40 -36.66
CA LEU D 248 12.76 4.16 -38.08
C LEU D 248 11.30 4.05 -38.48
N TYR D 249 10.41 3.76 -37.54
CA TYR D 249 8.98 3.71 -37.81
C TYR D 249 8.40 5.13 -37.85
N PRO D 250 7.56 5.46 -38.84
CA PRO D 250 7.07 4.75 -40.03
C PRO D 250 7.86 5.05 -41.29
N LEU D 251 8.56 6.18 -41.30
CA LEU D 251 9.15 6.72 -42.53
C LEU D 251 10.20 5.79 -43.11
N ALA D 252 11.20 5.42 -42.30
CA ALA D 252 12.31 4.63 -42.83
C ALA D 252 11.93 3.17 -43.02
N THR D 253 10.91 2.67 -42.34
CA THR D 253 10.47 1.30 -42.55
C THR D 253 9.99 1.08 -43.97
N PHE D 254 9.45 2.12 -44.60
CA PHE D 254 8.96 1.99 -45.97
C PHE D 254 10.08 1.63 -46.94
N HIS D 255 11.27 2.19 -46.73
CA HIS D 255 12.37 2.06 -47.68
C HIS D 255 13.34 0.94 -47.31
N LEU D 256 13.17 0.27 -46.18
CA LEU D 256 14.00 -0.88 -45.86
C LEU D 256 13.43 -2.14 -46.49
N ALA D 257 12.12 -2.32 -46.44
CA ALA D 257 11.48 -3.42 -47.16
C ALA D 257 11.71 -3.33 -48.66
N GLN D 258 11.85 -2.10 -49.18
CA GLN D 258 11.95 -1.86 -50.61
C GLN D 258 13.39 -1.56 -51.04
N ALA D 259 14.38 -2.02 -50.28
CA ALA D 259 15.78 -1.85 -50.61
C ALA D 259 16.36 -3.20 -51.00
N GLN D 260 16.78 -3.33 -52.26
CA GLN D 260 17.27 -4.59 -52.79
C GLN D 260 18.78 -4.69 -52.84
N ASP D 261 19.50 -3.64 -52.44
CA ASP D 261 20.96 -3.65 -52.43
C ASP D 261 21.45 -3.01 -51.14
N PHE D 262 22.75 -3.21 -50.87
CA PHE D 262 23.36 -2.62 -49.69
C PHE D 262 23.36 -1.09 -49.75
N GLU D 263 23.32 -0.52 -50.95
CA GLU D 263 23.38 0.92 -51.10
C GLU D 263 22.03 1.59 -50.84
N GLY D 264 20.94 0.97 -51.31
CA GLY D 264 19.62 1.50 -51.02
C GLY D 264 19.25 1.47 -49.54
N VAL D 265 19.95 0.66 -48.75
CA VAL D 265 19.72 0.63 -47.31
C VAL D 265 20.29 1.88 -46.65
N ARG D 266 21.54 2.23 -47.00
CA ARG D 266 22.16 3.42 -46.41
C ARG D 266 21.42 4.71 -46.79
N ALA D 267 20.65 4.70 -47.87
CA ALA D 267 19.81 5.84 -48.19
C ALA D 267 18.64 5.95 -47.22
N ALA D 268 18.18 4.83 -46.67
CA ALA D 268 17.09 4.83 -45.71
C ALA D 268 17.54 5.24 -44.31
N LEU D 269 18.73 4.78 -43.91
CA LEU D 269 19.28 5.12 -42.60
C LEU D 269 19.96 6.49 -42.57
N ALA D 270 20.26 7.07 -43.73
CA ALA D 270 20.90 8.39 -43.76
C ALA D 270 20.01 9.48 -43.19
N ASN D 271 18.70 9.25 -43.08
CA ASN D 271 17.76 10.25 -42.60
C ASN D 271 17.52 10.15 -41.09
N VAL D 272 18.40 9.48 -40.36
CA VAL D 272 18.37 9.46 -38.89
C VAL D 272 19.81 9.40 -38.40
N TYR D 273 20.18 10.32 -37.51
CA TYR D 273 21.56 10.43 -37.07
C TYR D 273 21.93 9.39 -36.01
N GLU D 274 20.95 8.71 -35.41
CA GLU D 274 21.27 7.69 -34.43
C GLU D 274 21.88 6.46 -35.09
N TYR D 275 21.58 6.22 -36.37
CA TYR D 275 22.00 5.02 -37.09
C TYR D 275 22.63 5.39 -38.42
N ARG D 276 23.48 6.43 -38.41
CA ARG D 276 23.96 7.01 -39.66
C ARG D 276 25.12 6.21 -40.26
N GLY D 277 26.24 6.14 -39.54
CA GLY D 277 27.48 5.65 -40.11
C GLY D 277 27.88 4.26 -39.70
N PHE D 278 26.94 3.47 -39.18
CA PHE D 278 27.27 2.12 -38.77
C PHE D 278 27.62 1.24 -39.97
N LEU D 279 26.85 1.36 -41.05
CA LEU D 279 27.12 0.56 -42.25
C LEU D 279 28.39 1.03 -42.95
N GLU D 280 28.76 2.29 -42.80
CA GLU D 280 29.85 2.85 -43.58
C GLU D 280 31.21 2.29 -43.15
N THR D 281 31.31 1.71 -41.96
CA THR D 281 32.61 1.42 -41.37
C THR D 281 32.53 0.24 -40.40
N GLY D 282 33.55 -0.61 -40.45
CA GLY D 282 33.83 -1.54 -39.36
C GLY D 282 32.80 -2.63 -39.21
N ASN D 283 33.07 -3.49 -38.22
CA ASN D 283 32.14 -4.55 -37.86
C ASN D 283 30.83 -3.95 -37.36
N LEU D 284 29.74 -4.28 -38.05
CA LEU D 284 28.44 -3.68 -37.72
C LEU D 284 28.02 -4.00 -36.30
N GLU D 285 28.09 -5.27 -35.90
CA GLU D 285 27.52 -5.68 -34.61
C GLU D 285 28.25 -5.06 -33.44
N ASP D 286 29.53 -4.69 -33.61
CA ASP D 286 30.25 -4.01 -32.54
C ASP D 286 29.80 -2.57 -32.38
N HIS D 287 29.15 -1.99 -33.39
CA HIS D 287 28.62 -0.64 -33.26
C HIS D 287 27.33 -0.64 -32.47
N PHE D 288 26.49 -1.66 -32.66
CA PHE D 288 25.27 -1.77 -31.86
C PHE D 288 25.61 -1.98 -30.38
N TYR D 289 26.46 -2.97 -30.09
CA TYR D 289 26.87 -3.23 -28.71
C TYR D 289 27.53 -2.03 -28.06
N GLN D 290 28.09 -1.09 -28.84
CA GLN D 290 28.63 0.13 -28.26
C GLN D 290 27.52 1.08 -27.84
N LEU D 291 26.47 1.20 -28.65
CA LEU D 291 25.32 2.02 -28.28
C LEU D 291 24.43 1.35 -27.25
N GLU D 292 24.58 0.04 -27.04
CA GLU D 292 23.76 -0.65 -26.04
C GLU D 292 24.28 -0.35 -24.64
N MET D 293 25.60 -0.29 -24.48
CA MET D 293 26.15 0.14 -23.19
C MET D 293 25.81 1.59 -22.90
N GLU D 294 25.79 2.45 -23.93
CA GLU D 294 25.61 3.87 -23.72
C GLU D 294 24.18 4.22 -23.36
N LEU D 295 23.21 3.37 -23.71
CA LEU D 295 21.84 3.56 -23.25
C LEU D 295 21.60 2.90 -21.90
N CYS D 296 22.36 1.86 -21.58
CA CYS D 296 22.29 1.24 -20.26
C CYS D 296 23.15 2.01 -19.26
N ARG D 297 24.23 2.63 -19.74
CA ARG D 297 25.06 3.46 -18.87
C ARG D 297 24.31 4.69 -18.37
N ASP D 298 23.30 5.14 -19.10
CA ASP D 298 22.50 6.28 -18.70
C ASP D 298 21.31 5.90 -17.83
N ALA D 299 20.96 4.61 -17.77
CA ALA D 299 19.91 4.16 -16.88
C ALA D 299 20.39 4.08 -15.44
N PHE D 300 21.62 3.59 -15.22
CA PHE D 300 22.18 3.58 -13.87
C PHE D 300 22.37 4.99 -13.32
N THR D 301 22.46 6.00 -14.17
CA THR D 301 22.51 7.37 -13.67
C THR D 301 21.21 7.75 -12.97
N GLN D 302 20.10 7.13 -13.35
CA GLN D 302 18.84 7.34 -12.65
C GLN D 302 18.85 6.59 -11.33
N GLN D 303 17.90 6.96 -10.47
CA GLN D 303 17.66 6.26 -9.23
C GLN D 303 16.15 6.21 -9.02
N PHE D 304 15.70 5.18 -8.30
CA PHE D 304 14.29 4.91 -8.08
C PHE D 304 13.58 4.64 -9.42
N ALA D 305 14.05 3.59 -10.09
CA ALA D 305 13.42 3.08 -11.30
C ALA D 305 13.77 1.61 -11.45
N ILE D 306 12.85 0.85 -12.07
CA ILE D 306 13.02 -0.59 -12.23
C ILE D 306 13.45 -0.88 -13.66
N SER D 307 14.10 0.09 -14.31
CA SER D 307 14.79 -0.16 -15.56
C SER D 307 16.23 -0.60 -15.37
N THR D 308 16.73 -0.61 -14.13
CA THR D 308 18.08 -1.08 -13.88
C THR D 308 18.20 -2.59 -14.09
N VAL D 309 17.11 -3.33 -13.86
CA VAL D 309 17.17 -4.79 -13.96
C VAL D 309 17.41 -5.21 -15.40
N TRP D 310 16.69 -4.60 -16.34
CA TRP D 310 16.98 -4.80 -17.76
C TRP D 310 18.43 -4.47 -18.08
N ALA D 311 18.89 -3.31 -17.62
CA ALA D 311 20.26 -2.89 -17.90
C ALA D 311 21.28 -3.80 -17.23
N TRP D 312 20.95 -4.33 -16.06
CA TRP D 312 21.89 -5.19 -15.34
C TRP D 312 22.23 -6.44 -16.15
N MET D 313 21.23 -7.05 -16.79
CA MET D 313 21.49 -8.23 -17.60
C MET D 313 22.26 -7.88 -18.86
N LYS D 314 21.71 -6.95 -19.66
CA LYS D 314 22.33 -6.59 -20.92
C LYS D 314 23.72 -5.98 -20.74
N SER D 315 24.02 -5.44 -19.56
CA SER D 315 25.37 -4.97 -19.27
C SER D 315 26.29 -6.09 -18.83
N LYS D 316 25.72 -7.23 -18.43
CA LYS D 316 26.49 -8.36 -17.92
C LYS D 316 26.57 -9.51 -18.91
N GLU D 317 25.78 -9.47 -19.98
CA GLU D 317 25.97 -10.42 -21.07
C GLU D 317 27.13 -10.01 -21.95
N GLN D 318 27.29 -8.71 -22.20
CA GLN D 318 28.46 -8.23 -22.94
C GLN D 318 29.74 -8.49 -22.16
N GLU D 319 29.65 -8.46 -20.82
CA GLU D 319 30.77 -8.89 -19.99
C GLU D 319 31.18 -10.32 -20.33
N VAL D 320 30.21 -11.24 -20.34
CA VAL D 320 30.52 -12.64 -20.59
C VAL D 320 30.97 -12.85 -22.03
N ARG D 321 30.42 -12.06 -22.97
CA ARG D 321 30.90 -12.13 -24.35
C ARG D 321 32.34 -11.66 -24.50
N ASN D 322 32.86 -10.91 -23.54
CA ASN D 322 34.24 -10.47 -23.56
C ASN D 322 35.18 -11.45 -22.84
N ILE D 323 34.67 -12.22 -21.88
CA ILE D 323 35.48 -13.26 -21.27
C ILE D 323 35.83 -14.33 -22.29
N THR D 324 34.83 -14.80 -23.03
CA THR D 324 35.03 -15.91 -23.96
C THR D 324 35.88 -15.48 -25.15
N TRP D 325 35.57 -14.30 -25.72
CA TRP D 325 36.36 -13.74 -26.80
C TRP D 325 37.84 -13.69 -26.44
N ILE D 326 38.14 -13.27 -25.22
CA ILE D 326 39.52 -13.25 -24.76
C ILE D 326 39.98 -14.65 -24.36
N ALA D 327 39.07 -15.48 -23.87
CA ALA D 327 39.46 -16.83 -23.46
C ALA D 327 39.94 -17.67 -24.64
N GLU D 328 39.37 -17.45 -25.83
CA GLU D 328 39.79 -18.20 -27.00
C GLU D 328 41.13 -17.68 -27.52
N CYS D 329 41.34 -16.36 -27.45
CA CYS D 329 42.58 -15.78 -27.93
C CYS D 329 43.78 -16.23 -27.10
N ILE D 330 43.62 -16.32 -25.79
CA ILE D 330 44.72 -16.74 -24.92
C ILE D 330 44.99 -18.22 -25.10
N ALA D 331 43.94 -19.04 -25.08
CA ALA D 331 44.10 -20.49 -25.17
C ALA D 331 44.74 -20.89 -26.50
N GLN D 332 44.38 -20.19 -27.57
CA GLN D 332 44.84 -20.53 -28.92
C GLN D 332 46.11 -19.80 -29.33
N ASN D 333 46.68 -18.97 -28.45
CA ASN D 333 47.93 -18.25 -28.67
C ASN D 333 47.86 -17.26 -29.83
N GLN D 334 46.65 -16.93 -30.32
CA GLN D 334 46.45 -15.79 -31.20
C GLN D 334 46.11 -14.59 -30.34
N ARG D 335 47.05 -13.65 -30.24
CA ARG D 335 46.93 -12.48 -29.39
C ARG D 335 46.80 -11.22 -30.24
N GLU D 336 46.04 -11.32 -31.33
CA GLU D 336 45.84 -10.23 -32.27
C GLU D 336 44.61 -9.39 -31.95
N ARG D 337 43.43 -10.01 -31.94
CA ARG D 337 42.17 -9.35 -31.66
C ARG D 337 41.73 -9.52 -30.20
N ILE D 338 42.70 -9.66 -29.29
CA ILE D 338 42.38 -9.85 -27.88
C ILE D 338 41.84 -8.58 -27.23
N ASN D 339 42.05 -7.42 -27.86
CA ASN D 339 41.67 -6.13 -27.30
C ASN D 339 40.40 -5.54 -27.92
N ASN D 340 39.63 -6.33 -28.68
CA ASN D 340 38.37 -5.84 -29.22
C ASN D 340 37.25 -5.81 -28.19
N TYR D 341 37.51 -6.25 -26.95
CA TYR D 341 36.46 -6.30 -25.94
C TYR D 341 35.89 -4.91 -25.67
N ILE D 342 34.60 -4.89 -25.34
CA ILE D 342 33.84 -3.65 -25.14
C ILE D 342 33.66 -3.44 -23.66
N SER D 343 33.80 -2.19 -23.22
CA SER D 343 33.74 -1.87 -21.80
C SER D 343 33.47 -0.38 -21.64
N VAL D 344 32.64 -0.05 -20.65
CA VAL D 344 32.32 1.34 -20.33
C VAL D 344 32.55 1.62 -18.84
N TYR D 345 32.49 0.58 -18.01
CA TYR D 345 32.50 0.76 -16.56
C TYR D 345 33.92 0.64 -16.00
N SER E 1 -12.66 8.02 -13.54
CA SER E 1 -12.97 6.91 -12.65
C SER E 1 -14.04 7.30 -11.64
N PHE E 2 -14.44 6.33 -10.81
CA PHE E 2 -15.49 6.60 -9.83
C PHE E 2 -15.04 7.61 -8.79
N SER E 3 -13.92 7.35 -8.13
CA SER E 3 -13.42 8.26 -7.10
C SER E 3 -13.09 9.64 -7.67
N HIS E 4 -12.79 9.71 -8.97
CA HIS E 4 -12.60 11.00 -9.64
C HIS E 4 -13.92 11.57 -10.14
N PHE E 5 -14.98 10.77 -10.22
CA PHE E 5 -16.27 11.27 -10.66
C PHE E 5 -17.00 12.03 -9.55
N LEU E 6 -16.77 11.66 -8.29
CA LEU E 6 -17.37 12.39 -7.18
C LEU E 6 -16.88 13.83 -7.15
N TYR E 7 -15.58 14.04 -7.34
CA TYR E 7 -15.00 15.37 -7.21
C TYR E 7 -15.61 16.36 -8.20
N TYR E 8 -16.07 15.87 -9.35
CA TYR E 8 -16.82 16.72 -10.26
C TYR E 8 -18.23 16.99 -9.78
N LEU E 9 -18.78 16.12 -8.94
CA LEU E 9 -20.16 16.26 -8.48
C LEU E 9 -20.29 17.08 -7.21
N VAL E 10 -19.32 17.01 -6.30
CA VAL E 10 -19.36 17.85 -5.11
C VAL E 10 -19.25 19.31 -5.50
N LEU E 11 -18.52 19.60 -6.58
CA LEU E 11 -18.46 20.96 -7.09
C LEU E 11 -19.80 21.44 -7.61
N ILE E 12 -20.64 20.53 -8.11
CA ILE E 12 -21.86 20.93 -8.78
C ILE E 12 -22.97 21.20 -7.77
N VAL E 13 -23.05 20.42 -6.70
CA VAL E 13 -24.05 20.69 -5.67
C VAL E 13 -23.77 22.01 -4.98
N VAL E 14 -22.50 22.30 -4.72
CA VAL E 14 -22.15 23.55 -4.05
C VAL E 14 -22.50 24.75 -4.92
N ILE E 15 -22.52 24.57 -6.24
CA ILE E 15 -22.82 25.67 -7.15
C ILE E 15 -24.33 25.82 -7.35
N VAL E 16 -25.08 24.72 -7.41
CA VAL E 16 -26.52 24.82 -7.38
C VAL E 16 -26.99 25.40 -6.05
N TYR E 17 -26.44 24.87 -4.95
CA TYR E 17 -26.80 25.36 -3.62
C TYR E 17 -26.30 26.78 -3.38
N GLY E 18 -25.27 27.20 -4.12
CA GLY E 18 -24.77 28.56 -3.97
C GLY E 18 -25.61 29.59 -4.71
N LEU E 19 -26.39 29.15 -5.70
CA LEU E 19 -27.22 30.05 -6.50
C LEU E 19 -28.67 30.08 -6.01
N TYR E 20 -29.22 28.92 -5.67
CA TYR E 20 -30.58 28.85 -5.16
C TYR E 20 -30.76 29.73 -3.92
N LYS E 21 -29.73 29.83 -3.08
CA LYS E 21 -29.77 30.72 -1.93
C LYS E 21 -29.48 32.17 -2.29
N LEU E 22 -29.11 32.45 -3.54
CA LEU E 22 -28.70 33.79 -3.97
C LEU E 22 -29.76 34.46 -4.83
N PHE E 23 -30.28 33.77 -5.85
CA PHE E 23 -31.33 34.34 -6.68
C PHE E 23 -32.65 34.49 -5.92
N THR E 24 -32.79 33.88 -4.75
CA THR E 24 -33.97 34.03 -3.91
C THR E 24 -33.79 35.06 -2.79
N GLY E 25 -32.59 35.61 -2.62
CA GLY E 25 -32.35 36.58 -1.59
C GLY E 25 -32.11 35.97 -0.22
N HIS E 26 -31.14 35.06 -0.14
CA HIS E 26 -30.76 34.43 1.11
C HIS E 26 -29.24 34.26 1.22
N GLY E 27 -28.48 35.00 0.41
CA GLY E 27 -27.04 34.78 0.35
C GLY E 27 -26.33 34.99 1.67
N SER E 28 -26.85 35.89 2.51
CA SER E 28 -26.25 36.13 3.81
C SER E 28 -26.44 34.98 4.77
N ASP E 29 -27.34 34.04 4.46
CA ASP E 29 -27.56 32.90 5.37
C ASP E 29 -26.34 31.97 5.40
N ILE E 30 -25.59 31.90 4.31
CA ILE E 30 -24.37 31.09 4.27
C ILE E 30 -23.27 32.00 4.81
N ASN E 31 -23.17 32.04 6.14
CA ASN E 31 -22.31 32.98 6.85
C ASN E 31 -21.21 32.19 7.55
N PHE E 32 -20.01 32.19 6.97
CA PHE E 32 -18.86 31.58 7.61
C PHE E 32 -18.47 32.29 8.90
N GLY E 33 -18.86 33.55 9.07
CA GLY E 33 -18.61 34.28 10.29
C GLY E 33 -19.14 33.59 11.52
N LYS E 34 -20.45 33.35 11.55
CA LYS E 34 -21.06 32.64 12.67
C LYS E 34 -20.47 31.25 12.86
N PHE E 35 -20.00 30.63 11.78
CA PHE E 35 -19.31 29.35 11.89
C PHE E 35 -17.97 29.50 12.59
N LEU E 36 -17.43 30.71 12.68
CA LEU E 36 -16.18 30.96 13.39
C LEU E 36 -16.39 31.60 14.76
N LEU E 37 -17.49 32.34 14.94
CA LEU E 37 -17.75 32.99 16.22
C LEU E 37 -18.41 32.04 17.22
N ARG E 38 -19.30 31.16 16.75
CA ARG E 38 -20.07 30.31 17.65
C ARG E 38 -19.43 28.96 17.92
N THR E 39 -18.54 28.48 17.04
CA THR E 39 -17.87 27.22 17.30
C THR E 39 -16.90 27.36 18.46
N SER E 40 -16.73 26.29 19.21
CA SER E 40 -15.96 26.33 20.44
C SER E 40 -14.48 26.53 20.11
N PRO E 41 -13.78 27.49 20.72
CA PRO E 41 -12.36 27.65 20.42
C PRO E 41 -11.49 26.50 20.91
N TYR E 42 -12.02 25.57 21.70
CA TYR E 42 -11.21 24.42 22.12
C TYR E 42 -11.02 23.41 21.00
N MET E 43 -11.96 23.33 20.05
CA MET E 43 -11.82 22.38 18.96
C MET E 43 -10.65 22.74 18.06
N TRP E 44 -10.47 24.04 17.80
CA TRP E 44 -9.40 24.46 16.91
C TRP E 44 -8.02 24.24 17.52
N ALA E 45 -7.92 24.23 18.85
CA ALA E 45 -6.63 24.09 19.50
C ALA E 45 -6.24 22.63 19.69
N ASN E 46 -7.20 21.76 20.01
CA ASN E 46 -6.89 20.35 20.19
C ASN E 46 -6.67 19.61 18.87
N LEU E 47 -6.89 20.27 17.73
CA LEU E 47 -6.48 19.70 16.45
C LEU E 47 -5.05 20.07 16.11
N GLY E 48 -4.68 21.33 16.34
CA GLY E 48 -3.31 21.76 16.10
C GLY E 48 -2.30 21.14 17.05
N ILE E 49 -2.76 20.56 18.15
CA ILE E 49 -1.86 19.85 19.07
C ILE E 49 -1.73 18.38 18.70
N ALA E 50 -2.72 17.81 18.02
CA ALA E 50 -2.67 16.43 17.56
C ALA E 50 -2.12 16.28 16.16
N LEU E 51 -2.42 17.24 15.27
CA LEU E 51 -1.87 17.21 13.93
C LEU E 51 -0.40 17.58 13.90
N CYS E 52 0.05 18.42 14.83
CA CYS E 52 1.47 18.76 14.91
C CYS E 52 2.30 17.52 15.20
N VAL E 53 1.95 16.79 16.27
CA VAL E 53 2.60 15.52 16.53
C VAL E 53 2.08 14.42 15.61
N GLY E 54 0.92 14.61 15.00
CA GLY E 54 0.38 13.61 14.12
C GLY E 54 1.06 13.60 12.77
N LEU E 55 1.06 14.75 12.09
CA LEU E 55 1.64 14.85 10.76
C LEU E 55 3.17 14.88 10.80
N SER E 56 3.77 15.16 11.95
CA SER E 56 5.22 15.13 12.06
C SER E 56 5.72 13.70 12.16
N VAL E 57 5.07 12.88 12.98
CA VAL E 57 5.50 11.50 13.17
C VAL E 57 5.30 10.69 11.90
N VAL E 58 4.32 11.05 11.08
CA VAL E 58 4.19 10.41 9.77
C VAL E 58 5.39 10.76 8.90
N GLY E 59 5.93 11.97 9.04
CA GLY E 59 7.09 12.35 8.27
C GLY E 59 8.31 11.51 8.61
N ALA E 60 8.57 11.34 9.90
CA ALA E 60 9.76 10.60 10.32
C ALA E 60 9.70 9.16 9.88
N ALA E 61 8.59 8.48 10.16
CA ALA E 61 8.50 7.07 9.84
C ALA E 61 8.45 6.84 8.33
N TRP E 62 8.03 7.84 7.56
CA TRP E 62 8.08 7.73 6.12
C TRP E 62 9.53 7.65 5.66
N GLY E 63 10.36 8.58 6.12
CA GLY E 63 11.74 8.65 5.67
C GLY E 63 12.61 7.51 6.15
N ILE E 64 12.10 6.67 7.05
CA ILE E 64 12.91 5.60 7.60
C ILE E 64 12.86 4.34 6.74
N PHE E 65 11.71 4.02 6.14
CA PHE E 65 11.68 2.84 5.27
C PHE E 65 12.21 3.12 3.87
N ILE E 66 12.26 4.38 3.46
CA ILE E 66 13.01 4.73 2.26
C ILE E 66 14.50 4.62 2.53
N THR E 67 14.93 4.93 3.75
CA THR E 67 16.34 4.89 4.09
C THR E 67 16.78 3.48 4.47
N GLY E 68 16.12 2.89 5.46
CA GLY E 68 16.53 1.59 5.97
C GLY E 68 16.43 0.48 4.94
N SER E 69 15.39 0.52 4.10
CA SER E 69 15.15 -0.56 3.16
C SER E 69 16.22 -0.64 2.07
N SER E 70 16.96 0.45 1.83
CA SER E 70 18.05 0.45 0.87
C SER E 70 19.40 0.21 1.52
N MET E 71 19.58 0.70 2.75
CA MET E 71 20.78 0.39 3.51
C MET E 71 20.91 -1.11 3.70
N ILE E 72 19.81 -1.79 4.00
CA ILE E 72 19.81 -3.23 4.12
C ILE E 72 20.11 -3.90 2.78
N GLY E 73 19.72 -3.25 1.68
CA GLY E 73 20.01 -3.81 0.38
C GLY E 73 21.49 -3.79 0.06
N ALA E 74 22.13 -2.62 0.20
CA ALA E 74 23.56 -2.51 -0.08
C ALA E 74 24.38 -3.33 0.90
N GLY E 75 23.87 -3.55 2.11
CA GLY E 75 24.59 -4.30 3.12
C GLY E 75 24.44 -5.80 3.02
N VAL E 76 24.27 -6.32 1.80
CA VAL E 76 24.29 -7.76 1.54
C VAL E 76 25.65 -8.13 1.00
N ARG E 77 26.29 -7.19 0.30
CA ARG E 77 27.64 -7.33 -0.20
C ARG E 77 28.66 -6.45 0.52
N ALA E 78 28.20 -5.40 1.21
CA ALA E 78 29.07 -4.48 1.94
C ALA E 78 28.40 -4.15 3.27
N PRO E 79 28.43 -5.07 4.23
CA PRO E 79 27.72 -4.85 5.50
C PRO E 79 28.40 -3.91 6.48
N ARG E 80 29.51 -3.29 6.09
CA ARG E 80 30.21 -2.36 6.96
C ARG E 80 29.48 -1.03 7.12
N ILE E 81 28.52 -0.72 6.25
CA ILE E 81 27.93 0.62 6.19
C ILE E 81 26.85 0.86 7.23
N THR E 82 26.39 -0.18 7.93
CA THR E 82 25.23 -0.04 8.81
C THR E 82 25.46 0.93 9.95
N THR E 83 26.72 1.19 10.33
CA THR E 83 27.05 2.07 11.44
C THR E 83 27.51 3.45 10.98
N LYS E 84 27.94 3.59 9.72
CA LYS E 84 28.35 4.89 9.19
C LYS E 84 27.18 5.66 8.58
N ASN E 85 26.24 4.96 7.96
CA ASN E 85 25.06 5.57 7.38
C ASN E 85 23.88 5.68 8.35
N LEU E 86 24.11 5.39 9.63
CA LEU E 86 23.08 5.53 10.64
C LEU E 86 22.62 6.97 10.81
N ILE E 87 23.43 7.95 10.37
CA ILE E 87 23.14 9.36 10.62
C ILE E 87 21.81 9.74 10.00
N SER E 88 21.54 9.26 8.78
CA SER E 88 20.32 9.63 8.08
C SER E 88 19.07 9.16 8.81
N ILE E 89 19.20 8.19 9.72
CA ILE E 89 18.09 7.80 10.57
C ILE E 89 17.87 8.81 11.70
N ILE E 90 18.91 9.56 12.07
CA ILE E 90 18.77 10.55 13.13
C ILE E 90 18.09 11.81 12.62
N PHE E 91 18.47 12.27 11.43
CA PHE E 91 17.84 13.46 10.87
C PHE E 91 16.40 13.22 10.46
N CYS E 92 15.99 11.95 10.32
CA CYS E 92 14.58 11.65 10.11
C CYS E 92 13.79 11.64 11.41
N GLU E 93 14.44 11.33 12.53
CA GLU E 93 13.77 11.27 13.81
C GLU E 93 13.62 12.64 14.47
N VAL E 94 14.60 13.53 14.28
CA VAL E 94 14.67 14.75 15.07
C VAL E 94 13.45 15.63 14.81
N VAL E 95 12.90 15.57 13.59
CA VAL E 95 11.69 16.35 13.29
C VAL E 95 10.54 15.91 14.15
N ALA E 96 10.50 14.63 14.55
CA ALA E 96 9.48 14.18 15.48
C ALA E 96 9.67 14.85 16.84
N ILE E 97 10.92 15.02 17.27
CA ILE E 97 11.17 15.69 18.54
C ILE E 97 10.82 17.17 18.44
N TYR E 98 10.91 17.76 17.25
CA TYR E 98 10.45 19.14 17.07
C TYR E 98 8.95 19.23 17.30
N GLY E 99 8.20 18.22 16.85
CA GLY E 99 6.77 18.22 17.05
C GLY E 99 6.37 17.94 18.49
N LEU E 100 7.00 16.95 19.12
CA LEU E 100 6.71 16.60 20.50
C LEU E 100 6.98 17.74 21.47
N ILE E 101 7.82 18.70 21.11
CA ILE E 101 8.07 19.85 21.97
C ILE E 101 6.96 20.88 21.88
N ILE E 102 6.48 21.16 20.66
CA ILE E 102 5.43 22.15 20.47
C ILE E 102 4.14 21.71 21.17
N ALA E 103 3.78 20.43 21.03
CA ALA E 103 2.57 19.93 21.66
C ALA E 103 2.59 20.11 23.17
N ILE E 104 3.77 20.06 23.77
CA ILE E 104 3.89 20.26 25.20
C ILE E 104 3.89 21.76 25.53
N VAL E 105 4.40 22.60 24.63
CA VAL E 105 4.32 24.04 24.83
C VAL E 105 2.87 24.51 24.75
N PHE E 106 2.11 23.98 23.80
CA PHE E 106 0.74 24.43 23.61
C PHE E 106 -0.21 23.80 24.63
N SER E 107 0.12 22.62 25.14
CA SER E 107 -0.72 22.01 26.17
C SER E 107 -0.71 22.84 27.46
N SER E 108 0.34 23.63 27.67
CA SER E 108 0.36 24.53 28.82
C SER E 108 -0.74 25.57 28.75
N LYS E 109 -1.16 25.93 27.53
CA LYS E 109 -2.13 27.01 27.36
C LYS E 109 -3.58 26.55 27.47
N LEU E 110 -3.84 25.25 27.40
CA LEU E 110 -5.21 24.76 27.53
C LEU E 110 -5.65 24.88 28.98
N THR E 111 -6.59 25.78 29.24
CA THR E 111 -7.18 25.98 30.56
C THR E 111 -8.69 26.03 30.42
N VAL E 112 -9.36 26.17 31.56
CA VAL E 112 -10.82 26.27 31.61
C VAL E 112 -11.20 27.74 31.61
N ALA E 113 -12.24 28.07 30.85
CA ALA E 113 -12.74 29.43 30.73
C ALA E 113 -14.23 29.45 31.04
N THR E 114 -14.69 30.58 31.57
CA THR E 114 -16.07 30.70 31.98
C THR E 114 -17.00 30.65 30.77
N ALA E 115 -18.31 30.65 31.05
CA ALA E 115 -19.30 30.59 29.99
C ALA E 115 -19.57 31.95 29.36
N GLU E 116 -19.34 33.03 30.11
CA GLU E 116 -19.58 34.38 29.58
C GLU E 116 -18.36 34.90 28.82
N ASN E 117 -17.16 34.64 29.33
CA ASN E 117 -15.92 35.08 28.71
C ASN E 117 -15.33 34.01 27.79
N MET E 118 -16.16 33.13 27.24
CA MET E 118 -15.66 32.11 26.33
C MET E 118 -15.40 32.69 24.95
N TYR E 119 -16.42 33.28 24.34
CA TYR E 119 -16.32 33.78 22.97
C TYR E 119 -15.94 35.26 22.96
N SER E 120 -14.81 35.54 23.60
CA SER E 120 -14.24 36.87 23.64
C SER E 120 -13.01 36.96 22.74
N LYS E 121 -12.47 38.17 22.63
CA LYS E 121 -11.40 38.44 21.67
C LYS E 121 -10.15 37.61 21.98
N SER E 122 -9.73 37.57 23.23
CA SER E 122 -8.47 36.92 23.58
C SER E 122 -8.54 35.41 23.52
N ASN E 123 -9.74 34.82 23.47
CA ASN E 123 -9.89 33.37 23.41
C ASN E 123 -10.12 32.84 22.01
N LEU E 124 -10.60 33.68 21.09
CA LEU E 124 -10.74 33.28 19.69
C LEU E 124 -9.42 33.39 18.95
N TYR E 125 -8.64 34.43 19.26
CA TYR E 125 -7.29 34.53 18.73
C TYR E 125 -6.46 33.30 19.07
N THR E 126 -6.50 32.89 20.34
CA THR E 126 -5.68 31.77 20.81
C THR E 126 -5.99 30.50 20.02
N GLY E 127 -7.26 30.15 19.91
CA GLY E 127 -7.63 28.93 19.19
C GLY E 127 -7.21 28.98 17.73
N TYR E 128 -7.42 30.12 17.08
CA TYR E 128 -7.10 30.25 15.68
C TYR E 128 -5.59 30.25 15.43
N SER E 129 -4.81 30.65 16.43
CA SER E 129 -3.36 30.66 16.29
C SER E 129 -2.77 29.28 16.56
N LEU E 130 -3.20 28.65 17.65
CA LEU E 130 -2.77 27.29 17.95
C LEU E 130 -3.16 26.28 16.88
N PHE E 131 -4.13 26.61 16.03
CA PHE E 131 -4.54 25.73 14.94
C PHE E 131 -3.58 25.82 13.76
N TRP E 132 -3.43 27.01 13.18
CA TRP E 132 -2.53 27.20 12.06
C TRP E 132 -1.06 27.15 12.46
N ALA E 133 -0.75 27.04 13.75
CA ALA E 133 0.60 26.70 14.17
C ALA E 133 0.83 25.19 14.13
N GLY E 134 -0.24 24.42 14.32
CA GLY E 134 -0.12 22.97 14.24
C GLY E 134 -0.10 22.46 12.81
N ILE E 135 -0.74 23.18 11.90
CA ILE E 135 -0.73 22.79 10.50
C ILE E 135 0.63 23.11 9.88
N THR E 136 1.18 24.28 10.20
CA THR E 136 2.46 24.69 9.63
C THR E 136 3.59 23.79 10.11
N VAL E 137 3.65 23.53 11.41
CA VAL E 137 4.74 22.72 11.95
C VAL E 137 4.56 21.24 11.62
N GLY E 138 3.33 20.81 11.33
CA GLY E 138 3.06 19.43 11.02
C GLY E 138 3.16 19.12 9.54
N ALA E 139 3.08 20.15 8.69
CA ALA E 139 3.24 19.98 7.26
C ALA E 139 4.69 20.20 6.82
N SER E 140 5.38 21.16 7.42
CA SER E 140 6.79 21.36 7.12
C SER E 140 7.60 20.12 7.50
N ASN E 141 7.47 19.67 8.75
CA ASN E 141 8.18 18.47 9.18
C ASN E 141 7.69 17.21 8.49
N LEU E 142 6.46 17.20 7.97
CA LEU E 142 6.01 16.06 7.18
C LEU E 142 6.79 15.93 5.89
N ILE E 143 7.25 17.04 5.34
CA ILE E 143 7.95 17.05 4.05
C ILE E 143 9.45 16.93 4.23
N CYS E 144 9.99 17.59 5.26
CA CYS E 144 11.39 17.39 5.64
C CYS E 144 11.68 15.92 5.90
N GLY E 145 10.70 15.19 6.44
CA GLY E 145 10.88 13.78 6.70
C GLY E 145 10.92 12.92 5.45
N ILE E 146 10.57 13.49 4.30
CA ILE E 146 10.56 12.74 3.05
C ILE E 146 11.77 13.11 2.18
N ALA E 147 12.14 14.39 2.16
CA ALA E 147 13.30 14.81 1.39
C ALA E 147 14.62 14.40 2.03
N VAL E 148 14.60 14.00 3.29
CA VAL E 148 15.79 13.46 3.94
C VAL E 148 15.92 11.98 3.68
N GLY E 149 14.80 11.26 3.64
CA GLY E 149 14.83 9.83 3.39
C GLY E 149 15.30 9.53 1.98
N ILE E 150 14.72 10.23 1.01
CA ILE E 150 15.15 10.11 -0.39
C ILE E 150 16.64 10.37 -0.50
N THR E 151 17.09 11.51 0.03
CA THR E 151 18.50 11.84 0.00
C THR E 151 19.33 10.88 0.84
N GLY E 152 18.72 10.16 1.77
CA GLY E 152 19.46 9.24 2.62
C GLY E 152 19.71 7.87 2.01
N ALA E 153 18.99 7.53 0.94
CA ALA E 153 19.21 6.26 0.26
C ALA E 153 20.24 6.38 -0.85
N THR E 154 20.45 7.57 -1.39
CA THR E 154 21.51 7.76 -2.38
C THR E 154 22.88 7.68 -1.74
N ALA E 155 23.03 8.26 -0.54
CA ALA E 155 24.30 8.16 0.17
C ALA E 155 24.55 6.76 0.70
N ALA E 156 23.48 6.06 1.11
CA ALA E 156 23.61 4.68 1.52
C ALA E 156 24.07 3.77 0.38
N ILE E 157 23.89 4.19 -0.87
CA ILE E 157 24.38 3.43 -2.01
C ILE E 157 25.82 3.85 -2.34
N SER E 158 26.04 5.15 -2.55
CA SER E 158 27.36 5.63 -2.95
C SER E 158 28.43 5.28 -1.94
N ASP E 159 28.07 5.21 -0.66
CA ASP E 159 29.00 4.72 0.36
C ASP E 159 29.42 3.28 0.07
N ALA E 160 28.50 2.49 -0.50
CA ALA E 160 28.81 1.09 -0.78
C ALA E 160 29.74 0.96 -1.97
N ALA E 161 29.67 1.90 -2.92
CA ALA E 161 30.56 1.85 -4.08
C ALA E 161 31.96 2.34 -3.71
N ASP E 162 32.05 3.60 -3.28
CA ASP E 162 33.31 4.17 -2.80
C ASP E 162 32.98 5.14 -1.66
N SER E 163 33.67 4.96 -0.54
CA SER E 163 33.36 5.73 0.67
C SER E 163 33.59 7.23 0.51
N ALA E 164 34.34 7.65 -0.51
CA ALA E 164 34.65 9.07 -0.68
C ALA E 164 33.42 9.92 -1.00
N LEU E 165 32.30 9.29 -1.37
CA LEU E 165 31.13 10.03 -1.81
C LEU E 165 30.19 10.42 -0.67
N PHE E 166 30.32 9.80 0.50
CA PHE E 166 29.35 9.98 1.57
C PHE E 166 29.30 11.43 2.05
N VAL E 167 30.41 11.94 2.60
CA VAL E 167 30.41 13.24 3.25
C VAL E 167 30.03 14.35 2.27
N LYS E 168 30.31 14.14 0.98
CA LYS E 168 29.96 15.15 -0.02
C LYS E 168 28.45 15.26 -0.22
N ILE E 169 27.68 14.27 0.23
CA ILE E 169 26.23 14.26 0.02
C ILE E 169 25.46 14.78 1.23
N LEU E 170 26.03 14.71 2.43
CA LEU E 170 25.35 15.23 3.61
C LEU E 170 25.12 16.73 3.53
N VAL E 171 25.91 17.45 2.71
CA VAL E 171 25.64 18.86 2.48
C VAL E 171 24.28 19.06 1.85
N ILE E 172 23.76 18.05 1.16
CA ILE E 172 22.39 18.09 0.64
C ILE E 172 21.42 17.73 1.76
N GLU E 173 21.70 16.65 2.48
CA GLU E 173 20.81 16.17 3.53
C GLU E 173 20.78 17.09 4.74
N ILE E 174 21.81 17.92 4.93
CA ILE E 174 21.79 18.89 6.00
C ILE E 174 20.98 20.11 5.60
N PHE E 175 21.01 20.48 4.32
CA PHE E 175 20.11 21.52 3.82
C PHE E 175 18.67 21.02 3.70
N GLY E 176 18.44 19.71 3.84
CA GLY E 176 17.10 19.17 3.90
C GLY E 176 16.50 19.27 5.29
N SER E 177 17.36 19.27 6.32
CA SER E 177 16.89 19.32 7.69
C SER E 177 16.65 20.74 8.19
N ILE E 178 17.19 21.75 7.49
CA ILE E 178 16.90 23.14 7.86
C ILE E 178 15.41 23.40 7.80
N LEU E 179 14.72 22.81 6.82
CA LEU E 179 13.32 23.12 6.57
C LEU E 179 12.45 22.78 7.78
N GLY E 180 12.76 21.66 8.45
CA GLY E 180 12.03 21.30 9.65
C GLY E 180 12.30 22.23 10.82
N LEU E 181 13.41 22.98 10.77
CA LEU E 181 13.73 23.93 11.82
C LEU E 181 13.09 25.30 11.59
N LEU E 182 12.69 25.61 10.36
CA LEU E 182 12.14 26.91 10.05
C LEU E 182 10.66 27.00 10.39
N GLY E 183 9.93 25.89 10.30
CA GLY E 183 8.56 25.87 10.77
C GLY E 183 8.48 25.88 12.28
N LEU E 184 9.43 25.22 12.94
CA LEU E 184 9.51 25.25 14.39
C LEU E 184 9.63 26.68 14.92
N ILE E 185 10.35 27.53 14.19
CA ILE E 185 10.48 28.93 14.57
C ILE E 185 9.17 29.67 14.33
N VAL E 186 8.68 29.61 13.09
CA VAL E 186 7.51 30.41 12.71
C VAL E 186 6.28 29.95 13.48
N GLY E 187 6.22 28.68 13.84
CA GLY E 187 5.11 28.20 14.63
C GLY E 187 5.04 28.84 16.00
N LEU E 188 6.17 29.29 16.53
CA LEU E 188 6.20 29.88 17.86
C LEU E 188 5.88 31.36 17.82
N LEU E 189 6.30 32.06 16.77
CA LEU E 189 6.04 33.49 16.67
C LEU E 189 4.54 33.77 16.62
N MET E 190 3.78 32.89 15.96
CA MET E 190 2.33 32.92 16.09
C MET E 190 1.91 32.88 17.55
N ALA E 191 2.28 31.80 18.24
CA ALA E 191 1.85 31.53 19.60
C ALA E 191 2.76 32.17 20.64
N GLY E 192 3.61 33.11 20.25
CA GLY E 192 4.37 33.85 21.25
C GLY E 192 3.53 34.89 21.96
N LYS E 193 2.50 35.40 21.28
CA LYS E 193 1.62 36.42 21.84
C LYS E 193 0.36 35.84 22.45
N ALA E 194 -0.11 34.70 21.96
CA ALA E 194 -1.37 34.14 22.44
C ALA E 194 -1.26 33.76 23.90
N SER E 195 -2.24 34.21 24.68
CA SER E 195 -2.31 33.93 26.11
C SER E 195 -3.35 32.85 26.36
N GLU E 196 -3.12 32.05 27.40
CA GLU E 196 -3.98 30.91 27.72
C GLU E 196 -5.42 31.32 27.94
N PHE E 197 -6.34 30.37 27.92
CA PHE E 197 -7.76 30.68 28.01
C PHE E 197 -8.09 31.21 29.39
N GLN E 198 -8.94 32.23 29.44
CA GLN E 198 -9.40 32.82 30.69
C GLN E 198 -10.84 32.42 30.97
N SER F 1 -18.73 46.60 18.47
CA SER F 1 -18.38 48.02 18.41
C SER F 1 -18.11 48.45 16.97
N ASN F 2 -16.99 47.97 16.42
CA ASN F 2 -16.58 48.32 15.07
C ASN F 2 -16.99 47.21 14.10
N ILE F 3 -17.45 47.61 12.92
CA ILE F 3 -17.88 46.66 11.90
C ILE F 3 -16.75 46.32 10.94
N TYR F 4 -15.81 47.24 10.74
CA TYR F 4 -14.64 46.97 9.92
C TYR F 4 -13.57 46.16 10.63
N ALA F 5 -13.81 45.76 11.89
CA ALA F 5 -12.86 44.93 12.64
C ALA F 5 -13.64 43.88 13.42
N PRO F 6 -14.13 42.84 12.76
CA PRO F 6 -14.72 41.72 13.49
C PRO F 6 -13.67 40.91 14.22
N LEU F 7 -14.14 39.95 15.02
CA LEU F 7 -13.26 39.13 15.83
C LEU F 7 -12.75 37.89 15.10
N TYR F 8 -13.36 37.50 13.99
CA TYR F 8 -12.92 36.35 13.21
C TYR F 8 -11.92 36.72 12.12
N ALA F 9 -11.30 37.89 12.21
CA ALA F 9 -10.37 38.36 11.20
C ALA F 9 -8.98 37.70 11.30
N PRO F 10 -8.43 37.46 12.49
CA PRO F 10 -7.12 36.78 12.55
C PRO F 10 -7.11 35.39 11.95
N PHE F 11 -8.27 34.76 11.75
CA PHE F 11 -8.31 33.44 11.10
C PHE F 11 -7.69 33.49 9.71
N PHE F 12 -7.80 34.64 9.03
CA PHE F 12 -7.22 34.81 7.70
C PHE F 12 -5.81 35.40 7.73
N GLY F 13 -5.34 35.85 8.90
CA GLY F 13 -3.99 36.37 9.01
C GLY F 13 -2.94 35.32 9.27
N PHE F 14 -3.35 34.15 9.79
CA PHE F 14 -2.45 33.03 9.97
C PHE F 14 -2.41 32.09 8.78
N ALA F 15 -3.48 32.05 7.98
CA ALA F 15 -3.48 31.26 6.77
C ALA F 15 -2.56 31.82 5.70
N GLY F 16 -2.00 33.02 5.91
CA GLY F 16 -0.97 33.55 5.05
C GLY F 16 0.39 33.25 5.61
N CYS F 17 0.48 33.26 6.95
CA CYS F 17 1.70 32.83 7.63
C CYS F 17 1.87 31.32 7.59
N ALA F 18 0.83 30.57 7.25
CA ALA F 18 0.89 29.11 7.13
C ALA F 18 1.06 28.66 5.69
N ALA F 19 0.20 29.15 4.79
CA ALA F 19 0.32 28.80 3.38
C ALA F 19 1.62 29.30 2.75
N ALA F 20 2.31 30.23 3.39
CA ALA F 20 3.56 30.73 2.85
C ALA F 20 4.69 29.72 3.08
N MET F 21 4.84 29.26 4.32
CA MET F 21 5.92 28.33 4.66
C MET F 21 5.67 26.93 4.09
N VAL F 22 4.45 26.42 4.19
CA VAL F 22 4.18 25.04 3.78
C VAL F 22 4.39 24.86 2.29
N LEU F 23 3.96 25.84 1.49
CA LEU F 23 4.14 25.73 0.05
C LEU F 23 5.58 26.04 -0.36
N SER F 24 6.21 27.02 0.29
CA SER F 24 7.61 27.30 0.00
C SER F 24 8.50 26.13 0.42
N CYS F 25 8.26 25.57 1.61
CA CYS F 25 9.03 24.41 2.04
C CYS F 25 8.79 23.20 1.16
N LEU F 26 7.66 23.15 0.46
CA LEU F 26 7.43 22.10 -0.52
C LEU F 26 8.20 22.35 -1.80
N GLY F 27 8.52 23.61 -2.10
CA GLY F 27 9.32 23.93 -3.26
C GLY F 27 10.80 23.81 -2.97
N ALA F 28 11.18 24.05 -1.72
CA ALA F 28 12.57 23.90 -1.31
C ALA F 28 13.00 22.44 -1.23
N ALA F 29 12.05 21.50 -1.20
CA ALA F 29 12.36 20.09 -1.02
C ALA F 29 12.45 19.35 -2.35
N ILE F 30 11.50 19.61 -3.25
CA ILE F 30 11.50 18.94 -4.54
C ILE F 30 12.78 19.25 -5.31
N GLY F 31 13.21 20.51 -5.28
CA GLY F 31 14.44 20.88 -5.97
C GLY F 31 15.66 20.17 -5.40
N THR F 32 15.78 20.15 -4.07
CA THR F 32 16.91 19.46 -3.44
C THR F 32 16.84 17.96 -3.63
N ALA F 33 15.65 17.38 -3.66
CA ALA F 33 15.52 15.93 -3.71
C ALA F 33 15.92 15.40 -5.08
N LYS F 34 15.35 15.96 -6.16
CA LYS F 34 15.67 15.48 -7.49
C LYS F 34 17.11 15.82 -7.87
N SER F 35 17.58 17.01 -7.50
CA SER F 35 18.96 17.36 -7.75
C SER F 35 19.90 16.42 -7.00
N GLY F 36 19.58 16.11 -5.75
CA GLY F 36 20.36 15.15 -4.99
C GLY F 36 20.35 13.75 -5.58
N ILE F 37 19.35 13.44 -6.40
CA ILE F 37 19.30 12.15 -7.09
C ILE F 37 20.22 12.16 -8.31
N GLY F 38 20.29 13.29 -9.02
CA GLY F 38 21.13 13.37 -10.19
C GLY F 38 22.60 13.52 -9.88
N ILE F 39 22.93 14.05 -8.70
CA ILE F 39 24.33 14.22 -8.32
C ILE F 39 24.93 12.90 -7.89
N ALA F 40 24.27 12.18 -6.98
CA ALA F 40 24.74 10.86 -6.60
C ALA F 40 24.60 9.85 -7.73
N GLY F 41 23.80 10.15 -8.76
CA GLY F 41 23.70 9.27 -9.90
C GLY F 41 25.00 9.20 -10.69
N ILE F 42 25.77 10.29 -10.68
CA ILE F 42 27.08 10.33 -11.32
C ILE F 42 28.23 10.07 -10.35
N GLY F 43 27.98 10.10 -9.04
CA GLY F 43 29.04 9.99 -8.07
C GLY F 43 29.81 8.68 -8.13
N THR F 44 29.25 7.66 -8.75
CA THR F 44 29.95 6.41 -8.99
C THR F 44 30.77 6.43 -10.27
N PHE F 45 30.54 7.40 -11.16
CA PHE F 45 31.29 7.55 -12.40
C PHE F 45 32.37 8.61 -12.28
N LYS F 46 32.00 9.85 -11.95
CA LYS F 46 32.89 11.00 -11.97
C LYS F 46 32.75 11.76 -10.65
N PRO F 47 33.50 11.36 -9.62
CA PRO F 47 33.40 12.07 -8.33
C PRO F 47 33.85 13.53 -8.38
N GLU F 48 34.51 13.98 -9.44
CA GLU F 48 35.09 15.32 -9.46
C GLU F 48 34.02 16.40 -9.59
N LEU F 49 32.98 16.14 -10.37
CA LEU F 49 32.03 17.17 -10.79
C LEU F 49 30.88 17.35 -9.81
N ILE F 50 31.06 16.97 -8.55
CA ILE F 50 30.00 17.03 -7.56
C ILE F 50 29.98 18.38 -6.86
N MET F 51 31.11 18.73 -6.22
CA MET F 51 31.17 19.97 -5.44
C MET F 51 30.93 21.20 -6.29
N LYS F 52 31.15 21.12 -7.60
CA LYS F 52 30.82 22.19 -8.51
C LYS F 52 29.34 22.21 -8.88
N SER F 53 28.58 21.17 -8.53
CA SER F 53 27.18 21.04 -8.90
C SER F 53 26.27 20.96 -7.68
N LEU F 54 26.67 21.60 -6.57
CA LEU F 54 25.77 21.89 -5.46
C LEU F 54 25.16 23.29 -5.57
N ILE F 55 25.07 23.81 -6.79
CA ILE F 55 24.41 25.07 -7.08
C ILE F 55 22.88 24.95 -7.08
N PRO F 56 22.29 23.85 -7.58
CA PRO F 56 20.82 23.76 -7.53
C PRO F 56 20.25 23.75 -6.13
N VAL F 57 20.85 22.98 -5.20
CA VAL F 57 20.26 22.78 -3.89
C VAL F 57 20.17 24.09 -3.12
N VAL F 58 21.15 24.97 -3.27
CA VAL F 58 21.08 26.25 -2.55
C VAL F 58 20.04 27.17 -3.20
N MET F 59 19.93 27.14 -4.53
CA MET F 59 18.86 27.86 -5.20
C MET F 59 17.50 27.38 -4.73
N SER F 60 17.39 26.12 -4.34
CA SER F 60 16.19 25.63 -3.67
C SER F 60 16.15 26.09 -2.23
N GLY F 61 17.30 26.00 -1.54
CA GLY F 61 17.36 26.44 -0.15
C GLY F 61 16.98 27.89 0.06
N ILE F 62 17.24 28.73 -0.95
CA ILE F 62 16.88 30.15 -0.85
C ILE F 62 15.37 30.33 -0.83
N LEU F 63 14.61 29.36 -1.34
CA LEU F 63 13.17 29.53 -1.44
C LEU F 63 12.53 29.56 -0.06
N ALA F 64 13.05 28.77 0.88
CA ALA F 64 12.55 28.83 2.25
C ALA F 64 12.77 30.20 2.86
N ILE F 65 13.82 30.89 2.44
CA ILE F 65 14.07 32.24 2.96
C ILE F 65 13.02 33.21 2.45
N TYR F 66 12.49 32.98 1.25
CA TYR F 66 11.46 33.87 0.72
C TYR F 66 10.20 33.79 1.56
N GLY F 67 9.75 32.58 1.87
CA GLY F 67 8.54 32.42 2.67
C GLY F 67 8.76 32.74 4.13
N LEU F 68 10.00 32.62 4.61
CA LEU F 68 10.31 32.93 5.99
C LEU F 68 10.27 34.44 6.25
N VAL F 69 10.72 35.23 5.26
CA VAL F 69 10.71 36.68 5.43
C VAL F 69 9.29 37.21 5.49
N VAL F 70 8.41 36.67 4.65
CA VAL F 70 7.03 37.14 4.60
C VAL F 70 6.33 36.88 5.93
N ALA F 71 6.35 35.61 6.37
CA ALA F 71 5.64 35.22 7.58
C ALA F 71 6.09 36.03 8.80
N VAL F 72 7.40 36.28 8.91
CA VAL F 72 7.90 36.98 10.09
C VAL F 72 7.37 38.41 10.14
N LEU F 73 7.18 39.03 8.98
CA LEU F 73 6.56 40.36 8.96
C LEU F 73 5.10 40.29 9.37
N ILE F 74 4.42 39.20 9.02
CA ILE F 74 3.00 39.07 9.33
C ILE F 74 2.81 38.91 10.84
N ALA F 75 3.64 38.06 11.46
CA ALA F 75 3.54 37.86 12.90
C ALA F 75 3.91 39.11 13.68
N GLY F 76 4.64 40.04 13.07
CA GLY F 76 4.88 41.34 13.66
C GLY F 76 3.74 42.32 13.53
N ASN F 77 2.59 41.88 12.99
CA ASN F 77 1.42 42.73 12.83
C ASN F 77 0.15 42.01 13.28
N LEU F 78 0.27 41.13 14.28
CA LEU F 78 -0.86 40.46 14.89
C LEU F 78 -0.76 40.58 16.40
N SER F 79 -1.91 40.72 17.05
CA SER F 79 -1.96 40.86 18.50
C SER F 79 -3.40 40.73 18.98
N PRO F 80 -3.65 40.17 20.17
CA PRO F 80 -5.03 40.09 20.67
C PRO F 80 -5.57 41.40 21.23
N THR F 81 -4.76 42.46 21.24
CA THR F 81 -5.19 43.80 21.64
C THR F 81 -5.29 44.77 20.48
N GLU F 82 -4.70 44.46 19.32
CA GLU F 82 -4.79 45.32 18.16
C GLU F 82 -6.18 45.22 17.52
N ASP F 83 -6.59 46.30 16.87
CA ASP F 83 -7.78 46.28 16.03
C ASP F 83 -7.35 45.80 14.65
N TYR F 84 -7.68 44.55 14.33
CA TYR F 84 -7.21 43.86 13.14
C TYR F 84 -8.35 43.80 12.15
N THR F 85 -8.27 44.62 11.10
CA THR F 85 -9.34 44.75 10.14
C THR F 85 -9.56 43.44 9.38
N LEU F 86 -10.64 43.42 8.60
CA LEU F 86 -10.91 42.30 7.71
C LEU F 86 -10.29 42.52 6.34
N PHE F 87 -10.07 43.77 5.95
CA PHE F 87 -9.25 44.07 4.79
C PHE F 87 -7.85 43.47 4.95
N ASN F 88 -7.20 43.75 6.08
CA ASN F 88 -5.85 43.28 6.32
C ASN F 88 -5.79 41.75 6.36
N GLY F 89 -6.87 41.10 6.77
CA GLY F 89 -6.86 39.65 6.84
C GLY F 89 -6.82 38.99 5.48
N PHE F 90 -7.41 39.64 4.49
CA PHE F 90 -7.44 39.08 3.14
C PHE F 90 -6.15 39.39 2.39
N MET F 91 -5.51 40.51 2.70
CA MET F 91 -4.23 40.82 2.08
C MET F 91 -3.16 39.84 2.54
N HIS F 92 -3.08 39.60 3.85
CA HIS F 92 -2.15 38.61 4.39
C HIS F 92 -2.39 37.23 3.78
N LEU F 93 -3.65 36.88 3.52
CA LEU F 93 -3.93 35.63 2.84
C LEU F 93 -3.27 35.59 1.47
N SER F 94 -3.42 36.65 0.68
CA SER F 94 -2.80 36.68 -0.64
C SER F 94 -1.30 36.89 -0.56
N CYS F 95 -0.79 37.47 0.54
CA CYS F 95 0.65 37.54 0.74
C CYS F 95 1.27 36.15 0.75
N GLY F 96 0.57 35.18 1.34
CA GLY F 96 1.11 33.84 1.50
C GLY F 96 0.79 32.90 0.36
N LEU F 97 -0.12 33.28 -0.53
CA LEU F 97 -0.46 32.46 -1.69
C LEU F 97 0.32 32.88 -2.92
N CYS F 98 0.61 34.18 -3.07
CA CYS F 98 1.48 34.61 -4.15
C CYS F 98 2.84 33.96 -4.06
N VAL F 99 3.52 34.12 -2.92
CA VAL F 99 4.82 33.51 -2.71
C VAL F 99 4.73 32.00 -2.68
N GLY F 100 3.58 31.46 -2.27
CA GLY F 100 3.42 30.02 -2.17
C GLY F 100 3.53 29.30 -3.48
N PHE F 101 2.59 29.54 -4.38
CA PHE F 101 2.55 28.85 -5.66
C PHE F 101 3.62 29.33 -6.64
N ALA F 102 4.36 30.38 -6.30
CA ALA F 102 5.48 30.82 -7.14
C ALA F 102 6.78 30.18 -6.71
N CYS F 103 7.07 30.19 -5.41
CA CYS F 103 8.21 29.45 -4.90
C CYS F 103 8.04 27.94 -5.03
N LEU F 104 6.81 27.48 -5.25
CA LEU F 104 6.57 26.07 -5.55
C LEU F 104 6.85 25.77 -7.02
N SER F 105 6.49 26.69 -7.91
CA SER F 105 6.79 26.51 -9.33
C SER F 105 8.28 26.51 -9.58
N SER F 106 8.99 27.48 -9.01
CA SER F 106 10.45 27.53 -9.09
C SER F 106 11.06 26.22 -8.62
N GLY F 107 10.55 25.68 -7.52
CA GLY F 107 11.05 24.42 -7.01
C GLY F 107 10.78 23.23 -7.90
N TYR F 108 9.85 23.37 -8.86
CA TYR F 108 9.56 22.28 -9.78
C TYR F 108 10.48 22.31 -10.99
N ALA F 109 10.76 23.50 -11.52
CA ALA F 109 11.62 23.62 -12.68
C ALA F 109 13.05 23.24 -12.35
N ILE F 110 13.57 23.76 -11.23
CA ILE F 110 14.93 23.47 -10.80
C ILE F 110 15.16 21.99 -10.57
N GLY F 111 14.11 21.21 -10.31
CA GLY F 111 14.25 19.79 -10.12
C GLY F 111 14.27 19.01 -11.43
N MET F 112 13.62 19.54 -12.45
CA MET F 112 13.64 18.92 -13.77
C MET F 112 14.85 19.33 -14.59
N VAL F 113 15.50 20.43 -14.23
CA VAL F 113 16.69 20.90 -14.95
C VAL F 113 17.96 20.34 -14.34
N GLY F 114 18.16 20.54 -13.04
CA GLY F 114 19.34 20.02 -12.37
C GLY F 114 19.48 18.52 -12.42
N ASP F 115 18.39 17.80 -12.69
CA ASP F 115 18.47 16.35 -12.84
C ASP F 115 19.13 15.97 -14.17
N VAL F 116 18.66 16.56 -15.26
CA VAL F 116 19.25 16.27 -16.57
C VAL F 116 20.56 17.03 -16.75
N GLY F 117 20.62 18.27 -16.26
CA GLY F 117 21.77 19.12 -16.52
C GLY F 117 23.06 18.57 -15.92
N VAL F 118 22.94 17.84 -14.82
CA VAL F 118 24.13 17.25 -14.19
C VAL F 118 24.49 15.95 -14.87
N ARG F 119 23.49 15.10 -15.15
CA ARG F 119 23.75 13.79 -15.73
C ARG F 119 24.33 13.88 -17.14
N LYS F 120 24.20 15.04 -17.79
CA LYS F 120 24.83 15.29 -19.09
C LYS F 120 25.99 16.27 -18.98
N TYR F 121 26.51 16.47 -17.76
CA TYR F 121 27.68 17.30 -17.52
C TYR F 121 28.95 16.47 -17.38
N MET F 122 28.81 15.17 -17.08
CA MET F 122 29.94 14.25 -17.15
C MET F 122 30.42 14.03 -18.58
N HIS F 123 29.66 14.46 -19.59
CA HIS F 123 30.01 14.26 -20.99
C HIS F 123 30.64 15.50 -21.61
N GLN F 124 30.20 16.69 -21.20
CA GLN F 124 30.63 17.95 -21.80
C GLN F 124 30.82 19.00 -20.72
N PRO F 125 32.06 19.37 -20.35
CA PRO F 125 32.23 20.39 -19.32
C PRO F 125 32.10 21.83 -19.79
N ARG F 126 31.87 22.08 -21.08
CA ARG F 126 31.54 23.43 -21.54
C ARG F 126 30.07 23.77 -21.33
N LEU F 127 29.26 22.84 -20.82
CA LEU F 127 27.83 22.99 -20.70
C LEU F 127 27.41 23.72 -19.44
N PHE F 128 28.35 23.98 -18.51
CA PHE F 128 27.99 24.49 -17.19
C PHE F 128 27.26 25.84 -17.27
N VAL F 129 27.74 26.72 -18.15
CA VAL F 129 27.23 28.09 -18.18
C VAL F 129 25.75 28.11 -18.56
N GLY F 130 25.37 27.28 -19.53
CA GLY F 130 23.97 27.22 -19.92
C GLY F 130 23.09 26.69 -18.83
N ILE F 131 23.60 25.73 -18.04
CA ILE F 131 22.81 25.18 -16.94
C ILE F 131 22.54 26.24 -15.89
N VAL F 132 23.54 27.04 -15.55
CA VAL F 132 23.34 28.06 -14.53
C VAL F 132 22.46 29.17 -15.07
N LEU F 133 22.60 29.51 -16.36
CA LEU F 133 21.82 30.60 -16.92
C LEU F 133 20.33 30.27 -16.92
N ILE F 134 19.97 29.01 -17.07
CA ILE F 134 18.55 28.63 -17.11
C ILE F 134 17.96 28.65 -15.72
N LEU F 135 18.73 28.22 -14.72
CA LEU F 135 18.21 28.21 -13.35
C LEU F 135 17.97 29.61 -12.82
N ILE F 136 18.66 30.61 -13.37
CA ILE F 136 18.38 31.99 -12.98
C ILE F 136 16.97 32.38 -13.38
N PHE F 137 16.54 31.99 -14.58
CA PHE F 137 15.19 32.30 -15.02
C PHE F 137 14.14 31.51 -14.26
N SER F 138 14.53 30.43 -13.58
CA SER F 138 13.62 29.64 -12.77
C SER F 138 13.57 30.07 -11.31
N GLU F 139 14.46 30.96 -10.88
CA GLU F 139 14.45 31.50 -9.52
C GLU F 139 13.71 32.82 -9.42
N VAL F 140 13.82 33.67 -10.44
CA VAL F 140 13.17 34.98 -10.42
C VAL F 140 11.66 34.86 -10.25
N LEU F 141 11.07 33.75 -10.68
CA LEU F 141 9.65 33.52 -10.42
C LEU F 141 9.39 33.47 -8.93
N GLY F 142 10.33 32.96 -8.14
CA GLY F 142 10.21 33.01 -6.70
C GLY F 142 10.41 34.41 -6.16
N LEU F 143 11.24 35.21 -6.84
CA LEU F 143 11.43 36.59 -6.43
C LEU F 143 10.15 37.40 -6.67
N TYR F 144 9.57 37.27 -7.86
CA TYR F 144 8.39 38.04 -8.23
C TYR F 144 7.21 37.80 -7.28
N GLY F 145 7.22 36.69 -6.54
CA GLY F 145 6.14 36.45 -5.59
C GLY F 145 6.27 37.26 -4.33
N MET F 146 7.49 37.50 -3.85
CA MET F 146 7.69 38.29 -2.64
C MET F 146 7.81 39.78 -2.92
N ILE F 147 8.14 40.18 -4.15
CA ILE F 147 8.03 41.59 -4.51
C ILE F 147 6.61 42.09 -4.27
N VAL F 148 5.62 41.23 -4.53
CA VAL F 148 4.23 41.61 -4.33
C VAL F 148 3.84 41.48 -2.87
N ALA F 149 4.33 40.45 -2.19
CA ALA F 149 3.93 40.19 -0.81
C ALA F 149 4.46 41.23 0.17
N LEU F 150 5.40 42.07 -0.25
CA LEU F 150 5.84 43.21 0.55
C LEU F 150 5.00 44.45 0.30
N ILE F 151 4.40 44.56 -0.88
CA ILE F 151 3.57 45.71 -1.21
C ILE F 151 2.18 45.54 -0.62
N LEU F 152 1.70 44.30 -0.55
CA LEU F 152 0.39 44.04 0.05
C LEU F 152 0.40 44.36 1.54
N ASN F 153 1.38 43.82 2.26
CA ASN F 153 1.45 44.02 3.70
C ASN F 153 1.61 45.50 4.06
N THR F 154 2.29 46.25 3.20
CA THR F 154 2.48 47.68 3.44
C THR F 154 1.15 48.40 3.48
N ARG F 155 0.19 47.98 2.67
CA ARG F 155 -1.06 48.72 2.49
C ARG F 155 -2.13 48.34 3.50
N GLY F 156 -2.17 47.07 3.94
CA GLY F 156 -3.13 46.67 4.95
C GLY F 156 -3.01 47.49 6.22
N SER F 157 -1.78 47.77 6.64
CA SER F 157 -1.56 48.68 7.75
C SER F 157 -1.82 50.12 7.31
N GLU F 158 -1.20 50.54 6.21
CA GLU F 158 -1.40 51.89 5.68
C GLU F 158 -0.76 52.01 4.30
N MET G 1 -20.25 48.88 4.95
CA MET G 1 -21.56 48.85 5.67
C MET G 1 -22.71 49.06 4.68
N THR G 2 -22.53 50.02 3.77
CA THR G 2 -23.53 50.32 2.76
C THR G 2 -23.78 49.09 1.90
N GLU G 3 -24.96 49.00 1.29
CA GLU G 3 -25.31 47.83 0.49
C GLU G 3 -24.39 47.66 -0.71
N LEU G 4 -23.94 48.77 -1.29
CA LEU G 4 -23.05 48.70 -2.46
C LEU G 4 -21.63 48.30 -2.06
N CYS G 5 -21.21 48.64 -0.84
CA CYS G 5 -19.81 48.49 -0.41
C CYS G 5 -19.74 47.78 0.94
N PRO G 6 -20.04 46.48 1.00
CA PRO G 6 -19.86 45.75 2.24
C PRO G 6 -18.39 45.67 2.63
N VAL G 7 -18.15 45.06 3.81
CA VAL G 7 -16.79 44.88 4.30
C VAL G 7 -16.10 43.66 3.71
N TYR G 8 -16.83 42.76 3.05
CA TYR G 8 -16.26 41.55 2.47
C TYR G 8 -15.99 41.67 0.98
N ALA G 9 -15.91 42.89 0.46
CA ALA G 9 -15.61 43.11 -0.95
C ALA G 9 -14.13 42.86 -1.29
N PRO G 10 -13.16 43.30 -0.47
CA PRO G 10 -11.75 43.05 -0.82
C PRO G 10 -11.34 41.58 -0.88
N PHE G 11 -12.22 40.63 -0.50
CA PHE G 11 -11.93 39.23 -0.75
C PHE G 11 -11.76 38.96 -2.24
N PHE G 12 -12.41 39.75 -3.08
CA PHE G 12 -12.33 39.56 -4.52
C PHE G 12 -11.13 40.26 -5.14
N GLY G 13 -10.81 41.45 -4.67
CA GLY G 13 -9.67 42.18 -5.21
C GLY G 13 -8.35 41.49 -4.90
N ALA G 14 -8.27 40.85 -3.72
CA ALA G 14 -7.04 40.16 -3.35
C ALA G 14 -6.85 38.89 -4.18
N ILE G 15 -7.91 38.10 -4.35
CA ILE G 15 -7.82 36.89 -5.15
C ILE G 15 -7.55 37.22 -6.60
N GLY G 16 -7.95 38.41 -7.05
CA GLY G 16 -7.57 38.86 -8.38
C GLY G 16 -6.12 39.27 -8.49
N CYS G 17 -5.44 39.45 -7.36
CA CYS G 17 -4.06 39.89 -7.36
C CYS G 17 -3.10 38.69 -7.39
N ALA G 18 -3.42 37.65 -6.64
CA ALA G 18 -2.59 36.45 -6.62
C ALA G 18 -2.84 35.58 -7.84
N SER G 19 -4.10 35.46 -8.27
CA SER G 19 -4.45 34.64 -9.42
C SER G 19 -3.74 35.08 -10.70
N ALA G 20 -3.20 36.30 -10.74
CA ALA G 20 -2.36 36.69 -11.86
C ALA G 20 -0.98 36.06 -11.75
N ILE G 21 -0.48 35.92 -10.52
CA ILE G 21 0.85 35.35 -10.32
C ILE G 21 0.80 33.83 -10.36
N ILE G 22 -0.18 33.25 -9.68
CA ILE G 22 -0.26 31.80 -9.49
C ILE G 22 -0.31 31.09 -10.83
N PHE G 23 -1.17 31.57 -11.73
CA PHE G 23 -1.41 30.88 -12.99
C PHE G 23 -0.45 31.30 -14.11
N THR G 24 0.48 32.21 -13.84
CA THR G 24 1.57 32.51 -14.76
C THR G 24 2.83 31.73 -14.42
N SER G 25 3.14 31.62 -13.12
CA SER G 25 4.28 30.83 -12.70
C SER G 25 4.15 29.37 -13.13
N LEU G 26 2.93 28.83 -13.07
CA LEU G 26 2.70 27.47 -13.56
C LEU G 26 2.89 27.38 -15.06
N GLY G 27 2.72 28.50 -15.77
CA GLY G 27 2.86 28.50 -17.22
C GLY G 27 4.25 28.85 -17.70
N ALA G 28 4.98 29.65 -16.91
CA ALA G 28 6.34 30.02 -17.27
C ALA G 28 7.38 29.05 -16.74
N ALA G 29 7.09 28.40 -15.62
CA ALA G 29 7.97 27.37 -15.09
C ALA G 29 7.86 26.09 -15.89
N TYR G 30 6.64 25.70 -16.26
CA TYR G 30 6.44 24.54 -17.11
C TYR G 30 7.13 24.72 -18.46
N GLY G 31 6.96 25.89 -19.08
CA GLY G 31 7.64 26.16 -20.32
C GLY G 31 9.14 26.21 -20.18
N THR G 32 9.63 26.71 -19.05
CA THR G 32 11.06 26.71 -18.78
C THR G 32 11.59 25.33 -18.44
N ALA G 33 10.72 24.40 -18.04
CA ALA G 33 11.17 23.08 -17.62
C ALA G 33 11.36 22.15 -18.80
N LYS G 34 10.39 22.09 -19.70
CA LYS G 34 10.48 21.17 -20.83
C LYS G 34 11.43 21.68 -21.91
N SER G 35 11.63 22.99 -21.97
CA SER G 35 12.68 23.53 -22.83
C SER G 35 14.05 23.38 -22.20
N GLY G 36 14.11 23.31 -20.87
CA GLY G 36 15.36 23.10 -20.18
C GLY G 36 15.92 21.70 -20.29
N VAL G 37 15.19 20.78 -20.91
CA VAL G 37 15.66 19.41 -21.14
C VAL G 37 16.14 19.23 -22.57
N GLY G 38 15.37 19.71 -23.54
CA GLY G 38 15.78 19.63 -24.93
C GLY G 38 17.09 20.35 -25.18
N ILE G 39 17.28 21.50 -24.54
CA ILE G 39 18.53 22.24 -24.67
C ILE G 39 19.71 21.40 -24.16
N CYS G 40 19.51 20.71 -23.04
CA CYS G 40 20.61 19.98 -22.42
C CYS G 40 20.91 18.68 -23.16
N ALA G 41 19.88 18.03 -23.70
CA ALA G 41 20.09 16.76 -24.39
C ALA G 41 20.79 16.96 -25.73
N THR G 42 20.47 18.04 -26.44
CA THR G 42 21.02 18.24 -27.77
C THR G 42 22.44 18.79 -27.72
N CYS G 43 22.69 19.72 -26.81
CA CYS G 43 23.98 20.42 -26.76
C CYS G 43 25.14 19.53 -26.35
N VAL G 44 24.93 18.27 -26.01
CA VAL G 44 26.04 17.35 -25.81
C VAL G 44 26.79 17.16 -27.13
N LEU G 45 26.07 16.81 -28.19
CA LEU G 45 26.70 16.68 -29.50
C LEU G 45 27.08 18.04 -30.07
N ARG G 46 26.32 19.08 -29.73
CA ARG G 46 26.46 20.40 -30.35
C ARG G 46 26.37 21.49 -29.28
N PRO G 47 27.39 21.62 -28.43
CA PRO G 47 27.38 22.68 -27.41
C PRO G 47 27.69 24.07 -27.96
N ASP G 48 27.79 24.22 -29.28
CA ASP G 48 27.92 25.52 -29.91
C ASP G 48 26.58 26.20 -30.16
N LEU G 49 25.47 25.47 -30.06
CA LEU G 49 24.12 26.01 -30.22
C LEU G 49 23.47 26.23 -28.87
N LEU G 50 24.26 26.65 -27.88
CA LEU G 50 23.79 26.79 -26.51
C LEU G 50 23.20 28.17 -26.25
N PHE G 51 23.98 29.22 -26.54
CA PHE G 51 23.51 30.59 -26.32
C PHE G 51 22.52 31.07 -27.37
N LYS G 52 22.11 30.21 -28.32
CA LYS G 52 21.15 30.56 -29.35
C LYS G 52 19.83 29.82 -29.24
N ASN G 53 19.80 28.69 -28.53
CA ASN G 53 18.58 27.93 -28.29
C ASN G 53 17.98 28.22 -26.91
N ILE G 54 18.23 29.41 -26.37
CA ILE G 54 17.67 29.85 -25.09
C ILE G 54 16.67 30.96 -25.40
N VAL G 55 16.05 30.89 -26.57
CA VAL G 55 14.89 31.71 -26.90
C VAL G 55 13.65 31.20 -26.20
N PRO G 56 13.38 29.89 -26.10
CA PRO G 56 12.16 29.45 -25.40
C PRO G 56 12.12 29.84 -23.93
N VAL G 57 13.25 29.74 -23.22
CA VAL G 57 13.27 30.09 -21.81
C VAL G 57 12.94 31.56 -21.61
N ILE G 58 13.30 32.40 -22.59
CA ILE G 58 12.97 33.82 -22.49
C ILE G 58 11.48 34.04 -22.69
N MET G 59 10.93 33.53 -23.80
CA MET G 59 9.52 33.73 -24.12
C MET G 59 8.59 33.18 -23.04
N ALA G 60 9.07 32.23 -22.23
CA ALA G 60 8.28 31.75 -21.10
C ALA G 60 8.37 32.71 -19.92
N GLY G 61 9.56 33.27 -19.68
CA GLY G 61 9.71 34.21 -18.59
C GLY G 61 8.92 35.49 -18.78
N ILE G 62 8.71 35.89 -20.04
CA ILE G 62 7.92 37.10 -20.33
C ILE G 62 6.48 36.92 -19.83
N ILE G 63 6.00 35.67 -19.72
CA ILE G 63 4.65 35.44 -19.24
C ILE G 63 4.50 35.94 -17.81
N ALA G 64 5.48 35.62 -16.96
CA ALA G 64 5.42 36.01 -15.56
C ALA G 64 5.37 37.52 -15.40
N ILE G 65 6.11 38.24 -16.25
CA ILE G 65 6.13 39.70 -16.15
C ILE G 65 4.74 40.27 -16.43
N TYR G 66 3.95 39.61 -17.27
CA TYR G 66 2.55 40.02 -17.44
C TYR G 66 1.78 39.81 -16.15
N GLY G 67 2.05 38.69 -15.45
CA GLY G 67 1.41 38.46 -14.18
C GLY G 67 1.85 39.43 -13.10
N LEU G 68 3.05 40.00 -13.23
CA LEU G 68 3.57 40.92 -12.24
C LEU G 68 3.07 42.35 -12.48
N VAL G 69 2.89 42.74 -13.73
CA VAL G 69 2.39 44.08 -14.05
C VAL G 69 1.01 44.28 -13.44
N VAL G 70 0.11 43.33 -13.66
CA VAL G 70 -1.29 43.51 -13.27
C VAL G 70 -1.42 43.58 -11.75
N SER G 71 -0.73 42.68 -11.05
CA SER G 71 -0.87 42.60 -9.60
C SER G 71 -0.42 43.90 -8.93
N VAL G 72 0.71 44.45 -9.37
CA VAL G 72 1.14 45.76 -8.89
C VAL G 72 0.12 46.82 -9.27
N LEU G 73 -0.57 46.64 -10.40
CA LEU G 73 -1.44 47.68 -10.94
C LEU G 73 -2.79 47.70 -10.23
N VAL G 74 -3.29 46.53 -9.82
CA VAL G 74 -4.55 46.48 -9.06
C VAL G 74 -4.30 46.76 -7.59
N CYS G 75 -3.11 46.43 -7.08
CA CYS G 75 -2.82 46.58 -5.66
C CYS G 75 -2.89 48.04 -5.21
N TYR G 76 -2.76 48.99 -6.14
CA TYR G 76 -2.94 50.40 -5.86
C TYR G 76 -4.40 50.83 -5.94
N SER G 77 -5.28 49.98 -6.43
CA SER G 77 -6.71 50.26 -6.52
C SER G 77 -7.51 49.65 -5.37
N LEU G 78 -6.85 49.04 -4.39
CA LEU G 78 -7.54 48.38 -3.29
C LEU G 78 -7.73 49.35 -2.14
N GLY G 79 -8.75 49.06 -1.33
CA GLY G 79 -9.10 49.91 -0.21
C GLY G 79 -9.95 49.22 0.82
N GLN G 80 -9.77 49.59 2.08
CA GLN G 80 -10.66 49.16 3.16
C GLN G 80 -12.13 49.37 2.79
N LYS G 81 -12.43 50.49 2.13
CA LYS G 81 -13.77 50.84 1.70
C LYS G 81 -13.80 50.85 0.18
N GLN G 82 -14.38 49.81 -0.41
CA GLN G 82 -14.55 49.76 -1.86
C GLN G 82 -15.81 48.97 -2.18
N ALA G 83 -16.29 49.13 -3.40
CA ALA G 83 -17.53 48.51 -3.86
C ALA G 83 -17.28 47.08 -4.34
N LEU G 84 -18.36 46.30 -4.37
CA LEU G 84 -18.30 44.98 -4.97
C LEU G 84 -17.91 45.07 -6.44
N TYR G 85 -18.44 46.08 -7.15
CA TYR G 85 -18.10 46.27 -8.55
C TYR G 85 -16.60 46.45 -8.73
N THR G 86 -15.96 47.15 -7.81
CA THR G 86 -14.51 47.33 -7.90
C THR G 86 -13.77 46.03 -7.59
N GLY G 87 -14.44 45.06 -6.97
CA GLY G 87 -13.83 43.80 -6.62
C GLY G 87 -14.06 42.71 -7.65
N PHE G 88 -15.27 42.67 -8.21
CA PHE G 88 -15.59 41.66 -9.20
C PHE G 88 -14.78 41.87 -10.47
N ILE G 89 -14.48 43.12 -10.81
CA ILE G 89 -13.71 43.40 -12.01
C ILE G 89 -12.26 42.96 -11.84
N GLN G 90 -11.67 43.25 -10.67
CA GLN G 90 -10.29 42.86 -10.41
C GLN G 90 -10.12 41.35 -10.44
N LEU G 91 -11.18 40.60 -10.16
CA LEU G 91 -11.12 39.15 -10.29
C LEU G 91 -11.02 38.74 -11.75
N GLY G 92 -11.81 39.37 -12.62
CA GLY G 92 -11.72 39.08 -14.04
C GLY G 92 -10.38 39.47 -14.64
N ALA G 93 -9.71 40.47 -14.05
CA ALA G 93 -8.40 40.87 -14.54
C ALA G 93 -7.36 39.78 -14.29
N GLY G 94 -7.40 39.16 -13.11
CA GLY G 94 -6.37 38.19 -12.78
C GLY G 94 -6.53 36.89 -13.52
N LEU G 95 -7.76 36.36 -13.56
CA LEU G 95 -8.02 35.10 -14.25
C LEU G 95 -7.65 35.18 -15.73
N SER G 96 -7.98 36.30 -16.38
CA SER G 96 -7.82 36.39 -17.83
C SER G 96 -6.35 36.27 -18.22
N VAL G 97 -5.50 37.15 -17.70
CA VAL G 97 -4.07 37.03 -17.95
C VAL G 97 -3.51 35.80 -17.26
N GLY G 98 -4.13 35.36 -16.18
CA GLY G 98 -3.65 34.20 -15.45
C GLY G 98 -3.73 32.91 -16.26
N LEU G 99 -4.94 32.56 -16.69
CA LEU G 99 -5.16 31.30 -17.37
C LEU G 99 -4.83 31.33 -18.85
N SER G 100 -4.55 32.51 -19.41
CA SER G 100 -4.05 32.59 -20.77
C SER G 100 -2.55 32.37 -20.83
N GLY G 101 -1.80 32.96 -19.91
CA GLY G 101 -0.39 32.66 -19.81
C GLY G 101 -0.12 31.22 -19.47
N LEU G 102 -1.04 30.57 -18.74
CA LEU G 102 -0.93 29.14 -18.49
C LEU G 102 -1.02 28.35 -19.78
N ALA G 103 -1.74 28.87 -20.78
CA ALA G 103 -1.80 28.22 -22.08
C ALA G 103 -0.44 28.21 -22.76
N ALA G 104 0.26 29.35 -22.70
CA ALA G 104 1.61 29.46 -23.26
C ALA G 104 2.54 28.37 -22.73
N GLY G 105 2.37 27.97 -21.48
CA GLY G 105 3.21 26.93 -20.93
C GLY G 105 3.01 25.60 -21.63
N PHE G 106 1.77 25.23 -21.90
CA PHE G 106 1.46 23.95 -22.54
C PHE G 106 1.63 23.98 -24.05
N ALA G 107 2.15 25.07 -24.60
CA ALA G 107 2.57 25.15 -25.99
C ALA G 107 4.07 25.36 -26.13
N ILE G 108 4.61 26.38 -25.48
CA ILE G 108 6.05 26.64 -25.50
C ILE G 108 6.83 25.47 -24.95
N GLY G 109 6.33 24.83 -23.89
CA GLY G 109 7.00 23.68 -23.35
C GLY G 109 6.93 22.48 -24.28
N ILE G 110 5.87 22.39 -25.08
CA ILE G 110 5.74 21.31 -26.04
C ILE G 110 6.63 21.57 -27.25
N VAL G 111 6.74 22.81 -27.67
CA VAL G 111 7.43 23.16 -28.92
C VAL G 111 8.92 23.38 -28.70
N GLY G 112 9.29 24.02 -27.60
CA GLY G 112 10.70 24.12 -27.25
C GLY G 112 11.38 22.77 -27.10
N ASP G 113 10.61 21.74 -26.75
CA ASP G 113 11.18 20.41 -26.59
C ASP G 113 11.49 19.76 -27.94
N ALA G 114 10.68 20.03 -28.95
CA ALA G 114 10.79 19.35 -30.24
C ALA G 114 11.61 20.15 -31.24
N GLY G 115 11.27 21.44 -31.41
CA GLY G 115 11.98 22.27 -32.36
C GLY G 115 13.47 22.39 -32.07
N VAL G 116 13.85 22.25 -30.79
CA VAL G 116 15.26 22.32 -30.43
C VAL G 116 15.97 21.00 -30.73
N ARG G 117 15.24 19.89 -30.71
CA ARG G 117 15.83 18.62 -31.10
C ARG G 117 16.02 18.52 -32.60
N GLY G 118 15.19 19.23 -33.38
CA GLY G 118 15.32 19.25 -34.82
C GLY G 118 16.30 20.32 -35.30
N SER G 119 16.42 21.41 -34.53
CA SER G 119 17.30 22.49 -34.94
C SER G 119 18.76 22.08 -34.85
N SER G 120 19.08 21.11 -34.00
CA SER G 120 20.44 20.57 -33.96
C SER G 120 20.85 19.98 -35.30
N GLN G 121 19.89 19.48 -36.07
CA GLN G 121 20.16 18.74 -37.31
C GLN G 121 20.05 19.64 -38.54
N GLN G 122 18.98 20.41 -38.64
CA GLN G 122 18.69 21.27 -39.78
C GLN G 122 18.71 22.72 -39.31
N PRO G 123 19.79 23.47 -39.52
CA PRO G 123 19.83 24.85 -38.99
C PRO G 123 18.84 25.79 -39.64
N ARG G 124 18.23 25.41 -40.77
CA ARG G 124 17.17 26.22 -41.36
C ARG G 124 15.88 26.16 -40.56
N LEU G 125 15.78 25.26 -39.58
CA LEU G 125 14.57 25.13 -38.78
C LEU G 125 14.44 26.21 -37.71
N PHE G 126 15.55 26.87 -37.35
CA PHE G 126 15.53 27.82 -36.25
C PHE G 126 14.63 29.03 -36.53
N VAL G 127 14.36 29.33 -37.80
CA VAL G 127 13.41 30.39 -38.14
C VAL G 127 11.97 29.89 -38.17
N GLY G 128 11.76 28.57 -38.19
CA GLY G 128 10.42 28.02 -38.15
C GLY G 128 9.91 27.88 -36.74
N MET G 129 10.78 27.40 -35.84
CA MET G 129 10.39 27.23 -34.44
C MET G 129 9.97 28.55 -33.81
N ILE G 130 10.58 29.67 -34.23
CA ILE G 130 10.37 30.93 -33.52
C ILE G 130 8.97 31.46 -33.78
N LEU G 131 8.51 31.40 -35.04
CA LEU G 131 7.18 31.91 -35.36
C LEU G 131 6.11 31.19 -34.56
N ILE G 132 6.26 29.87 -34.43
CA ILE G 132 5.35 29.11 -33.58
C ILE G 132 5.46 29.58 -32.14
N LEU G 133 6.67 29.90 -31.69
CA LEU G 133 6.86 30.44 -30.34
C LEU G 133 6.39 31.88 -30.21
N ILE G 134 5.98 32.53 -31.31
CA ILE G 134 5.39 33.86 -31.22
C ILE G 134 3.89 33.76 -31.06
N PHE G 135 3.23 32.95 -31.90
CA PHE G 135 1.79 32.78 -31.78
C PHE G 135 1.42 32.20 -30.42
N ALA G 136 2.26 31.30 -29.88
CA ALA G 136 2.06 30.83 -28.53
C ALA G 136 2.21 31.97 -27.52
N GLU G 137 3.04 32.97 -27.84
CA GLU G 137 3.26 34.09 -26.92
C GLU G 137 2.19 35.16 -27.07
N VAL G 138 1.63 35.32 -28.28
CA VAL G 138 0.57 36.29 -28.48
C VAL G 138 -0.65 35.97 -27.63
N LEU G 139 -0.88 34.68 -27.37
CA LEU G 139 -2.01 34.29 -26.53
C LEU G 139 -1.89 34.88 -25.12
N GLY G 140 -0.68 34.87 -24.58
CA GLY G 140 -0.45 35.52 -23.30
C GLY G 140 -0.62 37.03 -23.38
N LEU G 141 -0.44 37.61 -24.56
CA LEU G 141 -0.52 39.06 -24.71
C LEU G 141 -1.96 39.55 -24.82
N TYR G 142 -2.86 38.72 -25.37
CA TYR G 142 -4.25 39.14 -25.44
C TYR G 142 -4.90 39.16 -24.06
N GLY G 143 -4.46 38.28 -23.16
CA GLY G 143 -5.01 38.30 -21.81
C GLY G 143 -4.65 39.55 -21.06
N LEU G 144 -3.49 40.14 -21.37
CA LEU G 144 -3.11 41.39 -20.74
C LEU G 144 -4.05 42.52 -21.16
N ILE G 145 -4.34 42.61 -22.45
CA ILE G 145 -5.15 43.70 -22.99
C ILE G 145 -6.52 43.74 -22.33
N VAL G 146 -7.12 42.57 -22.08
CA VAL G 146 -8.43 42.54 -21.47
C VAL G 146 -8.36 43.08 -20.04
N ALA G 147 -7.29 42.75 -19.32
CA ALA G 147 -7.19 43.18 -17.93
C ALA G 147 -6.91 44.67 -17.82
N LEU G 148 -6.21 45.24 -18.79
CA LEU G 148 -5.90 46.66 -18.74
C LEU G 148 -7.11 47.53 -19.05
N LEU G 149 -8.06 46.99 -19.82
CA LEU G 149 -9.29 47.72 -20.09
C LEU G 149 -10.27 47.55 -18.92
N LEU G 150 -10.36 46.35 -18.36
CA LEU G 150 -11.11 46.14 -17.13
C LEU G 150 -10.66 47.10 -16.03
N ASN G 151 -9.35 47.17 -15.82
CA ASN G 151 -8.83 47.92 -14.68
C ASN G 151 -8.93 49.43 -14.88
N SER G 152 -9.19 49.90 -16.10
CA SER G 152 -9.50 51.30 -16.29
C SER G 152 -10.93 51.62 -15.89
N ARG G 153 -11.79 50.61 -15.83
CA ARG G 153 -13.19 50.79 -15.45
C ARG G 153 -13.45 50.52 -13.97
N ALA G 154 -12.49 49.91 -13.27
CA ALA G 154 -12.70 49.57 -11.86
C ALA G 154 -12.98 50.81 -11.01
N THR G 155 -12.22 51.88 -11.25
CA THR G 155 -12.41 53.15 -10.56
C THR G 155 -13.00 54.22 -11.48
N GLN G 156 -13.87 53.80 -12.40
CA GLN G 156 -14.53 54.72 -13.34
C GLN G 156 -16.02 54.71 -13.01
N ASP G 157 -16.50 55.84 -12.48
CA ASP G 157 -17.92 56.01 -12.15
C ASP G 157 -18.36 54.97 -11.11
N VAL G 158 -17.71 55.05 -9.95
CA VAL G 158 -17.97 54.14 -8.84
C VAL G 158 -18.17 54.96 -7.57
N VAL G 159 -19.13 54.54 -6.76
CA VAL G 159 -19.41 55.17 -5.47
C VAL G 159 -18.48 54.60 -4.41
N MET H 1 -29.74 46.05 -4.00
CA MET H 1 -30.45 47.36 -3.89
C MET H 1 -31.85 47.27 -4.49
N THR H 2 -31.95 47.44 -5.81
CA THR H 2 -33.22 47.33 -6.50
C THR H 2 -33.48 45.86 -6.87
N GLU H 3 -34.75 45.54 -7.16
CA GLU H 3 -35.11 44.18 -7.54
C GLU H 3 -34.44 43.80 -8.85
N LEU H 4 -34.67 44.56 -9.91
CA LEU H 4 -34.11 44.23 -11.21
C LEU H 4 -32.64 44.57 -11.30
N CYS H 5 -32.16 45.54 -10.50
CA CYS H 5 -30.77 45.98 -10.52
C CYS H 5 -30.15 45.78 -9.13
N PRO H 6 -29.84 44.55 -8.75
CA PRO H 6 -29.15 44.30 -7.47
C PRO H 6 -27.64 44.42 -7.64
N VAL H 7 -26.92 44.14 -6.55
CA VAL H 7 -25.49 44.37 -6.52
C VAL H 7 -24.69 43.21 -7.11
N TYR H 8 -25.24 42.01 -7.17
CA TYR H 8 -24.50 40.84 -7.64
C TYR H 8 -24.68 40.57 -9.13
N ALA H 9 -25.11 41.57 -9.90
CA ALA H 9 -25.27 41.40 -11.33
C ALA H 9 -23.95 41.46 -12.09
N PRO H 10 -23.07 42.44 -11.84
CA PRO H 10 -21.81 42.50 -12.61
C PRO H 10 -20.89 41.31 -12.41
N PHE H 11 -21.11 40.50 -11.36
CA PHE H 11 -20.29 39.32 -11.16
C PHE H 11 -20.41 38.35 -12.33
N PHE H 12 -21.54 38.37 -13.04
CA PHE H 12 -21.68 37.54 -14.23
C PHE H 12 -21.05 38.19 -15.46
N GLY H 13 -20.89 39.52 -15.44
CA GLY H 13 -20.26 40.18 -16.58
C GLY H 13 -18.76 39.93 -16.63
N ALA H 14 -18.10 39.99 -15.47
CA ALA H 14 -16.65 39.77 -15.43
C ALA H 14 -16.32 38.33 -15.84
N ILE H 15 -17.11 37.36 -15.38
CA ILE H 15 -16.87 35.97 -15.72
C ILE H 15 -17.12 35.73 -17.20
N GLY H 16 -18.07 36.45 -17.79
CA GLY H 16 -18.30 36.30 -19.22
C GLY H 16 -17.20 36.94 -20.04
N CYS H 17 -16.68 38.07 -19.59
CA CYS H 17 -15.58 38.72 -20.29
C CYS H 17 -14.31 37.90 -20.18
N ALA H 18 -14.09 37.23 -19.04
CA ALA H 18 -12.88 36.46 -18.84
C ALA H 18 -12.98 35.09 -19.49
N SER H 19 -14.15 34.45 -19.41
CA SER H 19 -14.31 33.10 -19.96
C SER H 19 -14.01 33.07 -21.46
N ALA H 20 -14.44 34.11 -22.19
CA ALA H 20 -14.33 34.12 -23.64
C ALA H 20 -12.88 33.99 -24.09
N ILE H 21 -11.97 34.75 -23.46
CA ILE H 21 -10.57 34.73 -23.86
C ILE H 21 -9.81 33.56 -23.25
N ILE H 22 -10.26 33.03 -22.11
CA ILE H 22 -9.56 31.92 -21.48
C ILE H 22 -9.71 30.64 -22.30
N PHE H 23 -10.96 30.23 -22.54
CA PHE H 23 -11.18 28.94 -23.18
C PHE H 23 -10.68 28.93 -24.61
N THR H 24 -10.80 30.07 -25.32
CA THR H 24 -10.20 30.17 -26.64
C THR H 24 -8.69 30.03 -26.57
N SER H 25 -8.04 30.79 -25.68
CA SER H 25 -6.59 30.77 -25.61
C SER H 25 -6.05 29.41 -25.19
N LEU H 26 -6.87 28.62 -24.50
CA LEU H 26 -6.50 27.22 -24.28
C LEU H 26 -6.60 26.42 -25.56
N GLY H 27 -7.64 26.68 -26.36
CA GLY H 27 -7.80 25.96 -27.61
C GLY H 27 -6.68 26.26 -28.58
N ALA H 28 -6.24 27.52 -28.64
CA ALA H 28 -5.15 27.89 -29.53
C ALA H 28 -3.83 27.26 -29.12
N ALA H 29 -3.67 26.89 -27.85
CA ALA H 29 -2.45 26.24 -27.41
C ALA H 29 -2.40 24.80 -27.87
N TYR H 30 -3.52 24.09 -27.75
CA TYR H 30 -3.59 22.71 -28.21
C TYR H 30 -3.45 22.61 -29.72
N GLY H 31 -3.79 23.69 -30.44
CA GLY H 31 -3.58 23.74 -31.87
C GLY H 31 -2.13 23.95 -32.25
N THR H 32 -1.55 25.06 -31.81
CA THR H 32 -0.16 25.37 -32.13
C THR H 32 0.80 24.30 -31.61
N ALA H 33 0.43 23.60 -30.54
CA ALA H 33 1.35 22.64 -29.94
C ALA H 33 1.50 21.40 -30.81
N LYS H 34 0.40 20.69 -31.06
CA LYS H 34 0.46 19.46 -31.84
C LYS H 34 0.88 19.73 -33.28
N SER H 35 0.42 20.83 -33.87
CA SER H 35 0.82 21.15 -35.24
C SER H 35 2.28 21.55 -35.30
N GLY H 36 2.78 22.23 -34.26
CA GLY H 36 4.18 22.59 -34.23
C GLY H 36 5.09 21.38 -34.25
N VAL H 37 4.71 20.32 -33.52
CA VAL H 37 5.51 19.11 -33.51
C VAL H 37 5.52 18.47 -34.89
N GLY H 38 4.38 18.49 -35.58
CA GLY H 38 4.35 17.99 -36.95
C GLY H 38 5.28 18.77 -37.86
N ILE H 39 5.29 20.10 -37.71
CA ILE H 39 6.18 20.93 -38.52
C ILE H 39 7.63 20.63 -38.18
N CYS H 40 7.92 20.38 -36.91
CA CYS H 40 9.29 20.16 -36.47
C CYS H 40 9.78 18.73 -36.68
N ALA H 41 9.07 17.91 -37.46
CA ALA H 41 9.51 16.58 -37.83
C ALA H 41 9.76 16.45 -39.33
N THR H 42 8.78 16.83 -40.15
CA THR H 42 8.95 16.71 -41.60
C THR H 42 9.92 17.75 -42.14
N CYS H 43 10.00 18.92 -41.51
CA CYS H 43 10.93 19.95 -41.96
C CYS H 43 12.36 19.66 -41.56
N VAL H 44 12.60 18.56 -40.84
CA VAL H 44 13.97 18.07 -40.68
C VAL H 44 14.50 17.56 -42.01
N LEU H 45 13.63 16.98 -42.83
CA LEU H 45 14.00 16.36 -44.09
C LEU H 45 13.57 17.16 -45.30
N ARG H 46 12.48 17.92 -45.21
CA ARG H 46 11.98 18.76 -46.30
C ARG H 46 11.68 20.15 -45.77
N PRO H 47 12.71 20.99 -45.59
CA PRO H 47 12.45 22.39 -45.22
C PRO H 47 11.68 23.17 -46.26
N ASP H 48 11.60 22.68 -47.50
CA ASP H 48 10.86 23.36 -48.55
C ASP H 48 9.40 23.60 -48.15
N LEU H 49 8.81 22.68 -47.40
CA LEU H 49 7.40 22.76 -47.01
C LEU H 49 7.19 23.52 -45.71
N LEU H 50 8.18 24.28 -45.25
CA LEU H 50 8.06 24.96 -43.96
C LEU H 50 6.96 26.00 -43.98
N PHE H 51 7.01 26.91 -44.96
CA PHE H 51 6.07 28.03 -44.96
C PHE H 51 4.69 27.61 -45.42
N LYS H 52 4.58 26.52 -46.17
CA LYS H 52 3.26 26.01 -46.54
C LYS H 52 2.49 25.49 -45.33
N ASN H 53 3.21 24.94 -44.34
CA ASN H 53 2.59 24.19 -43.25
C ASN H 53 2.32 25.03 -42.02
N ILE H 54 2.37 26.35 -42.11
CA ILE H 54 2.11 27.23 -40.98
C ILE H 54 0.66 27.71 -41.06
N VAL H 55 -0.17 27.02 -41.84
CA VAL H 55 -1.59 27.35 -41.92
C VAL H 55 -2.32 26.92 -40.65
N PRO H 56 -2.10 25.71 -40.11
CA PRO H 56 -2.79 25.37 -38.84
C PRO H 56 -2.46 26.30 -37.70
N VAL H 57 -1.20 26.74 -37.60
CA VAL H 57 -0.82 27.67 -36.55
C VAL H 57 -1.57 28.98 -36.68
N ILE H 58 -1.94 29.36 -37.90
CA ILE H 58 -2.60 30.65 -38.11
C ILE H 58 -4.09 30.54 -37.79
N MET H 59 -4.74 29.45 -38.22
CA MET H 59 -6.14 29.26 -37.90
C MET H 59 -6.35 29.09 -36.40
N ALA H 60 -5.37 28.52 -35.71
CA ALA H 60 -5.43 28.45 -34.24
C ALA H 60 -5.46 29.86 -33.65
N GLY H 61 -4.54 30.72 -34.11
CA GLY H 61 -4.47 32.07 -33.58
C GLY H 61 -5.76 32.85 -33.76
N ILE H 62 -6.48 32.59 -34.86
CA ILE H 62 -7.72 33.31 -35.14
C ILE H 62 -8.74 33.07 -34.04
N ILE H 63 -8.71 31.89 -33.42
CA ILE H 63 -9.71 31.56 -32.41
C ILE H 63 -9.56 32.50 -31.21
N ALA H 64 -8.32 32.89 -30.91
CA ALA H 64 -8.10 33.81 -29.79
C ALA H 64 -8.55 35.22 -30.12
N ILE H 65 -8.57 35.59 -31.40
CA ILE H 65 -9.06 36.90 -31.78
C ILE H 65 -10.57 36.99 -31.54
N TYR H 66 -11.28 35.90 -31.79
CA TYR H 66 -12.71 35.85 -31.49
C TYR H 66 -12.94 36.00 -29.99
N GLY H 67 -12.03 35.48 -29.18
CA GLY H 67 -12.11 35.66 -27.74
C GLY H 67 -11.78 37.06 -27.27
N LEU H 68 -11.25 37.90 -28.14
CA LEU H 68 -10.93 39.28 -27.81
C LEU H 68 -12.11 40.20 -28.10
N VAL H 69 -12.62 40.16 -29.33
CA VAL H 69 -13.67 41.08 -29.74
C VAL H 69 -14.96 40.89 -28.94
N VAL H 70 -15.12 39.75 -28.27
CA VAL H 70 -16.20 39.60 -27.31
C VAL H 70 -15.85 40.34 -26.03
N SER H 71 -14.63 40.14 -25.50
CA SER H 71 -14.24 40.78 -24.26
C SER H 71 -14.20 42.29 -24.40
N VAL H 72 -13.82 42.79 -25.57
CA VAL H 72 -13.75 44.24 -25.78
C VAL H 72 -15.15 44.85 -25.67
N LEU H 73 -16.08 44.35 -26.49
CA LEU H 73 -17.45 44.87 -26.49
C LEU H 73 -18.12 44.70 -25.13
N VAL H 74 -17.76 43.67 -24.37
CA VAL H 74 -18.41 43.41 -23.10
C VAL H 74 -17.91 44.34 -22.02
N CYS H 75 -16.63 44.73 -22.07
CA CYS H 75 -16.10 45.69 -21.10
C CYS H 75 -16.86 47.00 -21.12
N TYR H 76 -17.19 47.49 -22.32
CA TYR H 76 -17.80 48.80 -22.49
C TYR H 76 -19.33 48.77 -22.37
N SER H 77 -19.89 47.71 -21.78
CA SER H 77 -21.31 47.65 -21.45
C SER H 77 -21.57 47.47 -19.97
N LEU H 78 -20.54 47.42 -19.14
CA LEU H 78 -20.70 47.20 -17.71
C LEU H 78 -21.03 48.51 -16.99
N GLY H 79 -21.29 48.38 -15.70
CA GLY H 79 -21.60 49.50 -14.85
C GLY H 79 -21.95 49.01 -13.45
N GLN H 80 -21.80 49.87 -12.45
CA GLN H 80 -22.09 49.44 -11.09
C GLN H 80 -23.59 49.18 -10.88
N LYS H 81 -24.45 49.70 -11.76
CA LYS H 81 -25.89 49.56 -11.64
C LYS H 81 -26.43 49.10 -12.99
N GLN H 82 -26.56 47.78 -13.15
CA GLN H 82 -27.15 47.19 -14.33
C GLN H 82 -28.07 46.06 -13.90
N ALA H 83 -28.84 45.55 -14.85
CA ALA H 83 -29.84 44.54 -14.56
C ALA H 83 -29.27 43.13 -14.78
N LEU H 84 -29.92 42.16 -14.14
CA LEU H 84 -29.50 40.77 -14.29
C LEU H 84 -29.68 40.30 -15.72
N TYR H 85 -30.71 40.80 -16.41
CA TYR H 85 -30.87 40.51 -17.83
C TYR H 85 -29.65 40.95 -18.62
N THR H 86 -29.00 42.04 -18.18
CA THR H 86 -27.76 42.48 -18.81
C THR H 86 -26.58 41.64 -18.36
N GLY H 87 -26.66 41.05 -17.17
CA GLY H 87 -25.55 40.29 -16.61
C GLY H 87 -25.56 38.82 -16.97
N PHE H 88 -26.75 38.23 -17.08
CA PHE H 88 -26.84 36.83 -17.45
C PHE H 88 -26.48 36.60 -18.90
N ILE H 89 -26.82 37.56 -19.77
CA ILE H 89 -26.57 37.39 -21.19
C ILE H 89 -25.08 37.45 -21.49
N GLN H 90 -24.33 38.27 -20.76
CA GLN H 90 -22.88 38.32 -20.96
C GLN H 90 -22.22 37.00 -20.58
N LEU H 91 -22.85 36.23 -19.69
CA LEU H 91 -22.39 34.88 -19.43
C LEU H 91 -22.74 33.96 -20.58
N GLY H 92 -23.85 34.23 -21.27
CA GLY H 92 -24.21 33.45 -22.44
C GLY H 92 -23.32 33.75 -23.64
N ALA H 93 -22.85 34.99 -23.75
CA ALA H 93 -21.96 35.33 -24.84
C ALA H 93 -20.53 34.86 -24.59
N GLY H 94 -20.14 34.74 -23.32
CA GLY H 94 -18.78 34.36 -23.00
C GLY H 94 -18.52 32.87 -23.07
N LEU H 95 -19.57 32.07 -22.88
CA LEU H 95 -19.42 30.62 -22.87
C LEU H 95 -19.58 30.01 -24.26
N SER H 96 -20.37 30.64 -25.13
CA SER H 96 -20.56 30.11 -26.48
C SER H 96 -19.25 30.10 -27.26
N VAL H 97 -18.64 31.27 -27.43
CA VAL H 97 -17.38 31.37 -28.15
C VAL H 97 -16.28 30.60 -27.44
N GLY H 98 -16.29 30.61 -26.11
CA GLY H 98 -15.25 29.99 -25.33
C GLY H 98 -15.15 28.50 -25.56
N LEU H 99 -16.30 27.82 -25.47
CA LEU H 99 -16.34 26.37 -25.57
C LEU H 99 -16.60 25.88 -26.99
N SER H 100 -17.04 26.76 -27.89
CA SER H 100 -17.05 26.43 -29.31
C SER H 100 -15.67 26.61 -29.92
N GLY H 101 -15.01 27.74 -29.63
CA GLY H 101 -13.65 27.94 -30.07
C GLY H 101 -12.70 26.90 -29.52
N LEU H 102 -13.00 26.36 -28.34
CA LEU H 102 -12.21 25.27 -27.79
C LEU H 102 -12.27 24.04 -28.69
N ALA H 103 -13.47 23.66 -29.12
CA ALA H 103 -13.65 22.50 -29.98
C ALA H 103 -12.91 22.68 -31.29
N ALA H 104 -13.06 23.86 -31.90
CA ALA H 104 -12.36 24.16 -33.14
C ALA H 104 -10.85 24.06 -33.00
N GLY H 105 -10.34 24.22 -31.79
CA GLY H 105 -8.92 24.02 -31.55
C GLY H 105 -8.55 22.56 -31.37
N PHE H 106 -9.47 21.76 -30.82
CA PHE H 106 -9.20 20.33 -30.64
C PHE H 106 -9.17 19.58 -31.96
N ALA H 107 -9.80 20.10 -33.00
CA ALA H 107 -9.78 19.43 -34.30
C ALA H 107 -8.53 19.77 -35.10
N ILE H 108 -8.21 21.07 -35.16
CA ILE H 108 -7.06 21.54 -35.93
C ILE H 108 -5.78 20.88 -35.46
N GLY H 109 -5.64 20.70 -34.15
CA GLY H 109 -4.43 20.09 -33.62
C GLY H 109 -4.31 18.62 -33.99
N ILE H 110 -5.44 17.95 -34.12
CA ILE H 110 -5.42 16.52 -34.43
C ILE H 110 -5.25 16.29 -35.94
N VAL H 111 -5.76 17.21 -36.76
CA VAL H 111 -5.69 17.07 -38.20
C VAL H 111 -4.35 17.56 -38.73
N GLY H 112 -3.87 18.71 -38.26
CA GLY H 112 -2.63 19.27 -38.76
C GLY H 112 -1.45 18.34 -38.58
N ASP H 113 -1.38 17.67 -37.43
CA ASP H 113 -0.26 16.75 -37.16
C ASP H 113 -0.26 15.58 -38.14
N ALA H 114 -1.43 15.15 -38.59
CA ALA H 114 -1.51 14.06 -39.55
C ALA H 114 -1.35 14.55 -40.98
N GLY H 115 -1.94 15.70 -41.29
CA GLY H 115 -1.91 16.20 -42.65
C GLY H 115 -0.56 16.73 -43.10
N VAL H 116 0.25 17.21 -42.16
CA VAL H 116 1.59 17.64 -42.51
C VAL H 116 2.50 16.44 -42.76
N ARG H 117 2.26 15.34 -42.04
CA ARG H 117 3.02 14.13 -42.28
C ARG H 117 2.61 13.46 -43.59
N GLY H 118 1.34 13.61 -43.98
CA GLY H 118 0.89 13.10 -45.27
C GLY H 118 1.26 13.98 -46.44
N SER H 119 1.42 15.28 -46.22
CA SER H 119 1.81 16.19 -47.28
C SER H 119 3.29 16.11 -47.60
N SER H 120 4.10 15.50 -46.72
CA SER H 120 5.50 15.27 -47.04
C SER H 120 5.68 14.16 -48.06
N GLN H 121 4.70 13.25 -48.16
CA GLN H 121 4.77 12.12 -49.08
C GLN H 121 3.84 12.25 -50.28
N GLN H 122 2.98 13.27 -50.31
CA GLN H 122 2.08 13.50 -51.44
C GLN H 122 1.76 14.99 -51.51
N PRO H 123 2.23 15.73 -52.53
CA PRO H 123 1.96 17.18 -52.53
C PRO H 123 0.52 17.55 -52.82
N ARG H 124 -0.21 16.71 -53.57
CA ARG H 124 -1.61 17.01 -53.86
C ARG H 124 -2.46 17.10 -52.60
N LEU H 125 -2.06 16.40 -51.53
CA LEU H 125 -2.88 16.32 -50.33
C LEU H 125 -2.99 17.65 -49.59
N PHE H 126 -2.14 18.62 -49.93
CA PHE H 126 -2.15 19.89 -49.21
C PHE H 126 -3.50 20.58 -49.29
N VAL H 127 -4.14 20.56 -50.46
CA VAL H 127 -5.40 21.28 -50.62
C VAL H 127 -6.53 20.56 -49.91
N GLY H 128 -6.40 19.24 -49.70
CA GLY H 128 -7.44 18.51 -49.00
C GLY H 128 -7.49 18.85 -47.52
N MET H 129 -6.33 18.91 -46.88
CA MET H 129 -6.25 19.30 -45.47
C MET H 129 -6.90 20.66 -45.25
N ILE H 130 -6.53 21.63 -46.08
CA ILE H 130 -7.05 22.99 -45.94
C ILE H 130 -8.57 22.98 -46.03
N LEU H 131 -9.12 22.15 -46.92
CA LEU H 131 -10.57 22.06 -47.05
C LEU H 131 -11.20 21.52 -45.76
N ILE H 132 -10.49 20.66 -45.04
CA ILE H 132 -11.00 20.15 -43.78
C ILE H 132 -10.87 21.21 -42.69
N LEU H 133 -9.76 21.94 -42.69
CA LEU H 133 -9.51 22.94 -41.66
C LEU H 133 -10.32 24.21 -41.85
N ILE H 134 -11.22 24.26 -42.84
CA ILE H 134 -12.24 25.31 -42.89
C ILE H 134 -13.40 24.95 -41.97
N PHE H 135 -13.93 23.73 -42.10
CA PHE H 135 -15.07 23.32 -41.31
C PHE H 135 -14.76 23.36 -39.82
N ALA H 136 -13.56 22.92 -39.43
CA ALA H 136 -13.17 22.98 -38.03
C ALA H 136 -13.10 24.42 -37.53
N GLU H 137 -12.68 25.35 -38.38
CA GLU H 137 -12.63 26.76 -38.01
C GLU H 137 -14.02 27.38 -37.92
N VAL H 138 -14.94 26.98 -38.80
CA VAL H 138 -16.28 27.56 -38.81
C VAL H 138 -17.05 27.23 -37.54
N LEU H 139 -16.71 26.15 -36.85
CA LEU H 139 -17.36 25.85 -35.58
C LEU H 139 -17.02 26.91 -34.54
N GLY H 140 -15.82 27.47 -34.62
CA GLY H 140 -15.47 28.62 -33.80
C GLY H 140 -16.10 29.92 -34.26
N LEU H 141 -16.58 29.97 -35.50
CA LEU H 141 -17.25 31.16 -36.02
C LEU H 141 -18.72 31.21 -35.63
N TYR H 142 -19.39 30.06 -35.59
CA TYR H 142 -20.80 30.04 -35.20
C TYR H 142 -20.98 30.58 -33.79
N GLY H 143 -20.05 30.26 -32.89
CA GLY H 143 -20.13 30.80 -31.54
C GLY H 143 -20.09 32.31 -31.51
N LEU H 144 -19.23 32.90 -32.33
CA LEU H 144 -19.18 34.36 -32.44
C LEU H 144 -20.49 34.92 -32.96
N ILE H 145 -21.10 34.24 -33.94
CA ILE H 145 -22.31 34.76 -34.57
C ILE H 145 -23.46 34.82 -33.57
N VAL H 146 -23.45 33.94 -32.56
CA VAL H 146 -24.48 33.96 -31.54
C VAL H 146 -24.20 35.03 -30.51
N ALA H 147 -22.93 35.20 -30.13
CA ALA H 147 -22.57 36.17 -29.10
C ALA H 147 -22.96 37.59 -29.49
N LEU H 148 -22.82 37.94 -30.76
CA LEU H 148 -23.08 39.30 -31.20
C LEU H 148 -24.57 39.63 -31.09
N LEU H 149 -25.42 38.68 -31.50
CA LEU H 149 -26.86 38.88 -31.36
C LEU H 149 -27.25 39.04 -29.90
N LEU H 150 -26.56 38.33 -29.01
CA LEU H 150 -26.80 38.46 -27.59
C LEU H 150 -26.40 39.84 -27.10
N ASN H 151 -25.15 40.24 -27.37
CA ASN H 151 -24.63 41.49 -26.82
C ASN H 151 -25.34 42.70 -27.40
N SER H 152 -25.88 42.58 -28.62
CA SER H 152 -26.74 43.63 -29.15
C SER H 152 -28.13 43.60 -28.55
N ARG H 153 -28.48 42.56 -27.79
CA ARG H 153 -29.77 42.41 -27.16
C ARG H 153 -29.71 42.59 -25.65
N ALA H 154 -28.52 42.68 -25.06
CA ALA H 154 -28.41 42.67 -23.60
C ALA H 154 -28.97 43.94 -22.99
N THR H 155 -28.77 45.08 -23.64
CA THR H 155 -29.33 46.36 -23.22
C THR H 155 -30.50 46.78 -24.11
N GLN H 156 -31.16 45.82 -24.75
CA GLN H 156 -32.29 46.09 -25.63
C GLN H 156 -33.56 46.01 -24.81
N ASP H 157 -34.22 47.16 -24.61
CA ASP H 157 -35.46 47.25 -23.82
C ASP H 157 -35.21 46.76 -22.39
N VAL H 158 -34.35 47.50 -21.69
CA VAL H 158 -33.97 47.18 -20.31
C VAL H 158 -34.18 48.41 -19.45
N VAL H 159 -34.62 48.18 -18.21
CA VAL H 159 -34.81 49.25 -17.23
C VAL H 159 -33.46 49.68 -16.68
N MET I 1 -40.20 41.23 -8.52
CA MET I 1 -41.08 41.70 -9.64
C MET I 1 -42.48 41.08 -9.51
N THR I 2 -42.58 39.79 -9.84
CA THR I 2 -43.85 39.09 -9.82
C THR I 2 -43.60 37.62 -9.59
N GLU I 3 -44.59 36.94 -9.02
CA GLU I 3 -44.48 35.52 -8.72
C GLU I 3 -44.23 34.71 -9.99
N LEU I 4 -45.07 34.90 -11.01
CA LEU I 4 -44.98 34.12 -12.24
C LEU I 4 -43.95 34.67 -13.22
N CYS I 5 -43.31 35.80 -12.94
CA CYS I 5 -42.26 36.36 -13.79
C CYS I 5 -41.16 36.93 -12.91
N PRO I 6 -40.34 36.06 -12.29
CA PRO I 6 -39.31 36.57 -11.37
C PRO I 6 -38.15 37.23 -12.09
N VAL I 7 -37.13 37.61 -11.31
CA VAL I 7 -35.94 38.25 -11.87
C VAL I 7 -34.92 37.25 -12.39
N TYR I 8 -34.96 35.99 -11.94
CA TYR I 8 -33.96 34.99 -12.27
C TYR I 8 -34.41 34.07 -13.39
N ALA I 9 -35.36 34.50 -14.21
CA ALA I 9 -35.85 33.70 -15.33
C ALA I 9 -34.91 33.69 -16.53
N PRO I 10 -34.32 34.82 -16.94
CA PRO I 10 -33.43 34.77 -18.12
C PRO I 10 -32.23 33.85 -17.99
N PHE I 11 -31.85 33.46 -16.77
CA PHE I 11 -30.67 32.61 -16.61
C PHE I 11 -30.86 31.27 -17.29
N PHE I 12 -32.05 30.69 -17.17
CA PHE I 12 -32.33 29.42 -17.85
C PHE I 12 -32.33 29.60 -19.36
N GLY I 13 -32.75 30.76 -19.85
CA GLY I 13 -32.79 30.97 -21.28
C GLY I 13 -31.41 31.03 -21.91
N ALA I 14 -30.47 31.72 -21.24
CA ALA I 14 -29.12 31.84 -21.78
C ALA I 14 -28.43 30.49 -21.85
N ILE I 15 -28.54 29.70 -20.77
CA ILE I 15 -27.91 28.38 -20.76
C ILE I 15 -28.56 27.47 -21.79
N GLY I 16 -29.80 27.75 -22.16
CA GLY I 16 -30.42 27.01 -23.26
C GLY I 16 -29.93 27.48 -24.60
N CYS I 17 -29.76 28.80 -24.76
CA CYS I 17 -29.27 29.34 -26.02
C CYS I 17 -27.83 28.93 -26.28
N ALA I 18 -27.05 28.70 -25.23
CA ALA I 18 -25.64 28.36 -25.36
C ALA I 18 -25.43 26.87 -25.55
N SER I 19 -26.14 26.03 -24.80
CA SER I 19 -25.92 24.59 -24.87
C SER I 19 -26.32 24.00 -26.22
N ALA I 20 -27.05 24.74 -27.04
CA ALA I 20 -27.39 24.23 -28.37
C ALA I 20 -26.19 24.28 -29.30
N ILE I 21 -25.40 25.35 -29.23
CA ILE I 21 -24.27 25.52 -30.12
C ILE I 21 -22.97 24.95 -29.52
N ILE I 22 -22.88 24.88 -28.20
CA ILE I 22 -21.69 24.32 -27.56
C ILE I 22 -21.59 22.83 -27.84
N PHE I 23 -22.59 22.06 -27.40
CA PHE I 23 -22.49 20.62 -27.43
C PHE I 23 -22.53 20.06 -28.86
N THR I 24 -23.22 20.74 -29.76
CA THR I 24 -23.10 20.39 -31.17
C THR I 24 -21.68 20.62 -31.69
N SER I 25 -21.09 21.77 -31.34
CA SER I 25 -19.73 22.06 -31.78
C SER I 25 -18.74 21.07 -31.22
N LEU I 26 -18.94 20.62 -29.98
CA LEU I 26 -18.11 19.55 -29.44
C LEU I 26 -18.35 18.24 -30.17
N GLY I 27 -19.53 18.06 -30.76
CA GLY I 27 -19.86 16.84 -31.45
C GLY I 27 -19.28 16.79 -32.85
N ALA I 28 -19.40 17.90 -33.58
CA ALA I 28 -18.82 17.97 -34.91
C ALA I 28 -17.30 17.83 -34.88
N ALA I 29 -16.66 18.36 -33.84
CA ALA I 29 -15.21 18.33 -33.77
C ALA I 29 -14.70 16.91 -33.66
N TYR I 30 -15.33 16.09 -32.81
CA TYR I 30 -14.94 14.69 -32.73
C TYR I 30 -15.20 13.95 -34.03
N GLY I 31 -16.18 14.41 -34.81
CA GLY I 31 -16.46 13.76 -36.08
C GLY I 31 -15.51 14.20 -37.17
N THR I 32 -15.31 15.52 -37.29
CA THR I 32 -14.40 16.05 -38.29
C THR I 32 -12.96 15.61 -38.05
N ALA I 33 -12.62 15.28 -36.80
CA ALA I 33 -11.25 14.92 -36.46
C ALA I 33 -10.95 13.44 -36.70
N LYS I 34 -11.72 12.56 -36.04
CA LYS I 34 -11.42 11.13 -36.11
C LYS I 34 -11.60 10.58 -37.52
N SER I 35 -12.38 11.25 -38.37
CA SER I 35 -12.44 10.90 -39.78
C SER I 35 -11.24 11.46 -40.53
N GLY I 36 -11.01 12.76 -40.40
CA GLY I 36 -9.87 13.44 -41.01
C GLY I 36 -8.54 12.75 -40.82
N VAL I 37 -8.34 12.16 -39.63
CA VAL I 37 -7.19 11.29 -39.41
C VAL I 37 -7.13 10.21 -40.48
N GLY I 38 -8.26 9.57 -40.76
CA GLY I 38 -8.28 8.43 -41.66
C GLY I 38 -8.23 8.79 -43.13
N ILE I 39 -8.70 9.98 -43.49
CA ILE I 39 -8.69 10.39 -44.89
C ILE I 39 -7.25 10.64 -45.36
N CYS I 40 -6.49 11.40 -44.58
CA CYS I 40 -5.15 11.78 -44.99
C CYS I 40 -4.20 10.59 -45.00
N ALA I 41 -4.47 9.56 -44.20
CA ALA I 41 -3.61 8.38 -44.16
C ALA I 41 -3.89 7.42 -45.30
N THR I 42 -5.09 7.43 -45.87
CA THR I 42 -5.42 6.60 -47.02
C THR I 42 -4.99 7.24 -48.32
N CYS I 43 -5.22 8.54 -48.48
CA CYS I 43 -4.99 9.25 -49.72
C CYS I 43 -3.51 9.49 -50.02
N VAL I 44 -2.60 9.01 -49.18
CA VAL I 44 -1.19 8.99 -49.55
C VAL I 44 -0.99 8.15 -50.80
N LEU I 45 -1.50 6.92 -50.78
CA LEU I 45 -1.34 5.98 -51.87
C LEU I 45 -2.54 5.93 -52.81
N ARG I 46 -3.68 6.49 -52.40
CA ARG I 46 -4.85 6.63 -53.27
C ARG I 46 -5.34 8.08 -53.20
N PRO I 47 -4.56 9.04 -53.68
CA PRO I 47 -4.98 10.45 -53.63
C PRO I 47 -6.12 10.79 -54.58
N ASP I 48 -6.62 9.84 -55.37
CA ASP I 48 -7.75 10.09 -56.25
C ASP I 48 -9.09 10.08 -55.52
N LEU I 49 -9.17 9.36 -54.42
CA LEU I 49 -10.42 9.20 -53.67
C LEU I 49 -10.61 10.28 -52.61
N LEU I 50 -9.96 11.43 -52.77
CA LEU I 50 -9.99 12.46 -51.74
C LEU I 50 -11.35 13.14 -51.66
N PHE I 51 -11.77 13.79 -52.75
CA PHE I 51 -13.01 14.55 -52.74
C PHE I 51 -14.25 13.67 -52.53
N LYS I 52 -14.13 12.36 -52.73
CA LYS I 52 -15.23 11.45 -52.50
C LYS I 52 -15.29 10.96 -51.06
N ASN I 53 -14.17 10.95 -50.34
CA ASN I 53 -14.11 10.51 -48.96
C ASN I 53 -14.31 11.65 -47.97
N ILE I 54 -14.82 12.80 -48.42
CA ILE I 54 -15.04 13.96 -47.56
C ILE I 54 -16.47 14.01 -47.03
N VAL I 55 -17.29 13.02 -47.33
CA VAL I 55 -18.73 13.07 -47.02
C VAL I 55 -18.97 13.13 -45.51
N PRO I 56 -18.26 12.37 -44.66
CA PRO I 56 -18.48 12.54 -43.21
C PRO I 56 -18.16 13.94 -42.71
N VAL I 57 -17.13 14.57 -43.27
CA VAL I 57 -16.76 15.92 -42.83
C VAL I 57 -17.89 16.91 -43.13
N ILE I 58 -18.68 16.64 -44.16
CA ILE I 58 -19.79 17.53 -44.50
C ILE I 58 -20.97 17.25 -43.59
N MET I 59 -21.26 15.98 -43.31
CA MET I 59 -22.36 15.63 -42.42
C MET I 59 -22.15 16.17 -41.03
N ALA I 60 -20.93 16.07 -40.50
CA ALA I 60 -20.65 16.63 -39.19
C ALA I 60 -20.77 18.15 -39.19
N GLY I 61 -20.57 18.78 -40.35
CA GLY I 61 -20.85 20.19 -40.48
C GLY I 61 -22.31 20.55 -40.50
N ILE I 62 -23.20 19.56 -40.58
CA ILE I 62 -24.63 19.80 -40.49
C ILE I 62 -25.09 19.86 -39.04
N ILE I 63 -24.38 19.18 -38.13
CA ILE I 63 -24.81 19.11 -36.74
C ILE I 63 -24.81 20.49 -36.11
N ALA I 64 -23.75 21.26 -36.37
CA ALA I 64 -23.64 22.60 -35.81
C ALA I 64 -24.72 23.52 -36.32
N ILE I 65 -25.14 23.34 -37.59
CA ILE I 65 -26.21 24.17 -38.13
C ILE I 65 -27.50 23.96 -37.36
N TYR I 66 -27.78 22.71 -36.96
CA TYR I 66 -28.95 22.44 -36.15
C TYR I 66 -28.88 23.18 -34.82
N GLY I 67 -27.71 23.15 -34.18
CA GLY I 67 -27.55 23.87 -32.93
C GLY I 67 -27.65 25.37 -33.11
N LEU I 68 -27.20 25.87 -34.27
CA LEU I 68 -27.25 27.31 -34.52
C LEU I 68 -28.66 27.82 -34.74
N VAL I 69 -29.51 27.02 -35.39
CA VAL I 69 -30.85 27.48 -35.74
C VAL I 69 -31.68 27.71 -34.48
N VAL I 70 -31.48 26.89 -33.46
CA VAL I 70 -32.28 27.02 -32.25
C VAL I 70 -31.79 28.22 -31.44
N SER I 71 -30.47 28.39 -31.34
CA SER I 71 -29.91 29.50 -30.57
C SER I 71 -30.34 30.85 -31.13
N VAL I 72 -30.73 30.91 -32.40
CA VAL I 72 -31.25 32.15 -32.97
C VAL I 72 -32.70 32.35 -32.54
N LEU I 73 -33.50 31.30 -32.58
CA LEU I 73 -34.90 31.41 -32.17
C LEU I 73 -35.01 31.75 -30.69
N VAL I 74 -34.22 31.08 -29.86
CA VAL I 74 -34.22 31.35 -28.43
C VAL I 74 -33.80 32.78 -28.15
N CYS I 75 -32.86 33.31 -28.95
CA CYS I 75 -32.36 34.66 -28.70
C CYS I 75 -33.42 35.71 -28.99
N TYR I 76 -34.23 35.49 -30.03
CA TYR I 76 -35.28 36.44 -30.37
C TYR I 76 -36.48 36.37 -29.44
N SER I 77 -36.50 35.44 -28.48
CA SER I 77 -37.61 35.29 -27.55
C SER I 77 -37.33 35.86 -26.17
N LEU I 78 -36.06 36.01 -25.79
CA LEU I 78 -35.72 36.41 -24.44
C LEU I 78 -36.26 37.79 -24.10
N GLY I 79 -36.47 38.02 -22.81
CA GLY I 79 -36.91 39.32 -22.33
C GLY I 79 -36.58 39.47 -20.85
N GLN I 80 -36.39 40.71 -20.43
CA GLN I 80 -36.09 40.98 -19.02
C GLN I 80 -37.22 40.50 -18.12
N LYS I 81 -38.47 40.59 -18.59
CA LYS I 81 -39.64 40.22 -17.81
C LYS I 81 -40.37 39.10 -18.57
N GLN I 82 -40.05 37.87 -18.20
CA GLN I 82 -40.70 36.69 -18.75
C GLN I 82 -40.93 35.70 -17.62
N ALA I 83 -41.65 34.63 -17.93
CA ALA I 83 -42.01 33.63 -16.93
C ALA I 83 -40.98 32.52 -16.89
N LEU I 84 -40.91 31.84 -15.74
CA LEU I 84 -40.04 30.68 -15.62
C LEU I 84 -40.42 29.62 -16.64
N TYR I 85 -41.71 29.49 -16.95
CA TYR I 85 -42.15 28.58 -18.00
C TYR I 85 -41.48 28.92 -19.33
N THR I 86 -41.28 30.21 -19.59
CA THR I 86 -40.56 30.60 -20.80
C THR I 86 -39.09 30.23 -20.73
N GLY I 87 -38.55 29.98 -19.54
CA GLY I 87 -37.15 29.66 -19.36
C GLY I 87 -36.89 28.17 -19.28
N PHE I 88 -37.70 27.47 -18.48
CA PHE I 88 -37.57 26.02 -18.35
C PHE I 88 -37.75 25.31 -19.69
N ILE I 89 -38.59 25.87 -20.56
CA ILE I 89 -38.81 25.26 -21.87
C ILE I 89 -37.60 25.47 -22.77
N GLN I 90 -37.08 26.71 -22.81
CA GLN I 90 -35.92 27.00 -23.65
C GLN I 90 -34.73 26.14 -23.28
N LEU I 91 -34.54 25.90 -21.97
CA LEU I 91 -33.52 24.95 -21.53
C LEU I 91 -33.76 23.58 -22.16
N GLY I 92 -35.02 23.16 -22.24
CA GLY I 92 -35.35 21.89 -22.87
C GLY I 92 -35.08 21.86 -24.36
N ALA I 93 -34.91 23.03 -24.98
CA ALA I 93 -34.59 23.11 -26.40
C ALA I 93 -33.09 23.08 -26.66
N GLY I 94 -32.30 23.71 -25.79
CA GLY I 94 -30.87 23.65 -25.96
C GLY I 94 -30.30 22.29 -25.61
N LEU I 95 -30.78 21.69 -24.52
CA LEU I 95 -30.28 20.39 -24.11
C LEU I 95 -30.70 19.29 -25.06
N SER I 96 -31.88 19.43 -25.69
CA SER I 96 -32.41 18.37 -26.53
C SER I 96 -31.57 18.21 -27.80
N VAL I 97 -31.32 19.31 -28.50
CA VAL I 97 -30.57 19.25 -29.76
C VAL I 97 -29.08 19.13 -29.50
N GLY I 98 -28.60 19.76 -28.41
CA GLY I 98 -27.20 19.72 -28.09
C GLY I 98 -26.70 18.33 -27.75
N LEU I 99 -27.33 17.69 -26.78
CA LEU I 99 -26.90 16.39 -26.31
C LEU I 99 -27.33 15.25 -27.24
N SER I 100 -28.10 15.54 -28.29
CA SER I 100 -28.32 14.59 -29.36
C SER I 100 -27.23 14.68 -30.42
N GLY I 101 -26.68 15.87 -30.65
CA GLY I 101 -25.61 16.03 -31.61
C GLY I 101 -24.32 15.36 -31.20
N LEU I 102 -24.09 15.22 -29.90
CA LEU I 102 -22.89 14.55 -29.42
C LEU I 102 -22.83 13.11 -29.93
N ALA I 103 -23.88 12.33 -29.67
CA ALA I 103 -23.92 10.94 -30.10
C ALA I 103 -23.77 10.82 -31.61
N ALA I 104 -24.36 11.75 -32.35
CA ALA I 104 -24.19 11.77 -33.80
C ALA I 104 -22.72 11.93 -34.16
N GLY I 105 -21.98 12.75 -33.41
CA GLY I 105 -20.56 12.90 -33.61
C GLY I 105 -19.81 11.61 -33.38
N PHE I 106 -20.05 10.98 -32.22
CA PHE I 106 -19.39 9.72 -31.90
C PHE I 106 -19.80 8.61 -32.87
N ALA I 107 -20.94 8.76 -33.54
CA ALA I 107 -21.36 7.78 -34.53
C ALA I 107 -20.62 7.97 -35.84
N ILE I 108 -20.46 9.21 -36.28
CA ILE I 108 -19.89 9.47 -37.60
C ILE I 108 -18.37 9.35 -37.57
N GLY I 109 -17.74 9.63 -36.42
CA GLY I 109 -16.29 9.54 -36.36
C GLY I 109 -15.80 8.11 -36.43
N ILE I 110 -16.39 7.23 -35.62
CA ILE I 110 -15.98 5.83 -35.61
C ILE I 110 -16.29 5.18 -36.95
N VAL I 111 -17.43 5.52 -37.54
CA VAL I 111 -17.83 4.93 -38.81
C VAL I 111 -16.95 5.43 -39.95
N GLY I 112 -16.83 6.76 -40.07
CA GLY I 112 -16.03 7.33 -41.14
C GLY I 112 -14.59 6.86 -41.11
N ASP I 113 -14.07 6.54 -39.92
CA ASP I 113 -12.72 5.99 -39.82
C ASP I 113 -12.63 4.66 -40.57
N ALA I 114 -13.54 3.73 -40.26
CA ALA I 114 -13.48 2.41 -40.88
C ALA I 114 -14.02 2.44 -42.30
N GLY I 115 -15.10 3.18 -42.53
CA GLY I 115 -15.71 3.23 -43.85
C GLY I 115 -14.83 3.85 -44.92
N VAL I 116 -13.79 4.57 -44.53
CA VAL I 116 -12.85 5.19 -45.47
C VAL I 116 -11.64 4.30 -45.69
N ARG I 117 -11.18 3.61 -44.64
CA ARG I 117 -10.01 2.76 -44.78
C ARG I 117 -10.29 1.51 -45.58
N GLY I 118 -11.55 1.05 -45.57
CA GLY I 118 -11.94 -0.08 -46.37
C GLY I 118 -12.25 0.28 -47.82
N SER I 119 -12.75 1.50 -48.04
CA SER I 119 -13.22 1.88 -49.36
C SER I 119 -12.10 1.90 -50.39
N SER I 120 -10.87 2.18 -49.96
CA SER I 120 -9.74 2.15 -50.89
C SER I 120 -9.52 0.73 -51.42
N GLN I 121 -9.61 -0.26 -50.53
CA GLN I 121 -9.46 -1.65 -50.96
C GLN I 121 -10.63 -2.09 -51.81
N GLN I 122 -11.85 -1.69 -51.44
CA GLN I 122 -13.09 -2.18 -52.03
C GLN I 122 -13.93 -1.00 -52.46
N PRO I 123 -14.06 -0.69 -53.76
CA PRO I 123 -14.86 0.48 -54.15
C PRO I 123 -16.33 0.36 -53.82
N ARG I 124 -16.88 -0.85 -53.77
CA ARG I 124 -18.31 -1.02 -53.51
C ARG I 124 -18.69 -0.71 -52.07
N LEU I 125 -17.73 -0.44 -51.19
CA LEU I 125 -18.04 -0.12 -49.80
C LEU I 125 -18.59 1.29 -49.64
N PHE I 126 -18.30 2.20 -50.58
CA PHE I 126 -18.60 3.61 -50.39
C PHE I 126 -20.09 3.84 -50.19
N VAL I 127 -20.93 3.19 -51.01
CA VAL I 127 -22.37 3.26 -50.80
C VAL I 127 -22.76 2.62 -49.49
N GLY I 128 -21.98 1.65 -49.02
CA GLY I 128 -22.33 0.93 -47.81
C GLY I 128 -22.33 1.82 -46.58
N MET I 129 -21.27 2.61 -46.40
CA MET I 129 -21.15 3.37 -45.16
C MET I 129 -22.17 4.51 -45.09
N ILE I 130 -22.60 5.02 -46.24
CA ILE I 130 -23.49 6.18 -46.26
C ILE I 130 -24.79 5.87 -45.54
N LEU I 131 -25.36 4.68 -45.78
CA LEU I 131 -26.59 4.28 -45.12
C LEU I 131 -26.44 4.36 -43.61
N ILE I 132 -25.33 3.83 -43.08
CA ILE I 132 -25.06 3.89 -41.66
C ILE I 132 -24.96 5.33 -41.20
N LEU I 133 -24.32 6.19 -42.01
CA LEU I 133 -24.15 7.57 -41.60
C LEU I 133 -25.47 8.33 -41.58
N ILE I 134 -26.38 8.01 -42.50
CA ILE I 134 -27.70 8.65 -42.48
C ILE I 134 -28.44 8.29 -41.20
N PHE I 135 -28.37 7.03 -40.77
CA PHE I 135 -29.09 6.64 -39.57
C PHE I 135 -28.46 7.19 -38.30
N ALA I 136 -27.27 7.80 -38.40
CA ALA I 136 -26.70 8.59 -37.32
C ALA I 136 -27.02 10.08 -37.48
N GLU I 137 -27.12 10.55 -38.71
CA GLU I 137 -27.48 11.95 -38.95
C GLU I 137 -28.94 12.21 -38.61
N VAL I 138 -29.80 11.20 -38.72
CA VAL I 138 -31.20 11.37 -38.34
C VAL I 138 -31.32 11.65 -36.85
N LEU I 139 -30.41 11.09 -36.04
CA LEU I 139 -30.50 11.25 -34.59
C LEU I 139 -30.38 12.71 -34.18
N GLY I 140 -29.72 13.53 -34.98
CA GLY I 140 -29.66 14.95 -34.72
C GLY I 140 -30.93 15.65 -35.14
N LEU I 141 -31.48 15.24 -36.30
CA LEU I 141 -32.69 15.86 -36.80
C LEU I 141 -33.89 15.61 -35.89
N TYR I 142 -33.87 14.52 -35.11
CA TYR I 142 -34.93 14.30 -34.13
C TYR I 142 -34.82 15.30 -32.98
N GLY I 143 -33.60 15.51 -32.48
CA GLY I 143 -33.40 16.48 -31.41
C GLY I 143 -33.72 17.90 -31.81
N LEU I 144 -33.77 18.19 -33.11
CA LEU I 144 -34.14 19.51 -33.59
C LEU I 144 -35.66 19.68 -33.63
N ILE I 145 -36.37 18.64 -34.05
CA ILE I 145 -37.83 18.70 -34.15
C ILE I 145 -38.44 19.04 -32.79
N VAL I 146 -37.83 18.55 -31.71
CA VAL I 146 -38.37 18.80 -30.38
C VAL I 146 -38.28 20.29 -30.06
N ALA I 147 -37.10 20.87 -30.24
CA ALA I 147 -36.86 22.25 -29.85
C ALA I 147 -37.76 23.21 -30.63
N LEU I 148 -37.88 23.02 -31.94
CA LEU I 148 -38.83 23.79 -32.72
C LEU I 148 -40.25 23.57 -32.22
N LEU I 149 -40.54 22.37 -31.75
CA LEU I 149 -41.86 22.02 -31.25
C LEU I 149 -42.05 22.42 -29.79
N LEU I 150 -40.97 22.77 -29.10
CA LEU I 150 -41.09 23.37 -27.77
C LEU I 150 -41.42 24.86 -27.89
N ASN I 151 -40.62 25.60 -28.66
CA ASN I 151 -40.72 27.06 -28.69
C ASN I 151 -42.05 27.55 -29.23
N SER I 152 -42.78 26.73 -29.98
CA SER I 152 -44.14 27.07 -30.34
C SER I 152 -44.99 27.28 -29.09
N ARG I 153 -44.74 26.47 -28.05
CA ARG I 153 -45.49 26.54 -26.81
C ARG I 153 -44.90 27.53 -25.80
N ALA I 154 -43.67 27.98 -26.00
CA ALA I 154 -42.96 28.69 -24.95
C ALA I 154 -43.56 30.06 -24.64
N THR I 155 -44.29 30.65 -25.58
CA THR I 155 -44.84 32.00 -25.40
C THR I 155 -46.35 32.06 -25.49
N GLN I 156 -47.00 31.11 -26.15
CA GLN I 156 -48.45 31.11 -26.24
C GLN I 156 -49.05 30.58 -24.95
N ASP I 157 -50.09 31.24 -24.45
CA ASP I 157 -50.75 30.89 -23.20
C ASP I 157 -49.81 31.12 -22.01
N VAL I 158 -49.11 32.24 -22.03
CA VAL I 158 -48.26 32.67 -20.93
C VAL I 158 -48.59 34.12 -20.62
N VAL I 159 -48.54 34.48 -19.33
CA VAL I 159 -48.91 35.80 -18.87
C VAL I 159 -47.66 36.66 -18.70
N MET J 1 -49.44 29.90 -8.08
CA MET J 1 -50.72 30.51 -7.64
C MET J 1 -51.42 29.72 -6.53
N THR J 2 -50.97 28.48 -6.29
CA THR J 2 -51.60 27.62 -5.30
C THR J 2 -50.54 26.65 -4.80
N GLU J 3 -50.81 26.05 -3.63
CA GLU J 3 -49.91 25.05 -3.08
C GLU J 3 -49.81 23.84 -4.00
N LEU J 4 -50.94 23.34 -4.48
CA LEU J 4 -50.97 22.18 -5.35
C LEU J 4 -50.55 22.50 -6.78
N CYS J 5 -50.46 23.79 -7.16
CA CYS J 5 -50.00 24.21 -8.47
C CYS J 5 -48.90 25.27 -8.30
N PRO J 6 -47.65 24.85 -8.05
CA PRO J 6 -46.58 25.83 -7.89
C PRO J 6 -46.04 26.35 -9.22
N VAL J 7 -44.98 27.16 -9.14
CA VAL J 7 -44.35 27.71 -10.33
C VAL J 7 -43.29 26.79 -10.94
N TYR J 8 -42.66 25.95 -10.14
CA TYR J 8 -41.52 25.14 -10.58
C TYR J 8 -41.91 23.75 -11.02
N ALA J 9 -43.15 23.56 -11.48
CA ALA J 9 -43.60 22.28 -11.98
C ALA J 9 -43.12 21.99 -13.39
N PRO J 10 -43.24 22.93 -14.35
CA PRO J 10 -42.79 22.63 -15.72
C PRO J 10 -41.32 22.29 -15.84
N PHE J 11 -40.50 22.56 -14.83
CA PHE J 11 -39.13 22.08 -14.82
C PHE J 11 -39.08 20.57 -14.99
N PHE J 12 -39.84 19.84 -14.18
CA PHE J 12 -39.87 18.40 -14.27
C PHE J 12 -40.69 17.89 -15.45
N GLY J 13 -41.30 18.78 -16.24
CA GLY J 13 -42.00 18.39 -17.44
C GLY J 13 -41.10 18.48 -18.65
N ALA J 14 -40.27 19.52 -18.69
CA ALA J 14 -39.33 19.70 -19.80
C ALA J 14 -38.24 18.65 -19.75
N ILE J 15 -37.71 18.36 -18.56
CA ILE J 15 -36.69 17.33 -18.42
C ILE J 15 -37.19 15.96 -18.86
N GLY J 16 -38.49 15.73 -18.84
CA GLY J 16 -39.04 14.49 -19.36
C GLY J 16 -39.19 14.52 -20.87
N CYS J 17 -39.28 15.73 -21.43
CA CYS J 17 -39.34 15.87 -22.88
C CYS J 17 -37.96 15.71 -23.51
N ALA J 18 -36.92 16.23 -22.85
CA ALA J 18 -35.57 16.17 -23.40
C ALA J 18 -34.88 14.86 -23.07
N SER J 19 -35.04 14.36 -21.85
CA SER J 19 -34.36 13.13 -21.46
C SER J 19 -34.79 11.94 -22.29
N ALA J 20 -36.03 11.93 -22.78
CA ALA J 20 -36.53 10.78 -23.51
C ALA J 20 -35.83 10.60 -24.84
N ILE J 21 -35.40 11.70 -25.47
CA ILE J 21 -34.74 11.64 -26.76
C ILE J 21 -33.22 11.67 -26.64
N ILE J 22 -32.68 12.11 -25.50
CA ILE J 22 -31.24 12.09 -25.29
C ILE J 22 -30.75 10.67 -25.06
N PHE J 23 -31.25 10.02 -24.01
CA PHE J 23 -30.70 8.74 -23.61
C PHE J 23 -30.95 7.65 -24.63
N THR J 24 -31.95 7.80 -25.50
CA THR J 24 -32.10 6.89 -26.62
C THR J 24 -31.03 7.13 -27.67
N SER J 25 -30.79 8.39 -28.03
CA SER J 25 -29.80 8.70 -29.05
C SER J 25 -28.39 8.48 -28.54
N LEU J 26 -28.18 8.48 -27.22
CA LEU J 26 -26.88 8.07 -26.69
C LEU J 26 -26.67 6.56 -26.78
N GLY J 27 -27.74 5.79 -26.91
CA GLY J 27 -27.65 4.34 -26.96
C GLY J 27 -27.79 3.80 -28.36
N ALA J 28 -28.67 4.42 -29.16
CA ALA J 28 -28.81 4.02 -30.55
C ALA J 28 -27.50 4.20 -31.30
N ALA J 29 -26.84 5.33 -31.10
CA ALA J 29 -25.57 5.59 -31.78
C ALA J 29 -24.52 4.55 -31.41
N TYR J 30 -24.49 4.12 -30.15
CA TYR J 30 -23.56 3.08 -29.76
C TYR J 30 -23.88 1.75 -30.41
N GLY J 31 -25.14 1.53 -30.78
CA GLY J 31 -25.53 0.36 -31.53
C GLY J 31 -25.21 0.54 -32.99
N THR J 32 -25.56 1.71 -33.53
CA THR J 32 -25.18 2.07 -34.88
C THR J 32 -23.67 2.05 -35.09
N ALA J 33 -22.88 2.25 -34.04
CA ALA J 33 -21.44 2.36 -34.18
C ALA J 33 -20.78 1.00 -34.32
N LYS J 34 -20.92 0.15 -33.30
CA LYS J 34 -20.21 -1.14 -33.31
C LYS J 34 -20.72 -2.07 -34.40
N SER J 35 -21.89 -1.82 -34.96
CA SER J 35 -22.29 -2.53 -36.17
C SER J 35 -21.56 -1.97 -37.38
N GLY J 36 -21.29 -0.66 -37.38
CA GLY J 36 -20.54 -0.04 -38.46
C GLY J 36 -19.10 -0.51 -38.55
N VAL J 37 -18.55 -1.06 -37.46
CA VAL J 37 -17.19 -1.57 -37.50
C VAL J 37 -17.15 -2.94 -38.17
N GLY J 38 -18.00 -3.85 -37.71
CA GLY J 38 -18.00 -5.19 -38.28
C GLY J 38 -18.48 -5.22 -39.72
N ILE J 39 -19.47 -4.39 -40.05
CA ILE J 39 -19.97 -4.33 -41.42
C ILE J 39 -18.89 -3.81 -42.36
N CYS J 40 -18.33 -2.64 -42.03
CA CYS J 40 -17.34 -2.02 -42.91
C CYS J 40 -16.00 -2.75 -42.93
N ALA J 41 -15.82 -3.77 -42.09
CA ALA J 41 -14.65 -4.64 -42.13
C ALA J 41 -14.95 -6.00 -42.73
N THR J 42 -16.17 -6.51 -42.52
CA THR J 42 -16.55 -7.80 -43.08
C THR J 42 -17.05 -7.67 -44.51
N CYS J 43 -17.54 -6.49 -44.90
CA CYS J 43 -17.92 -6.24 -46.29
C CYS J 43 -16.75 -5.77 -47.14
N VAL J 44 -15.51 -6.04 -46.71
CA VAL J 44 -14.36 -5.86 -47.58
C VAL J 44 -14.27 -7.00 -48.57
N LEU J 45 -14.34 -8.24 -48.07
CA LEU J 45 -14.14 -9.44 -48.86
C LEU J 45 -15.44 -10.03 -49.40
N ARG J 46 -16.56 -9.85 -48.68
CA ARG J 46 -17.87 -10.31 -49.12
C ARG J 46 -18.83 -9.12 -49.16
N PRO J 47 -18.70 -8.26 -50.17
CA PRO J 47 -19.65 -7.14 -50.32
C PRO J 47 -21.04 -7.56 -50.77
N ASP J 48 -21.31 -8.86 -50.96
CA ASP J 48 -22.65 -9.32 -51.28
C ASP J 48 -23.53 -9.49 -50.03
N LEU J 49 -22.93 -9.54 -48.84
CA LEU J 49 -23.66 -9.63 -47.58
C LEU J 49 -23.94 -8.26 -46.95
N LEU J 50 -24.07 -7.22 -47.77
CA LEU J 50 -24.12 -5.86 -47.23
C LEU J 50 -25.54 -5.50 -46.81
N PHE J 51 -26.49 -5.59 -47.74
CA PHE J 51 -27.89 -5.32 -47.40
C PHE J 51 -28.47 -6.36 -46.45
N LYS J 52 -27.78 -7.47 -46.22
CA LYS J 52 -28.23 -8.49 -45.27
C LYS J 52 -27.66 -8.28 -43.88
N ASN J 53 -26.46 -7.69 -43.78
CA ASN J 53 -25.86 -7.35 -42.49
C ASN J 53 -26.28 -5.97 -42.00
N ILE J 54 -27.29 -5.36 -42.63
CA ILE J 54 -27.75 -4.01 -42.26
C ILE J 54 -28.85 -4.04 -41.21
N VAL J 55 -29.36 -5.23 -40.86
CA VAL J 55 -30.53 -5.31 -39.97
C VAL J 55 -30.28 -4.69 -38.61
N PRO J 56 -29.13 -4.92 -37.93
CA PRO J 56 -28.94 -4.30 -36.61
C PRO J 56 -29.00 -2.79 -36.62
N VAL J 57 -28.52 -2.15 -37.68
CA VAL J 57 -28.51 -0.68 -37.74
C VAL J 57 -29.93 -0.14 -37.72
N ILE J 58 -30.88 -0.91 -38.24
CA ILE J 58 -32.27 -0.44 -38.27
C ILE J 58 -32.90 -0.53 -36.90
N MET J 59 -32.59 -1.59 -36.16
CA MET J 59 -33.17 -1.76 -34.83
C MET J 59 -32.74 -0.65 -33.88
N ALA J 60 -31.46 -0.29 -33.92
CA ALA J 60 -31.02 0.90 -33.20
C ALA J 60 -31.74 2.14 -33.73
N GLY J 61 -32.05 2.16 -35.02
CA GLY J 61 -32.85 3.24 -35.58
C GLY J 61 -34.26 3.28 -35.04
N ILE J 62 -34.77 2.16 -34.50
CA ILE J 62 -36.09 2.16 -33.89
C ILE J 62 -36.04 2.78 -32.51
N ILE J 63 -34.92 2.63 -31.79
CA ILE J 63 -34.86 3.05 -30.39
C ILE J 63 -35.05 4.56 -30.26
N ALA J 64 -34.71 5.32 -31.30
CA ALA J 64 -34.99 6.74 -31.29
C ALA J 64 -36.49 7.00 -31.39
N ILE J 65 -37.23 6.11 -32.05
CA ILE J 65 -38.67 6.30 -32.19
C ILE J 65 -39.36 6.12 -30.85
N TYR J 66 -38.90 5.15 -30.05
CA TYR J 66 -39.52 4.89 -28.77
C TYR J 66 -39.38 6.09 -27.84
N GLY J 67 -38.29 6.84 -27.98
CA GLY J 67 -38.13 8.05 -27.20
C GLY J 67 -38.87 9.23 -27.80
N LEU J 68 -38.90 9.31 -29.12
CA LEU J 68 -39.48 10.48 -29.79
C LEU J 68 -40.99 10.56 -29.59
N VAL J 69 -41.67 9.41 -29.67
CA VAL J 69 -43.12 9.39 -29.51
C VAL J 69 -43.53 9.90 -28.14
N VAL J 70 -42.67 9.74 -27.14
CA VAL J 70 -43.01 10.21 -25.80
C VAL J 70 -42.93 11.73 -25.72
N SER J 71 -41.83 12.30 -26.20
CA SER J 71 -41.60 13.74 -26.05
C SER J 71 -42.69 14.55 -26.77
N VAL J 72 -43.20 14.02 -27.87
CA VAL J 72 -44.34 14.66 -28.54
C VAL J 72 -45.53 14.72 -27.59
N LEU J 73 -45.94 13.57 -27.05
CA LEU J 73 -47.11 13.52 -26.18
C LEU J 73 -46.89 14.32 -24.91
N VAL J 74 -45.66 14.32 -24.39
CA VAL J 74 -45.37 15.05 -23.16
C VAL J 74 -45.21 16.55 -23.45
N CYS J 75 -44.88 16.93 -24.68
CA CYS J 75 -44.79 18.35 -25.02
C CYS J 75 -46.17 18.98 -25.11
N TYR J 76 -47.15 18.25 -25.66
CA TYR J 76 -48.51 18.74 -25.80
C TYR J 76 -49.32 18.66 -24.51
N SER J 77 -48.73 18.18 -23.42
CA SER J 77 -49.42 18.05 -22.14
C SER J 77 -48.97 19.07 -21.11
N LEU J 78 -47.99 19.93 -21.44
CA LEU J 78 -47.48 20.88 -20.47
C LEU J 78 -48.47 22.03 -20.27
N GLY J 79 -48.07 22.98 -19.44
CA GLY J 79 -48.84 24.17 -19.18
C GLY J 79 -48.15 25.01 -18.12
N GLN J 80 -48.38 26.32 -18.14
CA GLN J 80 -47.76 27.17 -17.13
C GLN J 80 -48.25 26.80 -15.72
N LYS J 81 -49.46 26.28 -15.61
CA LYS J 81 -50.08 25.94 -14.33
C LYS J 81 -50.50 24.48 -14.37
N GLN J 82 -49.58 23.60 -13.96
CA GLN J 82 -49.88 22.19 -13.76
C GLN J 82 -49.27 21.76 -12.43
N ALA J 83 -49.96 20.85 -11.75
CA ALA J 83 -49.57 20.47 -10.41
C ALA J 83 -48.26 19.69 -10.42
N LEU J 84 -47.64 19.60 -9.24
CA LEU J 84 -46.42 18.82 -9.09
C LEU J 84 -46.66 17.35 -9.40
N TYR J 85 -47.90 16.88 -9.28
CA TYR J 85 -48.21 15.52 -9.72
C TYR J 85 -47.95 15.36 -11.20
N THR J 86 -48.45 16.29 -12.02
CA THR J 86 -48.28 16.18 -13.46
C THR J 86 -46.82 16.33 -13.87
N GLY J 87 -46.00 16.96 -13.04
CA GLY J 87 -44.61 17.16 -13.37
C GLY J 87 -43.73 15.97 -13.04
N PHE J 88 -44.06 15.27 -11.95
CA PHE J 88 -43.27 14.12 -11.53
C PHE J 88 -43.63 12.87 -12.32
N ILE J 89 -44.87 12.79 -12.81
CA ILE J 89 -45.26 11.70 -13.70
C ILE J 89 -44.46 11.78 -15.00
N GLN J 90 -44.47 12.96 -15.64
CA GLN J 90 -43.76 13.14 -16.89
C GLN J 90 -42.25 12.92 -16.74
N LEU J 91 -41.70 13.10 -15.55
CA LEU J 91 -40.31 12.73 -15.32
C LEU J 91 -40.13 11.23 -15.44
N GLY J 92 -40.96 10.47 -14.73
CA GLY J 92 -40.92 9.02 -14.84
C GLY J 92 -41.24 8.50 -16.22
N ALA J 93 -41.91 9.31 -17.04
CA ALA J 93 -42.19 8.90 -18.42
C ALA J 93 -40.94 8.96 -19.28
N GLY J 94 -40.00 9.85 -18.96
CA GLY J 94 -38.78 9.97 -19.72
C GLY J 94 -37.74 8.93 -19.32
N LEU J 95 -37.48 8.82 -18.02
CA LEU J 95 -36.43 7.92 -17.55
C LEU J 95 -36.76 6.46 -17.81
N SER J 96 -38.04 6.09 -17.70
CA SER J 96 -38.42 4.68 -17.83
C SER J 96 -38.11 4.15 -19.22
N VAL J 97 -38.31 4.98 -20.25
CA VAL J 97 -37.86 4.65 -21.59
C VAL J 97 -36.45 5.14 -21.84
N GLY J 98 -36.02 6.20 -21.14
CA GLY J 98 -34.71 6.77 -21.33
C GLY J 98 -33.58 5.80 -21.10
N LEU J 99 -33.43 5.35 -19.86
CA LEU J 99 -32.36 4.41 -19.51
C LEU J 99 -32.67 2.99 -19.95
N SER J 100 -33.81 2.74 -20.58
CA SER J 100 -34.10 1.45 -21.20
C SER J 100 -33.67 1.40 -22.66
N GLY J 101 -33.94 2.47 -23.42
CA GLY J 101 -33.36 2.57 -24.74
C GLY J 101 -31.86 2.62 -24.72
N LEU J 102 -31.27 3.13 -23.64
CA LEU J 102 -29.84 3.06 -23.43
C LEU J 102 -29.35 1.66 -23.13
N ALA J 103 -30.26 0.73 -22.78
CA ALA J 103 -29.90 -0.65 -22.50
C ALA J 103 -29.85 -1.49 -23.77
N ALA J 104 -30.87 -1.37 -24.61
CA ALA J 104 -30.90 -2.09 -25.88
C ALA J 104 -29.74 -1.69 -26.79
N GLY J 105 -29.23 -0.46 -26.65
CA GLY J 105 -28.13 -0.04 -27.49
C GLY J 105 -26.87 -0.85 -27.23
N PHE J 106 -26.54 -1.06 -25.95
CA PHE J 106 -25.39 -1.88 -25.62
C PHE J 106 -25.58 -3.33 -26.06
N ALA J 107 -26.82 -3.80 -26.12
CA ALA J 107 -27.11 -5.18 -26.46
C ALA J 107 -27.24 -5.41 -27.96
N ILE J 108 -27.58 -4.38 -28.73
CA ILE J 108 -27.57 -4.51 -30.19
C ILE J 108 -26.16 -4.37 -30.72
N GLY J 109 -25.34 -3.53 -30.10
CA GLY J 109 -24.01 -3.28 -30.60
C GLY J 109 -23.06 -4.44 -30.41
N ILE J 110 -22.97 -4.93 -29.18
CA ILE J 110 -22.13 -6.09 -28.89
C ILE J 110 -22.51 -7.27 -29.77
N VAL J 111 -23.81 -7.59 -29.81
CA VAL J 111 -24.30 -8.63 -30.71
C VAL J 111 -23.97 -8.29 -32.16
N GLY J 112 -24.24 -7.06 -32.58
CA GLY J 112 -24.06 -6.69 -33.98
C GLY J 112 -22.63 -6.81 -34.46
N ASP J 113 -21.67 -6.71 -33.54
CA ASP J 113 -20.27 -6.88 -33.87
C ASP J 113 -19.83 -8.34 -33.90
N ALA J 114 -20.68 -9.25 -33.42
CA ALA J 114 -20.36 -10.67 -33.32
C ALA J 114 -21.16 -11.54 -34.27
N GLY J 115 -22.47 -11.32 -34.38
CA GLY J 115 -23.30 -12.13 -35.24
C GLY J 115 -23.05 -11.94 -36.72
N VAL J 116 -22.33 -10.88 -37.10
CA VAL J 116 -21.98 -10.64 -38.50
C VAL J 116 -20.61 -11.21 -38.84
N ARG J 117 -19.67 -11.18 -37.90
CA ARG J 117 -18.34 -11.72 -38.15
C ARG J 117 -18.34 -13.23 -38.24
N GLY J 118 -19.32 -13.90 -37.65
CA GLY J 118 -19.46 -15.33 -37.79
C GLY J 118 -20.23 -15.68 -39.06
N SER J 119 -21.18 -14.83 -39.44
CA SER J 119 -21.96 -15.07 -40.65
C SER J 119 -21.10 -15.03 -41.90
N SER J 120 -19.94 -14.37 -41.85
CA SER J 120 -19.00 -14.42 -42.97
C SER J 120 -18.55 -15.85 -43.24
N GLN J 121 -18.37 -16.64 -42.19
CA GLN J 121 -17.87 -18.00 -42.31
C GLN J 121 -18.97 -19.06 -42.26
N GLN J 122 -20.16 -18.71 -41.77
CA GLN J 122 -21.24 -19.67 -41.58
C GLN J 122 -22.57 -18.95 -41.79
N PRO J 123 -23.14 -18.98 -43.00
CA PRO J 123 -24.35 -18.17 -43.24
C PRO J 123 -25.58 -18.65 -42.48
N ARG J 124 -25.60 -19.89 -42.01
CA ARG J 124 -26.74 -20.36 -41.21
C ARG J 124 -26.88 -19.58 -39.91
N LEU J 125 -25.78 -19.02 -39.41
CA LEU J 125 -25.82 -18.29 -38.14
C LEU J 125 -26.66 -17.02 -38.21
N PHE J 126 -26.98 -16.53 -39.41
CA PHE J 126 -27.58 -15.20 -39.54
C PHE J 126 -28.93 -15.12 -38.82
N VAL J 127 -29.74 -16.17 -38.91
CA VAL J 127 -31.00 -16.17 -38.20
C VAL J 127 -30.78 -16.28 -36.70
N GLY J 128 -29.64 -16.85 -36.28
CA GLY J 128 -29.31 -16.82 -34.87
C GLY J 128 -29.09 -15.41 -34.36
N MET J 129 -28.46 -14.57 -35.17
CA MET J 129 -28.28 -13.17 -34.80
C MET J 129 -29.62 -12.46 -34.68
N ILE J 130 -30.61 -12.88 -35.45
CA ILE J 130 -31.92 -12.21 -35.42
C ILE J 130 -32.58 -12.42 -34.06
N LEU J 131 -32.81 -13.68 -33.69
CA LEU J 131 -33.57 -13.98 -32.49
C LEU J 131 -32.91 -13.45 -31.22
N ILE J 132 -31.60 -13.19 -31.26
CA ILE J 132 -30.94 -12.65 -30.08
C ILE J 132 -31.18 -11.16 -29.97
N LEU J 133 -31.33 -10.46 -31.10
CA LEU J 133 -31.60 -9.03 -31.07
C LEU J 133 -33.03 -8.72 -30.65
N ILE J 134 -33.97 -9.60 -30.96
CA ILE J 134 -35.38 -9.35 -30.66
C ILE J 134 -35.57 -9.17 -29.16
N PHE J 135 -34.95 -10.03 -28.36
CA PHE J 135 -35.05 -9.90 -26.91
C PHE J 135 -34.46 -8.58 -26.41
N ALA J 136 -33.52 -7.99 -27.15
CA ALA J 136 -32.94 -6.70 -26.78
C ALA J 136 -33.76 -5.52 -27.29
N GLU J 137 -34.51 -5.71 -28.37
CA GLU J 137 -35.37 -4.63 -28.87
C GLU J 137 -36.60 -4.45 -27.99
N VAL J 138 -37.11 -5.54 -27.42
CA VAL J 138 -38.31 -5.48 -26.60
C VAL J 138 -38.05 -4.83 -25.25
N LEU J 139 -36.81 -4.82 -24.78
CA LEU J 139 -36.50 -4.16 -23.51
C LEU J 139 -36.83 -2.68 -23.55
N GLY J 140 -36.74 -2.08 -24.74
CA GLY J 140 -37.22 -0.71 -24.91
C GLY J 140 -38.72 -0.63 -25.08
N LEU J 141 -39.30 -1.62 -25.75
CA LEU J 141 -40.75 -1.62 -25.96
C LEU J 141 -41.50 -1.70 -24.64
N TYR J 142 -41.01 -2.53 -23.71
CA TYR J 142 -41.57 -2.54 -22.37
C TYR J 142 -41.49 -1.17 -21.72
N GLY J 143 -40.42 -0.42 -22.01
CA GLY J 143 -40.30 0.93 -21.48
C GLY J 143 -41.22 1.91 -22.15
N LEU J 144 -41.62 1.63 -23.40
CA LEU J 144 -42.57 2.47 -24.09
C LEU J 144 -44.00 2.23 -23.64
N ILE J 145 -44.30 1.05 -23.11
CA ILE J 145 -45.63 0.77 -22.59
C ILE J 145 -45.86 1.52 -21.29
N VAL J 146 -44.89 1.42 -20.37
CA VAL J 146 -45.03 2.02 -19.05
C VAL J 146 -45.13 3.54 -19.16
N ALA J 147 -44.39 4.15 -20.09
CA ALA J 147 -44.40 5.60 -20.18
C ALA J 147 -45.75 6.12 -20.67
N LEU J 148 -46.37 5.41 -21.61
CA LEU J 148 -47.69 5.81 -22.08
C LEU J 148 -48.78 5.61 -21.04
N LEU J 149 -48.54 4.73 -20.06
CA LEU J 149 -49.47 4.59 -18.95
C LEU J 149 -49.31 5.72 -17.95
N LEU J 150 -48.06 6.06 -17.63
CA LEU J 150 -47.77 7.20 -16.77
C LEU J 150 -48.40 8.47 -17.31
N ASN J 151 -48.07 8.82 -18.56
CA ASN J 151 -48.61 10.03 -19.15
C ASN J 151 -50.13 9.97 -19.29
N SER J 152 -50.69 8.78 -19.48
CA SER J 152 -52.14 8.66 -19.57
C SER J 152 -52.82 9.05 -18.28
N ARG J 153 -52.16 8.83 -17.15
CA ARG J 153 -52.65 9.26 -15.84
C ARG J 153 -52.07 10.59 -15.40
N ALA J 154 -51.47 11.35 -16.33
CA ALA J 154 -50.82 12.60 -15.95
C ALA J 154 -51.83 13.62 -15.48
N THR J 155 -52.76 14.00 -16.35
CA THR J 155 -53.85 14.94 -16.03
C THR J 155 -55.17 14.23 -15.76
N GLN J 156 -55.12 12.97 -15.36
CA GLN J 156 -56.32 12.19 -15.06
C GLN J 156 -56.67 12.38 -13.60
N ASP J 157 -57.86 12.95 -13.35
CA ASP J 157 -58.33 13.24 -11.99
C ASP J 157 -57.36 14.20 -11.28
N VAL J 158 -57.03 15.29 -11.96
CA VAL J 158 -56.13 16.32 -11.44
C VAL J 158 -56.91 17.62 -11.32
N VAL J 159 -56.53 18.42 -10.32
CA VAL J 159 -57.19 19.68 -10.04
C VAL J 159 -56.26 20.84 -10.41
N MET K 1 -50.45 20.30 1.76
CA MET K 1 -51.87 19.98 2.08
C MET K 1 -52.04 19.49 3.52
N THR K 2 -51.32 18.44 3.89
CA THR K 2 -51.48 17.82 5.20
C THR K 2 -50.17 17.12 5.57
N GLU K 3 -49.98 16.92 6.87
CA GLU K 3 -48.85 16.14 7.36
C GLU K 3 -48.86 14.74 6.75
N LEU K 4 -49.94 14.00 7.00
CA LEU K 4 -50.05 12.62 6.54
C LEU K 4 -50.36 12.51 5.05
N CYS K 5 -50.62 13.63 4.36
CA CYS K 5 -50.85 13.63 2.92
C CYS K 5 -50.18 14.86 2.32
N PRO K 6 -48.84 14.81 2.15
CA PRO K 6 -48.15 15.96 1.55
C PRO K 6 -48.41 16.10 0.06
N VAL K 7 -47.72 17.05 -0.57
CA VAL K 7 -47.90 17.32 -2.00
C VAL K 7 -46.75 16.81 -2.85
N TYR K 8 -45.58 16.52 -2.26
CA TYR K 8 -44.43 16.00 -2.96
C TYR K 8 -44.28 14.49 -2.81
N ALA K 9 -45.37 13.80 -2.47
CA ALA K 9 -45.35 12.35 -2.31
C ALA K 9 -45.20 11.60 -3.63
N PRO K 10 -45.89 11.98 -4.71
CA PRO K 10 -45.71 11.25 -5.99
C PRO K 10 -44.29 11.20 -6.51
N PHE K 11 -43.36 12.02 -6.01
CA PHE K 11 -41.97 11.88 -6.42
C PHE K 11 -41.40 10.54 -5.98
N PHE K 12 -41.86 10.03 -4.83
CA PHE K 12 -41.45 8.71 -4.38
C PHE K 12 -42.19 7.58 -5.10
N GLY K 13 -43.26 7.90 -5.82
CA GLY K 13 -44.04 6.87 -6.49
C GLY K 13 -43.58 6.60 -7.89
N ALA K 14 -43.30 7.66 -8.64
CA ALA K 14 -42.85 7.51 -10.02
C ALA K 14 -41.48 6.84 -10.08
N ILE K 15 -40.59 7.19 -9.16
CA ILE K 15 -39.23 6.65 -9.18
C ILE K 15 -39.23 5.16 -8.91
N GLY K 16 -40.24 4.66 -8.18
CA GLY K 16 -40.37 3.22 -8.02
C GLY K 16 -40.93 2.56 -9.26
N CYS K 17 -41.99 3.15 -9.82
CA CYS K 17 -42.55 2.65 -11.07
C CYS K 17 -41.56 2.73 -12.22
N ALA K 18 -40.63 3.68 -12.15
CA ALA K 18 -39.64 3.87 -13.21
C ALA K 18 -38.37 3.07 -12.97
N SER K 19 -38.00 2.82 -11.71
CA SER K 19 -36.79 2.07 -11.43
C SER K 19 -36.98 0.57 -11.65
N ALA K 20 -38.21 0.08 -11.48
CA ALA K 20 -38.46 -1.36 -11.62
C ALA K 20 -38.21 -1.83 -13.04
N ILE K 21 -38.40 -0.95 -14.03
CA ILE K 21 -38.21 -1.32 -15.42
C ILE K 21 -36.80 -1.03 -15.91
N ILE K 22 -36.10 -0.08 -15.28
CA ILE K 22 -34.74 0.25 -15.68
C ILE K 22 -33.78 -0.84 -15.25
N PHE K 23 -33.68 -1.08 -13.94
CA PHE K 23 -32.65 -1.98 -13.43
C PHE K 23 -32.85 -3.41 -13.91
N THR K 24 -34.09 -3.83 -14.12
CA THR K 24 -34.33 -5.12 -14.75
C THR K 24 -33.82 -5.15 -16.19
N SER K 25 -33.92 -4.03 -16.90
CA SER K 25 -33.49 -3.99 -18.29
C SER K 25 -31.97 -4.03 -18.39
N LEU K 26 -31.28 -3.28 -17.54
CA LEU K 26 -29.82 -3.38 -17.48
C LEU K 26 -29.39 -4.80 -17.14
N GLY K 27 -30.09 -5.45 -16.22
CA GLY K 27 -29.77 -6.84 -15.91
C GLY K 27 -30.03 -7.76 -17.07
N ALA K 28 -31.09 -7.49 -17.83
CA ALA K 28 -31.41 -8.34 -18.97
C ALA K 28 -30.42 -8.11 -20.12
N ALA K 29 -29.97 -6.86 -20.30
CA ALA K 29 -29.10 -6.56 -21.42
C ALA K 29 -27.73 -7.19 -21.25
N TYR K 30 -27.20 -7.19 -20.03
CA TYR K 30 -25.87 -7.74 -19.80
C TYR K 30 -25.85 -9.24 -20.04
N GLY K 31 -26.86 -9.95 -19.56
CA GLY K 31 -26.93 -11.39 -19.80
C GLY K 31 -27.26 -11.72 -21.24
N THR K 32 -28.18 -10.95 -21.83
CA THR K 32 -28.51 -11.14 -23.23
C THR K 32 -27.34 -10.83 -24.15
N ALA K 33 -26.36 -10.05 -23.68
CA ALA K 33 -25.24 -9.67 -24.53
C ALA K 33 -24.13 -10.71 -24.50
N LYS K 34 -23.57 -10.98 -23.33
CA LYS K 34 -22.46 -11.90 -23.23
C LYS K 34 -22.87 -13.33 -23.56
N SER K 35 -24.14 -13.67 -23.36
CA SER K 35 -24.65 -14.93 -23.90
C SER K 35 -24.66 -14.90 -25.42
N GLY K 36 -25.03 -13.75 -26.01
CA GLY K 36 -25.03 -13.60 -27.45
C GLY K 36 -23.66 -13.66 -28.08
N VAL K 37 -22.61 -13.43 -27.30
CA VAL K 37 -21.24 -13.57 -27.80
C VAL K 37 -20.81 -15.02 -27.84
N GLY K 38 -21.00 -15.74 -26.73
CA GLY K 38 -20.58 -17.12 -26.67
C GLY K 38 -21.33 -18.02 -27.62
N ILE K 39 -22.57 -17.67 -27.96
CA ILE K 39 -23.35 -18.46 -28.90
C ILE K 39 -22.84 -18.27 -30.31
N CYS K 40 -22.59 -17.03 -30.71
CA CYS K 40 -22.22 -16.73 -32.08
C CYS K 40 -20.74 -16.93 -32.37
N ALA K 41 -19.99 -17.55 -31.44
CA ALA K 41 -18.62 -17.99 -31.70
C ALA K 41 -18.48 -19.50 -31.77
N THR K 42 -19.42 -20.24 -31.19
CA THR K 42 -19.43 -21.70 -31.26
C THR K 42 -20.28 -22.21 -32.42
N CYS K 43 -21.41 -21.55 -32.68
CA CYS K 43 -22.32 -21.98 -33.74
C CYS K 43 -21.74 -21.79 -35.13
N VAL K 44 -20.61 -21.08 -35.27
CA VAL K 44 -19.84 -21.11 -36.50
C VAL K 44 -19.51 -22.56 -36.86
N LEU K 45 -19.14 -23.35 -35.87
CA LEU K 45 -18.73 -24.74 -36.08
C LEU K 45 -19.85 -25.73 -35.78
N ARG K 46 -20.87 -25.35 -35.02
CA ARG K 46 -22.02 -26.21 -34.71
C ARG K 46 -23.30 -25.41 -34.87
N PRO K 47 -23.72 -25.16 -36.12
CA PRO K 47 -25.01 -24.46 -36.32
C PRO K 47 -26.20 -25.21 -35.75
N ASP K 48 -26.12 -26.53 -35.65
CA ASP K 48 -27.26 -27.34 -35.23
C ASP K 48 -27.65 -27.06 -33.77
N LEU K 49 -26.69 -26.66 -32.94
CA LEU K 49 -26.94 -26.39 -31.53
C LEU K 49 -27.43 -24.97 -31.27
N LEU K 50 -27.90 -24.27 -32.30
CA LEU K 50 -28.32 -22.88 -32.15
C LEU K 50 -29.54 -22.78 -31.24
N PHE K 51 -30.60 -23.52 -31.56
CA PHE K 51 -31.82 -23.44 -30.78
C PHE K 51 -31.64 -23.99 -29.37
N LYS K 52 -30.72 -24.93 -29.20
CA LYS K 52 -30.51 -25.57 -27.91
C LYS K 52 -29.76 -24.70 -26.92
N ASN K 53 -28.97 -23.75 -27.40
CA ASN K 53 -28.15 -22.88 -26.56
C ASN K 53 -28.76 -21.50 -26.35
N ILE K 54 -30.01 -21.29 -26.76
CA ILE K 54 -30.67 -20.00 -26.61
C ILE K 54 -31.37 -19.91 -25.24
N VAL K 55 -31.22 -20.95 -24.42
CA VAL K 55 -31.92 -20.99 -23.13
C VAL K 55 -31.50 -19.85 -22.21
N PRO K 56 -30.22 -19.49 -22.09
CA PRO K 56 -29.87 -18.38 -21.18
C PRO K 56 -30.51 -17.06 -21.57
N VAL K 57 -30.67 -16.79 -22.86
CA VAL K 57 -31.32 -15.55 -23.27
C VAL K 57 -32.77 -15.52 -22.81
N ILE K 58 -33.45 -16.66 -22.86
CA ILE K 58 -34.85 -16.72 -22.47
C ILE K 58 -35.01 -16.38 -20.99
N MET K 59 -34.13 -16.94 -20.15
CA MET K 59 -34.24 -16.70 -18.73
C MET K 59 -33.95 -15.25 -18.38
N ALA K 60 -33.15 -14.56 -19.18
CA ALA K 60 -32.93 -13.14 -18.98
C ALA K 60 -34.14 -12.33 -19.41
N GLY K 61 -34.83 -12.78 -20.47
CA GLY K 61 -36.01 -12.07 -20.93
C GLY K 61 -37.13 -12.08 -19.90
N ILE K 62 -37.15 -13.08 -19.02
CA ILE K 62 -38.16 -13.13 -17.97
C ILE K 62 -37.94 -12.00 -16.98
N ILE K 63 -36.70 -11.54 -16.83
CA ILE K 63 -36.37 -10.58 -15.78
C ILE K 63 -37.11 -9.27 -16.01
N ALA K 64 -37.12 -8.78 -17.25
CA ALA K 64 -37.85 -7.56 -17.54
C ALA K 64 -39.34 -7.73 -17.29
N ILE K 65 -39.87 -8.94 -17.48
CA ILE K 65 -41.28 -9.17 -17.25
C ILE K 65 -41.58 -9.11 -15.76
N TYR K 66 -40.61 -9.45 -14.90
CA TYR K 66 -40.78 -9.19 -13.47
C TYR K 66 -40.84 -7.70 -13.20
N GLY K 67 -40.17 -6.90 -14.04
CA GLY K 67 -40.19 -5.46 -13.85
C GLY K 67 -41.43 -4.81 -14.42
N LEU K 68 -42.08 -5.46 -15.39
CA LEU K 68 -43.27 -4.88 -16.00
C LEU K 68 -44.50 -5.04 -15.13
N VAL K 69 -44.66 -6.22 -14.51
CA VAL K 69 -45.83 -6.46 -13.69
C VAL K 69 -45.85 -5.52 -12.49
N VAL K 70 -44.69 -5.20 -11.94
CA VAL K 70 -44.63 -4.29 -10.80
C VAL K 70 -45.01 -2.88 -11.22
N SER K 71 -44.35 -2.35 -12.25
CA SER K 71 -44.54 -0.96 -12.63
C SER K 71 -45.98 -0.67 -13.03
N VAL K 72 -46.63 -1.63 -13.69
CA VAL K 72 -48.04 -1.47 -14.01
C VAL K 72 -48.88 -1.59 -12.75
N LEU K 73 -48.52 -2.52 -11.86
CA LEU K 73 -49.27 -2.74 -10.64
C LEU K 73 -49.15 -1.54 -9.69
N VAL K 74 -48.05 -0.78 -9.80
CA VAL K 74 -47.86 0.38 -8.95
C VAL K 74 -48.57 1.59 -9.55
N CYS K 75 -48.62 1.69 -10.88
CA CYS K 75 -49.08 2.92 -11.52
C CYS K 75 -50.55 3.18 -11.24
N TYR K 76 -51.36 2.13 -11.08
CA TYR K 76 -52.77 2.35 -10.78
C TYR K 76 -52.99 2.83 -9.35
N SER K 77 -52.02 2.63 -8.46
CA SER K 77 -52.13 3.06 -7.07
C SER K 77 -51.57 4.44 -6.82
N LEU K 78 -51.09 5.13 -7.85
CA LEU K 78 -50.64 6.51 -7.69
C LEU K 78 -51.84 7.43 -7.62
N GLY K 79 -51.69 8.51 -6.85
CA GLY K 79 -52.75 9.49 -6.71
C GLY K 79 -52.16 10.84 -6.38
N GLN K 80 -52.86 11.89 -6.82
CA GLN K 80 -52.44 13.25 -6.50
C GLN K 80 -52.40 13.47 -4.99
N LYS K 81 -53.31 12.83 -4.26
CA LYS K 81 -53.47 13.00 -2.83
C LYS K 81 -53.30 11.64 -2.17
N GLN K 82 -52.05 11.29 -1.88
CA GLN K 82 -51.70 10.02 -1.24
C GLN K 82 -50.72 10.29 -0.11
N ALA K 83 -50.64 9.35 0.81
CA ALA K 83 -49.79 9.50 1.98
C ALA K 83 -48.36 9.08 1.67
N LEU K 84 -47.44 9.58 2.49
CA LEU K 84 -46.03 9.18 2.36
C LEU K 84 -45.87 7.68 2.57
N TYR K 85 -46.65 7.11 3.49
CA TYR K 85 -46.65 5.66 3.68
C TYR K 85 -47.04 4.94 2.40
N THR K 86 -47.86 5.56 1.55
CA THR K 86 -48.19 4.97 0.27
C THR K 86 -47.08 5.18 -0.75
N GLY K 87 -46.19 6.15 -0.52
CA GLY K 87 -45.13 6.48 -1.46
C GLY K 87 -43.82 5.80 -1.17
N PHE K 88 -43.38 5.85 0.09
CA PHE K 88 -42.13 5.21 0.49
C PHE K 88 -42.15 3.72 0.17
N ILE K 89 -43.30 3.07 0.36
CA ILE K 89 -43.43 1.65 0.08
C ILE K 89 -43.15 1.36 -1.39
N GLN K 90 -43.71 2.17 -2.28
CA GLN K 90 -43.52 1.95 -3.71
C GLN K 90 -42.04 2.06 -4.09
N LEU K 91 -41.30 2.94 -3.42
CA LEU K 91 -39.87 3.03 -3.66
C LEU K 91 -39.15 1.76 -3.22
N GLY K 92 -39.41 1.32 -1.99
CA GLY K 92 -38.78 0.10 -1.51
C GLY K 92 -39.21 -1.12 -2.29
N ALA K 93 -40.42 -1.09 -2.85
CA ALA K 93 -40.87 -2.19 -3.69
C ALA K 93 -40.04 -2.29 -4.97
N GLY K 94 -39.99 -1.20 -5.74
CA GLY K 94 -39.32 -1.25 -7.03
C GLY K 94 -37.83 -1.53 -6.91
N LEU K 95 -37.20 -1.07 -5.84
CA LEU K 95 -35.77 -1.25 -5.67
C LEU K 95 -35.39 -2.65 -5.23
N SER K 96 -36.34 -3.42 -4.70
CA SER K 96 -36.04 -4.81 -4.35
C SER K 96 -35.96 -5.68 -5.59
N VAL K 97 -36.98 -5.62 -6.45
CA VAL K 97 -36.96 -6.37 -7.69
C VAL K 97 -35.89 -5.82 -8.64
N GLY K 98 -35.68 -4.51 -8.62
CA GLY K 98 -34.73 -3.89 -9.52
C GLY K 98 -33.31 -4.35 -9.30
N LEU K 99 -32.74 -3.99 -8.15
CA LEU K 99 -31.34 -4.28 -7.88
C LEU K 99 -31.06 -5.77 -7.66
N SER K 100 -32.11 -6.59 -7.48
CA SER K 100 -31.93 -8.03 -7.41
C SER K 100 -32.12 -8.68 -8.78
N GLY K 101 -32.99 -8.11 -9.62
CA GLY K 101 -33.06 -8.55 -11.00
C GLY K 101 -31.77 -8.25 -11.75
N LEU K 102 -31.03 -7.23 -11.29
CA LEU K 102 -29.72 -6.95 -11.85
C LEU K 102 -28.77 -8.12 -11.63
N ALA K 103 -28.71 -8.63 -10.40
CA ALA K 103 -27.79 -9.71 -10.07
C ALA K 103 -28.04 -10.94 -10.94
N ALA K 104 -29.31 -11.20 -11.27
CA ALA K 104 -29.62 -12.27 -12.20
C ALA K 104 -28.93 -12.06 -13.55
N GLY K 105 -28.72 -10.80 -13.93
CA GLY K 105 -28.03 -10.53 -15.18
C GLY K 105 -26.58 -10.99 -15.16
N PHE K 106 -25.81 -10.47 -14.21
CA PHE K 106 -24.39 -10.83 -14.09
C PHE K 106 -24.20 -12.33 -13.93
N ALA K 107 -25.13 -13.00 -13.25
CA ALA K 107 -25.01 -14.43 -13.04
C ALA K 107 -25.29 -15.19 -14.34
N ILE K 108 -26.35 -14.82 -15.05
CA ILE K 108 -26.68 -15.50 -16.30
C ILE K 108 -25.66 -15.15 -17.38
N GLY K 109 -25.15 -13.92 -17.37
CA GLY K 109 -24.21 -13.51 -18.40
C GLY K 109 -22.86 -14.16 -18.28
N ILE K 110 -22.46 -14.54 -17.07
CA ILE K 110 -21.15 -15.15 -16.84
C ILE K 110 -21.21 -16.66 -16.94
N VAL K 111 -22.30 -17.27 -16.48
CA VAL K 111 -22.48 -18.70 -16.63
C VAL K 111 -22.84 -19.04 -18.07
N GLY K 112 -23.71 -18.23 -18.69
CA GLY K 112 -24.12 -18.50 -20.06
C GLY K 112 -22.97 -18.48 -21.04
N ASP K 113 -21.94 -17.68 -20.75
CA ASP K 113 -20.77 -17.65 -21.62
C ASP K 113 -19.93 -18.92 -21.46
N ALA K 114 -19.65 -19.31 -20.22
CA ALA K 114 -18.80 -20.47 -19.99
C ALA K 114 -19.53 -21.77 -20.31
N GLY K 115 -20.81 -21.87 -19.96
CA GLY K 115 -21.53 -23.12 -20.13
C GLY K 115 -21.90 -23.42 -21.56
N VAL K 116 -22.11 -22.39 -22.37
CA VAL K 116 -22.43 -22.60 -23.78
C VAL K 116 -21.18 -23.03 -24.54
N ARG K 117 -20.01 -22.48 -24.19
CA ARG K 117 -18.78 -22.89 -24.84
C ARG K 117 -18.35 -24.29 -24.41
N GLY K 118 -18.71 -24.70 -23.20
CA GLY K 118 -18.42 -26.05 -22.76
C GLY K 118 -19.39 -27.09 -23.29
N SER K 119 -20.64 -26.70 -23.51
CA SER K 119 -21.62 -27.64 -24.04
C SER K 119 -21.30 -28.06 -25.47
N SER K 120 -20.55 -27.24 -26.19
CA SER K 120 -20.14 -27.61 -27.54
C SER K 120 -19.21 -28.81 -27.52
N GLN K 121 -18.36 -28.91 -26.50
CA GLN K 121 -17.37 -29.97 -26.44
C GLN K 121 -17.88 -31.21 -25.71
N GLN K 122 -18.79 -31.03 -24.74
CA GLN K 122 -19.33 -32.12 -23.94
C GLN K 122 -20.85 -32.13 -24.05
N PRO K 123 -21.49 -33.18 -24.57
CA PRO K 123 -22.97 -33.15 -24.59
C PRO K 123 -23.61 -33.22 -23.22
N ARG K 124 -23.12 -34.11 -22.35
CA ARG K 124 -23.74 -34.32 -21.05
C ARG K 124 -23.77 -33.07 -20.19
N LEU K 125 -22.90 -32.09 -20.45
CA LEU K 125 -22.80 -30.91 -19.59
C LEU K 125 -24.04 -30.03 -19.68
N PHE K 126 -24.83 -30.13 -20.75
CA PHE K 126 -25.97 -29.24 -20.91
C PHE K 126 -27.02 -29.46 -19.84
N VAL K 127 -27.08 -30.65 -19.26
CA VAL K 127 -28.06 -30.92 -18.21
C VAL K 127 -27.73 -30.11 -16.96
N GLY K 128 -26.45 -29.89 -16.70
CA GLY K 128 -26.06 -29.19 -15.49
C GLY K 128 -26.27 -27.69 -15.55
N MET K 129 -26.06 -27.10 -16.73
CA MET K 129 -26.09 -25.65 -16.86
C MET K 129 -27.46 -25.09 -16.48
N ILE K 130 -28.53 -25.80 -16.83
CA ILE K 130 -29.88 -25.32 -16.54
C ILE K 130 -30.12 -25.29 -15.04
N LEU K 131 -29.51 -26.21 -14.28
CA LEU K 131 -29.62 -26.16 -12.84
C LEU K 131 -29.00 -24.88 -12.29
N ILE K 132 -27.79 -24.57 -12.76
CA ILE K 132 -27.05 -23.44 -12.21
C ILE K 132 -27.72 -22.11 -12.54
N LEU K 133 -28.49 -22.06 -13.63
CA LEU K 133 -29.18 -20.83 -13.98
C LEU K 133 -30.43 -20.62 -13.14
N ILE K 134 -31.18 -21.70 -12.88
CA ILE K 134 -32.45 -21.57 -12.18
C ILE K 134 -32.23 -21.06 -10.76
N PHE K 135 -31.12 -21.42 -10.14
CA PHE K 135 -30.79 -20.83 -8.84
C PHE K 135 -30.53 -19.33 -8.98
N ALA K 136 -30.06 -18.89 -10.15
CA ALA K 136 -29.81 -17.47 -10.38
C ALA K 136 -31.08 -16.74 -10.82
N GLU K 137 -32.01 -17.43 -11.45
CA GLU K 137 -33.25 -16.80 -11.88
C GLU K 137 -34.17 -16.51 -10.71
N VAL K 138 -34.30 -17.45 -9.77
CA VAL K 138 -35.16 -17.27 -8.61
C VAL K 138 -34.72 -16.12 -7.71
N LEU K 139 -33.48 -15.63 -7.87
CA LEU K 139 -33.09 -14.39 -7.21
C LEU K 139 -33.95 -13.23 -7.69
N GLY K 140 -34.44 -13.29 -8.93
CA GLY K 140 -35.44 -12.35 -9.38
C GLY K 140 -36.84 -12.66 -8.92
N LEU K 141 -37.09 -13.92 -8.55
CA LEU K 141 -38.39 -14.30 -7.98
C LEU K 141 -38.50 -13.82 -6.53
N TYR K 142 -37.44 -14.01 -5.74
CA TYR K 142 -37.45 -13.55 -4.36
C TYR K 142 -37.66 -12.05 -4.29
N GLY K 143 -37.08 -11.31 -5.23
CA GLY K 143 -37.30 -9.87 -5.28
C GLY K 143 -38.72 -9.51 -5.70
N LEU K 144 -39.38 -10.40 -6.44
CA LEU K 144 -40.74 -10.13 -6.88
C LEU K 144 -41.73 -10.26 -5.72
N ILE K 145 -41.65 -11.37 -4.98
CA ILE K 145 -42.60 -11.67 -3.93
C ILE K 145 -42.63 -10.56 -2.88
N VAL K 146 -41.48 -10.01 -2.53
CA VAL K 146 -41.43 -8.93 -1.55
C VAL K 146 -42.12 -7.68 -2.08
N ALA K 147 -42.10 -7.47 -3.40
CA ALA K 147 -42.70 -6.27 -3.95
C ALA K 147 -44.22 -6.37 -3.96
N LEU K 148 -44.77 -7.58 -3.96
CA LEU K 148 -46.22 -7.75 -3.98
C LEU K 148 -46.81 -7.67 -2.58
N LEU K 149 -46.10 -8.19 -1.58
CA LEU K 149 -46.52 -8.01 -0.21
C LEU K 149 -46.53 -6.53 0.17
N LEU K 150 -45.47 -5.82 -0.19
CA LEU K 150 -45.40 -4.38 0.06
C LEU K 150 -46.52 -3.63 -0.65
N ASN K 151 -46.72 -3.90 -1.94
CA ASN K 151 -47.70 -3.15 -2.71
C ASN K 151 -49.14 -3.52 -2.36
N SER K 152 -49.36 -4.46 -1.44
CA SER K 152 -50.64 -4.66 -0.79
C SER K 152 -50.79 -3.81 0.46
N ARG K 153 -49.69 -3.57 1.17
CA ARG K 153 -49.67 -2.76 2.38
C ARG K 153 -49.61 -1.26 2.10
N ALA K 154 -49.69 -0.84 0.84
CA ALA K 154 -49.40 0.55 0.50
C ALA K 154 -50.60 1.47 0.68
N THR K 155 -51.81 0.95 0.47
CA THR K 155 -53.04 1.69 0.72
C THR K 155 -53.89 1.02 1.80
N GLN K 156 -53.54 -0.19 2.21
CA GLN K 156 -54.26 -0.91 3.24
C GLN K 156 -54.16 -0.16 4.56
N ASP K 157 -55.31 0.36 5.03
CA ASP K 157 -55.39 1.13 6.27
C ASP K 157 -54.51 2.37 6.21
N VAL K 158 -54.84 3.25 5.27
CA VAL K 158 -54.16 4.53 5.08
C VAL K 158 -55.19 5.63 5.00
N VAL K 159 -54.84 6.80 5.52
CA VAL K 159 -55.71 7.98 5.52
C VAL K 159 -54.95 9.17 4.95
N MET L 1 -47.32 14.53 12.94
CA MET L 1 -48.37 13.68 13.57
C MET L 1 -48.21 13.67 15.09
N THR L 2 -47.04 13.24 15.55
CA THR L 2 -46.74 13.18 16.97
C THR L 2 -45.22 13.18 17.11
N GLU L 3 -44.75 13.56 18.30
CA GLU L 3 -43.32 13.67 18.54
C GLU L 3 -42.63 12.32 18.40
N LEU L 4 -43.11 11.31 19.11
CA LEU L 4 -42.54 9.98 19.02
C LEU L 4 -42.96 9.22 17.77
N CYS L 5 -43.93 9.73 17.00
CA CYS L 5 -44.41 9.07 15.78
C CYS L 5 -44.46 10.09 14.64
N PRO L 6 -43.33 10.44 14.05
CA PRO L 6 -43.35 11.31 12.85
C PRO L 6 -43.83 10.55 11.63
N VAL L 7 -43.92 11.28 10.52
CA VAL L 7 -44.37 10.70 9.25
C VAL L 7 -43.24 10.10 8.43
N TYR L 8 -41.97 10.38 8.77
CA TYR L 8 -40.83 9.89 8.02
C TYR L 8 -40.14 8.72 8.69
N ALA L 9 -40.83 8.01 9.59
CA ALA L 9 -40.34 6.77 10.17
C ALA L 9 -40.52 5.58 9.25
N PRO L 10 -41.64 5.42 8.55
CA PRO L 10 -41.77 4.27 7.63
C PRO L 10 -40.77 4.26 6.49
N PHE L 11 -40.13 5.40 6.20
CA PHE L 11 -39.06 5.44 5.20
C PHE L 11 -37.97 4.42 5.52
N PHE L 12 -37.58 4.33 6.78
CA PHE L 12 -36.53 3.39 7.18
C PHE L 12 -37.01 1.95 7.17
N GLY L 13 -38.32 1.72 7.27
CA GLY L 13 -38.83 0.36 7.19
C GLY L 13 -38.77 -0.21 5.79
N ALA L 14 -38.94 0.65 4.78
CA ALA L 14 -38.79 0.21 3.40
C ALA L 14 -37.35 -0.13 3.06
N ILE L 15 -36.41 0.72 3.50
CA ILE L 15 -35.01 0.45 3.24
C ILE L 15 -34.54 -0.76 4.03
N GLY L 16 -35.13 -1.01 5.20
CA GLY L 16 -34.80 -2.21 5.94
C GLY L 16 -35.38 -3.46 5.32
N CYS L 17 -36.53 -3.34 4.66
CA CYS L 17 -37.15 -4.47 3.98
C CYS L 17 -36.56 -4.71 2.60
N ALA L 18 -36.01 -3.67 1.97
CA ALA L 18 -35.47 -3.77 0.62
C ALA L 18 -34.01 -4.17 0.63
N SER L 19 -33.20 -3.51 1.47
CA SER L 19 -31.78 -3.78 1.51
C SER L 19 -31.47 -5.22 1.92
N ALA L 20 -32.38 -5.87 2.63
CA ALA L 20 -32.13 -7.23 3.11
C ALA L 20 -31.94 -8.20 1.94
N ILE L 21 -32.91 -8.22 1.02
CA ILE L 21 -32.85 -9.16 -0.09
C ILE L 21 -31.82 -8.70 -1.14
N ILE L 22 -31.60 -7.40 -1.27
CA ILE L 22 -30.67 -6.89 -2.28
C ILE L 22 -29.26 -7.38 -2.00
N PHE L 23 -28.71 -7.00 -0.84
CA PHE L 23 -27.30 -7.27 -0.54
C PHE L 23 -27.00 -8.75 -0.39
N THR L 24 -28.01 -9.60 -0.23
CA THR L 24 -27.81 -11.05 -0.30
C THR L 24 -27.72 -11.55 -1.73
N SER L 25 -28.55 -11.01 -2.63
CA SER L 25 -28.53 -11.45 -4.01
C SER L 25 -27.27 -11.01 -4.75
N LEU L 26 -26.69 -9.88 -4.35
CA LEU L 26 -25.37 -9.51 -4.83
C LEU L 26 -24.30 -10.47 -4.34
N GLY L 27 -24.56 -11.17 -3.23
CA GLY L 27 -23.67 -12.20 -2.74
C GLY L 27 -23.98 -13.56 -3.34
N ALA L 28 -25.26 -13.83 -3.55
CA ALA L 28 -25.68 -15.10 -4.13
C ALA L 28 -25.49 -15.16 -5.64
N ALA L 29 -25.09 -14.06 -6.28
CA ALA L 29 -24.73 -14.06 -7.69
C ALA L 29 -23.23 -14.17 -7.89
N TYR L 30 -22.46 -13.35 -7.18
CA TYR L 30 -21.01 -13.46 -7.25
C TYR L 30 -20.54 -14.81 -6.76
N GLY L 31 -21.26 -15.41 -5.81
CA GLY L 31 -20.97 -16.76 -5.37
C GLY L 31 -21.56 -17.84 -6.25
N THR L 32 -22.53 -17.50 -7.11
CA THR L 32 -23.10 -18.41 -8.07
C THR L 32 -22.43 -18.32 -9.44
N ALA L 33 -21.68 -17.24 -9.70
CA ALA L 33 -21.04 -17.03 -10.98
C ALA L 33 -19.61 -17.58 -10.99
N LYS L 34 -18.80 -17.21 -10.00
CA LYS L 34 -17.44 -17.73 -9.92
C LYS L 34 -17.42 -19.24 -9.79
N SER L 35 -18.44 -19.81 -9.16
CA SER L 35 -18.57 -21.26 -9.11
C SER L 35 -19.07 -21.83 -10.43
N GLY L 36 -19.94 -21.10 -11.13
CA GLY L 36 -20.44 -21.58 -12.40
C GLY L 36 -19.37 -21.72 -13.45
N VAL L 37 -18.32 -20.89 -13.37
CA VAL L 37 -17.21 -21.00 -14.31
C VAL L 37 -16.35 -22.20 -13.96
N GLY L 38 -15.88 -22.26 -12.72
CA GLY L 38 -15.00 -23.34 -12.29
C GLY L 38 -15.60 -24.72 -12.42
N ILE L 39 -16.92 -24.82 -12.43
CA ILE L 39 -17.60 -26.10 -12.61
C ILE L 39 -17.72 -26.46 -14.08
N CYS L 40 -18.15 -25.51 -14.91
CA CYS L 40 -18.38 -25.81 -16.33
C CYS L 40 -17.09 -25.90 -17.13
N ALA L 41 -15.94 -25.57 -16.54
CA ALA L 41 -14.64 -25.84 -17.13
C ALA L 41 -13.89 -26.97 -16.42
N THR L 42 -14.42 -27.48 -15.32
CA THR L 42 -13.88 -28.64 -14.62
C THR L 42 -14.59 -29.92 -15.01
N CYS L 43 -15.90 -29.85 -15.26
CA CYS L 43 -16.70 -31.00 -15.63
C CYS L 43 -16.70 -31.26 -17.13
N VAL L 44 -15.70 -30.75 -17.86
CA VAL L 44 -15.58 -31.03 -19.28
C VAL L 44 -14.86 -32.35 -19.52
N LEU L 45 -13.93 -32.71 -18.64
CA LEU L 45 -13.16 -33.95 -18.75
C LEU L 45 -13.61 -35.01 -17.74
N ARG L 46 -14.17 -34.59 -16.62
CA ARG L 46 -14.69 -35.49 -15.59
C ARG L 46 -16.12 -35.11 -15.28
N PRO L 47 -17.05 -35.35 -16.22
CA PRO L 47 -18.46 -35.02 -15.96
C PRO L 47 -19.14 -35.95 -14.98
N ASP L 48 -18.47 -37.00 -14.50
CA ASP L 48 -19.01 -37.83 -13.44
C ASP L 48 -19.19 -37.08 -12.13
N LEU L 49 -18.54 -35.93 -11.97
CA LEU L 49 -18.52 -35.18 -10.73
C LEU L 49 -19.46 -33.98 -10.75
N LEU L 50 -20.42 -33.95 -11.69
CA LEU L 50 -21.32 -32.82 -11.81
C LEU L 50 -22.18 -32.67 -10.55
N PHE L 51 -22.98 -33.69 -10.24
CA PHE L 51 -23.99 -33.57 -9.20
C PHE L 51 -23.41 -33.33 -7.82
N LYS L 52 -22.11 -33.58 -7.62
CA LYS L 52 -21.47 -33.37 -6.32
C LYS L 52 -20.69 -32.07 -6.25
N ASN L 53 -20.44 -31.41 -7.38
CA ASN L 53 -19.82 -30.09 -7.39
C ASN L 53 -20.84 -28.96 -7.42
N ILE L 54 -22.13 -29.26 -7.33
CA ILE L 54 -23.17 -28.23 -7.25
C ILE L 54 -23.24 -27.57 -5.88
N VAL L 55 -22.50 -28.11 -4.89
CA VAL L 55 -22.71 -27.72 -3.49
C VAL L 55 -22.48 -26.23 -3.26
N PRO L 56 -21.45 -25.59 -3.84
CA PRO L 56 -21.36 -24.13 -3.70
C PRO L 56 -22.57 -23.39 -4.26
N VAL L 57 -23.13 -23.86 -5.37
CA VAL L 57 -24.31 -23.20 -5.94
C VAL L 57 -25.51 -23.35 -5.03
N ILE L 58 -25.57 -24.42 -4.22
CA ILE L 58 -26.66 -24.58 -3.27
C ILE L 58 -26.48 -23.62 -2.11
N MET L 59 -25.29 -23.59 -1.52
CA MET L 59 -25.04 -22.72 -0.38
C MET L 59 -25.22 -21.25 -0.74
N ALA L 60 -24.74 -20.85 -1.91
CA ALA L 60 -25.02 -19.49 -2.38
C ALA L 60 -26.50 -19.29 -2.64
N GLY L 61 -27.24 -20.37 -2.93
CA GLY L 61 -28.68 -20.28 -3.03
C GLY L 61 -29.41 -20.23 -1.70
N ILE L 62 -28.70 -20.49 -0.60
CA ILE L 62 -29.29 -20.37 0.72
C ILE L 62 -29.19 -18.94 1.23
N ILE L 63 -28.15 -18.20 0.82
CA ILE L 63 -27.90 -16.87 1.36
C ILE L 63 -29.05 -15.93 1.02
N ALA L 64 -29.70 -16.16 -0.13
CA ALA L 64 -30.79 -15.29 -0.54
C ALA L 64 -32.04 -15.48 0.32
N ILE L 65 -32.19 -16.64 0.95
CA ILE L 65 -33.38 -16.91 1.74
C ILE L 65 -33.24 -16.31 3.14
N TYR L 66 -32.02 -16.19 3.65
CA TYR L 66 -31.80 -15.44 4.88
C TYR L 66 -32.21 -13.99 4.71
N GLY L 67 -32.08 -13.45 3.50
CA GLY L 67 -32.52 -12.10 3.21
C GLY L 67 -33.99 -11.97 2.91
N LEU L 68 -34.68 -13.08 2.68
CA LEU L 68 -36.12 -13.07 2.42
C LEU L 68 -36.95 -13.22 3.69
N VAL L 69 -36.53 -14.12 4.59
CA VAL L 69 -37.27 -14.32 5.83
C VAL L 69 -37.14 -13.14 6.79
N VAL L 70 -36.25 -12.20 6.50
CA VAL L 70 -36.21 -10.95 7.26
C VAL L 70 -37.15 -9.92 6.65
N SER L 71 -37.28 -9.91 5.32
CA SER L 71 -38.12 -8.91 4.68
C SER L 71 -39.60 -9.22 4.90
N VAL L 72 -39.94 -10.47 5.17
CA VAL L 72 -41.34 -10.82 5.41
C VAL L 72 -41.76 -10.42 6.82
N LEU L 73 -40.90 -10.66 7.80
CA LEU L 73 -41.22 -10.31 9.17
C LEU L 73 -41.32 -8.80 9.32
N VAL L 74 -40.40 -8.07 8.72
CA VAL L 74 -40.46 -6.62 8.69
C VAL L 74 -41.74 -6.16 8.02
N CYS L 75 -42.03 -6.69 6.82
CA CYS L 75 -43.15 -6.23 6.02
C CYS L 75 -44.49 -6.37 6.74
N TYR L 76 -44.60 -7.30 7.69
CA TYR L 76 -45.81 -7.44 8.50
C TYR L 76 -45.69 -6.70 9.83
N SER L 77 -44.95 -5.59 9.86
CA SER L 77 -44.95 -4.68 11.00
C SER L 77 -45.00 -3.22 10.58
N LEU L 78 -45.14 -2.91 9.29
CA LEU L 78 -45.14 -1.54 8.82
C LEU L 78 -46.53 -0.93 8.96
N GLY L 79 -46.54 0.39 9.18
CA GLY L 79 -47.79 1.10 9.35
C GLY L 79 -47.58 2.58 9.17
N GLN L 80 -48.66 3.28 8.81
CA GLN L 80 -48.60 4.72 8.64
C GLN L 80 -48.20 5.43 9.93
N LYS L 81 -48.52 4.83 11.07
CA LYS L 81 -48.25 5.41 12.39
C LYS L 81 -47.43 4.41 13.19
N GLN L 82 -46.15 4.72 13.40
CA GLN L 82 -45.31 3.90 14.25
C GLN L 82 -44.13 4.74 14.73
N ALA L 83 -43.53 4.31 15.82
CA ALA L 83 -42.44 5.07 16.42
C ALA L 83 -41.17 4.98 15.58
N LEU L 84 -40.29 5.96 15.77
CA LEU L 84 -38.97 5.91 15.15
C LEU L 84 -38.21 4.67 15.62
N TYR L 85 -38.38 4.30 16.88
CA TYR L 85 -37.76 3.07 17.37
C TYR L 85 -38.24 1.85 16.60
N THR L 86 -39.47 1.88 16.10
CA THR L 86 -39.94 0.81 15.25
C THR L 86 -39.30 0.85 13.87
N GLY L 87 -38.75 2.00 13.47
CA GLY L 87 -38.18 2.17 12.14
C GLY L 87 -36.67 2.01 12.08
N PHE L 88 -35.96 2.66 13.00
CA PHE L 88 -34.51 2.55 13.03
C PHE L 88 -34.06 1.12 13.28
N ILE L 89 -34.82 0.37 14.08
CA ILE L 89 -34.45 -1.01 14.38
C ILE L 89 -34.61 -1.87 13.14
N GLN L 90 -35.65 -1.63 12.33
CA GLN L 90 -35.84 -2.39 11.11
C GLN L 90 -34.72 -2.10 10.10
N LEU L 91 -34.06 -0.95 10.22
CA LEU L 91 -32.89 -0.69 9.39
C LEU L 91 -31.71 -1.55 9.81
N GLY L 92 -31.54 -1.77 11.11
CA GLY L 92 -30.47 -2.62 11.58
C GLY L 92 -30.60 -4.05 11.13
N ALA L 93 -31.84 -4.53 10.97
CA ALA L 93 -32.06 -5.90 10.53
C ALA L 93 -32.00 -6.06 9.02
N GLY L 94 -31.79 -4.98 8.27
CA GLY L 94 -31.62 -5.05 6.84
C GLY L 94 -30.17 -5.01 6.42
N LEU L 95 -29.34 -4.36 7.26
CA LEU L 95 -27.92 -4.27 6.99
C LEU L 95 -27.17 -5.49 7.52
N SER L 96 -27.59 -5.99 8.68
CA SER L 96 -26.85 -7.05 9.35
C SER L 96 -26.83 -8.32 8.49
N VAL L 97 -27.99 -8.72 7.98
CA VAL L 97 -28.05 -9.88 7.10
C VAL L 97 -27.59 -9.50 5.70
N GLY L 98 -27.86 -8.27 5.28
CA GLY L 98 -27.48 -7.85 3.94
C GLY L 98 -25.99 -7.85 3.72
N LEU L 99 -25.26 -7.15 4.59
CA LEU L 99 -23.82 -6.97 4.42
C LEU L 99 -23.00 -8.10 5.01
N SER L 100 -23.61 -9.01 5.76
CA SER L 100 -22.94 -10.23 6.19
C SER L 100 -23.09 -11.34 5.16
N GLY L 101 -24.31 -11.56 4.68
CA GLY L 101 -24.53 -12.48 3.58
C GLY L 101 -23.80 -12.10 2.31
N LEU L 102 -23.47 -10.81 2.16
CA LEU L 102 -22.64 -10.38 1.04
C LEU L 102 -21.23 -10.94 1.15
N ALA L 103 -20.67 -10.95 2.36
CA ALA L 103 -19.32 -11.47 2.55
C ALA L 103 -19.29 -12.97 2.29
N ALA L 104 -20.30 -13.70 2.76
CA ALA L 104 -20.37 -15.13 2.53
C ALA L 104 -20.51 -15.48 1.06
N GLY L 105 -20.93 -14.53 0.22
CA GLY L 105 -20.96 -14.73 -1.21
C GLY L 105 -19.60 -14.45 -1.83
N PHE L 106 -18.89 -13.49 -1.25
CA PHE L 106 -17.52 -13.22 -1.69
C PHE L 106 -16.62 -14.41 -1.46
N ALA L 107 -16.86 -15.17 -0.40
CA ALA L 107 -15.97 -16.26 -0.03
C ALA L 107 -16.26 -17.54 -0.81
N ILE L 108 -17.53 -17.92 -0.91
CA ILE L 108 -17.88 -19.21 -1.49
C ILE L 108 -17.51 -19.26 -2.97
N GLY L 109 -17.55 -18.13 -3.66
CA GLY L 109 -17.12 -18.12 -5.05
C GLY L 109 -15.63 -18.30 -5.20
N ILE L 110 -14.86 -17.56 -4.40
CA ILE L 110 -13.40 -17.63 -4.49
C ILE L 110 -12.91 -19.01 -4.04
N VAL L 111 -13.61 -19.62 -3.09
CA VAL L 111 -13.25 -20.97 -2.66
C VAL L 111 -13.66 -21.99 -3.71
N GLY L 112 -14.95 -22.03 -4.05
CA GLY L 112 -15.45 -23.02 -4.98
C GLY L 112 -14.77 -22.98 -6.34
N ASP L 113 -14.31 -21.81 -6.76
CA ASP L 113 -13.61 -21.70 -8.03
C ASP L 113 -12.32 -22.50 -8.03
N ALA L 114 -11.70 -22.65 -6.85
CA ALA L 114 -10.41 -23.33 -6.73
C ALA L 114 -10.55 -24.72 -6.12
N GLY L 115 -11.40 -24.87 -5.10
CA GLY L 115 -11.58 -26.17 -4.49
C GLY L 115 -12.16 -27.20 -5.44
N VAL L 116 -13.01 -26.76 -6.36
CA VAL L 116 -13.55 -27.68 -7.37
C VAL L 116 -12.45 -28.17 -8.29
N ARG L 117 -11.61 -27.25 -8.76
CA ARG L 117 -10.55 -27.63 -9.70
C ARG L 117 -9.56 -28.60 -9.07
N GLY L 118 -9.39 -28.55 -7.76
CA GLY L 118 -8.59 -29.56 -7.08
C GLY L 118 -9.34 -30.86 -6.92
N SER L 119 -10.65 -30.79 -6.68
CA SER L 119 -11.46 -31.99 -6.45
C SER L 119 -11.42 -32.91 -7.67
N SER L 120 -11.32 -32.34 -8.87
CA SER L 120 -11.20 -33.15 -10.08
C SER L 120 -9.95 -34.02 -10.05
N GLN L 121 -8.87 -33.51 -9.45
CA GLN L 121 -7.59 -34.19 -9.47
C GLN L 121 -7.39 -35.10 -8.26
N GLN L 122 -8.06 -34.79 -7.15
CA GLN L 122 -7.89 -35.52 -5.90
C GLN L 122 -9.26 -35.66 -5.23
N PRO L 123 -9.85 -36.86 -5.14
CA PRO L 123 -11.13 -36.97 -4.42
C PRO L 123 -11.01 -36.82 -2.91
N ARG L 124 -9.80 -36.90 -2.35
CA ARG L 124 -9.61 -36.74 -0.92
C ARG L 124 -9.73 -35.30 -0.46
N LEU L 125 -9.94 -34.35 -1.37
CA LEU L 125 -10.06 -32.94 -1.05
C LEU L 125 -11.52 -32.49 -0.92
N PHE L 126 -12.46 -33.26 -1.44
CA PHE L 126 -13.86 -32.84 -1.46
C PHE L 126 -14.41 -32.69 -0.05
N VAL L 127 -14.11 -33.64 0.85
CA VAL L 127 -14.51 -33.51 2.23
C VAL L 127 -13.77 -32.38 2.93
N GLY L 128 -12.58 -32.03 2.45
CA GLY L 128 -11.86 -30.90 3.01
C GLY L 128 -12.38 -29.56 2.54
N MET L 129 -12.92 -29.51 1.32
CA MET L 129 -13.45 -28.27 0.79
C MET L 129 -14.69 -27.84 1.58
N ILE L 130 -15.63 -28.76 1.77
CA ILE L 130 -16.91 -28.39 2.36
C ILE L 130 -16.74 -27.97 3.81
N LEU L 131 -15.70 -28.46 4.48
CA LEU L 131 -15.43 -27.98 5.84
C LEU L 131 -15.16 -26.49 5.83
N ILE L 132 -14.50 -25.99 4.78
CA ILE L 132 -14.21 -24.57 4.68
C ILE L 132 -15.48 -23.78 4.45
N LEU L 133 -16.34 -24.26 3.54
CA LEU L 133 -17.55 -23.53 3.19
C LEU L 133 -18.51 -23.40 4.36
N ILE L 134 -18.50 -24.35 5.30
CA ILE L 134 -19.35 -24.24 6.47
C ILE L 134 -18.93 -23.05 7.31
N PHE L 135 -17.64 -22.76 7.38
CA PHE L 135 -17.18 -21.53 8.03
C PHE L 135 -17.56 -20.29 7.25
N ALA L 136 -17.90 -20.42 5.96
CA ALA L 136 -18.34 -19.31 5.14
C ALA L 136 -19.85 -19.14 5.13
N GLU L 137 -20.60 -20.24 5.30
CA GLU L 137 -22.05 -20.16 5.39
C GLU L 137 -22.51 -19.68 6.76
N VAL L 138 -21.71 -19.91 7.80
CA VAL L 138 -22.09 -19.47 9.15
C VAL L 138 -21.98 -17.97 9.32
N LEU L 139 -21.08 -17.31 8.57
CA LEU L 139 -21.03 -15.86 8.63
C LEU L 139 -22.32 -15.23 8.10
N GLY L 140 -23.01 -15.92 7.21
CA GLY L 140 -24.34 -15.51 6.81
C GLY L 140 -25.45 -15.86 7.77
N LEU L 141 -25.11 -16.57 8.86
CA LEU L 141 -26.07 -16.97 9.88
C LEU L 141 -25.98 -16.09 11.12
N TYR L 142 -24.79 -15.60 11.45
CA TYR L 142 -24.65 -14.67 12.56
C TYR L 142 -25.30 -13.33 12.24
N GLY L 143 -25.44 -13.01 10.95
CA GLY L 143 -26.23 -11.85 10.56
C GLY L 143 -27.72 -12.11 10.63
N LEU L 144 -28.14 -13.36 10.48
CA LEU L 144 -29.54 -13.71 10.60
C LEU L 144 -30.01 -13.53 12.04
N ILE L 145 -29.25 -14.08 12.99
CA ILE L 145 -29.69 -14.10 14.39
C ILE L 145 -29.89 -12.69 14.91
N VAL L 146 -28.96 -11.78 14.59
CA VAL L 146 -29.09 -10.40 15.04
C VAL L 146 -30.33 -9.75 14.45
N ALA L 147 -30.73 -10.16 13.25
CA ALA L 147 -31.91 -9.60 12.61
C ALA L 147 -33.20 -10.12 13.24
N LEU L 148 -33.13 -11.16 14.07
CA LEU L 148 -34.28 -11.65 14.81
C LEU L 148 -34.40 -10.99 16.17
N LEU L 149 -33.28 -10.88 16.89
CA LEU L 149 -33.30 -10.25 18.20
C LEU L 149 -33.71 -8.79 18.12
N LEU L 150 -33.44 -8.14 16.99
CA LEU L 150 -33.82 -6.75 16.81
C LEU L 150 -35.31 -6.63 16.49
N ASN L 151 -35.81 -7.49 15.61
CA ASN L 151 -37.22 -7.40 15.22
C ASN L 151 -38.14 -7.81 16.35
N SER L 152 -37.68 -8.64 17.28
CA SER L 152 -38.49 -9.01 18.43
C SER L 152 -38.69 -7.83 19.36
N ARG L 153 -37.67 -7.00 19.51
CA ARG L 153 -37.73 -5.81 20.36
C ARG L 153 -38.30 -4.60 19.63
N ALA L 154 -38.87 -4.78 18.44
CA ALA L 154 -39.22 -3.64 17.60
C ALA L 154 -40.60 -3.07 17.88
N THR L 155 -41.50 -3.87 18.47
CA THR L 155 -42.85 -3.44 18.77
C THR L 155 -43.21 -3.54 20.25
N GLN L 156 -42.52 -4.37 21.02
CA GLN L 156 -42.84 -4.51 22.45
C GLN L 156 -42.31 -3.30 23.21
N ASP L 157 -43.12 -2.81 24.15
CA ASP L 157 -42.80 -1.61 24.93
C ASP L 157 -42.64 -0.39 24.01
N VAL L 158 -43.63 -0.19 23.14
CA VAL L 158 -43.62 0.88 22.16
C VAL L 158 -44.96 1.59 22.22
N VAL L 159 -44.93 2.90 21.97
CA VAL L 159 -46.12 3.74 21.96
C VAL L 159 -46.21 4.50 20.65
N MET M 1 -38.96 14.51 23.54
CA MET M 1 -39.75 14.55 24.81
C MET M 1 -38.91 15.14 25.94
N THR M 2 -37.62 14.79 25.96
CA THR M 2 -36.68 15.28 26.95
C THR M 2 -35.39 15.68 26.24
N GLU M 3 -34.75 16.73 26.74
CA GLU M 3 -33.52 17.22 26.12
C GLU M 3 -32.40 16.19 26.23
N LEU M 4 -32.26 15.58 27.41
CA LEU M 4 -31.24 14.57 27.61
C LEU M 4 -31.56 13.26 26.91
N CYS M 5 -32.82 13.05 26.50
CA CYS M 5 -33.25 11.82 25.86
C CYS M 5 -34.10 12.15 24.64
N PRO M 6 -33.48 12.58 23.52
CA PRO M 6 -34.27 12.87 22.33
C PRO M 6 -34.80 11.62 21.65
N VAL M 7 -35.45 11.81 20.50
CA VAL M 7 -36.04 10.68 19.78
C VAL M 7 -35.09 10.08 18.75
N TYR M 8 -34.06 10.81 18.32
CA TYR M 8 -33.08 10.32 17.36
C TYR M 8 -31.86 9.70 18.04
N ALA M 9 -32.01 9.21 19.25
CA ALA M 9 -30.93 8.53 19.98
C ALA M 9 -30.71 7.09 19.53
N PRO M 10 -31.75 6.26 19.40
CA PRO M 10 -31.51 4.85 19.03
C PRO M 10 -30.88 4.67 17.66
N PHE M 11 -30.87 5.70 16.81
CA PHE M 11 -30.15 5.62 15.54
C PHE M 11 -28.70 5.18 15.75
N PHE M 12 -28.06 5.67 16.79
CA PHE M 12 -26.68 5.30 17.08
C PHE M 12 -26.57 4.00 17.87
N GLY M 13 -27.67 3.29 18.09
CA GLY M 13 -27.65 1.99 18.74
C GLY M 13 -27.75 0.86 17.75
N ALA M 14 -28.56 1.04 16.71
CA ALA M 14 -28.73 0.03 15.68
C ALA M 14 -27.62 0.09 14.63
N ILE M 15 -27.04 1.27 14.39
CA ILE M 15 -25.88 1.37 13.54
C ILE M 15 -24.66 0.75 14.22
N GLY M 16 -24.60 0.83 15.55
CA GLY M 16 -23.51 0.22 16.27
C GLY M 16 -23.67 -1.28 16.40
N CYS M 17 -24.90 -1.74 16.64
CA CYS M 17 -25.16 -3.17 16.75
C CYS M 17 -24.87 -3.88 15.44
N ALA M 18 -25.16 -3.23 14.32
CA ALA M 18 -24.94 -3.85 13.02
C ALA M 18 -23.45 -3.85 12.66
N SER M 19 -22.77 -2.75 12.93
CA SER M 19 -21.35 -2.65 12.55
C SER M 19 -20.47 -3.62 13.33
N ALA M 20 -20.96 -4.18 14.43
CA ALA M 20 -20.16 -5.13 15.20
C ALA M 20 -19.93 -6.42 14.42
N ILE M 21 -20.95 -6.85 13.67
CA ILE M 21 -20.89 -8.13 12.95
C ILE M 21 -20.60 -7.95 11.46
N ILE M 22 -20.99 -6.82 10.87
CA ILE M 22 -20.68 -6.56 9.46
C ILE M 22 -19.18 -6.61 9.23
N PHE M 23 -18.43 -5.74 9.91
CA PHE M 23 -17.01 -5.59 9.62
C PHE M 23 -16.19 -6.77 10.10
N THR M 24 -16.65 -7.51 11.12
CA THR M 24 -15.98 -8.73 11.51
C THR M 24 -16.27 -9.86 10.52
N SER M 25 -17.45 -9.84 9.89
CA SER M 25 -17.77 -10.83 8.88
C SER M 25 -16.94 -10.61 7.62
N LEU M 26 -16.66 -9.35 7.28
CA LEU M 26 -15.79 -9.07 6.15
C LEU M 26 -14.35 -9.48 6.45
N GLY M 27 -13.90 -9.25 7.69
CA GLY M 27 -12.57 -9.68 8.07
C GLY M 27 -12.45 -11.18 8.17
N ALA M 28 -13.52 -11.86 8.58
CA ALA M 28 -13.51 -13.32 8.58
C ALA M 28 -13.63 -13.87 7.16
N ALA M 29 -14.37 -13.18 6.29
CA ALA M 29 -14.55 -13.66 4.93
C ALA M 29 -13.26 -13.52 4.12
N TYR M 30 -12.45 -12.51 4.41
CA TYR M 30 -11.15 -12.40 3.75
C TYR M 30 -10.22 -13.51 4.21
N GLY M 31 -10.39 -13.97 5.46
CA GLY M 31 -9.48 -14.97 6.00
C GLY M 31 -9.76 -16.36 5.47
N THR M 32 -11.03 -16.68 5.25
CA THR M 32 -11.39 -18.00 4.73
C THR M 32 -11.18 -18.07 3.22
N ALA M 33 -11.39 -16.96 2.52
CA ALA M 33 -11.21 -16.97 1.07
C ALA M 33 -9.74 -16.99 0.71
N LYS M 34 -8.95 -16.07 1.26
CA LYS M 34 -7.55 -15.95 0.90
C LYS M 34 -6.79 -17.21 1.29
N SER M 35 -6.91 -17.62 2.56
CA SER M 35 -6.27 -18.86 3.01
C SER M 35 -6.85 -20.08 2.31
N GLY M 36 -8.11 -20.04 1.90
CA GLY M 36 -8.74 -21.18 1.25
C GLY M 36 -8.16 -21.52 -0.11
N VAL M 37 -7.41 -20.60 -0.71
CA VAL M 37 -6.77 -20.89 -1.99
C VAL M 37 -5.49 -21.68 -1.80
N GLY M 38 -4.69 -21.31 -0.79
CA GLY M 38 -3.44 -22.02 -0.56
C GLY M 38 -3.67 -23.46 -0.13
N ILE M 39 -4.70 -23.69 0.68
CA ILE M 39 -5.04 -25.05 1.10
C ILE M 39 -5.39 -25.90 -0.11
N CYS M 40 -6.17 -25.36 -1.04
CA CYS M 40 -6.64 -26.13 -2.18
C CYS M 40 -5.62 -26.27 -3.30
N ALA M 41 -4.44 -25.68 -3.15
CA ALA M 41 -3.37 -25.80 -4.15
C ALA M 41 -2.28 -26.77 -3.71
N THR M 42 -1.96 -26.78 -2.41
CA THR M 42 -1.00 -27.74 -1.89
C THR M 42 -1.62 -29.13 -1.74
N CYS M 43 -2.79 -29.20 -1.13
CA CYS M 43 -3.39 -30.46 -0.76
C CYS M 43 -3.85 -31.31 -1.94
N VAL M 44 -3.81 -30.83 -3.19
CA VAL M 44 -4.07 -31.71 -4.32
C VAL M 44 -2.91 -32.66 -4.58
N LEU M 45 -1.72 -32.32 -4.09
CA LEU M 45 -0.54 -33.18 -4.18
C LEU M 45 -0.23 -33.89 -2.87
N ARG M 46 -0.27 -33.16 -1.75
CA ARG M 46 0.03 -33.71 -0.43
C ARG M 46 -1.18 -33.49 0.48
N PRO M 47 -2.24 -34.28 0.29
CA PRO M 47 -3.40 -34.19 1.21
C PRO M 47 -3.17 -34.82 2.58
N ASP M 48 -1.95 -35.27 2.87
CA ASP M 48 -1.62 -35.66 4.24
C ASP M 48 -1.76 -34.50 5.21
N LEU M 49 -1.61 -33.27 4.72
CA LEU M 49 -1.64 -32.05 5.52
C LEU M 49 -2.96 -31.32 5.34
N LEU M 50 -4.07 -32.05 5.21
CA LEU M 50 -5.36 -31.45 4.88
C LEU M 50 -6.11 -31.02 6.13
N PHE M 51 -6.15 -31.87 7.15
CA PHE M 51 -6.75 -31.52 8.44
C PHE M 51 -5.75 -30.88 9.39
N LYS M 52 -4.67 -30.30 8.85
CA LYS M 52 -3.63 -29.64 9.61
C LYS M 52 -3.43 -28.18 9.21
N ASN M 53 -3.84 -27.80 8.00
CA ASN M 53 -3.77 -26.43 7.53
C ASN M 53 -5.12 -25.71 7.63
N ILE M 54 -6.07 -26.27 8.37
CA ILE M 54 -7.38 -25.62 8.56
C ILE M 54 -7.33 -24.55 9.64
N VAL M 55 -6.21 -24.43 10.37
CA VAL M 55 -6.17 -23.54 11.53
C VAL M 55 -6.41 -22.07 11.16
N PRO M 56 -5.86 -21.53 10.07
CA PRO M 56 -6.21 -20.15 9.69
C PRO M 56 -7.69 -19.94 9.47
N VAL M 57 -8.40 -20.96 8.97
CA VAL M 57 -9.84 -20.84 8.81
C VAL M 57 -10.52 -20.77 10.17
N ILE M 58 -9.96 -21.43 11.18
CA ILE M 58 -10.53 -21.39 12.52
C ILE M 58 -10.41 -19.98 13.08
N MET M 59 -9.20 -19.43 13.06
CA MET M 59 -8.94 -18.13 13.65
C MET M 59 -9.68 -16.99 12.96
N ALA M 60 -10.22 -17.22 11.78
CA ALA M 60 -11.15 -16.26 11.19
C ALA M 60 -12.52 -16.38 11.81
N GLY M 61 -12.99 -17.62 12.00
CA GLY M 61 -14.27 -17.84 12.66
C GLY M 61 -14.30 -17.31 14.08
N ILE M 62 -13.13 -17.19 14.72
CA ILE M 62 -13.08 -16.58 16.04
C ILE M 62 -13.47 -15.11 15.96
N ILE M 63 -13.09 -14.44 14.87
CA ILE M 63 -13.28 -12.99 14.78
C ILE M 63 -14.76 -12.65 14.76
N ALA M 64 -15.54 -13.36 13.94
CA ALA M 64 -16.96 -13.09 13.84
C ALA M 64 -17.66 -13.27 15.18
N ILE M 65 -17.19 -14.22 15.99
CA ILE M 65 -17.79 -14.45 17.30
C ILE M 65 -17.46 -13.32 18.27
N TYR M 66 -16.38 -12.58 18.03
CA TYR M 66 -16.14 -11.38 18.83
C TYR M 66 -17.14 -10.28 18.54
N GLY M 67 -17.86 -10.36 17.43
CA GLY M 67 -18.85 -9.37 17.06
C GLY M 67 -20.25 -9.79 17.44
N LEU M 68 -20.55 -11.07 17.26
CA LEU M 68 -21.85 -11.60 17.66
C LEU M 68 -22.11 -11.38 19.15
N VAL M 69 -21.07 -11.51 19.98
CA VAL M 69 -21.21 -11.24 21.40
C VAL M 69 -21.65 -9.80 21.63
N VAL M 70 -21.07 -8.87 20.88
CA VAL M 70 -21.28 -7.45 21.16
C VAL M 70 -22.62 -6.97 20.59
N SER M 71 -23.04 -7.52 19.46
CA SER M 71 -24.36 -7.20 18.92
C SER M 71 -25.46 -7.62 19.89
N VAL M 72 -25.23 -8.66 20.68
CA VAL M 72 -26.24 -9.15 21.60
C VAL M 72 -26.32 -8.26 22.84
N LEU M 73 -25.16 -7.88 23.39
CA LEU M 73 -25.15 -7.14 24.64
C LEU M 73 -25.76 -5.75 24.47
N VAL M 74 -25.58 -5.15 23.30
CA VAL M 74 -26.19 -3.85 23.04
C VAL M 74 -27.68 -4.01 22.75
N CYS M 75 -28.07 -5.11 22.10
CA CYS M 75 -29.47 -5.29 21.73
C CYS M 75 -30.37 -5.42 22.95
N TYR M 76 -29.81 -5.79 24.10
CA TYR M 76 -30.54 -5.82 25.36
C TYR M 76 -30.27 -4.60 26.24
N SER M 77 -29.70 -3.54 25.65
CA SER M 77 -29.63 -2.23 26.27
C SER M 77 -30.45 -1.19 25.51
N LEU M 78 -31.12 -1.57 24.42
CA LEU M 78 -31.86 -0.64 23.61
C LEU M 78 -33.21 -0.32 24.24
N GLY M 79 -33.64 0.93 24.09
CA GLY M 79 -34.94 1.35 24.58
C GLY M 79 -35.42 2.56 23.82
N GLN M 80 -36.74 2.68 23.71
CA GLN M 80 -37.34 3.84 23.04
C GLN M 80 -36.94 5.13 23.75
N LYS M 81 -36.86 5.09 25.08
CA LYS M 81 -36.56 6.25 25.91
C LYS M 81 -35.21 6.00 26.58
N GLN M 82 -34.16 6.53 25.97
CA GLN M 82 -32.80 6.38 26.48
C GLN M 82 -32.03 7.66 26.26
N ALA M 83 -30.95 7.82 27.02
CA ALA M 83 -30.11 9.01 26.90
C ALA M 83 -29.29 8.93 25.62
N LEU M 84 -29.03 10.10 25.03
CA LEU M 84 -28.20 10.15 23.83
C LEU M 84 -26.76 9.76 24.16
N TYR M 85 -26.33 10.00 25.40
CA TYR M 85 -25.08 9.44 25.90
C TYR M 85 -25.02 7.94 25.66
N THR M 86 -26.08 7.23 26.08
CA THR M 86 -26.14 5.78 25.90
C THR M 86 -26.03 5.38 24.44
N GLY M 87 -26.49 6.23 23.52
CA GLY M 87 -26.41 5.89 22.11
C GLY M 87 -24.97 5.92 21.60
N PHE M 88 -24.21 6.93 22.01
CA PHE M 88 -22.85 7.08 21.52
C PHE M 88 -21.94 5.99 22.06
N ILE M 89 -22.11 5.64 23.33
CA ILE M 89 -21.35 4.55 23.94
C ILE M 89 -21.55 3.27 23.16
N GLN M 90 -22.77 3.02 22.67
CA GLN M 90 -23.03 1.84 21.86
C GLN M 90 -22.39 1.94 20.49
N LEU M 91 -22.07 3.15 20.02
CA LEU M 91 -21.50 3.31 18.69
C LEU M 91 -20.04 2.86 18.66
N GLY M 92 -19.20 3.48 19.50
CA GLY M 92 -17.81 3.09 19.55
C GLY M 92 -17.60 1.67 20.04
N ALA M 93 -18.58 1.12 20.76
CA ALA M 93 -18.51 -0.28 21.18
C ALA M 93 -18.71 -1.24 20.02
N GLY M 94 -19.24 -0.78 18.90
CA GLY M 94 -19.42 -1.62 17.73
C GLY M 94 -18.26 -1.49 16.77
N LEU M 95 -17.77 -0.25 16.60
CA LEU M 95 -16.66 -0.02 15.68
C LEU M 95 -15.37 -0.63 16.21
N SER M 96 -15.11 -0.48 17.51
CA SER M 96 -13.81 -0.84 18.07
C SER M 96 -13.50 -2.32 17.86
N VAL M 97 -14.52 -3.16 17.93
CA VAL M 97 -14.34 -4.58 17.59
C VAL M 97 -14.51 -4.80 16.09
N GLY M 98 -15.31 -3.99 15.43
CA GLY M 98 -15.54 -4.16 14.01
C GLY M 98 -14.29 -3.91 13.20
N LEU M 99 -13.78 -2.69 13.25
CA LEU M 99 -12.63 -2.28 12.45
C LEU M 99 -11.29 -2.74 13.03
N SER M 100 -11.31 -3.55 14.08
CA SER M 100 -10.12 -4.24 14.55
C SER M 100 -10.13 -5.73 14.23
N GLY M 101 -11.32 -6.30 14.05
CA GLY M 101 -11.41 -7.63 13.47
C GLY M 101 -11.28 -7.61 11.96
N LEU M 102 -11.63 -6.49 11.34
CA LEU M 102 -11.36 -6.30 9.92
C LEU M 102 -9.87 -6.27 9.64
N ALA M 103 -9.06 -5.82 10.61
CA ALA M 103 -7.62 -5.78 10.44
C ALA M 103 -7.00 -7.14 10.66
N ALA M 104 -7.43 -7.85 11.71
CA ALA M 104 -6.95 -9.19 11.95
C ALA M 104 -7.31 -10.15 10.82
N GLY M 105 -8.36 -9.86 10.06
CA GLY M 105 -8.68 -10.68 8.91
C GLY M 105 -7.62 -10.62 7.84
N PHE M 106 -7.13 -9.42 7.54
CA PHE M 106 -6.05 -9.27 6.57
C PHE M 106 -4.79 -9.98 7.03
N ALA M 107 -4.44 -9.86 8.32
CA ALA M 107 -3.20 -10.44 8.82
C ALA M 107 -3.21 -11.96 8.74
N ILE M 108 -4.38 -12.58 8.70
CA ILE M 108 -4.46 -14.03 8.65
C ILE M 108 -4.43 -14.52 7.21
N GLY M 109 -5.10 -13.79 6.31
CA GLY M 109 -5.15 -14.21 4.92
C GLY M 109 -3.81 -14.08 4.22
N ILE M 110 -3.09 -12.99 4.49
CA ILE M 110 -1.79 -12.79 3.87
C ILE M 110 -0.80 -13.84 4.32
N VAL M 111 -0.92 -14.28 5.57
CA VAL M 111 0.02 -15.24 6.15
C VAL M 111 -0.39 -16.67 5.81
N GLY M 112 -1.63 -17.04 6.12
CA GLY M 112 -2.12 -18.38 5.82
C GLY M 112 -1.90 -18.80 4.39
N ASP M 113 -2.16 -17.88 3.45
CA ASP M 113 -1.91 -18.18 2.04
C ASP M 113 -0.44 -18.42 1.77
N ALA M 114 0.44 -17.90 2.61
CA ALA M 114 1.89 -18.06 2.45
C ALA M 114 2.43 -19.23 3.25
N GLY M 115 2.07 -19.33 4.54
CA GLY M 115 2.72 -20.28 5.42
C GLY M 115 2.33 -21.72 5.16
N VAL M 116 1.14 -21.94 4.59
CA VAL M 116 0.73 -23.30 4.26
C VAL M 116 1.58 -23.82 3.10
N ARG M 117 1.94 -22.94 2.17
CA ARG M 117 2.74 -23.34 1.02
C ARG M 117 4.19 -23.59 1.43
N GLY M 118 4.79 -22.65 2.15
CA GLY M 118 6.12 -22.88 2.70
C GLY M 118 6.19 -24.11 3.59
N SER M 119 5.10 -24.43 4.26
CA SER M 119 5.06 -25.64 5.08
C SER M 119 5.04 -26.90 4.24
N SER M 120 4.68 -26.80 2.96
CA SER M 120 4.69 -27.97 2.09
C SER M 120 6.09 -28.33 1.62
N GLN M 121 7.01 -27.36 1.57
CA GLN M 121 8.41 -27.62 1.27
C GLN M 121 9.31 -27.59 2.50
N GLN M 122 8.76 -27.29 3.68
CA GLN M 122 9.56 -27.21 4.91
C GLN M 122 8.62 -27.45 6.08
N PRO M 123 8.48 -28.69 6.56
CA PRO M 123 7.51 -28.92 7.65
C PRO M 123 7.87 -28.24 8.96
N ARG M 124 9.14 -27.90 9.16
CA ARG M 124 9.55 -27.16 10.35
C ARG M 124 8.94 -25.77 10.41
N LEU M 125 8.40 -25.24 9.31
CA LEU M 125 7.85 -23.91 9.29
C LEU M 125 6.47 -23.81 9.91
N PHE M 126 5.78 -24.94 10.11
CA PHE M 126 4.42 -24.88 10.61
C PHE M 126 4.34 -24.26 12.00
N VAL M 127 5.39 -24.42 12.81
CA VAL M 127 5.40 -23.83 14.14
C VAL M 127 5.37 -22.32 14.04
N GLY M 128 6.35 -21.74 13.35
CA GLY M 128 6.45 -20.29 13.26
C GLY M 128 5.22 -19.63 12.66
N MET M 129 4.52 -20.36 11.79
CA MET M 129 3.28 -19.81 11.24
C MET M 129 2.25 -19.56 12.32
N ILE M 130 2.20 -20.40 13.35
CA ILE M 130 1.16 -20.28 14.37
C ILE M 130 1.34 -18.99 15.15
N LEU M 131 2.56 -18.71 15.60
CA LEU M 131 2.80 -17.52 16.41
C LEU M 131 2.48 -16.26 15.64
N ILE M 132 2.81 -16.23 14.35
CA ILE M 132 2.55 -15.04 13.53
C ILE M 132 1.05 -14.80 13.40
N LEU M 133 0.24 -15.87 13.48
CA LEU M 133 -1.21 -15.69 13.49
C LEU M 133 -1.70 -15.24 14.86
N ILE M 134 -1.10 -15.75 15.92
CA ILE M 134 -1.62 -15.49 17.27
C ILE M 134 -1.42 -14.03 17.63
N PHE M 135 -0.26 -13.46 17.29
CA PHE M 135 -0.06 -12.03 17.53
C PHE M 135 -0.96 -11.15 16.66
N ALA M 136 -1.63 -11.72 15.66
CA ALA M 136 -2.61 -11.02 14.85
C ALA M 136 -4.02 -11.26 15.35
N GLU M 137 -4.33 -12.49 15.77
CA GLU M 137 -5.63 -12.77 16.37
C GLU M 137 -5.87 -11.92 17.60
N VAL M 138 -4.83 -11.73 18.42
CA VAL M 138 -4.96 -10.96 19.64
C VAL M 138 -5.28 -9.49 19.35
N LEU M 139 -4.97 -9.00 18.15
CA LEU M 139 -5.35 -7.64 17.79
C LEU M 139 -6.86 -7.45 17.86
N GLY M 140 -7.62 -8.47 17.46
CA GLY M 140 -9.06 -8.40 17.55
C GLY M 140 -9.56 -8.58 18.97
N LEU M 141 -8.83 -9.32 19.79
CA LEU M 141 -9.21 -9.49 21.20
C LEU M 141 -9.15 -8.18 21.95
N TYR M 142 -8.29 -7.25 21.53
CA TYR M 142 -8.17 -5.98 22.22
C TYR M 142 -9.39 -5.10 21.96
N GLY M 143 -10.05 -5.28 20.83
CA GLY M 143 -11.29 -4.56 20.59
C GLY M 143 -12.42 -5.06 21.46
N LEU M 144 -12.49 -6.37 21.66
CA LEU M 144 -13.53 -6.94 22.52
C LEU M 144 -13.41 -6.43 23.94
N ILE M 145 -12.19 -6.18 24.40
CA ILE M 145 -11.97 -5.68 25.75
C ILE M 145 -12.56 -4.28 25.90
N VAL M 146 -12.28 -3.39 24.94
CA VAL M 146 -12.68 -2.01 25.06
C VAL M 146 -14.19 -1.87 25.06
N ALA M 147 -14.88 -2.61 24.18
CA ALA M 147 -16.32 -2.49 24.06
C ALA M 147 -17.02 -2.85 25.36
N LEU M 148 -16.58 -3.93 26.00
CA LEU M 148 -17.21 -4.37 27.24
C LEU M 148 -17.04 -3.34 28.35
N LEU M 149 -15.92 -2.64 28.38
CA LEU M 149 -15.75 -1.55 29.35
C LEU M 149 -16.63 -0.36 28.99
N LEU M 150 -16.96 -0.20 27.71
CA LEU M 150 -17.88 0.85 27.30
C LEU M 150 -19.32 0.45 27.53
N ASN M 151 -19.67 -0.79 27.18
CA ASN M 151 -21.07 -1.21 27.27
C ASN M 151 -21.49 -1.38 28.73
N SER M 152 -20.53 -1.58 29.63
CA SER M 152 -20.86 -1.61 31.05
C SER M 152 -21.24 -0.23 31.56
N ARG M 153 -20.64 0.82 30.99
CA ARG M 153 -20.85 2.19 31.42
C ARG M 153 -21.97 2.89 30.64
N ALA M 154 -22.84 2.13 29.99
CA ALA M 154 -23.87 2.71 29.15
C ALA M 154 -25.14 3.07 29.93
N THR M 155 -25.49 2.26 30.95
CA THR M 155 -26.74 2.41 31.67
C THR M 155 -26.57 2.83 33.11
N GLN M 156 -25.38 2.74 33.70
CA GLN M 156 -25.16 3.16 35.06
C GLN M 156 -24.88 4.66 35.10
N ASP M 157 -25.46 5.33 36.10
CA ASP M 157 -25.30 6.79 36.28
C ASP M 157 -25.91 7.56 35.12
N VAL M 158 -27.14 7.19 34.73
CA VAL M 158 -27.88 7.86 33.66
C VAL M 158 -29.26 8.20 34.18
N VAL M 159 -29.99 8.98 33.37
CA VAL M 159 -31.37 9.35 33.68
C VAL M 159 -32.20 9.34 32.40
N MET N 1 -28.40 21.33 27.85
CA MET N 1 -29.21 21.99 28.91
C MET N 1 -28.50 23.22 29.45
N THR N 2 -27.16 23.14 29.49
CA THR N 2 -26.32 24.22 29.97
C THR N 2 -25.28 24.52 28.89
N GLU N 3 -24.84 25.78 28.85
CA GLU N 3 -23.91 26.19 27.80
C GLU N 3 -22.56 25.51 27.92
N LEU N 4 -22.20 25.05 29.12
CA LEU N 4 -20.92 24.40 29.35
C LEU N 4 -21.01 22.88 29.35
N CYS N 5 -22.23 22.31 29.42
CA CYS N 5 -22.44 20.87 29.32
C CYS N 5 -23.56 20.58 28.32
N PRO N 6 -23.30 20.73 27.02
CA PRO N 6 -24.27 20.26 26.02
C PRO N 6 -24.38 18.74 26.03
N VAL N 7 -25.33 18.25 25.24
CA VAL N 7 -25.61 16.81 25.18
C VAL N 7 -24.89 16.10 24.04
N TYR N 8 -24.16 16.83 23.19
CA TYR N 8 -23.40 16.24 22.09
C TYR N 8 -21.91 16.14 22.37
N ALA N 9 -21.48 16.37 23.59
CA ALA N 9 -20.06 16.35 23.93
C ALA N 9 -19.47 14.94 24.06
N PRO N 10 -20.14 13.97 24.70
CA PRO N 10 -19.53 12.64 24.84
C PRO N 10 -19.27 11.92 23.53
N PHE N 11 -19.86 12.39 22.41
CA PHE N 11 -19.50 11.87 21.10
C PHE N 11 -17.99 11.92 20.88
N PHE N 12 -17.37 13.05 21.24
CA PHE N 12 -15.95 13.23 21.04
C PHE N 12 -15.12 12.30 21.92
N GLY N 13 -15.71 11.73 22.96
CA GLY N 13 -14.99 10.82 23.83
C GLY N 13 -14.96 9.41 23.29
N ALA N 14 -16.16 8.88 22.99
CA ALA N 14 -16.25 7.53 22.43
C ALA N 14 -15.49 7.43 21.12
N ILE N 15 -15.68 8.39 20.22
CA ILE N 15 -14.97 8.39 18.95
C ILE N 15 -13.46 8.45 19.19
N GLY N 16 -13.04 9.14 20.25
CA GLY N 16 -11.63 9.14 20.60
C GLY N 16 -11.15 7.82 21.15
N CYS N 17 -12.05 7.07 21.80
CA CYS N 17 -11.71 5.75 22.30
C CYS N 17 -11.51 4.78 21.15
N ALA N 18 -12.46 4.75 20.21
CA ALA N 18 -12.38 3.84 19.08
C ALA N 18 -11.23 4.19 18.15
N SER N 19 -11.04 5.50 17.88
CA SER N 19 -10.03 5.93 16.93
C SER N 19 -8.61 5.56 17.33
N ALA N 20 -8.39 5.21 18.60
CA ALA N 20 -7.05 4.89 19.07
C ALA N 20 -6.74 3.42 18.93
N ILE N 21 -7.73 2.56 19.18
CA ILE N 21 -7.54 1.11 19.09
C ILE N 21 -7.82 0.57 17.70
N ILE N 22 -8.47 1.34 16.84
CA ILE N 22 -8.73 0.92 15.47
C ILE N 22 -7.48 1.16 14.63
N PHE N 23 -7.01 2.41 14.60
CA PHE N 23 -5.91 2.77 13.73
C PHE N 23 -4.64 2.01 14.07
N THR N 24 -4.39 1.80 15.36
CA THR N 24 -3.25 0.98 15.76
C THR N 24 -3.43 -0.49 15.39
N SER N 25 -4.67 -0.98 15.36
CA SER N 25 -4.92 -2.36 14.97
C SER N 25 -4.71 -2.55 13.46
N LEU N 26 -4.98 -1.51 12.68
CA LEU N 26 -4.64 -1.55 11.26
C LEU N 26 -3.14 -1.45 11.06
N GLY N 27 -2.49 -0.54 11.80
CA GLY N 27 -1.04 -0.41 11.69
C GLY N 27 -0.30 -1.65 12.14
N ALA N 28 -0.85 -2.36 13.12
CA ALA N 28 -0.23 -3.58 13.62
C ALA N 28 -0.57 -4.82 12.81
N ALA N 29 -1.40 -4.69 11.77
CA ALA N 29 -1.70 -5.78 10.85
C ALA N 29 -0.82 -5.72 9.62
N TYR N 30 -0.75 -4.54 8.98
CA TYR N 30 0.20 -4.34 7.90
C TYR N 30 1.62 -4.60 8.36
N GLY N 31 1.94 -4.18 9.59
CA GLY N 31 3.24 -4.47 10.17
C GLY N 31 3.46 -5.91 10.51
N THR N 32 2.40 -6.70 10.63
CA THR N 32 2.48 -8.12 10.93
C THR N 32 2.40 -8.98 9.68
N ALA N 33 1.65 -8.55 8.67
CA ALA N 33 1.51 -9.34 7.45
C ALA N 33 2.70 -9.17 6.52
N LYS N 34 3.12 -7.93 6.31
CA LYS N 34 4.24 -7.66 5.41
C LYS N 34 5.51 -8.35 5.89
N SER N 35 5.65 -8.57 7.20
CA SER N 35 6.76 -9.34 7.73
C SER N 35 6.49 -10.84 7.64
N GLY N 36 5.25 -11.25 7.95
CA GLY N 36 4.92 -12.67 7.94
C GLY N 36 5.12 -13.34 6.59
N VAL N 37 5.11 -12.57 5.51
CA VAL N 37 5.42 -13.13 4.20
C VAL N 37 6.92 -13.38 4.09
N GLY N 38 7.74 -12.54 4.70
CA GLY N 38 9.19 -12.70 4.64
C GLY N 38 9.69 -13.91 5.39
N ILE N 39 9.33 -13.99 6.68
CA ILE N 39 9.73 -15.10 7.53
C ILE N 39 9.36 -16.43 6.89
N CYS N 40 8.13 -16.53 6.40
CA CYS N 40 7.64 -17.77 5.80
C CYS N 40 8.20 -18.02 4.40
N ALA N 41 9.11 -17.19 3.90
CA ALA N 41 9.82 -17.43 2.64
C ALA N 41 11.30 -17.67 2.83
N THR N 42 11.94 -16.91 3.73
CA THR N 42 13.35 -17.14 4.02
C THR N 42 13.56 -18.45 4.75
N CYS N 43 12.58 -18.86 5.56
CA CYS N 43 12.66 -20.10 6.32
C CYS N 43 12.18 -21.31 5.53
N VAL N 44 12.12 -21.20 4.20
CA VAL N 44 11.96 -22.38 3.35
C VAL N 44 13.32 -23.05 3.17
N LEU N 45 14.39 -22.27 3.16
CA LEU N 45 15.76 -22.76 2.99
C LEU N 45 16.56 -22.72 4.28
N ARG N 46 16.25 -21.80 5.18
CA ARG N 46 17.04 -21.53 6.37
C ARG N 46 16.14 -21.55 7.61
N PRO N 47 15.68 -22.74 8.01
CA PRO N 47 14.76 -22.81 9.14
C PRO N 47 15.41 -22.62 10.50
N ASP N 48 16.74 -22.48 10.56
CA ASP N 48 17.42 -22.17 11.82
C ASP N 48 17.28 -20.72 12.22
N LEU N 49 16.91 -19.84 11.29
CA LEU N 49 16.76 -18.42 11.55
C LEU N 49 15.31 -18.05 11.82
N LEU N 50 14.54 -18.96 12.44
CA LEU N 50 13.12 -18.75 12.63
C LEU N 50 12.85 -17.90 13.87
N PHE N 51 13.24 -18.41 15.05
CA PHE N 51 12.95 -17.74 16.30
C PHE N 51 13.83 -16.53 16.55
N LYS N 52 14.74 -16.20 15.63
CA LYS N 52 15.47 -14.96 15.65
C LYS N 52 14.86 -13.89 14.76
N ASN N 53 13.99 -14.27 13.82
CA ASN N 53 13.32 -13.35 12.91
C ASN N 53 11.88 -13.07 13.29
N ILE N 54 11.43 -13.52 14.48
CA ILE N 54 10.12 -13.14 14.99
C ILE N 54 10.10 -11.73 15.57
N VAL N 55 11.24 -11.06 15.66
CA VAL N 55 11.31 -9.76 16.32
C VAL N 55 10.40 -8.72 15.65
N PRO N 56 10.39 -8.57 14.31
CA PRO N 56 9.50 -7.57 13.72
C PRO N 56 8.03 -7.79 14.00
N VAL N 57 7.62 -9.01 14.36
CA VAL N 57 6.23 -9.25 14.73
C VAL N 57 5.93 -8.70 16.11
N ILE N 58 6.91 -8.70 17.01
CA ILE N 58 6.67 -8.26 18.38
C ILE N 58 6.52 -6.74 18.43
N MET N 59 7.47 -6.03 17.81
CA MET N 59 7.45 -4.57 17.82
C MET N 59 6.16 -4.01 17.24
N ALA N 60 5.53 -4.72 16.31
CA ALA N 60 4.28 -4.27 15.73
C ALA N 60 3.08 -4.69 16.59
N GLY N 61 3.17 -5.85 17.25
CA GLY N 61 2.13 -6.27 18.16
C GLY N 61 2.09 -5.50 19.47
N ILE N 62 3.05 -4.60 19.66
CA ILE N 62 3.11 -3.74 20.83
C ILE N 62 2.44 -2.39 20.57
N ILE N 63 2.35 -1.96 19.31
CA ILE N 63 1.70 -0.69 18.99
C ILE N 63 0.25 -0.71 19.44
N ALA N 64 -0.42 -1.86 19.33
CA ALA N 64 -1.81 -1.95 19.75
C ALA N 64 -1.95 -1.75 21.25
N ILE N 65 -0.95 -2.15 22.02
CA ILE N 65 -0.99 -1.99 23.48
C ILE N 65 -0.75 -0.56 23.90
N TYR N 66 -0.21 0.28 23.02
CA TYR N 66 -0.18 1.71 23.28
C TYR N 66 -1.54 2.36 23.05
N GLY N 67 -2.42 1.69 22.31
CA GLY N 67 -3.75 2.22 22.04
C GLY N 67 -4.78 1.75 23.04
N LEU N 68 -4.74 0.45 23.36
CA LEU N 68 -5.58 -0.12 24.41
C LEU N 68 -5.46 0.67 25.71
N VAL N 69 -4.25 1.15 26.02
CA VAL N 69 -4.07 2.00 27.19
C VAL N 69 -4.94 3.24 27.10
N VAL N 70 -4.86 3.96 25.98
CA VAL N 70 -5.56 5.23 25.86
C VAL N 70 -7.06 5.01 25.72
N SER N 71 -7.48 3.88 25.15
CA SER N 71 -8.90 3.55 25.10
C SER N 71 -9.49 3.28 26.48
N VAL N 72 -8.66 3.05 27.49
CA VAL N 72 -9.13 2.74 28.83
C VAL N 72 -9.06 3.93 29.78
N LEU N 73 -8.15 4.87 29.53
CA LEU N 73 -8.08 6.04 30.40
C LEU N 73 -9.28 6.95 30.21
N VAL N 74 -9.68 7.18 28.96
CA VAL N 74 -10.83 8.02 28.68
C VAL N 74 -12.14 7.32 29.03
N CYS N 75 -12.18 5.99 28.96
CA CYS N 75 -13.43 5.27 29.20
C CYS N 75 -13.93 5.47 30.63
N TYR N 76 -13.02 5.50 31.60
CA TYR N 76 -13.40 5.79 32.97
C TYR N 76 -13.60 7.27 33.24
N SER N 77 -13.26 8.14 32.30
CA SER N 77 -13.46 9.57 32.43
C SER N 77 -14.75 10.04 31.77
N LEU N 78 -15.59 9.13 31.29
CA LEU N 78 -16.82 9.50 30.59
C LEU N 78 -17.99 9.59 31.56
N GLY N 79 -18.91 10.49 31.23
CA GLY N 79 -20.15 10.63 31.96
C GLY N 79 -21.15 11.37 31.11
N GLN N 80 -22.42 11.25 31.49
CA GLN N 80 -23.47 11.89 30.70
C GLN N 80 -23.36 13.41 30.79
N LYS N 81 -23.16 13.92 32.01
CA LYS N 81 -23.03 15.36 32.24
C LYS N 81 -21.55 15.70 32.41
N GLN N 82 -20.86 15.78 31.27
CA GLN N 82 -19.47 16.25 31.23
C GLN N 82 -19.37 17.42 30.26
N ALA N 83 -18.35 18.25 30.49
CA ALA N 83 -18.26 19.51 29.79
C ALA N 83 -17.77 19.33 28.36
N LEU N 84 -17.94 20.39 27.57
CA LEU N 84 -17.42 20.40 26.20
C LEU N 84 -15.90 20.45 26.19
N TYR N 85 -15.30 21.09 27.19
CA TYR N 85 -13.85 21.09 27.35
C TYR N 85 -13.31 19.68 27.42
N THR N 86 -13.86 18.86 28.33
CA THR N 86 -13.40 17.49 28.50
C THR N 86 -13.57 16.66 27.24
N GLY N 87 -14.48 17.04 26.36
CA GLY N 87 -14.74 16.29 25.15
C GLY N 87 -13.59 16.29 24.18
N PHE N 88 -13.18 17.48 23.73
CA PHE N 88 -12.12 17.59 22.75
C PHE N 88 -10.76 17.21 23.31
N ILE N 89 -10.62 17.12 24.63
CA ILE N 89 -9.38 16.62 25.22
C ILE N 89 -9.32 15.11 25.10
N GLN N 90 -10.47 14.44 25.18
CA GLN N 90 -10.55 13.03 24.86
C GLN N 90 -10.41 12.77 23.35
N LEU N 91 -10.57 13.81 22.53
CA LEU N 91 -10.38 13.67 21.09
C LEU N 91 -8.90 13.70 20.72
N GLY N 92 -8.21 14.78 21.07
CA GLY N 92 -6.80 14.93 20.76
C GLY N 92 -5.91 13.86 21.37
N ALA N 93 -6.42 13.12 22.35
CA ALA N 93 -5.68 11.99 22.90
C ALA N 93 -5.76 10.79 21.98
N GLY N 94 -6.95 10.51 21.43
CA GLY N 94 -7.11 9.36 20.56
C GLY N 94 -6.64 9.60 19.14
N LEU N 95 -6.69 10.85 18.68
CA LEU N 95 -6.26 11.16 17.32
C LEU N 95 -4.75 11.22 17.19
N SER N 96 -4.02 11.38 18.29
CA SER N 96 -2.56 11.44 18.21
C SER N 96 -1.96 10.05 18.16
N VAL N 97 -2.19 9.24 19.21
CA VAL N 97 -1.62 7.91 19.25
C VAL N 97 -2.20 7.03 18.17
N GLY N 98 -3.45 7.26 17.78
CA GLY N 98 -4.02 6.54 16.66
C GLY N 98 -3.34 6.88 15.35
N LEU N 99 -2.79 8.08 15.25
CA LEU N 99 -2.18 8.57 14.02
C LEU N 99 -0.67 8.38 14.01
N SER N 100 -0.02 8.39 15.17
CA SER N 100 1.41 8.10 15.24
C SER N 100 1.66 6.60 15.22
N GLY N 101 0.83 5.82 15.90
CA GLY N 101 0.92 4.38 15.84
C GLY N 101 0.52 3.76 14.52
N LEU N 102 -0.03 4.56 13.60
CA LEU N 102 -0.43 4.05 12.30
C LEU N 102 0.76 3.99 11.35
N ALA N 103 1.50 5.09 11.23
CA ALA N 103 2.68 5.10 10.36
C ALA N 103 3.75 4.15 10.88
N ALA N 104 4.05 4.21 12.18
CA ALA N 104 5.04 3.33 12.76
C ALA N 104 4.65 1.86 12.62
N GLY N 105 3.37 1.56 12.48
CA GLY N 105 2.96 0.21 12.13
C GLY N 105 3.34 -0.17 10.71
N PHE N 106 3.42 0.82 9.81
CA PHE N 106 3.77 0.56 8.43
C PHE N 106 5.28 0.44 8.25
N ALA N 107 6.05 1.37 8.83
CA ALA N 107 7.50 1.32 8.70
C ALA N 107 8.08 0.04 9.27
N ILE N 108 7.56 -0.41 10.41
CA ILE N 108 8.00 -1.66 11.02
C ILE N 108 7.76 -2.85 10.10
N GLY N 109 6.75 -2.77 9.23
CA GLY N 109 6.44 -3.87 8.37
C GLY N 109 7.40 -3.98 7.21
N ILE N 110 7.70 -2.83 6.59
CA ILE N 110 8.56 -2.80 5.42
C ILE N 110 9.98 -3.19 5.81
N VAL N 111 10.56 -2.43 6.75
CA VAL N 111 11.92 -2.68 7.21
C VAL N 111 12.05 -4.09 7.76
N GLY N 112 11.03 -4.58 8.45
CA GLY N 112 11.09 -5.93 9.00
C GLY N 112 11.18 -6.99 7.91
N ASP N 113 10.49 -6.77 6.79
CA ASP N 113 10.50 -7.76 5.72
C ASP N 113 11.83 -7.76 4.99
N ALA N 114 12.43 -6.59 4.80
CA ALA N 114 13.70 -6.52 4.08
C ALA N 114 14.82 -7.14 4.90
N GLY N 115 14.87 -6.84 6.20
CA GLY N 115 15.93 -7.35 7.04
C GLY N 115 16.00 -8.86 7.07
N VAL N 116 14.85 -9.51 7.30
CA VAL N 116 14.82 -10.97 7.33
C VAL N 116 15.25 -11.57 6.01
N ARG N 117 15.01 -10.86 4.90
CA ARG N 117 15.50 -11.30 3.60
C ARG N 117 17.00 -11.06 3.46
N GLY N 118 17.56 -10.15 4.23
CA GLY N 118 18.98 -9.85 4.18
C GLY N 118 19.83 -10.79 5.00
N SER N 119 19.42 -11.04 6.25
CA SER N 119 20.20 -11.88 7.14
C SER N 119 20.37 -13.30 6.62
N SER N 120 19.47 -13.75 5.75
CA SER N 120 19.67 -15.04 5.09
C SER N 120 20.91 -15.04 4.21
N GLN N 121 21.27 -13.87 3.66
CA GLN N 121 22.41 -13.75 2.77
C GLN N 121 23.63 -13.12 3.43
N GLN N 122 23.46 -12.39 4.53
CA GLN N 122 24.57 -11.77 5.25
C GLN N 122 24.21 -11.73 6.72
N PRO N 123 24.57 -12.77 7.50
CA PRO N 123 24.06 -12.85 8.88
C PRO N 123 24.60 -11.75 9.79
N ARG N 124 25.62 -11.01 9.36
CA ARG N 124 26.10 -9.84 10.08
C ARG N 124 25.10 -8.68 10.04
N LEU N 125 24.05 -8.78 9.23
CA LEU N 125 23.14 -7.68 8.96
C LEU N 125 21.90 -7.70 9.85
N PHE N 126 21.85 -8.59 10.84
CA PHE N 126 20.65 -8.68 11.68
C PHE N 126 20.61 -7.59 12.75
N VAL N 127 21.77 -7.16 13.25
CA VAL N 127 21.77 -6.10 14.26
C VAL N 127 21.47 -4.75 13.65
N GLY N 128 21.91 -4.50 12.42
CA GLY N 128 21.54 -3.27 11.75
C GLY N 128 20.05 -3.15 11.54
N MET N 129 19.37 -4.29 11.37
CA MET N 129 17.92 -4.26 11.27
C MET N 129 17.28 -3.79 12.56
N ILE N 130 17.84 -4.18 13.70
CA ILE N 130 17.27 -3.81 14.98
C ILE N 130 17.31 -2.29 15.15
N LEU N 131 18.51 -1.73 15.14
CA LEU N 131 18.70 -0.30 15.41
C LEU N 131 17.89 0.57 14.45
N ILE N 132 17.72 0.12 13.21
CA ILE N 132 16.85 0.83 12.28
C ILE N 132 15.40 0.55 12.61
N LEU N 133 15.11 -0.55 13.30
CA LEU N 133 13.77 -0.86 13.76
C LEU N 133 13.46 -0.23 15.12
N ILE N 134 14.47 0.26 15.84
CA ILE N 134 14.23 0.94 17.10
C ILE N 134 13.57 2.29 16.86
N PHE N 135 14.20 3.13 16.03
CA PHE N 135 13.77 4.52 15.87
C PHE N 135 12.37 4.65 15.28
N ALA N 136 11.76 3.57 14.79
CA ALA N 136 10.38 3.59 14.33
C ALA N 136 9.41 3.21 15.44
N GLU N 137 9.77 2.22 16.26
CA GLU N 137 8.90 1.82 17.36
C GLU N 137 8.74 2.92 18.39
N VAL N 138 9.77 3.74 18.60
CA VAL N 138 9.68 4.83 19.56
C VAL N 138 8.66 5.87 19.12
N LEU N 139 8.37 5.95 17.82
CA LEU N 139 7.43 6.94 17.31
C LEU N 139 5.99 6.58 17.65
N GLY N 140 5.73 5.30 17.96
CA GLY N 140 4.45 4.92 18.53
C GLY N 140 4.24 5.42 19.95
N LEU N 141 5.29 5.97 20.57
CA LEU N 141 5.27 6.36 21.97
C LEU N 141 5.16 7.88 22.14
N TYR N 142 5.78 8.65 21.26
CA TYR N 142 5.75 10.10 21.38
C TYR N 142 4.33 10.64 21.30
N GLY N 143 3.44 9.95 20.57
CA GLY N 143 2.03 10.28 20.62
C GLY N 143 1.35 9.82 21.90
N LEU N 144 1.86 8.75 22.52
CA LEU N 144 1.32 8.31 23.79
C LEU N 144 1.67 9.29 24.91
N ILE N 145 2.84 9.93 24.82
CA ILE N 145 3.20 10.97 25.78
C ILE N 145 2.17 12.08 25.77
N VAL N 146 1.85 12.61 24.59
CA VAL N 146 0.93 13.73 24.48
C VAL N 146 -0.49 13.34 24.85
N ALA N 147 -0.86 12.06 24.70
CA ALA N 147 -2.20 11.63 25.08
C ALA N 147 -2.43 11.81 26.57
N LEU N 148 -1.38 11.67 27.36
CA LEU N 148 -1.50 11.66 28.82
C LEU N 148 -1.58 13.08 29.38
N LEU N 149 -0.66 13.93 28.94
CA LEU N 149 -0.60 15.30 29.43
C LEU N 149 -1.89 16.05 29.16
N LEU N 150 -2.57 15.70 28.07
CA LEU N 150 -3.88 16.26 27.78
C LEU N 150 -4.93 15.71 28.73
N ASN N 151 -4.92 14.40 28.94
CA ASN N 151 -5.96 13.78 29.74
C ASN N 151 -5.78 14.07 31.23
N SER N 152 -4.60 14.53 31.65
CA SER N 152 -4.43 14.97 33.03
C SER N 152 -5.16 16.28 33.28
N ARG N 153 -5.32 17.10 32.24
CA ARG N 153 -6.09 18.32 32.30
C ARG N 153 -7.58 18.10 32.08
N ALA N 154 -8.07 16.87 32.23
CA ALA N 154 -9.46 16.58 31.94
C ALA N 154 -10.39 17.26 32.93
N THR N 155 -10.27 16.91 34.21
CA THR N 155 -11.21 17.32 35.25
C THR N 155 -10.56 18.29 36.24
N GLN N 156 -9.75 19.20 35.72
CA GLN N 156 -9.08 20.20 36.55
C GLN N 156 -9.95 21.44 36.61
N ASP N 157 -10.64 21.62 37.74
CA ASP N 157 -11.45 22.82 38.00
C ASP N 157 -12.58 22.96 36.98
N VAL N 158 -13.20 21.85 36.60
CA VAL N 158 -14.25 21.84 35.60
C VAL N 158 -15.60 21.99 36.28
N VAL N 159 -16.53 22.66 35.58
CA VAL N 159 -17.89 22.84 36.08
C VAL N 159 -18.82 23.15 34.92
N ASP O 1 -33.45 36.45 15.41
CA ASP O 1 -32.91 35.19 14.93
C ASP O 1 -31.42 35.33 14.62
N ASP O 2 -30.60 35.26 15.67
CA ASP O 2 -29.16 35.40 15.55
C ASP O 2 -28.43 34.06 15.41
N ILE O 3 -29.16 32.96 15.26
CA ILE O 3 -28.55 31.64 15.15
C ILE O 3 -28.09 31.39 13.72
N LEU O 4 -27.28 30.35 13.53
CA LEU O 4 -26.88 29.95 12.19
C LEU O 4 -28.05 29.37 11.41
N SER O 5 -28.68 28.32 11.95
CA SER O 5 -29.84 27.72 11.32
C SER O 5 -30.47 26.74 12.30
N SER O 6 -31.57 26.13 11.87
CA SER O 6 -32.29 25.17 12.69
C SER O 6 -31.82 23.74 12.44
N ILE O 7 -31.57 23.41 11.17
CA ILE O 7 -31.07 22.09 10.82
C ILE O 7 -29.57 22.01 11.05
N TRP O 8 -28.83 22.97 10.51
CA TRP O 8 -27.38 22.91 10.46
C TRP O 8 -26.79 23.73 11.60
N THR O 9 -26.97 23.22 12.82
CA THR O 9 -26.47 23.90 13.99
C THR O 9 -24.94 23.80 14.04
N GLU O 10 -24.34 24.69 14.84
CA GLU O 10 -22.89 24.68 15.01
C GLU O 10 -22.41 23.40 15.66
N GLY O 11 -23.24 22.76 16.49
CA GLY O 11 -22.86 21.49 17.10
C GLY O 11 -23.02 20.30 16.20
N LEU O 12 -23.72 20.45 15.08
CA LEU O 12 -23.82 19.37 14.10
C LEU O 12 -22.62 19.38 13.16
N LEU O 13 -22.10 20.56 12.83
CA LEU O 13 -20.96 20.64 11.92
C LEU O 13 -19.69 20.19 12.61
N MET O 14 -19.49 20.61 13.86
CA MET O 14 -18.33 20.15 14.63
C MET O 14 -18.32 18.65 14.78
N CYS O 15 -19.49 18.01 14.74
CA CYS O 15 -19.60 16.57 14.83
C CYS O 15 -19.61 15.88 13.47
N LEU O 16 -19.35 16.62 12.39
CA LEU O 16 -19.27 16.06 11.04
C LEU O 16 -17.93 16.31 10.35
N ILE O 17 -17.36 17.51 10.48
CA ILE O 17 -16.04 17.73 9.91
C ILE O 17 -14.98 16.94 10.67
N VAL O 18 -15.26 16.57 11.93
CA VAL O 18 -14.38 15.68 12.67
C VAL O 18 -14.56 14.25 12.17
N SER O 19 -15.78 13.88 11.78
CA SER O 19 -16.02 12.53 11.27
C SER O 19 -15.38 12.34 9.90
N ALA O 20 -15.42 13.37 9.06
CA ALA O 20 -14.76 13.29 7.76
C ALA O 20 -13.26 13.07 7.92
N LEU O 21 -12.63 13.86 8.80
CA LEU O 21 -11.19 13.72 9.03
C LEU O 21 -10.87 12.33 9.57
N LEU O 22 -11.72 11.81 10.45
CA LEU O 22 -11.51 10.46 10.99
C LEU O 22 -11.89 9.37 9.99
N LEU O 23 -12.65 9.71 8.95
CA LEU O 23 -13.02 8.76 7.91
C LEU O 23 -12.14 8.86 6.68
N PHE O 24 -11.59 10.04 6.41
CA PHE O 24 -10.66 10.18 5.30
C PHE O 24 -9.39 9.40 5.55
N ILE O 25 -8.86 9.47 6.77
CA ILE O 25 -7.64 8.74 7.12
C ILE O 25 -7.88 7.23 7.03
N LEU O 26 -9.09 6.78 7.34
CA LEU O 26 -9.41 5.37 7.22
C LEU O 26 -9.44 4.93 5.76
N ILE O 27 -9.86 5.81 4.85
CA ILE O 27 -9.88 5.48 3.44
C ILE O 27 -8.46 5.37 2.90
N VAL O 28 -7.56 6.24 3.36
CA VAL O 28 -6.16 6.16 2.95
C VAL O 28 -5.56 4.83 3.38
N ALA O 29 -5.59 4.55 4.69
CA ALA O 29 -4.92 3.39 5.26
C ALA O 29 -5.33 2.09 4.59
N LEU O 30 -6.64 1.92 4.32
CA LEU O 30 -7.08 0.69 3.69
C LEU O 30 -6.52 0.51 2.28
N SER O 31 -6.19 1.61 1.59
CA SER O 31 -5.51 1.49 0.31
C SER O 31 -4.10 0.94 0.50
N TRP O 32 -3.41 1.40 1.53
CA TRP O 32 -2.07 0.89 1.85
C TRP O 32 -2.07 -0.60 2.14
N ILE O 33 -3.18 -1.13 2.66
CA ILE O 33 -3.27 -2.54 2.98
C ILE O 33 -3.80 -3.33 1.79
N SER O 34 -4.70 -2.74 1.00
CA SER O 34 -5.27 -3.43 -0.15
C SER O 34 -4.21 -3.77 -1.19
N ASN O 35 -3.23 -2.88 -1.37
CA ASN O 35 -2.18 -3.09 -2.38
C ASN O 35 -1.15 -4.14 -1.97
N LEU O 36 -1.32 -4.85 -0.86
CA LEU O 36 -0.46 -5.97 -0.53
C LEU O 36 -0.62 -7.08 -1.56
N ASP O 37 0.50 -7.69 -1.93
CA ASP O 37 0.49 -8.85 -2.81
C ASP O 37 1.62 -9.78 -2.38
N ILE O 38 1.27 -11.05 -2.17
CA ILE O 38 2.22 -12.01 -1.62
C ILE O 38 3.32 -12.29 -2.63
N THR O 39 4.51 -12.59 -2.11
CA THR O 39 5.67 -12.96 -2.93
C THR O 39 5.60 -14.45 -3.21
N TYR O 40 4.90 -14.79 -4.29
CA TYR O 40 4.55 -16.18 -4.56
C TYR O 40 5.71 -17.02 -5.06
N GLY O 41 6.73 -16.41 -5.65
CA GLY O 41 7.79 -17.18 -6.29
C GLY O 41 8.64 -17.94 -5.31
N ALA O 42 8.95 -17.33 -4.17
CA ALA O 42 9.85 -17.93 -3.19
C ALA O 42 9.20 -19.07 -2.40
N LEU O 43 7.89 -19.27 -2.53
CA LEU O 43 7.17 -20.29 -1.78
C LEU O 43 6.97 -21.56 -2.60
N GLU O 44 6.46 -21.41 -3.82
CA GLU O 44 6.36 -22.51 -4.76
C GLU O 44 7.73 -23.14 -4.99
N LYS O 45 7.72 -24.42 -5.37
CA LYS O 45 8.92 -25.14 -5.74
C LYS O 45 9.11 -25.06 -7.25
N SER O 46 10.30 -24.64 -7.67
CA SER O 46 10.65 -24.52 -9.08
C SER O 46 11.87 -25.40 -9.35
N THR O 47 11.87 -26.05 -10.51
CA THR O 47 12.97 -26.92 -10.89
C THR O 47 13.09 -26.94 -12.41
N ASN O 48 14.32 -26.87 -12.90
CA ASN O 48 14.64 -26.96 -14.31
C ASN O 48 15.74 -27.99 -14.48
N PRO O 49 15.56 -29.03 -15.30
CA PRO O 49 16.69 -29.91 -15.63
C PRO O 49 17.66 -29.33 -16.66
N ILE O 50 17.55 -28.04 -16.98
CA ILE O 50 18.56 -27.38 -17.80
C ILE O 50 19.76 -26.99 -16.95
N LYS O 51 19.50 -26.22 -15.89
CA LYS O 51 20.57 -25.64 -15.08
C LYS O 51 21.01 -26.60 -13.97
N LYS O 52 20.05 -27.16 -13.23
CA LYS O 52 20.34 -28.01 -12.08
C LYS O 52 21.20 -29.21 -12.46
#